data_3VR4
#
_entry.id   3VR4
#
_cell.length_a   127.980
_cell.length_b   128.480
_cell.length_c   225.930
_cell.angle_alpha   90.00
_cell.angle_beta   90.00
_cell.angle_gamma   90.00
#
_symmetry.space_group_name_H-M   'P 21 21 21'
#
loop_
_entity.id
_entity.type
_entity.pdbx_description
1 polymer 'V-type sodium ATPase catalytic subunit A'
2 polymer 'V-type sodium ATPase subunit B'
3 polymer 'V-type sodium ATPase subunit D'
4 polymer 'V-type sodium ATPase subunit G'
5 non-polymer GLYCEROL
6 non-polymer 'CHLORIDE ION'
7 non-polymer 2-[3-(2-HYDROXY-1,1-DIHYDROXYMETHYL-ETHYLAMINO)-PROPYLAMINO]-2-HYDROXYMETHYL-PROPANE-1,3-DIOL
8 water water
#
loop_
_entity_poly.entity_id
_entity_poly.type
_entity_poly.pdbx_seq_one_letter_code
_entity_poly.pdbx_strand_id
1 'polypeptide(L)'
;GSSGSSG(MSE)QIGKIIKVSGPLV(MSE)AEN(MSE)SEASIQD(MSE)CLVGDLGVIGEIIE(MSE)RQDVASIQVYE
ETSGIGPGEPVRSTGEALSVELGPGIISQ(MSE)FDGIQRPLDTF(MSE)EVTQSNFLGRGVQLPALDHEKQWWFEATIE
EGTEVSAGDIIGYVDETKIIQHKI(MSE)VPNGIKGTVQKIESGSFTIDDPICVIETEQGLKELT(MSE)(MSE)QKWPV
RRGRPIKQKLNPDVP(MSE)ITGQRVIDTFFPVTKGGAAAVPGPFGAGKTVVQHQIAKWSDVDLVVYVGCGERGNE
(MSE)TDVVNEFPELIDPNTGESL(MSE)ERTVLIANTSN(MSE)PVAAREASIYTGITIAEYFRD(MSE)GYDVAI
(MSE)ADSTSRWAEALRE(MSE)SGRLEE(MSE)PGDEGYPAYLGSRLAEYYERSGRVIALGSDQREGSITAISAVSPSG
GDISEPVTQNTLRVVKVFWGLDSSLAQKRHFPSINWIQSYSLYSTEVGRY(MSE)DQILQQDWSD(MSE)VTEG(MSE)R
ILQEEEQLNEIVRLVGIDSLSDNDRLTLEVAKSIREDYLQQNAFDDVDTFTSREKQFN(MSE)LKVILTFGKEARKALSL
GAYFNEI(MSE)EGTVAVRERISRSKYIPEEELAKISSINEEIKETIQLIVSEGG(MSE)TDD
;
A,B,C
2 'polypeptide(L)'
;GSSGSSG(MSE)IKEYRTIKEVVGPL(MSE)AVEKVSGVKYEELIEVR(MSE)QNGEIRRGQVLEVQEDKA(MSE)VQIF
EGTSGINLKNSSVRFLGHPLQLGVSED(MSE)IGRVFDGLGRPKDNGPEILPEKYLDINGEVINPIARDYPDEFIQTGIS
AIDHLNTLVRGQKLPVFSGSGLPHKELAAQIARQATVLDSSDDFAVVFAAIGITFEEAEFF(MSE)EDFRQTGAIDRSV
(MSE)F(MSE)NLANDPAIERIATPR(MSE)ALTAAEYLAYEKG(MSE)HVLVI(MSE)TD(MSE)TNYAEALREISAAR
REVPGRRGYPGYLYTNLATLFERAGRIRGLKGSVTQIPILT(MSE)PEDDKTHPIPDLTGYITEGQIILTRELYKSGIQP
PIDVLPSLSRLKDKGTGAGKTREDHAAT(MSE)NQLFAAYAQGKQAKELAVVLGESALSDIDKIYAKFAERFENEYVNQG
FYTNRTITETLDLGWELLA(MSE)LPRTELKRIKDDLLDKYLPEGK
;
D,E,F
3 'polypeptide(L)'
;GSSGSSG(MSE)RLNVNPTR(MSE)ELTRLKKQLTTATRGHKLLKDKQDEL(MSE)RQFILLIRKNNELRQAIEKETQTA
(MSE)KDFVLAKSTVEEAFIDELLALPAENVSISVVEKNI(MSE)SVKVPL(MSE)NFQYDETLNETPLEYGYLHSNAEL
DRSIDGFTQLLPKLLKLAEVEKTCQL(MSE)AEEIEKTRRRVNALEY(MSE)TIPQLEETIYYIK(MSE)KLEENERAEV
TRLIKVKN(MSE)GTEE
;
G
4 'polypeptide(L)'
;(MSE)TYKIGVVGDKDSVSPFRLFGFDVQHGTTKTEIRKTIDE(MSE)AKNEYGVIYITEQCANLVPETIERYKGQLTPA
IILIPSHQGTLGIGLEEIQNSVEKAVGQNILSGPSSGENLYFQ
;
H
#
loop_
_chem_comp.id
_chem_comp.type
_chem_comp.name
_chem_comp.formula
B3P non-polymer 2-[3-(2-HYDROXY-1,1-DIHYDROXYMETHYL-ETHYLAMINO)-PROPYLAMINO]-2-HYDROXYMETHYL-PROPANE-1,3-DIOL 'C11 H26 N2 O6'
CL non-polymer 'CHLORIDE ION' 'Cl -1'
GOL non-polymer GLYCEROL 'C3 H8 O3'
#
# COMPACT_ATOMS: atom_id res chain seq x y z
N GLY A 7 -7.11 41.88 32.23
CA GLY A 7 -6.36 42.43 33.34
C GLY A 7 -4.94 41.92 33.40
N MSE A 8 -4.60 41.02 32.50
CA MSE A 8 -3.27 40.42 32.46
C MSE A 8 -2.37 41.08 31.42
O MSE A 8 -2.84 41.90 30.63
CB MSE A 8 -3.34 38.91 32.22
CG MSE A 8 -4.02 38.51 30.92
SE MSE A 8 -4.29 36.58 30.76
CE MSE A 8 -5.36 36.29 32.35
N GLN A 9 -1.09 40.73 31.43
CA GLN A 9 -0.11 41.37 30.56
C GLN A 9 -0.38 41.14 29.08
N ILE A 10 -0.33 42.22 28.31
CA ILE A 10 -0.51 42.15 26.86
C ILE A 10 0.81 41.74 26.21
N GLY A 11 0.75 40.76 25.33
CA GLY A 11 1.93 40.24 24.68
C GLY A 11 2.38 41.10 23.50
N LYS A 12 3.60 40.87 23.04
CA LYS A 12 4.16 41.59 21.91
C LYS A 12 4.61 40.60 20.84
N ILE A 13 4.08 40.75 19.63
CA ILE A 13 4.43 39.85 18.53
C ILE A 13 5.91 39.95 18.18
N ILE A 14 6.57 38.81 18.07
CA ILE A 14 7.98 38.77 17.68
C ILE A 14 8.18 38.03 16.36
N LYS A 15 7.16 37.31 15.90
CA LYS A 15 7.26 36.59 14.64
C LYS A 15 5.89 36.26 14.04
N VAL A 16 5.74 36.55 12.76
CA VAL A 16 4.56 36.15 12.00
C VAL A 16 4.98 35.26 10.85
N SER A 17 4.51 34.02 10.84
CA SER A 17 4.92 33.05 9.83
C SER A 17 3.73 32.23 9.37
N GLY A 18 3.02 32.74 8.36
CA GLY A 18 1.79 32.12 7.92
C GLY A 18 0.73 32.22 8.99
N PRO A 19 0.12 31.08 9.37
CA PRO A 19 -0.89 31.05 10.43
C PRO A 19 -0.28 30.98 11.82
N LEU A 20 1.05 31.00 11.91
CA LEU A 20 1.74 30.87 13.19
C LEU A 20 2.29 32.21 13.66
N VAL A 21 1.95 32.59 14.89
CA VAL A 21 2.44 33.84 15.48
C VAL A 21 3.12 33.58 16.82
N MSE A 22 4.27 34.22 17.03
CA MSE A 22 4.98 34.12 18.30
C MSE A 22 4.93 35.45 19.01
O MSE A 22 5.06 36.51 18.39
CB MSE A 22 6.44 33.76 18.03
CG MSE A 22 6.59 32.75 16.91
SE MSE A 22 6.52 30.92 17.56
CE MSE A 22 8.35 30.86 18.28
N ALA A 23 4.74 35.42 20.32
CA ALA A 23 4.65 36.65 21.11
C ALA A 23 5.33 36.49 22.46
N GLU A 24 6.17 37.46 22.80
CA GLU A 24 6.80 37.48 24.12
C GLU A 24 5.90 38.21 25.10
N ASN A 25 6.34 38.34 26.35
CA ASN A 25 5.56 38.97 27.41
C ASN A 25 4.19 38.30 27.65
N MSE A 26 4.13 37.00 27.43
CA MSE A 26 2.89 36.26 27.53
C MSE A 26 2.80 35.40 28.79
O MSE A 26 1.89 34.60 28.94
CB MSE A 26 2.70 35.37 26.29
CG MSE A 26 2.50 36.15 25.00
SE MSE A 26 0.71 36.92 24.83
CE MSE A 26 -0.25 35.31 24.33
N SER A 27 3.77 35.58 29.69
CA SER A 27 3.94 34.68 30.84
C SER A 27 2.77 34.66 31.82
N GLU A 28 1.84 35.61 31.67
CA GLU A 28 0.67 35.65 32.54
C GLU A 28 -0.54 34.96 31.91
N ALA A 29 -0.42 34.62 30.63
CA ALA A 29 -1.45 33.87 29.93
C ALA A 29 -1.32 32.37 30.19
N SER A 30 -2.29 31.59 29.72
CA SER A 30 -2.29 30.15 29.94
C SER A 30 -2.37 29.36 28.64
N ILE A 31 -2.07 28.07 28.71
CA ILE A 31 -2.18 27.18 27.56
C ILE A 31 -3.66 27.01 27.20
N GLN A 32 -3.95 27.08 25.89
CA GLN A 32 -5.30 26.97 25.33
C GLN A 32 -6.16 28.23 25.49
N ASP A 33 -5.55 29.31 25.98
CA ASP A 33 -6.22 30.60 26.03
C ASP A 33 -6.57 31.06 24.62
N MSE A 34 -7.75 31.65 24.46
CA MSE A 34 -8.09 32.32 23.22
C MSE A 34 -7.50 33.73 23.27
O MSE A 34 -7.49 34.35 24.34
CB MSE A 34 -9.61 32.37 23.01
CG MSE A 34 -10.27 30.99 22.96
SE MSE A 34 -9.68 29.86 21.46
CE MSE A 34 -10.30 30.98 19.99
N CYS A 35 -7.01 34.23 22.15
CA CYS A 35 -6.43 35.57 22.12
C CYS A 35 -6.87 36.39 20.92
N LEU A 36 -6.70 37.70 21.03
CA LEU A 36 -6.86 38.61 19.90
C LEU A 36 -5.47 39.02 19.42
N VAL A 37 -5.16 38.68 18.18
CA VAL A 37 -3.81 38.84 17.65
C VAL A 37 -3.67 40.11 16.80
N GLY A 38 -2.62 40.87 17.07
CA GLY A 38 -2.33 42.07 16.29
C GLY A 38 -3.19 43.26 16.66
N ASP A 39 -2.97 44.37 15.96
CA ASP A 39 -3.77 45.59 16.14
C ASP A 39 -5.23 45.32 15.80
N LEU A 40 -5.44 44.53 14.75
CA LEU A 40 -6.77 44.20 14.29
C LEU A 40 -7.47 43.34 15.34
N GLY A 41 -6.71 42.44 15.97
CA GLY A 41 -7.24 41.60 17.03
C GLY A 41 -7.97 40.38 16.52
N VAL A 42 -7.35 39.67 15.58
CA VAL A 42 -7.97 38.49 14.98
C VAL A 42 -7.90 37.29 15.92
N ILE A 43 -8.80 36.33 15.70
CA ILE A 43 -8.94 35.15 16.55
C ILE A 43 -7.72 34.23 16.48
N GLY A 44 -7.22 33.85 17.65
CA GLY A 44 -6.09 32.95 17.76
C GLY A 44 -6.16 32.14 19.04
N GLU A 45 -5.18 31.29 19.27
CA GLU A 45 -5.15 30.43 20.46
C GLU A 45 -3.72 30.09 20.87
N ILE A 46 -3.45 30.09 22.17
CA ILE A 46 -2.12 29.76 22.68
C ILE A 46 -1.90 28.25 22.69
N ILE A 47 -0.97 27.80 21.87
CA ILE A 47 -0.71 26.37 21.71
C ILE A 47 0.47 25.93 22.56
N GLU A 48 1.50 26.76 22.65
CA GLU A 48 2.71 26.44 23.41
C GLU A 48 3.18 27.63 24.21
N MSE A 49 4.05 27.38 25.19
CA MSE A 49 4.64 28.43 25.98
C MSE A 49 6.07 28.05 26.35
O MSE A 49 6.29 27.00 26.97
CB MSE A 49 3.82 28.69 27.25
CG MSE A 49 4.34 29.81 28.14
SE MSE A 49 3.94 31.62 27.51
CE MSE A 49 1.99 31.54 27.57
N ARG A 50 7.03 28.87 25.95
CA ARG A 50 8.43 28.69 26.34
C ARG A 50 8.90 29.96 27.02
N GLN A 51 9.14 29.87 28.33
CA GLN A 51 9.38 31.05 29.16
C GLN A 51 8.18 31.99 29.00
N ASP A 52 8.42 33.19 28.50
CA ASP A 52 7.36 34.17 28.31
C ASP A 52 6.88 34.21 26.86
N VAL A 53 7.42 33.31 26.05
CA VAL A 53 7.12 33.29 24.62
C VAL A 53 6.04 32.27 24.26
N ALA A 54 4.90 32.77 23.81
CA ALA A 54 3.78 31.91 23.41
C ALA A 54 3.78 31.66 21.91
N SER A 55 3.52 30.42 21.52
CA SER A 55 3.31 30.10 20.12
C SER A 55 1.80 30.04 19.88
N ILE A 56 1.34 30.80 18.90
CA ILE A 56 -0.08 30.99 18.69
C ILE A 56 -0.52 30.54 17.30
N GLN A 57 -1.56 29.72 17.24
CA GLN A 57 -2.20 29.41 15.98
C GLN A 57 -3.27 30.45 15.70
N VAL A 58 -3.21 31.09 14.54
CA VAL A 58 -4.15 32.13 14.18
C VAL A 58 -5.16 31.60 13.16
N TYR A 59 -6.44 31.82 13.43
CA TYR A 59 -7.51 31.18 12.70
C TYR A 59 -8.20 32.12 11.74
N GLU A 60 -7.54 33.25 11.48
CA GLU A 60 -7.94 34.20 10.45
C GLU A 60 -6.69 34.66 9.71
N GLU A 61 -6.86 35.39 8.61
CA GLU A 61 -5.74 35.90 7.84
C GLU A 61 -4.76 36.72 8.68
N THR A 62 -3.48 36.40 8.56
CA THR A 62 -2.42 37.12 9.27
C THR A 62 -1.74 38.14 8.37
N SER A 63 -2.25 38.28 7.15
CA SER A 63 -1.71 39.27 6.22
C SER A 63 -1.89 40.67 6.78
N GLY A 64 -0.81 41.44 6.83
CA GLY A 64 -0.87 42.79 7.35
C GLY A 64 -0.43 42.90 8.80
N ILE A 65 -0.14 41.76 9.42
CA ILE A 65 0.33 41.73 10.80
C ILE A 65 1.85 41.56 10.85
N GLY A 66 2.51 42.25 11.78
CA GLY A 66 3.94 42.14 11.94
C GLY A 66 4.35 42.31 13.40
N PRO A 67 5.65 42.13 13.68
CA PRO A 67 6.21 42.22 15.03
C PRO A 67 5.96 43.59 15.67
N GLY A 68 5.83 43.62 16.99
CA GLY A 68 5.61 44.87 17.69
C GLY A 68 4.15 45.09 18.05
N GLU A 69 3.27 44.49 17.24
CA GLU A 69 1.84 44.56 17.50
C GLU A 69 1.46 43.76 18.74
N PRO A 70 0.37 44.17 19.41
CA PRO A 70 -0.05 43.49 20.64
C PRO A 70 -0.76 42.15 20.42
N VAL A 71 -0.66 41.27 21.43
CA VAL A 71 -1.51 40.10 21.52
C VAL A 71 -2.20 40.14 22.88
N ARG A 72 -3.53 40.10 22.88
CA ARG A 72 -4.29 40.12 24.12
C ARG A 72 -4.96 38.78 24.37
N SER A 73 -4.66 38.17 25.51
CA SER A 73 -5.34 36.96 25.92
C SER A 73 -6.72 37.30 26.47
N THR A 74 -7.69 36.40 26.27
CA THR A 74 -9.03 36.59 26.78
C THR A 74 -9.13 36.08 28.21
N GLY A 75 -8.03 35.51 28.70
CA GLY A 75 -7.95 35.06 30.08
C GLY A 75 -8.66 33.75 30.34
N GLU A 76 -9.10 33.10 29.27
CA GLU A 76 -9.88 31.87 29.39
C GLU A 76 -9.78 31.05 28.12
N ALA A 77 -10.05 29.76 28.23
CA ALA A 77 -10.19 28.90 27.07
C ALA A 77 -11.55 29.17 26.43
N LEU A 78 -11.75 28.65 25.23
CA LEU A 78 -13.00 28.88 24.50
C LEU A 78 -14.22 28.52 25.35
N SER A 79 -15.08 29.50 25.57
CA SER A 79 -16.23 29.35 26.46
C SER A 79 -17.51 29.85 25.81
N VAL A 80 -18.63 29.59 26.46
CA VAL A 80 -19.92 30.11 26.01
C VAL A 80 -20.58 30.94 27.10
N GLU A 81 -21.35 31.94 26.70
CA GLU A 81 -22.21 32.66 27.63
C GLU A 81 -23.54 31.93 27.70
N LEU A 82 -23.98 31.62 28.91
CA LEU A 82 -25.23 30.88 29.12
C LEU A 82 -26.18 31.68 29.99
N GLY A 83 -27.31 32.08 29.41
CA GLY A 83 -28.30 32.86 30.13
C GLY A 83 -29.40 33.32 29.20
N PRO A 84 -30.39 34.04 29.74
CA PRO A 84 -31.50 34.57 28.95
C PRO A 84 -31.03 35.32 27.71
N GLY A 85 -31.56 34.94 26.56
CA GLY A 85 -31.20 35.56 25.30
C GLY A 85 -30.50 34.60 24.37
N ILE A 86 -30.40 33.34 24.78
CA ILE A 86 -29.66 32.34 24.00
C ILE A 86 -30.58 31.54 23.07
N ILE A 87 -31.85 31.42 23.44
CA ILE A 87 -32.79 30.67 22.62
C ILE A 87 -33.21 31.49 21.40
N SER A 88 -33.46 30.80 20.29
CA SER A 88 -33.89 31.40 19.03
C SER A 88 -32.78 32.18 18.32
N GLN A 89 -31.56 32.04 18.81
CA GLN A 89 -30.43 32.75 18.23
C GLN A 89 -29.61 31.82 17.35
N MSE A 90 -28.91 32.41 16.39
CA MSE A 90 -28.02 31.66 15.52
C MSE A 90 -26.58 32.13 15.76
O MSE A 90 -26.27 33.30 15.57
CB MSE A 90 -28.40 31.84 14.06
CG MSE A 90 -29.77 31.29 13.71
SE MSE A 90 -30.18 31.34 11.80
CE MSE A 90 -31.93 30.49 11.84
N PHE A 91 -25.74 31.19 16.19
CA PHE A 91 -24.34 31.49 16.47
C PHE A 91 -23.45 30.73 15.50
N ASP A 92 -22.18 31.08 15.47
CA ASP A 92 -21.21 30.21 14.81
C ASP A 92 -20.57 29.29 15.85
N GLY A 93 -19.49 28.61 15.46
CA GLY A 93 -18.87 27.62 16.33
C GLY A 93 -18.28 28.18 17.61
N ILE A 94 -17.92 29.47 17.60
CA ILE A 94 -17.34 30.11 18.78
C ILE A 94 -18.32 31.08 19.42
N GLN A 95 -19.60 30.86 19.15
CA GLN A 95 -20.70 31.64 19.72
C GLN A 95 -20.67 33.13 19.37
N ARG A 96 -20.36 33.44 18.12
CA ARG A 96 -20.55 34.79 17.62
C ARG A 96 -22.01 34.95 17.23
N PRO A 97 -22.66 36.03 17.70
CA PRO A 97 -24.09 36.24 17.39
C PRO A 97 -24.26 36.75 15.97
N LEU A 98 -24.66 35.86 15.06
CA LEU A 98 -24.72 36.19 13.64
C LEU A 98 -25.74 37.27 13.30
N ASP A 99 -26.90 37.23 13.98
CA ASP A 99 -27.93 38.24 13.80
C ASP A 99 -27.46 39.61 14.27
N THR A 100 -26.78 39.64 15.42
CA THR A 100 -26.29 40.88 16.00
C THR A 100 -25.21 41.50 15.12
N PHE A 101 -24.39 40.64 14.51
CA PHE A 101 -23.34 41.10 13.60
C PHE A 101 -23.92 41.88 12.43
N MSE A 102 -25.05 41.40 11.91
CA MSE A 102 -25.77 42.10 10.86
C MSE A 102 -26.24 43.46 11.36
O MSE A 102 -26.02 44.49 10.72
CB MSE A 102 -26.99 41.29 10.41
CG MSE A 102 -26.67 39.92 9.87
SE MSE A 102 -26.79 39.86 7.93
CE MSE A 102 -28.64 40.43 7.70
N GLU A 103 -26.88 43.45 12.53
CA GLU A 103 -27.50 44.65 13.09
C GLU A 103 -26.47 45.72 13.45
N VAL A 104 -25.47 45.34 14.22
CA VAL A 104 -24.48 46.29 14.72
C VAL A 104 -23.55 46.79 13.63
N THR A 105 -22.86 45.88 12.96
CA THR A 105 -21.85 46.24 11.97
C THR A 105 -22.47 46.81 10.69
N GLN A 106 -23.78 46.61 10.53
CA GLN A 106 -24.50 47.07 9.35
C GLN A 106 -23.86 46.58 8.05
N SER A 107 -23.41 45.33 8.05
CA SER A 107 -22.78 44.73 6.89
C SER A 107 -23.21 43.27 6.73
N ASN A 108 -22.88 42.69 5.59
CA ASN A 108 -23.17 41.28 5.34
C ASN A 108 -21.95 40.42 5.62
N PHE A 109 -20.95 41.00 6.26
CA PHE A 109 -19.68 40.31 6.47
C PHE A 109 -19.30 40.20 7.95
N LEU A 110 -18.49 39.18 8.25
CA LEU A 110 -17.97 38.99 9.60
C LEU A 110 -16.58 39.59 9.69
N GLY A 111 -16.52 40.91 9.84
CA GLY A 111 -15.28 41.65 9.82
C GLY A 111 -14.21 41.14 10.77
N ARG A 112 -12.98 41.05 10.28
CA ARG A 112 -11.85 40.62 11.09
C ARG A 112 -11.56 41.64 12.18
N GLY A 113 -11.52 41.19 13.43
CA GLY A 113 -11.25 42.05 14.54
C GLY A 113 -12.48 42.45 15.34
N VAL A 114 -13.66 42.27 14.75
CA VAL A 114 -14.91 42.67 15.40
C VAL A 114 -15.30 41.69 16.50
N GLN A 115 -15.39 42.19 17.73
CA GLN A 115 -15.78 41.38 18.87
C GLN A 115 -17.13 41.83 19.42
N LEU A 116 -18.12 40.95 19.36
CA LEU A 116 -19.44 41.24 19.91
C LEU A 116 -19.84 40.15 20.90
N PRO A 117 -20.41 40.55 22.05
CA PRO A 117 -20.89 39.61 23.08
C PRO A 117 -21.93 38.65 22.53
N ALA A 118 -21.87 37.39 22.94
CA ALA A 118 -22.76 36.35 22.43
C ALA A 118 -24.24 36.64 22.72
N LEU A 119 -24.51 37.13 23.92
CA LEU A 119 -25.89 37.45 24.30
C LEU A 119 -26.10 38.95 24.35
N ASP A 120 -27.36 39.35 24.50
CA ASP A 120 -27.71 40.76 24.66
C ASP A 120 -27.66 41.15 26.14
N HIS A 121 -26.68 41.97 26.50
CA HIS A 121 -26.46 42.35 27.89
C HIS A 121 -27.20 43.63 28.28
N GLU A 122 -28.09 44.09 27.40
CA GLU A 122 -28.82 45.33 27.65
C GLU A 122 -30.32 45.10 27.65
N LYS A 123 -30.74 43.95 27.14
CA LYS A 123 -32.15 43.60 27.11
C LYS A 123 -32.70 43.37 28.51
N GLN A 124 -33.82 44.01 28.83
CA GLN A 124 -34.48 43.81 30.12
C GLN A 124 -35.29 42.54 30.10
N TRP A 125 -35.17 41.76 31.17
CA TRP A 125 -35.94 40.54 31.35
C TRP A 125 -36.68 40.63 32.67
N TRP A 126 -37.86 40.04 32.75
CA TRP A 126 -38.52 39.93 34.05
C TRP A 126 -38.03 38.69 34.78
N PHE A 127 -37.31 38.89 35.87
CA PHE A 127 -36.88 37.80 36.72
C PHE A 127 -37.93 37.53 37.76
N GLU A 128 -38.37 36.28 37.86
CA GLU A 128 -39.33 35.89 38.88
C GLU A 128 -38.64 35.03 39.93
N ALA A 129 -38.56 35.54 41.15
CA ALA A 129 -37.90 34.83 42.25
C ALA A 129 -38.81 33.74 42.81
N THR A 130 -38.25 32.55 43.01
CA THR A 130 -39.02 31.41 43.50
C THR A 130 -38.43 30.80 44.76
N ILE A 131 -37.31 31.34 45.22
CA ILE A 131 -36.67 30.85 46.42
C ILE A 131 -36.71 31.91 47.53
N GLU A 132 -36.91 31.47 48.76
CA GLU A 132 -37.00 32.39 49.90
C GLU A 132 -35.62 32.70 50.46
N GLU A 133 -35.50 33.87 51.09
CA GLU A 133 -34.24 34.28 51.71
C GLU A 133 -33.92 33.39 52.91
N GLY A 134 -32.65 33.07 53.08
CA GLY A 134 -32.21 32.23 54.18
C GLY A 134 -32.07 30.77 53.78
N THR A 135 -32.36 30.48 52.52
CA THR A 135 -32.29 29.12 52.01
C THR A 135 -30.86 28.74 51.66
N GLU A 136 -30.44 27.55 52.07
CA GLU A 136 -29.12 27.02 51.74
C GLU A 136 -29.10 26.50 50.31
N VAL A 137 -28.15 26.96 49.52
CA VAL A 137 -28.07 26.56 48.11
C VAL A 137 -26.68 26.11 47.68
N SER A 138 -26.64 25.34 46.60
CA SER A 138 -25.38 24.94 45.98
C SER A 138 -25.61 24.85 44.47
N ALA A 139 -24.60 24.39 43.75
CA ALA A 139 -24.67 24.30 42.30
C ALA A 139 -25.90 23.54 41.82
N GLY A 140 -26.62 24.14 40.87
CA GLY A 140 -27.79 23.50 40.28
C GLY A 140 -29.12 23.98 40.83
N ASP A 141 -29.11 24.53 42.04
CA ASP A 141 -30.36 24.96 42.66
C ASP A 141 -30.98 26.13 41.90
N ILE A 142 -32.30 26.04 41.69
CA ILE A 142 -33.02 27.06 40.94
C ILE A 142 -33.51 28.17 41.88
N ILE A 143 -33.07 29.39 41.61
CA ILE A 143 -33.43 30.53 42.45
C ILE A 143 -34.59 31.31 41.84
N GLY A 144 -34.89 31.02 40.58
CA GLY A 144 -35.97 31.69 39.88
C GLY A 144 -35.99 31.32 38.41
N TYR A 145 -36.84 32.00 37.64
CA TYR A 145 -36.96 31.71 36.22
C TYR A 145 -37.29 32.95 35.41
N VAL A 146 -37.02 32.87 34.10
CA VAL A 146 -37.41 33.91 33.17
C VAL A 146 -38.19 33.27 32.03
N ASP A 147 -39.38 33.78 31.74
CA ASP A 147 -40.14 33.32 30.59
C ASP A 147 -39.51 33.86 29.32
N GLU A 148 -38.51 33.13 28.82
CA GLU A 148 -37.66 33.62 27.73
C GLU A 148 -38.34 33.67 26.38
N THR A 149 -38.95 32.56 25.97
CA THR A 149 -39.69 32.53 24.71
C THR A 149 -41.15 32.19 24.97
N LYS A 150 -41.92 32.06 23.91
CA LYS A 150 -43.33 31.72 24.02
C LYS A 150 -43.53 30.28 24.49
N ILE A 151 -42.47 29.49 24.43
CA ILE A 151 -42.55 28.07 24.78
C ILE A 151 -41.70 27.72 26.00
N ILE A 152 -40.45 28.20 26.01
CA ILE A 152 -39.49 27.77 27.02
C ILE A 152 -39.33 28.73 28.19
N GLN A 153 -39.40 28.18 29.40
CA GLN A 153 -39.10 28.91 30.62
C GLN A 153 -37.64 28.69 31.01
N HIS A 154 -36.87 29.77 31.07
CA HIS A 154 -35.45 29.71 31.39
C HIS A 154 -35.25 29.74 32.90
N LYS A 155 -34.71 28.67 33.45
CA LYS A 155 -34.52 28.56 34.89
C LYS A 155 -33.16 29.06 35.33
N ILE A 156 -33.14 30.00 36.27
CA ILE A 156 -31.90 30.56 36.78
C ILE A 156 -31.32 29.72 37.91
N MSE A 157 -30.19 29.07 37.64
CA MSE A 157 -29.58 28.14 38.59
C MSE A 157 -28.35 28.72 39.25
O MSE A 157 -27.65 29.54 38.67
CB MSE A 157 -29.20 26.85 37.87
CG MSE A 157 -30.36 26.10 37.23
SE MSE A 157 -29.71 24.55 36.25
CE MSE A 157 -28.72 25.46 34.83
N VAL A 158 -28.07 28.27 40.47
CA VAL A 158 -26.83 28.61 41.15
C VAL A 158 -25.66 27.98 40.40
N PRO A 159 -24.66 28.80 40.03
CA PRO A 159 -23.51 28.35 39.24
C PRO A 159 -22.66 27.33 39.98
N ASN A 160 -21.88 26.56 39.24
CA ASN A 160 -20.91 25.67 39.85
C ASN A 160 -19.82 26.52 40.52
N GLY A 161 -19.40 26.11 41.71
CA GLY A 161 -18.40 26.84 42.45
C GLY A 161 -19.01 27.74 43.52
N ILE A 162 -20.32 27.93 43.45
CA ILE A 162 -21.02 28.76 44.43
C ILE A 162 -21.83 27.90 45.40
N LYS A 163 -21.66 28.18 46.69
CA LYS A 163 -22.37 27.48 47.74
C LYS A 163 -22.57 28.42 48.91
N GLY A 164 -23.77 28.42 49.49
CA GLY A 164 -24.03 29.26 50.64
C GLY A 164 -25.49 29.51 50.94
N THR A 165 -25.76 30.63 51.61
CA THR A 165 -27.10 30.99 52.04
C THR A 165 -27.61 32.19 51.27
N VAL A 166 -28.82 32.08 50.71
CA VAL A 166 -29.45 33.21 50.04
C VAL A 166 -29.79 34.29 51.06
N GLN A 167 -29.29 35.51 50.83
CA GLN A 167 -29.53 36.61 51.76
C GLN A 167 -30.53 37.63 51.20
N LYS A 168 -30.42 37.94 49.93
CA LYS A 168 -31.32 38.91 49.30
C LYS A 168 -31.72 38.49 47.89
N ILE A 169 -33.03 38.49 47.62
CA ILE A 169 -33.55 38.15 46.31
C ILE A 169 -35.00 38.62 46.16
N GLU A 170 -35.31 39.19 45.00
CA GLU A 170 -36.69 39.58 44.70
C GLU A 170 -36.93 39.63 43.19
N SER A 171 -38.20 39.54 42.81
CA SER A 171 -38.58 39.62 41.40
C SER A 171 -38.38 41.04 40.89
N GLY A 172 -38.26 41.18 39.57
CA GLY A 172 -38.09 42.51 38.99
C GLY A 172 -37.49 42.45 37.61
N SER A 173 -37.35 43.61 36.99
CA SER A 173 -36.75 43.73 35.66
C SER A 173 -35.25 43.95 35.75
N PHE A 174 -34.49 43.12 35.03
CA PHE A 174 -33.03 43.19 35.07
C PHE A 174 -32.44 42.81 33.72
N THR A 175 -31.21 43.25 33.47
CA THR A 175 -30.41 42.73 32.37
C THR A 175 -29.65 41.52 32.89
N ILE A 176 -28.99 40.78 32.01
CA ILE A 176 -28.25 39.60 32.46
C ILE A 176 -26.92 39.97 33.15
N ASP A 177 -26.66 41.26 33.29
CA ASP A 177 -25.47 41.73 34.01
C ASP A 177 -25.79 42.28 35.39
N ASP A 178 -27.09 42.46 35.68
CA ASP A 178 -27.52 42.98 36.98
C ASP A 178 -27.47 41.90 38.06
N PRO A 179 -27.10 42.29 39.29
CA PRO A 179 -27.12 41.37 40.42
C PRO A 179 -28.55 41.08 40.87
N ILE A 180 -29.00 39.85 40.69
CA ILE A 180 -30.36 39.45 41.03
C ILE A 180 -30.42 38.74 42.37
N CYS A 181 -29.26 38.40 42.92
CA CYS A 181 -29.20 37.59 44.13
C CYS A 181 -27.94 37.84 44.93
N VAL A 182 -28.06 37.78 46.26
CA VAL A 182 -26.92 37.89 47.17
C VAL A 182 -26.76 36.60 47.98
N ILE A 183 -25.62 35.95 47.84
CA ILE A 183 -25.35 34.70 48.53
C ILE A 183 -24.26 34.86 49.58
N GLU A 184 -24.52 34.39 50.80
CA GLU A 184 -23.50 34.39 51.83
C GLU A 184 -22.68 33.11 51.75
N THR A 185 -21.53 33.20 51.08
CA THR A 185 -20.64 32.05 50.93
C THR A 185 -19.58 32.07 52.02
N GLU A 186 -18.66 31.11 51.96
CA GLU A 186 -17.55 31.06 52.90
C GLU A 186 -16.61 32.24 52.66
N GLN A 187 -16.54 32.69 51.41
CA GLN A 187 -15.68 33.81 51.06
C GLN A 187 -16.39 35.15 51.25
N GLY A 188 -17.58 35.10 51.85
CA GLY A 188 -18.35 36.30 52.13
C GLY A 188 -19.50 36.50 51.17
N LEU A 189 -20.16 37.66 51.27
CA LEU A 189 -21.30 37.98 50.43
C LEU A 189 -20.88 38.15 48.97
N LYS A 190 -21.56 37.43 48.08
CA LYS A 190 -21.30 37.53 46.65
C LYS A 190 -22.60 37.74 45.87
N GLU A 191 -22.50 38.39 44.71
CA GLU A 191 -23.66 38.68 43.89
C GLU A 191 -23.75 37.74 42.68
N LEU A 192 -24.95 37.28 42.38
CA LEU A 192 -25.19 36.45 41.20
C LEU A 192 -25.95 37.24 40.14
N THR A 193 -25.66 36.92 38.88
CA THR A 193 -26.44 37.47 37.77
C THR A 193 -27.12 36.31 37.05
N MSE A 194 -27.86 36.61 35.98
CA MSE A 194 -28.59 35.59 35.24
C MSE A 194 -27.74 34.90 34.19
O MSE A 194 -28.23 34.04 33.46
CB MSE A 194 -29.84 36.20 34.60
CG MSE A 194 -30.87 36.66 35.59
SE MSE A 194 -32.51 37.29 34.75
CE MSE A 194 -31.84 38.93 33.91
N MSE A 195 -26.47 35.28 34.10
CA MSE A 195 -25.57 34.68 33.12
C MSE A 195 -24.38 34.01 33.78
O MSE A 195 -23.76 34.56 34.70
CB MSE A 195 -25.10 35.74 32.10
CG MSE A 195 -24.42 35.15 30.88
SE MSE A 195 -22.48 34.93 31.04
CE MSE A 195 -21.97 36.81 30.94
N GLN A 196 -24.06 32.81 33.32
CA GLN A 196 -22.85 32.12 33.75
C GLN A 196 -22.03 31.69 32.53
N LYS A 197 -20.72 31.61 32.69
CA LYS A 197 -19.84 31.18 31.62
C LYS A 197 -19.42 29.72 31.79
N TRP A 198 -19.09 29.05 30.69
CA TRP A 198 -18.59 27.69 30.74
C TRP A 198 -17.70 27.33 29.55
N PRO A 199 -16.54 26.71 29.83
CA PRO A 199 -15.63 26.27 28.78
C PRO A 199 -16.20 25.09 27.99
N VAL A 200 -16.28 25.23 26.68
CA VAL A 200 -16.96 24.24 25.83
C VAL A 200 -16.34 22.85 25.84
N ARG A 201 -15.06 22.75 26.18
CA ARG A 201 -14.35 21.48 26.17
C ARG A 201 -14.50 20.71 27.48
N ARG A 202 -15.05 21.36 28.49
CA ARG A 202 -15.28 20.71 29.78
C ARG A 202 -16.76 20.40 29.98
N GLY A 203 -17.06 19.14 30.26
CA GLY A 203 -18.44 18.74 30.48
C GLY A 203 -19.01 19.32 31.76
N ARG A 204 -20.21 19.88 31.69
CA ARG A 204 -20.87 20.40 32.88
C ARG A 204 -21.15 19.26 33.84
N PRO A 205 -20.78 19.45 35.13
CA PRO A 205 -20.88 18.37 36.12
C PRO A 205 -22.31 17.97 36.46
N ILE A 206 -22.48 16.71 36.85
CA ILE A 206 -23.77 16.15 37.19
C ILE A 206 -23.70 15.42 38.52
N LYS A 207 -24.84 14.97 39.01
CA LYS A 207 -24.88 14.11 40.20
C LYS A 207 -24.53 12.68 39.83
N GLN A 208 -25.23 12.15 38.83
CA GLN A 208 -25.06 10.76 38.43
C GLN A 208 -25.52 10.54 36.99
N LYS A 209 -24.74 9.78 36.24
CA LYS A 209 -25.13 9.39 34.88
C LYS A 209 -25.98 8.12 34.95
N LEU A 210 -27.11 8.12 34.23
CA LEU A 210 -28.05 7.01 34.29
C LEU A 210 -28.17 6.31 32.95
N ASN A 211 -28.73 5.10 32.97
CA ASN A 211 -29.00 4.39 31.73
C ASN A 211 -30.16 5.00 30.98
N PRO A 212 -29.97 5.24 29.68
CA PRO A 212 -31.05 5.74 28.82
C PRO A 212 -31.93 4.58 28.37
N ASP A 213 -33.02 4.34 29.08
CA ASP A 213 -33.87 3.18 28.81
C ASP A 213 -35.31 3.53 28.46
N VAL A 214 -35.60 4.82 28.35
CA VAL A 214 -36.92 5.26 27.92
C VAL A 214 -36.89 5.66 26.45
N PRO A 215 -37.69 4.99 25.62
CA PRO A 215 -37.73 5.22 24.18
C PRO A 215 -38.15 6.65 23.85
N MSE A 216 -37.48 7.25 22.88
CA MSE A 216 -37.91 8.53 22.35
C MSE A 216 -39.09 8.28 21.43
O MSE A 216 -39.11 7.31 20.68
CB MSE A 216 -36.76 9.24 21.61
CB MSE A 216 -36.79 9.17 21.54
CG MSE A 216 -37.10 10.62 21.06
CG MSE A 216 -37.16 10.51 20.96
SE MSE A 216 -35.52 11.76 20.83
SE MSE A 216 -37.01 11.88 22.32
CE MSE A 216 -35.03 11.90 22.71
CE MSE A 216 -35.07 11.93 22.42
N ILE A 217 -40.11 9.14 21.50
CA ILE A 217 -41.20 9.07 20.55
C ILE A 217 -40.95 10.06 19.43
N THR A 218 -40.52 9.56 18.29
CA THR A 218 -40.27 10.41 17.13
C THR A 218 -41.50 10.51 16.24
N GLY A 219 -42.38 9.51 16.35
CA GLY A 219 -43.59 9.47 15.53
C GLY A 219 -43.31 8.88 14.16
N GLN A 220 -42.04 8.62 13.88
CA GLN A 220 -41.63 8.00 12.63
C GLN A 220 -41.56 6.49 12.82
N ARG A 221 -42.41 5.77 12.11
CA ARG A 221 -42.67 4.36 12.37
C ARG A 221 -41.45 3.45 12.26
N VAL A 222 -40.66 3.61 11.21
CA VAL A 222 -39.47 2.77 11.02
C VAL A 222 -38.51 2.91 12.20
N ILE A 223 -38.41 4.11 12.73
CA ILE A 223 -37.52 4.40 13.85
C ILE A 223 -38.07 3.91 15.19
N ASP A 224 -39.24 4.38 15.58
CA ASP A 224 -39.82 4.02 16.88
C ASP A 224 -39.98 2.51 17.06
N THR A 225 -40.34 1.83 15.98
CA THR A 225 -40.62 0.40 16.02
C THR A 225 -39.36 -0.46 15.90
N PHE A 226 -38.64 -0.31 14.80
CA PHE A 226 -37.54 -1.22 14.49
C PHE A 226 -36.15 -0.74 14.92
N PHE A 227 -35.93 0.57 14.91
CA PHE A 227 -34.61 1.10 15.29
C PHE A 227 -34.68 2.25 16.30
N PRO A 228 -35.25 1.98 17.48
CA PRO A 228 -35.54 3.05 18.44
C PRO A 228 -34.31 3.62 19.14
N VAL A 229 -34.33 4.94 19.35
CA VAL A 229 -33.32 5.60 20.16
C VAL A 229 -33.99 6.03 21.47
N THR A 230 -33.24 5.96 22.56
CA THR A 230 -33.77 6.31 23.87
C THR A 230 -33.37 7.73 24.24
N LYS A 231 -34.05 8.28 25.24
CA LYS A 231 -33.70 9.60 25.77
C LYS A 231 -32.37 9.51 26.50
N GLY A 232 -31.33 10.05 25.89
CA GLY A 232 -29.98 9.91 26.40
C GLY A 232 -29.13 9.05 25.50
N GLY A 233 -29.76 8.47 24.48
CA GLY A 233 -29.06 7.64 23.52
C GLY A 233 -28.42 8.45 22.42
N ALA A 234 -27.81 7.77 21.45
CA ALA A 234 -27.14 8.44 20.34
C ALA A 234 -27.29 7.65 19.05
N ALA A 235 -27.45 8.36 17.94
CA ALA A 235 -27.63 7.72 16.63
C ALA A 235 -26.79 8.34 15.54
N ALA A 236 -26.21 7.49 14.69
CA ALA A 236 -25.45 7.96 13.52
C ALA A 236 -26.29 7.81 12.26
N VAL A 237 -26.25 8.82 11.40
CA VAL A 237 -27.02 8.82 10.16
C VAL A 237 -26.16 9.27 8.97
N PRO A 238 -25.86 8.35 8.05
CA PRO A 238 -25.13 8.74 6.83
C PRO A 238 -26.00 9.65 5.98
N GLY A 239 -25.39 10.64 5.33
CA GLY A 239 -26.16 11.59 4.54
C GLY A 239 -25.76 11.70 3.08
N PRO A 240 -26.05 10.66 2.29
CA PRO A 240 -25.78 10.76 0.85
C PRO A 240 -26.79 11.69 0.20
N PHE A 241 -26.41 12.31 -0.91
CA PHE A 241 -27.29 13.24 -1.59
C PHE A 241 -28.52 12.51 -2.14
N GLY A 242 -29.68 13.15 -2.02
CA GLY A 242 -30.91 12.64 -2.60
C GLY A 242 -31.54 11.49 -1.81
N ALA A 243 -31.20 11.37 -0.54
CA ALA A 243 -31.76 10.32 0.31
C ALA A 243 -32.79 10.86 1.28
N GLY A 244 -33.08 12.16 1.18
CA GLY A 244 -34.06 12.80 2.02
C GLY A 244 -33.63 12.98 3.47
N LYS A 245 -32.35 13.21 3.68
CA LYS A 245 -31.80 13.36 5.03
C LYS A 245 -32.42 14.53 5.79
N THR A 246 -32.50 15.69 5.15
CA THR A 246 -32.98 16.90 5.80
C THR A 246 -34.44 16.79 6.26
N VAL A 247 -35.25 16.09 5.48
CA VAL A 247 -36.64 15.85 5.85
C VAL A 247 -36.74 14.98 7.10
N VAL A 248 -35.92 13.93 7.15
CA VAL A 248 -35.84 13.06 8.33
C VAL A 248 -35.38 13.86 9.55
N GLN A 249 -34.39 14.73 9.34
CA GLN A 249 -33.91 15.62 10.39
C GLN A 249 -35.00 16.56 10.88
N HIS A 250 -35.75 17.15 9.95
CA HIS A 250 -36.81 18.08 10.31
C HIS A 250 -37.93 17.39 11.09
N GLN A 251 -38.28 16.18 10.65
CA GLN A 251 -39.30 15.38 11.32
C GLN A 251 -38.93 15.09 12.76
N ILE A 252 -37.69 14.66 12.97
CA ILE A 252 -37.18 14.34 14.30
C ILE A 252 -37.12 15.59 15.18
N ALA A 253 -36.74 16.71 14.60
CA ALA A 253 -36.59 17.95 15.37
C ALA A 253 -37.92 18.47 15.93
N LYS A 254 -38.99 18.36 15.14
CA LYS A 254 -40.25 18.94 15.56
C LYS A 254 -41.23 17.97 16.22
N TRP A 255 -41.09 16.68 15.94
CA TRP A 255 -42.02 15.68 16.48
C TRP A 255 -41.55 14.97 17.75
N SER A 256 -40.23 14.85 17.93
CA SER A 256 -39.69 14.15 19.10
C SER A 256 -40.11 14.81 20.40
N ASP A 257 -40.34 14.00 21.43
CA ASP A 257 -40.81 14.51 22.71
C ASP A 257 -39.66 15.04 23.58
N VAL A 258 -38.92 16.01 23.02
CA VAL A 258 -37.90 16.73 23.78
C VAL A 258 -38.36 18.17 24.00
N ASP A 259 -37.71 18.86 24.93
CA ASP A 259 -38.07 20.24 25.24
C ASP A 259 -37.35 21.23 24.34
N LEU A 260 -36.06 20.99 24.11
CA LEU A 260 -35.25 21.89 23.33
C LEU A 260 -34.43 21.16 22.28
N VAL A 261 -34.17 21.84 21.17
CA VAL A 261 -33.33 21.30 20.11
C VAL A 261 -32.11 22.20 19.95
N VAL A 262 -30.93 21.59 19.87
CA VAL A 262 -29.72 22.30 19.51
C VAL A 262 -29.23 21.77 18.18
N TYR A 263 -29.26 22.61 17.15
CA TYR A 263 -28.80 22.20 15.83
C TYR A 263 -27.39 22.73 15.58
N VAL A 264 -26.50 21.85 15.13
CA VAL A 264 -25.13 22.25 14.86
C VAL A 264 -24.71 22.00 13.41
N GLY A 265 -24.49 23.08 12.67
CA GLY A 265 -23.87 22.99 11.36
C GLY A 265 -22.37 23.14 11.55
N CYS A 266 -21.64 22.07 11.29
CA CYS A 266 -20.23 21.98 11.67
C CYS A 266 -19.29 22.78 10.78
N GLY A 267 -19.38 22.59 9.47
CA GLY A 267 -18.54 23.30 8.53
C GLY A 267 -19.03 23.00 7.13
N GLU A 268 -20.16 23.60 6.78
CA GLU A 268 -20.92 23.16 5.62
C GLU A 268 -20.75 24.05 4.39
N ARG A 269 -21.08 23.50 3.22
CA ARG A 269 -21.04 24.24 1.98
C ARG A 269 -21.96 25.45 2.11
N GLY A 270 -21.45 26.61 1.71
CA GLY A 270 -22.15 27.87 1.89
C GLY A 270 -23.62 27.88 1.51
N ASN A 271 -23.94 27.35 0.34
CA ASN A 271 -25.33 27.33 -0.12
C ASN A 271 -26.18 26.25 0.55
N GLU A 272 -25.54 25.23 1.09
CA GLU A 272 -26.27 24.21 1.84
C GLU A 272 -26.59 24.70 3.25
N MSE A 273 -25.70 25.51 3.81
CA MSE A 273 -25.92 26.11 5.12
C MSE A 273 -27.05 27.13 5.07
O MSE A 273 -27.79 27.31 6.04
CB MSE A 273 -24.64 26.77 5.63
CG MSE A 273 -24.69 27.20 7.09
SE MSE A 273 -24.59 25.70 8.35
CE MSE A 273 -26.42 25.76 9.02
N THR A 274 -27.18 27.80 3.93
CA THR A 274 -28.23 28.79 3.72
C THR A 274 -29.62 28.15 3.76
N ASP A 275 -29.72 26.95 3.18
CA ASP A 275 -30.96 26.19 3.22
C ASP A 275 -31.43 25.95 4.64
N VAL A 276 -30.51 25.52 5.50
CA VAL A 276 -30.83 25.28 6.90
C VAL A 276 -31.24 26.57 7.60
N VAL A 277 -30.52 27.64 7.32
CA VAL A 277 -30.83 28.96 7.85
C VAL A 277 -32.24 29.40 7.43
N ASN A 278 -32.64 29.02 6.22
CA ASN A 278 -33.96 29.35 5.69
C ASN A 278 -35.08 28.45 6.22
N GLU A 279 -34.87 27.13 6.10
CA GLU A 279 -35.94 26.16 6.33
C GLU A 279 -36.23 25.86 7.80
N PHE A 280 -35.23 26.01 8.66
CA PHE A 280 -35.42 25.69 10.08
C PHE A 280 -36.38 26.63 10.83
N PRO A 281 -36.28 27.95 10.62
CA PRO A 281 -37.28 28.82 11.26
C PRO A 281 -38.69 28.62 10.69
N GLU A 282 -38.78 28.06 9.49
CA GLU A 282 -40.07 27.81 8.87
C GLU A 282 -40.72 26.54 9.43
N LEU A 283 -39.95 25.78 10.22
CA LEU A 283 -40.50 24.61 10.88
C LEU A 283 -41.42 25.05 12.01
N ILE A 284 -42.60 24.44 12.08
CA ILE A 284 -43.58 24.82 13.08
C ILE A 284 -43.66 23.82 14.22
N ASP A 285 -43.61 24.32 15.45
CA ASP A 285 -43.85 23.51 16.63
C ASP A 285 -45.29 23.00 16.62
N PRO A 286 -45.46 21.67 16.55
CA PRO A 286 -46.79 21.03 16.49
C PRO A 286 -47.73 21.43 17.61
N ASN A 287 -47.23 21.59 18.83
CA ASN A 287 -48.08 21.86 19.98
C ASN A 287 -48.60 23.30 20.07
N THR A 288 -47.71 24.27 19.87
CA THR A 288 -48.06 25.67 20.05
C THR A 288 -48.38 26.37 18.73
N GLY A 289 -47.88 25.82 17.64
CA GLY A 289 -48.06 26.45 16.34
C GLY A 289 -47.03 27.54 16.11
N GLU A 290 -46.13 27.72 17.07
CA GLU A 290 -45.06 28.70 16.94
C GLU A 290 -43.93 28.15 16.10
N SER A 291 -42.99 29.01 15.73
CA SER A 291 -41.79 28.58 15.05
C SER A 291 -41.02 27.63 15.96
N LEU A 292 -40.31 26.67 15.36
CA LEU A 292 -39.49 25.75 16.13
C LEU A 292 -38.36 26.51 16.83
N MSE A 293 -38.00 27.66 16.28
CA MSE A 293 -36.94 28.49 16.86
C MSE A 293 -37.25 28.95 18.27
O MSE A 293 -36.35 29.33 19.02
CB MSE A 293 -36.64 29.70 15.95
CG MSE A 293 -36.06 29.34 14.59
SE MSE A 293 -34.43 28.26 14.69
CE MSE A 293 -33.30 29.47 15.71
N GLU A 294 -38.53 28.90 18.65
CA GLU A 294 -38.95 29.27 19.99
C GLU A 294 -38.40 28.32 21.06
N ARG A 295 -37.88 27.18 20.63
CA ARG A 295 -37.21 26.24 21.54
C ARG A 295 -35.98 25.61 20.89
N THR A 296 -35.28 26.41 20.09
CA THR A 296 -34.11 25.92 19.37
C THR A 296 -32.93 26.89 19.48
N VAL A 297 -31.74 26.34 19.63
CA VAL A 297 -30.50 27.09 19.47
C VAL A 297 -29.78 26.51 18.26
N LEU A 298 -29.33 27.36 17.33
CA LEU A 298 -28.72 26.88 16.10
C LEU A 298 -27.29 27.39 15.90
N ILE A 299 -26.39 26.46 15.58
CA ILE A 299 -25.00 26.80 15.27
C ILE A 299 -24.80 26.64 13.76
N ALA A 300 -24.38 27.73 13.10
CA ALA A 300 -24.23 27.71 11.64
C ALA A 300 -22.80 28.07 11.21
N ASN A 301 -22.06 27.07 10.75
CA ASN A 301 -20.73 27.30 10.20
C ASN A 301 -20.69 26.96 8.73
N THR A 302 -20.18 27.87 7.92
CA THR A 302 -19.84 27.57 6.53
C THR A 302 -18.39 27.11 6.49
N SER A 303 -17.95 26.56 5.37
CA SER A 303 -16.60 26.01 5.27
C SER A 303 -15.51 27.05 5.49
N ASN A 304 -15.82 28.32 5.23
CA ASN A 304 -14.84 29.40 5.42
C ASN A 304 -14.86 30.07 6.80
N MSE A 305 -15.65 29.52 7.72
CA MSE A 305 -15.55 29.93 9.12
C MSE A 305 -14.19 29.50 9.64
O MSE A 305 -13.58 28.58 9.09
CB MSE A 305 -16.67 29.30 9.96
CG MSE A 305 -18.08 29.80 9.64
SE MSE A 305 -18.34 31.72 9.91
CE MSE A 305 -18.61 32.24 8.07
N PRO A 306 -13.68 30.17 10.70
CA PRO A 306 -12.39 29.78 11.28
C PRO A 306 -12.37 28.29 11.64
N VAL A 307 -11.22 27.64 11.45
CA VAL A 307 -11.10 26.22 11.74
C VAL A 307 -11.44 25.94 13.22
N ALA A 308 -11.18 26.92 14.08
CA ALA A 308 -11.50 26.81 15.49
C ALA A 308 -13.01 26.73 15.72
N ALA A 309 -13.78 27.46 14.91
CA ALA A 309 -15.23 27.44 15.05
C ALA A 309 -15.82 26.13 14.50
N ARG A 310 -15.17 25.58 13.49
CA ARG A 310 -15.62 24.33 12.89
C ARG A 310 -15.30 23.13 13.78
N GLU A 311 -14.17 23.19 14.47
CA GLU A 311 -13.80 22.15 15.44
C GLU A 311 -14.63 22.26 16.72
N ALA A 312 -14.89 23.49 17.16
CA ALA A 312 -15.60 23.71 18.41
C ALA A 312 -17.11 23.59 18.26
N SER A 313 -17.57 23.47 17.01
CA SER A 313 -18.99 23.46 16.69
C SER A 313 -19.81 22.54 17.59
N ILE A 314 -19.47 21.26 17.60
CA ILE A 314 -20.24 20.29 18.36
C ILE A 314 -20.05 20.46 19.87
N TYR A 315 -18.90 20.98 20.27
CA TYR A 315 -18.63 21.20 21.68
C TYR A 315 -19.39 22.39 22.23
N THR A 316 -19.38 23.48 21.47
CA THR A 316 -20.19 24.65 21.79
C THR A 316 -21.66 24.27 21.92
N GLY A 317 -22.11 23.41 21.02
CA GLY A 317 -23.49 22.95 21.02
C GLY A 317 -23.86 22.05 22.19
N ILE A 318 -22.98 21.11 22.54
CA ILE A 318 -23.30 20.19 23.63
C ILE A 318 -23.18 20.83 25.01
N THR A 319 -22.34 21.86 25.13
CA THR A 319 -22.26 22.63 26.37
C THR A 319 -23.59 23.33 26.62
N ILE A 320 -24.15 23.89 25.56
CA ILE A 320 -25.45 24.55 25.63
C ILE A 320 -26.55 23.54 25.94
N ALA A 321 -26.48 22.38 25.32
CA ALA A 321 -27.40 21.29 25.61
C ALA A 321 -27.31 20.85 27.07
N GLU A 322 -26.08 20.73 27.58
CA GLU A 322 -25.85 20.37 28.97
C GLU A 322 -26.46 21.40 29.92
N TYR A 323 -26.39 22.67 29.52
CA TYR A 323 -26.92 23.77 30.31
C TYR A 323 -28.44 23.65 30.51
N PHE A 324 -29.16 23.35 29.42
CA PHE A 324 -30.61 23.17 29.50
C PHE A 324 -30.97 21.80 30.08
N ARG A 325 -30.07 20.84 29.92
CA ARG A 325 -30.22 19.53 30.54
C ARG A 325 -30.21 19.68 32.05
N ASP A 326 -29.32 20.54 32.55
CA ASP A 326 -29.18 20.77 33.98
C ASP A 326 -30.44 21.36 34.62
N MSE A 327 -31.31 21.94 33.79
CA MSE A 327 -32.55 22.53 34.27
C MSE A 327 -33.63 21.48 34.49
O MSE A 327 -34.61 21.72 35.18
CB MSE A 327 -33.06 23.56 33.27
CG MSE A 327 -32.14 24.73 33.04
SE MSE A 327 -32.87 25.97 31.74
CE MSE A 327 -31.33 27.14 31.57
N GLY A 328 -33.44 20.31 33.89
CA GLY A 328 -34.41 19.23 33.99
C GLY A 328 -35.14 19.02 32.66
N TYR A 329 -34.53 19.54 31.59
CA TYR A 329 -35.14 19.43 30.26
C TYR A 329 -34.58 18.24 29.49
N ASP A 330 -35.34 17.79 28.50
CA ASP A 330 -34.85 16.81 27.54
C ASP A 330 -34.41 17.55 26.29
N VAL A 331 -33.17 17.32 25.87
CA VAL A 331 -32.60 18.04 24.74
C VAL A 331 -32.16 17.09 23.64
N ALA A 332 -32.42 17.48 22.39
CA ALA A 332 -31.88 16.78 21.25
C ALA A 332 -30.77 17.62 20.64
N ILE A 333 -29.57 17.06 20.54
CA ILE A 333 -28.50 17.75 19.81
C ILE A 333 -28.26 17.08 18.47
N MSE A 334 -28.45 17.86 17.41
CA MSE A 334 -28.42 17.36 16.06
C MSE A 334 -27.27 18.01 15.29
O MSE A 334 -27.29 19.20 15.01
CB MSE A 334 -29.77 17.59 15.37
CB MSE A 334 -29.76 17.68 15.38
CG MSE A 334 -30.90 16.85 16.10
CG MSE A 334 -29.92 17.20 13.95
SE MSE A 334 -32.63 17.07 15.22
SE MSE A 334 -31.74 17.52 13.30
CE MSE A 334 -32.09 16.62 13.41
CE MSE A 334 -32.71 16.37 14.54
N ALA A 335 -26.26 17.20 14.97
CA ALA A 335 -25.05 17.69 14.32
C ALA A 335 -24.93 17.20 12.87
N ASP A 336 -24.62 18.13 11.97
CA ASP A 336 -24.52 17.83 10.55
C ASP A 336 -23.58 18.84 9.90
N SER A 337 -22.41 18.39 9.43
CA SER A 337 -22.01 16.99 9.46
C SER A 337 -20.76 16.76 10.32
N THR A 338 -20.75 15.69 11.10
CA THR A 338 -19.60 15.40 11.95
C THR A 338 -18.37 14.98 11.15
N SER A 339 -18.58 14.65 9.88
CA SER A 339 -17.47 14.41 8.96
C SER A 339 -16.71 15.70 8.71
N ARG A 340 -17.44 16.82 8.69
CA ARG A 340 -16.86 18.13 8.45
C ARG A 340 -16.22 18.68 9.71
N TRP A 341 -16.75 18.27 10.86
CA TRP A 341 -16.12 18.56 12.14
C TRP A 341 -14.77 17.88 12.23
N ALA A 342 -14.72 16.62 11.78
CA ALA A 342 -13.49 15.83 11.82
C ALA A 342 -12.47 16.35 10.83
N GLU A 343 -12.95 16.98 9.76
CA GLU A 343 -12.07 17.57 8.77
C GLU A 343 -11.31 18.74 9.40
N ALA A 344 -11.97 19.42 10.32
CA ALA A 344 -11.34 20.50 11.07
C ALA A 344 -10.26 19.96 11.99
N LEU A 345 -10.50 18.79 12.56
CA LEU A 345 -9.50 18.12 13.40
C LEU A 345 -8.32 17.66 12.58
N ARG A 346 -8.59 17.21 11.36
CA ARG A 346 -7.55 16.76 10.45
C ARG A 346 -6.66 17.92 10.04
N GLU A 347 -7.29 19.07 9.74
CA GLU A 347 -6.56 20.29 9.42
C GLU A 347 -5.68 20.73 10.58
N MSE A 348 -6.24 20.71 11.78
CA MSE A 348 -5.50 21.13 12.98
C MSE A 348 -4.32 20.21 13.27
O MSE A 348 -3.26 20.67 13.71
CB MSE A 348 -6.44 21.18 14.19
CG MSE A 348 -7.37 22.39 14.22
SE MSE A 348 -6.38 24.08 14.07
CE MSE A 348 -5.20 23.87 15.61
N SER A 349 -4.51 18.91 13.02
CA SER A 349 -3.44 17.94 13.24
C SER A 349 -2.23 18.26 12.38
N GLY A 350 -2.50 18.64 11.13
CA GLY A 350 -1.42 18.98 10.20
C GLY A 350 -0.78 20.31 10.54
N ARG A 351 -1.57 21.26 11.02
CA ARG A 351 -1.06 22.58 11.40
C ARG A 351 -0.20 22.51 12.66
N LEU A 352 -0.48 21.53 13.51
CA LEU A 352 0.28 21.34 14.74
C LEU A 352 1.48 20.42 14.54
N GLU A 353 1.66 19.96 13.30
CA GLU A 353 2.78 19.10 12.93
C GLU A 353 2.87 17.84 13.80
N GLU A 354 1.74 17.19 14.00
CA GLU A 354 1.66 15.98 14.81
C GLU A 354 2.04 14.75 14.00
N MSE A 355 2.24 13.63 14.70
CA MSE A 355 2.26 12.33 14.05
C MSE A 355 0.82 11.99 13.74
O MSE A 355 0.00 11.89 14.66
CB MSE A 355 2.84 11.27 14.98
CG MSE A 355 4.35 11.05 14.85
SE MSE A 355 4.91 10.34 13.12
CE MSE A 355 3.43 9.14 12.76
N PRO A 356 0.48 11.83 12.46
CA PRO A 356 -0.91 11.62 12.06
C PRO A 356 -1.41 10.21 12.39
N GLY A 357 -2.71 10.09 12.67
CA GLY A 357 -3.33 8.80 12.81
C GLY A 357 -3.80 8.34 11.43
N ASP A 358 -4.84 7.51 11.40
CA ASP A 358 -5.35 6.96 10.15
C ASP A 358 -5.90 8.03 9.21
N GLU A 359 -5.45 7.99 7.95
CA GLU A 359 -5.95 8.86 6.89
C GLU A 359 -5.75 10.35 7.15
N GLY A 360 -4.75 10.69 7.95
CA GLY A 360 -4.41 12.07 8.21
C GLY A 360 -5.13 12.65 9.42
N TYR A 361 -6.12 11.92 9.94
CA TYR A 361 -6.81 12.33 11.15
C TYR A 361 -5.85 12.22 12.32
N PRO A 362 -6.03 13.07 13.36
CA PRO A 362 -5.16 12.95 14.54
C PRO A 362 -5.32 11.60 15.21
N ALA A 363 -4.29 11.16 15.92
CA ALA A 363 -4.32 9.86 16.59
C ALA A 363 -5.33 9.85 17.74
N TYR A 364 -5.79 11.02 18.16
CA TYR A 364 -6.77 11.15 19.23
C TYR A 364 -8.19 11.36 18.71
N LEU A 365 -8.42 11.07 17.43
CA LEU A 365 -9.76 11.19 16.84
C LEU A 365 -10.80 10.37 17.61
N GLY A 366 -10.48 9.11 17.86
CA GLY A 366 -11.38 8.24 18.61
C GLY A 366 -11.74 8.79 19.99
N SER A 367 -10.76 9.35 20.69
CA SER A 367 -10.96 9.90 22.02
C SER A 367 -11.86 11.14 21.99
N ARG A 368 -11.65 12.01 21.00
CA ARG A 368 -12.45 13.23 20.87
C ARG A 368 -13.91 12.88 20.61
N LEU A 369 -14.13 11.86 19.81
CA LEU A 369 -15.49 11.38 19.54
C LEU A 369 -16.11 10.79 20.79
N ALA A 370 -15.31 10.01 21.54
CA ALA A 370 -15.78 9.42 22.78
C ALA A 370 -16.11 10.51 23.81
N GLU A 371 -15.29 11.56 23.85
CA GLU A 371 -15.52 12.67 24.76
C GLU A 371 -16.85 13.36 24.48
N TYR A 372 -17.17 13.54 23.20
CA TYR A 372 -18.42 14.17 22.80
C TYR A 372 -19.65 13.32 23.13
N TYR A 373 -19.65 12.07 22.67
CA TYR A 373 -20.83 11.21 22.84
C TYR A 373 -21.10 10.81 24.29
N GLU A 374 -20.05 10.71 25.09
CA GLU A 374 -20.23 10.39 26.51
C GLU A 374 -20.72 11.60 27.32
N ARG A 375 -20.78 12.76 26.68
CA ARG A 375 -21.34 13.95 27.31
C ARG A 375 -22.85 14.03 27.09
N SER A 376 -23.34 13.29 26.10
CA SER A 376 -24.77 13.10 25.94
C SER A 376 -25.20 12.00 26.90
N GLY A 377 -26.50 11.89 27.17
CA GLY A 377 -27.00 10.87 28.06
C GLY A 377 -28.05 11.33 29.04
N ARG A 378 -28.61 10.38 29.78
CA ARG A 378 -29.57 10.68 30.83
C ARG A 378 -28.86 10.82 32.17
N VAL A 379 -29.18 11.87 32.91
CA VAL A 379 -28.44 12.17 34.13
C VAL A 379 -29.35 12.62 35.27
N ILE A 380 -28.82 12.57 36.49
CA ILE A 380 -29.40 13.28 37.61
C ILE A 380 -28.61 14.58 37.71
N ALA A 381 -29.27 15.70 37.50
CA ALA A 381 -28.59 16.98 37.56
C ALA A 381 -28.27 17.39 39.00
N LEU A 382 -27.31 18.28 39.17
CA LEU A 382 -26.94 18.78 40.48
C LEU A 382 -28.06 19.60 41.09
N GLY A 383 -28.06 19.74 42.41
CA GLY A 383 -29.11 20.45 43.11
C GLY A 383 -29.84 19.54 44.08
N SER A 384 -30.55 20.14 45.02
CA SER A 384 -31.28 19.39 46.04
C SER A 384 -32.53 18.72 45.48
N ASP A 385 -33.00 19.18 44.32
CA ASP A 385 -34.14 18.57 43.65
C ASP A 385 -33.80 17.16 43.16
N GLN A 386 -32.54 16.96 42.77
CA GLN A 386 -32.11 15.74 42.10
C GLN A 386 -32.93 15.46 40.85
N ARG A 387 -33.17 16.50 40.07
CA ARG A 387 -33.99 16.38 38.86
C ARG A 387 -33.23 15.64 37.76
N GLU A 388 -33.99 15.06 36.83
CA GLU A 388 -33.41 14.36 35.69
C GLU A 388 -33.49 15.20 34.43
N GLY A 389 -32.41 15.17 33.64
CA GLY A 389 -32.39 15.75 32.32
C GLY A 389 -31.76 14.76 31.38
N SER A 390 -31.79 15.03 30.08
CA SER A 390 -31.18 14.14 29.12
C SER A 390 -30.73 14.88 27.86
N ILE A 391 -29.71 14.33 27.21
CA ILE A 391 -29.28 14.82 25.92
C ILE A 391 -29.23 13.63 24.97
N THR A 392 -30.03 13.69 23.91
CA THR A 392 -30.03 12.66 22.89
C THR A 392 -29.35 13.19 21.63
N ALA A 393 -28.34 12.47 21.17
CA ALA A 393 -27.48 12.95 20.09
C ALA A 393 -27.81 12.31 18.76
N ILE A 394 -28.15 13.13 17.77
CA ILE A 394 -28.43 12.65 16.41
C ILE A 394 -27.37 13.25 15.49
N SER A 395 -26.50 12.42 14.95
CA SER A 395 -25.37 12.94 14.19
C SER A 395 -25.27 12.42 12.76
N ALA A 396 -25.18 13.35 11.82
CA ALA A 396 -24.96 13.01 10.43
C ALA A 396 -23.47 12.78 10.19
N VAL A 397 -23.16 11.75 9.42
CA VAL A 397 -21.82 11.54 8.91
C VAL A 397 -21.93 11.55 7.39
N SER A 398 -20.87 12.01 6.71
CA SER A 398 -20.90 12.05 5.26
C SER A 398 -19.52 11.80 4.65
N PRO A 399 -19.08 10.53 4.68
CA PRO A 399 -17.78 10.15 4.09
C PRO A 399 -17.75 10.42 2.59
N SER A 400 -16.54 10.51 2.03
CA SER A 400 -16.37 10.86 0.62
C SER A 400 -17.09 9.92 -0.34
N GLY A 401 -16.95 8.61 -0.11
CA GLY A 401 -17.53 7.63 -1.01
C GLY A 401 -18.78 6.95 -0.48
N GLY A 402 -19.18 7.32 0.73
CA GLY A 402 -20.33 6.70 1.37
C GLY A 402 -19.95 5.38 2.00
N ASP A 403 -18.64 5.16 2.17
CA ASP A 403 -18.14 3.96 2.81
C ASP A 403 -18.13 4.15 4.33
N ILE A 404 -18.61 3.14 5.04
CA ILE A 404 -18.74 3.21 6.49
C ILE A 404 -17.40 2.97 7.18
N SER A 405 -16.57 2.11 6.59
CA SER A 405 -15.33 1.67 7.22
C SER A 405 -14.29 2.77 7.50
N GLU A 406 -14.57 3.98 7.02
CA GLU A 406 -13.67 5.11 7.23
C GLU A 406 -13.62 5.52 8.71
N PRO A 407 -12.49 6.11 9.15
CA PRO A 407 -12.22 6.43 10.56
C PRO A 407 -13.35 7.16 11.33
N VAL A 408 -13.97 8.15 10.71
CA VAL A 408 -14.96 8.96 11.40
C VAL A 408 -16.21 8.17 11.80
N THR A 409 -16.80 7.48 10.83
CA THR A 409 -18.00 6.69 11.10
C THR A 409 -17.69 5.49 11.98
N GLN A 410 -16.51 4.90 11.77
CA GLN A 410 -16.14 3.71 12.52
C GLN A 410 -15.93 3.99 14.01
N ASN A 411 -15.26 5.10 14.32
CA ASN A 411 -15.08 5.49 15.73
C ASN A 411 -16.37 5.96 16.38
N THR A 412 -17.27 6.51 15.57
CA THR A 412 -18.57 6.94 16.06
C THR A 412 -19.42 5.73 16.46
N LEU A 413 -19.43 4.71 15.60
CA LEU A 413 -20.24 3.52 15.84
C LEU A 413 -19.72 2.65 16.98
N ARG A 414 -18.51 2.94 17.46
CA ARG A 414 -17.96 2.24 18.61
C ARG A 414 -18.59 2.74 19.91
N VAL A 415 -19.08 3.99 19.88
CA VAL A 415 -19.59 4.63 21.10
C VAL A 415 -21.09 4.99 21.05
N VAL A 416 -21.71 4.85 19.88
CA VAL A 416 -23.16 5.03 19.77
C VAL A 416 -23.83 3.67 19.54
N LYS A 417 -25.12 3.58 19.86
CA LYS A 417 -25.82 2.29 19.79
C LYS A 417 -26.88 2.23 18.71
N VAL A 418 -27.05 3.31 17.95
CA VAL A 418 -28.08 3.36 16.92
C VAL A 418 -27.55 3.83 15.57
N PHE A 419 -27.92 3.12 14.51
CA PHE A 419 -27.49 3.45 13.16
C PHE A 419 -28.67 3.43 12.20
N TRP A 420 -29.01 4.59 11.65
CA TRP A 420 -30.07 4.72 10.65
C TRP A 420 -29.45 4.88 9.27
N GLY A 421 -29.40 3.78 8.52
CA GLY A 421 -28.72 3.78 7.23
C GLY A 421 -29.53 4.31 6.07
N LEU A 422 -29.47 5.63 5.85
CA LEU A 422 -30.14 6.25 4.71
C LEU A 422 -29.58 5.71 3.40
N ASP A 423 -30.48 5.36 2.49
CA ASP A 423 -30.11 4.66 1.27
C ASP A 423 -30.66 5.40 0.05
N SER A 424 -29.78 5.82 -0.84
CA SER A 424 -30.19 6.58 -2.01
C SER A 424 -30.91 5.72 -3.07
N SER A 425 -30.68 4.41 -3.03
CA SER A 425 -31.37 3.51 -3.95
C SER A 425 -32.83 3.33 -3.55
N LEU A 426 -33.10 3.40 -2.25
CA LEU A 426 -34.47 3.34 -1.74
C LEU A 426 -35.21 4.63 -2.09
N ALA A 427 -34.50 5.75 -2.05
CA ALA A 427 -35.08 7.03 -2.42
C ALA A 427 -35.44 7.04 -3.90
N GLN A 428 -34.66 6.33 -4.70
CA GLN A 428 -34.93 6.24 -6.14
C GLN A 428 -36.12 5.33 -6.42
N LYS A 429 -36.49 4.52 -5.44
CA LYS A 429 -37.65 3.66 -5.55
C LYS A 429 -38.86 4.28 -4.87
N ARG A 430 -38.77 5.58 -4.57
CA ARG A 430 -39.83 6.30 -3.86
C ARG A 430 -40.18 5.66 -2.52
N HIS A 431 -39.18 5.13 -1.83
CA HIS A 431 -39.39 4.60 -0.49
C HIS A 431 -38.87 5.59 0.54
N PHE A 432 -39.80 6.30 1.19
CA PHE A 432 -39.43 7.32 2.17
C PHE A 432 -40.10 7.08 3.52
N PRO A 433 -39.35 7.28 4.62
CA PRO A 433 -37.94 7.67 4.64
C PRO A 433 -37.00 6.53 4.18
N SER A 434 -35.90 6.91 3.54
CA SER A 434 -35.02 5.96 2.86
C SER A 434 -34.12 5.18 3.82
N ILE A 435 -34.68 4.72 4.92
CA ILE A 435 -33.91 3.96 5.90
C ILE A 435 -33.86 2.48 5.54
N ASN A 436 -32.66 1.98 5.27
CA ASN A 436 -32.43 0.58 4.94
C ASN A 436 -32.66 -0.29 6.18
N TRP A 437 -33.72 -1.09 6.15
CA TRP A 437 -34.13 -1.88 7.30
C TRP A 437 -33.26 -3.11 7.53
N ILE A 438 -32.39 -3.41 6.56
CA ILE A 438 -31.46 -4.54 6.69
C ILE A 438 -30.13 -4.08 7.30
N GLN A 439 -29.62 -2.94 6.85
CA GLN A 439 -28.34 -2.43 7.31
C GLN A 439 -28.42 -1.69 8.64
N SER A 440 -29.58 -1.08 8.91
CA SER A 440 -29.77 -0.31 10.13
C SER A 440 -29.83 -1.21 11.36
N TYR A 441 -29.64 -0.61 12.54
CA TYR A 441 -29.76 -1.34 13.80
C TYR A 441 -29.95 -0.40 14.98
N SER A 442 -30.50 -0.94 16.06
CA SER A 442 -30.55 -0.25 17.34
C SER A 442 -30.22 -1.22 18.46
N LEU A 443 -29.20 -0.91 19.23
CA LEU A 443 -28.81 -1.75 20.37
C LEU A 443 -29.69 -1.46 21.57
N TYR A 444 -30.66 -0.57 21.40
CA TYR A 444 -31.64 -0.27 22.44
C TYR A 444 -32.91 -1.11 22.26
N SER A 445 -32.97 -1.86 21.17
CA SER A 445 -34.17 -2.63 20.82
C SER A 445 -34.70 -3.53 21.93
N THR A 446 -33.80 -4.24 22.59
CA THR A 446 -34.19 -5.21 23.60
C THR A 446 -34.77 -4.54 24.84
N GLU A 447 -34.14 -3.44 25.27
CA GLU A 447 -34.60 -2.72 26.45
C GLU A 447 -35.86 -1.91 26.15
N VAL A 448 -35.90 -1.27 24.98
CA VAL A 448 -37.10 -0.58 24.53
C VAL A 448 -38.26 -1.57 24.45
N GLY A 449 -37.98 -2.78 23.98
CA GLY A 449 -38.98 -3.83 23.90
C GLY A 449 -39.59 -4.18 25.24
N ARG A 450 -38.75 -4.23 26.29
CA ARG A 450 -39.24 -4.50 27.63
C ARG A 450 -40.12 -3.37 28.12
N TYR A 451 -39.69 -2.15 27.86
CA TYR A 451 -40.45 -0.95 28.22
C TYR A 451 -41.82 -0.94 27.54
N MSE A 452 -41.81 -1.21 26.23
CA MSE A 452 -43.04 -1.18 25.44
C MSE A 452 -44.04 -2.25 25.85
O MSE A 452 -45.23 -1.99 25.92
CB MSE A 452 -42.69 -1.31 23.96
CG MSE A 452 -41.85 -0.18 23.41
SE MSE A 452 -42.81 1.51 23.31
CE MSE A 452 -44.08 1.01 21.90
N ASP A 453 -43.56 -3.46 26.12
CA ASP A 453 -44.43 -4.55 26.55
C ASP A 453 -45.12 -4.19 27.85
N GLN A 454 -44.41 -3.47 28.71
CA GLN A 454 -44.94 -3.06 30.00
C GLN A 454 -45.96 -1.93 29.87
N ILE A 455 -45.61 -0.91 29.10
CA ILE A 455 -46.46 0.27 28.97
C ILE A 455 -47.68 0.01 28.09
N LEU A 456 -47.58 -0.98 27.21
CA LEU A 456 -48.70 -1.35 26.33
C LEU A 456 -49.49 -2.52 26.89
N GLN A 457 -48.87 -3.30 27.78
CA GLN A 457 -49.41 -4.58 28.24
C GLN A 457 -49.73 -5.47 27.03
N GLN A 458 -48.82 -5.47 26.07
CA GLN A 458 -48.95 -6.28 24.86
C GLN A 458 -47.62 -6.94 24.56
N ASP A 459 -47.64 -7.95 23.69
CA ASP A 459 -46.42 -8.60 23.26
C ASP A 459 -45.81 -7.84 22.08
N TRP A 460 -45.51 -6.57 22.31
CA TRP A 460 -44.96 -5.69 21.28
C TRP A 460 -43.61 -6.16 20.76
N SER A 461 -42.76 -6.65 21.65
CA SER A 461 -41.42 -7.11 21.25
C SER A 461 -41.49 -8.32 20.35
N ASP A 462 -42.45 -9.21 20.62
CA ASP A 462 -42.68 -10.37 19.77
C ASP A 462 -43.11 -9.94 18.37
N MSE A 463 -43.91 -8.89 18.30
CA MSE A 463 -44.38 -8.38 17.02
C MSE A 463 -43.27 -7.74 16.21
O MSE A 463 -43.16 -7.97 15.00
CB MSE A 463 -45.53 -7.37 17.22
CG MSE A 463 -46.79 -7.99 17.83
SE MSE A 463 -48.06 -6.66 18.50
CE MSE A 463 -48.14 -5.51 16.92
N VAL A 464 -42.42 -6.95 16.87
CA VAL A 464 -41.31 -6.29 16.21
C VAL A 464 -40.32 -7.30 15.61
N THR A 465 -39.96 -8.30 16.40
CA THR A 465 -39.02 -9.32 15.94
C THR A 465 -39.61 -10.15 14.80
N GLU A 466 -40.92 -10.42 14.88
CA GLU A 466 -41.61 -11.13 13.81
C GLU A 466 -41.68 -10.27 12.56
N GLY A 467 -41.88 -8.98 12.76
CA GLY A 467 -41.89 -8.02 11.67
C GLY A 467 -40.57 -7.96 10.94
N MSE A 468 -39.48 -7.98 11.69
CA MSE A 468 -38.15 -7.96 11.10
C MSE A 468 -37.84 -9.28 10.40
O MSE A 468 -37.17 -9.31 9.37
CB MSE A 468 -37.08 -7.67 12.16
CG MSE A 468 -35.66 -7.67 11.61
SE MSE A 468 -35.41 -6.38 10.16
CE MSE A 468 -35.92 -4.78 11.15
N ARG A 469 -38.35 -10.38 10.96
CA ARG A 469 -38.08 -11.71 10.43
C ARG A 469 -38.68 -11.90 9.04
N ILE A 470 -39.87 -11.34 8.85
CA ILE A 470 -40.53 -11.37 7.56
C ILE A 470 -39.75 -10.54 6.55
N LEU A 471 -39.26 -9.39 7.00
CA LEU A 471 -38.45 -8.52 6.15
C LEU A 471 -37.12 -9.17 5.78
N GLN A 472 -36.53 -9.89 6.74
CA GLN A 472 -35.29 -10.62 6.48
C GLN A 472 -35.51 -11.76 5.49
N GLU A 473 -36.60 -12.49 5.67
CA GLU A 473 -36.91 -13.60 4.78
C GLU A 473 -37.27 -13.10 3.38
N GLU A 474 -37.82 -11.90 3.30
CA GLU A 474 -38.18 -11.30 2.01
C GLU A 474 -36.95 -11.14 1.13
N GLU A 475 -35.83 -10.76 1.75
CA GLU A 475 -34.59 -10.58 1.02
C GLU A 475 -34.17 -11.87 0.34
N GLN A 476 -34.26 -12.97 1.08
CA GLN A 476 -33.92 -14.29 0.56
C GLN A 476 -34.86 -14.72 -0.57
N LEU A 477 -36.15 -14.51 -0.36
CA LEU A 477 -37.16 -14.90 -1.33
C LEU A 477 -37.08 -14.11 -2.63
N ASN A 478 -36.65 -12.85 -2.54
CA ASN A 478 -36.51 -11.99 -3.71
C ASN A 478 -35.44 -12.48 -4.68
N GLU A 479 -34.40 -13.09 -4.14
CA GLU A 479 -33.32 -13.65 -4.95
C GLU A 479 -33.85 -14.83 -5.77
N ILE A 480 -34.73 -15.62 -5.18
CA ILE A 480 -35.35 -16.75 -5.86
C ILE A 480 -36.31 -16.28 -6.96
N VAL A 481 -37.08 -15.25 -6.66
CA VAL A 481 -38.01 -14.67 -7.64
C VAL A 481 -37.27 -14.14 -8.85
N ARG A 482 -36.11 -13.52 -8.61
CA ARG A 482 -35.28 -12.98 -9.68
C ARG A 482 -34.73 -14.08 -10.56
N LEU A 483 -34.37 -15.20 -9.93
CA LEU A 483 -33.81 -16.34 -10.65
C LEU A 483 -34.89 -17.23 -11.27
N VAL A 484 -35.68 -17.87 -10.42
CA VAL A 484 -36.65 -18.86 -10.87
C VAL A 484 -37.90 -18.23 -11.47
N GLY A 485 -38.45 -17.23 -10.77
CA GLY A 485 -39.69 -16.60 -11.18
C GLY A 485 -40.73 -16.65 -10.09
N ILE A 486 -41.61 -15.65 -10.07
CA ILE A 486 -42.60 -15.51 -9.00
C ILE A 486 -43.60 -16.67 -8.97
N ASP A 487 -43.94 -17.20 -10.14
CA ASP A 487 -44.97 -18.23 -10.23
C ASP A 487 -44.49 -19.60 -9.77
N SER A 488 -43.21 -19.70 -9.44
CA SER A 488 -42.63 -20.97 -9.04
C SER A 488 -42.48 -21.10 -7.53
N LEU A 489 -42.95 -20.11 -6.78
CA LEU A 489 -42.87 -20.14 -5.33
C LEU A 489 -44.07 -20.87 -4.74
N SER A 490 -43.91 -21.36 -3.51
CA SER A 490 -45.00 -22.02 -2.80
C SER A 490 -45.97 -20.97 -2.29
N ASP A 491 -47.15 -21.41 -1.88
CA ASP A 491 -48.17 -20.50 -1.35
C ASP A 491 -47.68 -19.79 -0.08
N ASN A 492 -46.97 -20.50 0.78
CA ASN A 492 -46.39 -19.92 1.99
C ASN A 492 -45.39 -18.82 1.69
N ASP A 493 -44.57 -19.03 0.66
CA ASP A 493 -43.57 -18.04 0.27
C ASP A 493 -44.21 -16.83 -0.41
N ARG A 494 -45.21 -17.08 -1.25
CA ARG A 494 -45.95 -16.00 -1.90
C ARG A 494 -46.63 -15.13 -0.85
N LEU A 495 -47.09 -15.76 0.22
CA LEU A 495 -47.74 -15.03 1.31
C LEU A 495 -46.73 -14.17 2.07
N THR A 496 -45.58 -14.75 2.39
CA THR A 496 -44.52 -14.04 3.09
C THR A 496 -44.10 -12.78 2.34
N LEU A 497 -44.03 -12.87 1.01
CA LEU A 497 -43.71 -11.73 0.18
C LEU A 497 -44.79 -10.63 0.25
N GLU A 498 -46.05 -11.05 0.37
CA GLU A 498 -47.15 -10.10 0.47
C GLU A 498 -47.17 -9.39 1.81
N VAL A 499 -46.92 -10.14 2.88
CA VAL A 499 -46.86 -9.57 4.22
C VAL A 499 -45.66 -8.63 4.33
N ALA A 500 -44.55 -9.00 3.72
CA ALA A 500 -43.36 -8.16 3.70
C ALA A 500 -43.59 -6.89 2.87
N LYS A 501 -44.35 -7.05 1.79
CA LYS A 501 -44.72 -5.92 0.94
C LYS A 501 -45.60 -4.95 1.71
N SER A 502 -46.49 -5.49 2.53
CA SER A 502 -47.40 -4.68 3.34
C SER A 502 -46.63 -3.94 4.44
N ILE A 503 -45.67 -4.61 5.05
CA ILE A 503 -44.83 -3.95 6.05
C ILE A 503 -44.07 -2.77 5.41
N ARG A 504 -43.47 -3.01 4.25
CA ARG A 504 -42.73 -1.96 3.55
C ARG A 504 -43.62 -0.80 3.13
N GLU A 505 -44.73 -1.10 2.48
CA GLU A 505 -45.60 -0.09 1.91
C GLU A 505 -46.57 0.53 2.92
N ASP A 506 -47.25 -0.32 3.68
CA ASP A 506 -48.29 0.17 4.60
C ASP A 506 -47.74 0.64 5.94
N TYR A 507 -46.50 0.31 6.26
CA TYR A 507 -45.94 0.66 7.55
C TYR A 507 -44.66 1.50 7.47
N LEU A 508 -43.63 0.96 6.83
CA LEU A 508 -42.32 1.62 6.75
C LEU A 508 -42.39 2.94 5.97
N GLN A 509 -43.03 2.90 4.81
CA GLN A 509 -43.18 4.11 4.00
C GLN A 509 -44.10 5.10 4.69
N GLN A 510 -43.64 6.34 4.81
CA GLN A 510 -44.34 7.34 5.59
C GLN A 510 -44.11 8.74 5.01
N ASN A 511 -45.19 9.42 4.64
CA ASN A 511 -45.09 10.74 4.04
C ASN A 511 -45.05 11.85 5.08
N ALA A 512 -43.91 12.53 5.16
CA ALA A 512 -43.72 13.60 6.12
C ALA A 512 -44.58 14.83 5.82
N PHE A 513 -45.04 14.95 4.57
CA PHE A 513 -45.77 16.13 4.15
C PHE A 513 -47.28 15.93 4.20
N ASP A 514 -47.71 14.72 4.53
CA ASP A 514 -49.12 14.44 4.73
C ASP A 514 -49.52 14.81 6.15
N ASP A 515 -50.68 15.46 6.29
CA ASP A 515 -51.11 16.00 7.57
C ASP A 515 -51.26 14.95 8.68
N VAL A 516 -51.62 13.73 8.28
CA VAL A 516 -51.85 12.66 9.25
C VAL A 516 -50.68 11.69 9.31
N ASP A 517 -50.12 11.39 8.14
CA ASP A 517 -49.05 10.40 8.02
C ASP A 517 -47.73 10.93 8.57
N THR A 518 -47.62 12.23 8.77
CA THR A 518 -46.38 12.84 9.25
C THR A 518 -45.99 12.40 10.66
N PHE A 519 -46.98 12.00 11.45
CA PHE A 519 -46.73 11.53 12.81
C PHE A 519 -47.65 10.35 13.13
N THR A 520 -47.08 9.30 13.71
CA THR A 520 -47.88 8.17 14.15
C THR A 520 -47.66 7.95 15.64
N SER A 521 -48.73 8.02 16.42
CA SER A 521 -48.62 7.82 17.86
C SER A 521 -48.19 6.40 18.17
N ARG A 522 -47.68 6.19 19.38
CA ARG A 522 -47.25 4.88 19.84
C ARG A 522 -48.42 3.89 19.79
N GLU A 523 -49.60 4.37 20.19
CA GLU A 523 -50.81 3.56 20.19
C GLU A 523 -51.23 3.17 18.77
N LYS A 524 -51.13 4.13 17.85
CA LYS A 524 -51.50 3.89 16.46
C LYS A 524 -50.52 2.93 15.75
N GLN A 525 -49.23 3.04 16.08
CA GLN A 525 -48.22 2.15 15.52
C GLN A 525 -48.50 0.69 15.89
N PHE A 526 -48.86 0.47 17.15
CA PHE A 526 -49.21 -0.87 17.60
C PHE A 526 -50.37 -1.45 16.80
N ASN A 527 -51.45 -0.68 16.70
CA ASN A 527 -52.63 -1.10 15.95
C ASN A 527 -52.34 -1.40 14.48
N MSE A 528 -51.44 -0.61 13.87
CA MSE A 528 -51.10 -0.80 12.47
C MSE A 528 -50.29 -2.06 12.25
O MSE A 528 -50.56 -2.82 11.32
CB MSE A 528 -50.33 0.42 11.94
CG MSE A 528 -51.18 1.66 11.73
SE MSE A 528 -50.12 3.19 11.16
CE MSE A 528 -49.32 2.41 9.56
N LEU A 529 -49.30 -2.29 13.10
CA LEU A 529 -48.47 -3.49 12.97
C LEU A 529 -49.28 -4.74 13.34
N LYS A 530 -50.23 -4.57 14.24
CA LYS A 530 -51.10 -5.67 14.65
C LYS A 530 -51.90 -6.24 13.48
N VAL A 531 -52.58 -5.37 12.73
CA VAL A 531 -53.44 -5.82 11.64
C VAL A 531 -52.64 -6.42 10.49
N ILE A 532 -51.48 -5.85 10.20
CA ILE A 532 -50.62 -6.33 9.12
C ILE A 532 -50.16 -7.76 9.40
N LEU A 533 -49.79 -8.01 10.66
CA LEU A 533 -49.32 -9.32 11.06
C LEU A 533 -50.49 -10.29 11.23
N THR A 534 -51.64 -9.78 11.65
CA THR A 534 -52.84 -10.61 11.81
C THR A 534 -53.31 -11.15 10.46
N PHE A 535 -53.17 -10.35 9.41
CA PHE A 535 -53.51 -10.82 8.07
C PHE A 535 -52.58 -11.96 7.66
N GLY A 536 -51.30 -11.81 7.95
CA GLY A 536 -50.33 -12.85 7.66
C GLY A 536 -50.65 -14.12 8.44
N LYS A 537 -51.04 -13.95 9.70
CA LYS A 537 -51.35 -15.08 10.57
C LYS A 537 -52.61 -15.81 10.11
N GLU A 538 -53.67 -15.06 9.82
CA GLU A 538 -54.93 -15.66 9.40
C GLU A 538 -54.85 -16.32 8.02
N ALA A 539 -54.15 -15.67 7.10
CA ALA A 539 -53.98 -16.22 5.74
C ALA A 539 -53.14 -17.50 5.77
N ARG A 540 -52.14 -17.54 6.63
CA ARG A 540 -51.30 -18.72 6.76
C ARG A 540 -52.06 -19.86 7.42
N LYS A 541 -52.97 -19.50 8.32
CA LYS A 541 -53.83 -20.48 8.97
C LYS A 541 -54.85 -21.00 7.95
N ALA A 542 -55.17 -20.15 6.98
CA ALA A 542 -56.10 -20.52 5.92
C ALA A 542 -55.44 -21.48 4.93
N LEU A 543 -54.16 -21.24 4.64
CA LEU A 543 -53.40 -22.12 3.76
C LEU A 543 -53.31 -23.53 4.32
N SER A 544 -53.07 -23.64 5.63
CA SER A 544 -52.95 -24.95 6.27
C SER A 544 -54.31 -25.60 6.52
N LEU A 545 -55.38 -24.89 6.17
CA LEU A 545 -56.73 -25.44 6.27
C LEU A 545 -57.28 -25.81 4.90
N GLY A 546 -56.46 -25.67 3.87
CA GLY A 546 -56.82 -26.14 2.53
C GLY A 546 -57.09 -25.06 1.50
N ALA A 547 -56.96 -23.80 1.89
CA ALA A 547 -57.20 -22.69 0.97
C ALA A 547 -55.99 -22.43 0.07
N TYR A 548 -56.24 -21.76 -1.06
CA TYR A 548 -55.18 -21.45 -2.01
C TYR A 548 -54.80 -19.97 -1.93
N PHE A 549 -53.53 -19.68 -2.19
CA PHE A 549 -52.99 -18.33 -2.06
C PHE A 549 -53.74 -17.28 -2.90
N ASN A 550 -54.04 -17.62 -4.15
CA ASN A 550 -54.73 -16.68 -5.03
C ASN A 550 -56.17 -16.44 -4.59
N GLU A 551 -56.80 -17.47 -4.03
CA GLU A 551 -58.16 -17.34 -3.50
C GLU A 551 -58.17 -16.36 -2.33
N ILE A 552 -57.14 -16.43 -1.50
CA ILE A 552 -57.02 -15.54 -0.36
C ILE A 552 -56.78 -14.11 -0.81
N MSE A 553 -55.92 -13.93 -1.81
CA MSE A 553 -55.64 -12.59 -2.34
C MSE A 553 -56.87 -11.99 -3.00
O MSE A 553 -57.25 -10.86 -2.71
CB MSE A 553 -54.48 -12.64 -3.34
CG MSE A 553 -53.13 -12.98 -2.73
SE MSE A 553 -52.62 -11.81 -1.26
CE MSE A 553 -52.87 -13.05 0.22
N GLU A 554 -57.49 -12.76 -3.90
CA GLU A 554 -58.65 -12.27 -4.64
C GLU A 554 -59.86 -12.05 -3.73
N GLY A 555 -59.87 -12.69 -2.58
CA GLY A 555 -60.98 -12.58 -1.65
C GLY A 555 -60.82 -11.46 -0.64
N THR A 556 -59.60 -10.94 -0.51
CA THR A 556 -59.31 -9.93 0.52
C THR A 556 -58.83 -8.60 -0.05
N VAL A 557 -59.32 -8.23 -1.24
CA VAL A 557 -58.92 -6.97 -1.86
C VAL A 557 -59.40 -5.76 -1.04
N ALA A 558 -60.64 -5.84 -0.56
CA ALA A 558 -61.24 -4.76 0.20
C ALA A 558 -60.56 -4.53 1.56
N VAL A 559 -60.27 -5.62 2.27
CA VAL A 559 -59.70 -5.51 3.61
C VAL A 559 -58.21 -5.13 3.58
N ARG A 560 -57.50 -5.56 2.53
CA ARG A 560 -56.10 -5.19 2.38
C ARG A 560 -55.93 -3.72 2.04
N GLU A 561 -56.95 -3.14 1.41
CA GLU A 561 -56.94 -1.70 1.12
C GLU A 561 -57.17 -0.90 2.40
N ARG A 562 -57.99 -1.43 3.30
CA ARG A 562 -58.18 -0.81 4.62
C ARG A 562 -56.86 -0.79 5.39
N ILE A 563 -56.06 -1.83 5.22
CA ILE A 563 -54.75 -1.91 5.83
C ILE A 563 -53.82 -0.87 5.21
N SER A 564 -53.93 -0.69 3.90
CA SER A 564 -53.07 0.23 3.18
C SER A 564 -53.37 1.69 3.50
N ARG A 565 -54.60 1.95 3.94
CA ARG A 565 -55.01 3.31 4.28
C ARG A 565 -54.96 3.58 5.79
N SER A 566 -54.50 2.59 6.54
CA SER A 566 -54.43 2.69 8.00
C SER A 566 -53.58 3.86 8.48
N LYS A 567 -52.52 4.16 7.73
CA LYS A 567 -51.61 5.24 8.10
C LYS A 567 -52.26 6.61 8.03
N TYR A 568 -53.41 6.70 7.34
CA TYR A 568 -54.09 7.97 7.19
C TYR A 568 -55.27 8.12 8.14
N ILE A 569 -55.49 7.12 9.00
CA ILE A 569 -56.58 7.18 9.98
C ILE A 569 -56.22 8.14 11.11
N PRO A 570 -57.10 9.13 11.35
CA PRO A 570 -56.90 10.15 12.38
C PRO A 570 -56.70 9.56 13.76
N GLU A 571 -55.99 10.26 14.64
CA GLU A 571 -55.68 9.76 15.97
C GLU A 571 -56.91 9.60 16.86
N GLU A 572 -58.01 10.25 16.48
CA GLU A 572 -59.24 10.19 17.27
C GLU A 572 -60.12 9.00 16.88
N GLU A 573 -59.77 8.33 15.78
CA GLU A 573 -60.59 7.25 15.25
C GLU A 573 -59.81 5.95 15.11
N LEU A 574 -58.96 5.66 16.09
CA LEU A 574 -58.08 4.49 16.03
C LEU A 574 -58.82 3.15 15.98
N ALA A 575 -60.13 3.18 16.23
CA ALA A 575 -60.94 1.98 16.18
C ALA A 575 -61.09 1.48 14.74
N LYS A 576 -60.99 2.42 13.80
CA LYS A 576 -61.14 2.10 12.38
C LYS A 576 -59.96 1.29 11.84
N ILE A 577 -58.89 1.26 12.62
CA ILE A 577 -57.74 0.40 12.32
C ILE A 577 -57.91 -0.91 13.07
N SER A 578 -58.28 -0.80 14.34
CA SER A 578 -58.39 -1.96 15.23
C SER A 578 -59.48 -2.93 14.79
N SER A 579 -60.53 -2.41 14.16
CA SER A 579 -61.66 -3.25 13.73
C SER A 579 -61.37 -4.00 12.43
N ILE A 580 -60.23 -3.71 11.82
CA ILE A 580 -59.81 -4.42 10.61
C ILE A 580 -59.52 -5.88 10.95
N ASN A 581 -59.04 -6.10 12.18
CA ASN A 581 -58.72 -7.45 12.66
C ASN A 581 -59.90 -8.41 12.55
N GLU A 582 -61.08 -7.93 12.92
CA GLU A 582 -62.29 -8.75 12.86
C GLU A 582 -62.69 -9.01 11.41
N GLU A 583 -62.50 -8.00 10.57
CA GLU A 583 -62.84 -8.12 9.15
C GLU A 583 -61.93 -9.12 8.45
N ILE A 584 -60.67 -9.19 8.88
CA ILE A 584 -59.71 -10.15 8.32
C ILE A 584 -60.13 -11.58 8.64
N LYS A 585 -60.41 -11.84 9.91
CA LYS A 585 -60.79 -13.18 10.36
C LYS A 585 -62.12 -13.63 9.76
N GLU A 586 -63.04 -12.68 9.61
CA GLU A 586 -64.36 -12.98 9.05
C GLU A 586 -64.30 -13.20 7.53
N THR A 587 -63.54 -12.36 6.84
CA THR A 587 -63.41 -12.47 5.39
C THR A 587 -62.72 -13.77 4.99
N ILE A 588 -61.62 -14.07 5.65
CA ILE A 588 -60.86 -15.27 5.36
C ILE A 588 -61.64 -16.53 5.74
N GLN A 589 -62.47 -16.41 6.79
CA GLN A 589 -63.36 -17.51 7.17
C GLN A 589 -64.28 -17.88 6.01
N LEU A 590 -64.87 -16.87 5.37
CA LEU A 590 -65.74 -17.11 4.21
C LEU A 590 -64.95 -17.70 3.05
N ILE A 591 -63.69 -17.32 2.91
CA ILE A 591 -62.82 -17.83 1.87
C ILE A 591 -62.52 -19.32 2.07
N VAL A 592 -62.21 -19.69 3.30
CA VAL A 592 -61.97 -21.09 3.65
C VAL A 592 -63.24 -21.92 3.40
N SER A 593 -64.39 -21.31 3.61
CA SER A 593 -65.67 -21.95 3.35
C SER A 593 -65.92 -22.10 1.86
N GLU A 594 -65.93 -20.97 1.16
CA GLU A 594 -66.15 -20.96 -0.29
C GLU A 594 -64.90 -21.37 -1.05
N GLY B 1 43.64 14.44 41.81
CA GLY B 1 42.70 13.89 42.76
C GLY B 1 41.81 14.95 43.38
N SER B 2 41.15 14.60 44.48
CA SER B 2 40.25 15.51 45.16
C SER B 2 40.24 15.27 46.66
N SER B 3 40.33 16.36 47.43
CA SER B 3 40.35 16.31 48.89
C SER B 3 41.54 15.56 49.47
N GLY B 4 42.62 15.45 48.71
CA GLY B 4 43.86 14.89 49.22
C GLY B 4 44.18 13.46 48.84
N SER B 5 43.30 12.81 48.07
CA SER B 5 43.53 11.44 47.63
C SER B 5 43.03 11.23 46.21
N SER B 6 43.28 10.06 45.64
CA SER B 6 42.85 9.79 44.27
C SER B 6 42.50 8.33 44.01
N GLY B 7 41.54 8.14 43.11
CA GLY B 7 41.12 6.80 42.75
C GLY B 7 40.88 6.68 41.25
N MSE B 8 39.94 5.83 40.88
CA MSE B 8 39.62 5.62 39.48
C MSE B 8 38.61 6.65 38.98
O MSE B 8 37.96 7.34 39.78
CB MSE B 8 39.09 4.21 39.24
CG MSE B 8 40.14 3.13 39.47
SE MSE B 8 39.45 1.34 39.29
CE MSE B 8 38.07 1.42 40.65
N GLN B 9 38.49 6.76 37.66
CA GLN B 9 37.59 7.72 37.06
C GLN B 9 36.14 7.32 37.31
N ILE B 10 35.34 8.28 37.76
CA ILE B 10 33.93 8.03 38.03
C ILE B 10 33.08 8.93 37.15
N GLY B 11 32.35 8.32 36.23
CA GLY B 11 31.46 9.05 35.36
C GLY B 11 30.25 9.58 36.11
N LYS B 12 29.53 10.51 35.50
CA LYS B 12 28.33 11.05 36.10
C LYS B 12 27.19 11.03 35.09
N ILE B 13 26.08 10.42 35.47
CA ILE B 13 24.91 10.37 34.60
C ILE B 13 24.40 11.78 34.35
N ILE B 14 24.14 12.10 33.08
CA ILE B 14 23.59 13.40 32.72
C ILE B 14 22.28 13.26 31.95
N LYS B 15 21.92 12.03 31.61
CA LYS B 15 20.65 11.78 30.92
C LYS B 15 20.20 10.33 31.02
N VAL B 16 18.90 10.14 31.24
CA VAL B 16 18.30 8.82 31.23
C VAL B 16 17.05 8.83 30.36
N SER B 17 17.06 8.03 29.30
CA SER B 17 15.90 7.93 28.42
C SER B 17 15.64 6.47 28.08
N GLY B 18 14.90 5.78 28.96
CA GLY B 18 14.71 4.36 28.82
C GLY B 18 16.02 3.63 29.00
N PRO B 19 16.34 2.72 28.06
CA PRO B 19 17.56 1.88 28.12
C PRO B 19 18.80 2.62 27.66
N LEU B 20 18.67 3.90 27.36
CA LEU B 20 19.80 4.71 26.91
C LEU B 20 20.19 5.73 27.98
N VAL B 21 21.44 5.67 28.42
CA VAL B 21 21.95 6.59 29.43
C VAL B 21 23.19 7.32 28.93
N MSE B 22 23.24 8.63 29.15
CA MSE B 22 24.42 9.41 28.82
C MSE B 22 25.17 9.79 30.09
O MSE B 22 24.56 10.23 31.07
CB MSE B 22 24.04 10.66 28.01
CB MSE B 22 24.00 10.70 28.11
CG MSE B 22 23.28 10.31 26.74
CG MSE B 22 22.79 10.54 27.22
SE MSE B 22 23.06 11.81 25.52
SE MSE B 22 23.18 9.56 25.60
CE MSE B 22 24.91 12.00 24.92
CE MSE B 22 24.33 10.89 24.75
N ALA B 23 26.48 9.59 30.08
CA ALA B 23 27.32 9.88 31.23
C ALA B 23 28.55 10.69 30.83
N GLU B 24 28.85 11.73 31.60
CA GLU B 24 30.03 12.55 31.35
C GLU B 24 31.21 12.06 32.18
N ASN B 25 32.39 12.60 31.89
CA ASN B 25 33.64 12.22 32.57
C ASN B 25 33.96 10.75 32.37
N MSE B 26 33.90 10.30 31.12
CA MSE B 26 34.15 8.90 30.77
C MSE B 26 35.27 8.77 29.77
O MSE B 26 35.29 7.85 28.96
CB MSE B 26 32.87 8.28 30.20
CG MSE B 26 31.70 8.22 31.17
SE MSE B 26 31.79 6.65 32.32
CE MSE B 26 30.91 5.38 31.13
N SER B 27 36.23 9.70 29.82
CA SER B 27 37.28 9.77 28.81
C SER B 27 38.24 8.58 28.80
N GLU B 28 38.34 7.87 29.93
CA GLU B 28 39.23 6.71 30.03
C GLU B 28 38.60 5.46 29.45
N ALA B 29 37.29 5.51 29.22
CA ALA B 29 36.56 4.34 28.73
C ALA B 29 36.59 4.25 27.22
N SER B 30 36.46 3.02 26.71
CA SER B 30 36.52 2.78 25.28
C SER B 30 35.15 2.35 24.75
N ILE B 31 34.97 2.46 23.43
CA ILE B 31 33.75 1.97 22.81
C ILE B 31 33.65 0.45 23.03
N GLN B 32 32.44 0.00 23.37
CA GLN B 32 32.09 -1.41 23.64
C GLN B 32 32.45 -1.85 25.05
N ASP B 33 33.00 -0.94 25.86
CA ASP B 33 33.32 -1.23 27.25
C ASP B 33 32.07 -1.42 28.10
N MSE B 34 32.13 -2.38 29.02
CA MSE B 34 31.07 -2.59 29.99
C MSE B 34 31.21 -1.62 31.16
O MSE B 34 32.32 -1.34 31.61
CB MSE B 34 31.07 -4.05 30.46
CB MSE B 34 31.11 -4.01 30.54
CG MSE B 34 29.78 -4.49 31.11
CG MSE B 34 30.77 -5.05 29.54
SE MSE B 34 29.88 -4.34 33.04
SE MSE B 34 29.32 -4.46 28.38
CE MSE B 34 30.93 -5.96 33.41
CE MSE B 34 27.81 -4.79 29.54
N CYS B 35 30.08 -1.11 31.65
CA CYS B 35 30.09 -0.19 32.77
C CYS B 35 28.96 -0.49 33.75
N LEU B 36 29.14 -0.04 34.98
CA LEU B 36 28.13 -0.16 36.02
C LEU B 36 27.46 1.19 36.17
N VAL B 37 26.14 1.23 36.01
CA VAL B 37 25.42 2.49 35.88
C VAL B 37 24.54 2.82 37.08
N GLY B 38 24.69 4.03 37.59
CA GLY B 38 23.86 4.53 38.68
C GLY B 38 24.25 4.01 40.05
N ASP B 39 23.48 4.40 41.06
CA ASP B 39 23.68 3.89 42.42
C ASP B 39 23.54 2.38 42.43
N LEU B 40 22.61 1.87 41.65
CA LEU B 40 22.32 0.44 41.60
C LEU B 40 23.44 -0.35 40.94
N GLY B 41 24.19 0.32 40.06
CA GLY B 41 25.26 -0.34 39.33
C GLY B 41 24.72 -1.37 38.34
N VAL B 42 23.75 -0.96 37.53
CA VAL B 42 23.20 -1.86 36.51
C VAL B 42 24.16 -1.98 35.32
N ILE B 43 24.11 -3.13 34.66
CA ILE B 43 25.06 -3.47 33.61
C ILE B 43 24.75 -2.77 32.29
N GLY B 44 25.71 -1.99 31.80
CA GLY B 44 25.54 -1.26 30.56
C GLY B 44 26.77 -1.29 29.67
N GLU B 45 26.61 -0.90 28.41
CA GLU B 45 27.69 -0.94 27.44
C GLU B 45 27.82 0.40 26.71
N ILE B 46 29.05 0.88 26.57
CA ILE B 46 29.31 2.12 25.85
C ILE B 46 29.27 1.91 24.34
N ILE B 47 28.37 2.59 23.65
CA ILE B 47 28.21 2.40 22.22
C ILE B 47 28.63 3.62 21.40
N GLU B 48 28.68 4.78 22.05
CA GLU B 48 29.11 6.01 21.40
C GLU B 48 29.86 6.89 22.38
N MSE B 49 30.72 7.76 21.85
CA MSE B 49 31.48 8.68 22.67
C MSE B 49 31.63 10.02 21.99
O MSE B 49 32.13 10.12 20.87
CB MSE B 49 32.86 8.10 22.99
CG MSE B 49 33.75 8.99 23.85
SE MSE B 49 33.48 8.79 25.78
CE MSE B 49 33.57 6.85 25.89
N ARG B 50 31.15 11.07 22.65
CA ARG B 50 31.28 12.44 22.17
C ARG B 50 32.04 13.25 23.22
N GLN B 51 33.27 13.63 22.88
CA GLN B 51 34.21 14.20 23.83
C GLN B 51 34.35 13.26 25.03
N ASP B 52 33.88 13.70 26.18
CA ASP B 52 33.95 12.87 27.39
C ASP B 52 32.60 12.26 27.75
N VAL B 53 31.59 12.49 26.91
CA VAL B 53 30.25 11.97 27.18
C VAL B 53 30.00 10.64 26.47
N ALA B 54 29.71 9.61 27.26
CA ALA B 54 29.43 8.29 26.72
C ALA B 54 27.93 8.07 26.56
N SER B 55 27.54 7.48 25.42
CA SER B 55 26.19 6.96 25.26
C SER B 55 26.21 5.50 25.68
N ILE B 56 25.31 5.13 26.57
CA ILE B 56 25.33 3.78 27.16
C ILE B 56 24.04 3.01 26.91
N GLN B 57 24.19 1.79 26.40
CA GLN B 57 23.09 0.84 26.25
C GLN B 57 23.01 -0.01 27.51
N VAL B 58 21.90 0.11 28.25
CA VAL B 58 21.74 -0.57 29.53
C VAL B 58 20.96 -1.88 29.40
N TYR B 59 21.46 -2.95 30.01
CA TYR B 59 20.88 -4.28 29.86
C TYR B 59 19.93 -4.68 30.99
N GLU B 60 19.58 -3.70 31.82
CA GLU B 60 18.62 -3.91 32.89
C GLU B 60 17.65 -2.73 32.89
N GLU B 61 16.57 -2.81 33.64
CA GLU B 61 15.61 -1.70 33.71
C GLU B 61 16.25 -0.45 34.32
N THR B 62 15.89 0.72 33.79
CA THR B 62 16.47 1.98 34.24
C THR B 62 15.48 2.80 35.03
N SER B 63 14.28 2.27 35.23
CA SER B 63 13.28 2.91 36.07
C SER B 63 13.86 3.21 37.45
N GLY B 64 13.88 4.48 37.81
CA GLY B 64 14.35 4.89 39.13
C GLY B 64 15.75 5.47 39.13
N ILE B 65 16.34 5.60 37.95
CA ILE B 65 17.69 6.12 37.79
C ILE B 65 17.64 7.52 37.21
N GLY B 66 18.54 8.40 37.64
CA GLY B 66 18.58 9.76 37.17
C GLY B 66 19.96 10.38 37.18
N PRO B 67 20.08 11.61 36.65
CA PRO B 67 21.35 12.33 36.53
C PRO B 67 22.01 12.59 37.88
N GLY B 68 23.34 12.66 37.89
CA GLY B 68 24.09 12.89 39.12
C GLY B 68 24.63 11.62 39.73
N GLU B 69 24.03 10.48 39.36
CA GLU B 69 24.48 9.18 39.86
C GLU B 69 25.79 8.78 39.17
N PRO B 70 26.60 7.94 39.84
CA PRO B 70 27.91 7.57 39.30
C PRO B 70 27.86 6.48 38.25
N VAL B 71 28.86 6.47 37.37
CA VAL B 71 29.06 5.38 36.43
C VAL B 71 30.49 4.88 36.55
N ARG B 72 30.67 3.57 36.62
CA ARG B 72 31.98 2.98 36.78
C ARG B 72 32.28 2.00 35.65
N SER B 73 33.24 2.35 34.80
CA SER B 73 33.64 1.48 33.69
C SER B 73 34.48 0.30 34.21
N THR B 74 34.40 -0.82 33.52
CA THR B 74 35.15 -2.01 33.90
C THR B 74 36.42 -2.16 33.08
N GLY B 75 36.53 -1.37 32.02
CA GLY B 75 37.71 -1.40 31.17
C GLY B 75 37.75 -2.58 30.22
N GLU B 76 36.66 -3.35 30.18
CA GLU B 76 36.58 -4.55 29.34
C GLU B 76 35.26 -4.59 28.57
N ALA B 77 35.29 -5.16 27.38
CA ALA B 77 34.10 -5.30 26.56
C ALA B 77 33.14 -6.33 27.15
N LEU B 78 31.91 -6.35 26.64
CA LEU B 78 30.93 -7.37 27.01
C LEU B 78 31.49 -8.74 26.72
N SER B 79 31.66 -9.53 27.79
CA SER B 79 32.37 -10.81 27.69
C SER B 79 31.63 -11.94 28.38
N VAL B 80 32.04 -13.17 28.07
CA VAL B 80 31.56 -14.33 28.79
C VAL B 80 32.73 -14.99 29.50
N GLU B 81 32.43 -15.64 30.63
CA GLU B 81 33.41 -16.51 31.27
C GLU B 81 33.33 -17.89 30.62
N LEU B 82 34.47 -18.41 30.18
CA LEU B 82 34.51 -19.68 29.48
C LEU B 82 35.38 -20.68 30.21
N GLY B 83 34.74 -21.63 30.89
CA GLY B 83 35.46 -22.65 31.63
C GLY B 83 34.51 -23.67 32.24
N PRO B 84 35.06 -24.66 32.95
CA PRO B 84 34.25 -25.67 33.63
C PRO B 84 33.20 -25.05 34.55
N GLY B 85 31.97 -25.53 34.44
CA GLY B 85 30.87 -25.04 35.25
C GLY B 85 29.84 -24.36 34.38
N ILE B 86 30.05 -24.43 33.06
CA ILE B 86 29.19 -23.74 32.10
C ILE B 86 28.07 -24.66 31.56
N ILE B 87 28.38 -25.95 31.44
CA ILE B 87 27.41 -26.91 30.91
C ILE B 87 26.28 -27.15 31.90
N SER B 88 25.06 -27.27 31.38
CA SER B 88 23.84 -27.55 32.15
C SER B 88 23.32 -26.35 32.94
N GLN B 89 23.93 -25.18 32.72
CA GLN B 89 23.52 -23.97 33.42
C GLN B 89 22.48 -23.18 32.64
N MSE B 90 21.63 -22.47 33.37
CA MSE B 90 20.69 -21.53 32.76
C MSE B 90 21.14 -20.11 33.09
O MSE B 90 21.13 -19.72 34.26
CB MSE B 90 19.27 -21.76 33.26
CG MSE B 90 18.21 -21.02 32.45
SE MSE B 90 16.42 -21.00 33.26
CE MSE B 90 15.38 -20.62 31.69
N PHE B 91 21.54 -19.37 32.07
CA PHE B 91 21.99 -17.99 32.26
C PHE B 91 20.92 -17.02 31.76
N ASP B 92 21.05 -15.76 32.14
CA ASP B 92 20.29 -14.71 31.48
C ASP B 92 21.08 -14.19 30.28
N GLY B 93 20.61 -13.09 29.70
CA GLY B 93 21.25 -12.54 28.50
C GLY B 93 22.71 -12.16 28.65
N ILE B 94 23.11 -11.75 29.85
CA ILE B 94 24.48 -11.33 30.07
C ILE B 94 25.28 -12.34 30.90
N GLN B 95 24.88 -13.60 30.80
CA GLN B 95 25.56 -14.72 31.47
C GLN B 95 25.59 -14.63 32.98
N ARG B 96 24.47 -14.26 33.59
CA ARG B 96 24.32 -14.37 35.03
C ARG B 96 23.51 -15.62 35.35
N PRO B 97 24.03 -16.46 36.24
CA PRO B 97 23.38 -17.74 36.60
C PRO B 97 22.08 -17.50 37.34
N LEU B 98 20.97 -17.95 36.77
CA LEU B 98 19.64 -17.65 37.29
C LEU B 98 19.26 -18.39 38.58
N ASP B 99 19.74 -19.63 38.73
CA ASP B 99 19.48 -20.37 39.97
C ASP B 99 20.26 -19.75 41.12
N THR B 100 21.50 -19.36 40.85
CA THR B 100 22.34 -18.68 41.83
C THR B 100 21.76 -17.29 42.13
N PHE B 101 21.21 -16.65 41.11
CA PHE B 101 20.57 -15.34 41.26
C PHE B 101 19.46 -15.44 42.29
N MSE B 102 18.66 -16.49 42.17
CA MSE B 102 17.54 -16.72 43.06
C MSE B 102 17.99 -16.99 44.50
O MSE B 102 17.42 -16.45 45.45
CB MSE B 102 16.70 -17.89 42.55
CG MSE B 102 15.62 -18.36 43.50
SE MSE B 102 14.58 -19.76 42.67
CE MSE B 102 16.01 -21.06 42.37
N GLU B 103 19.01 -17.83 44.66
CA GLU B 103 19.50 -18.19 45.98
C GLU B 103 20.13 -17.00 46.71
N VAL B 104 20.92 -16.22 46.00
CA VAL B 104 21.61 -15.08 46.59
C VAL B 104 20.64 -13.98 47.04
N THR B 105 19.77 -13.55 46.13
CA THR B 105 18.80 -12.50 46.45
C THR B 105 17.65 -13.02 47.31
N GLN B 106 17.51 -14.33 47.39
CA GLN B 106 16.42 -14.99 48.11
C GLN B 106 15.07 -14.46 47.62
N SER B 107 14.90 -14.45 46.30
CA SER B 107 13.69 -13.94 45.68
C SER B 107 13.35 -14.74 44.42
N ASN B 108 12.06 -14.87 44.14
CA ASN B 108 11.61 -15.54 42.92
C ASN B 108 11.54 -14.56 41.77
N PHE B 109 11.80 -13.29 42.05
CA PHE B 109 11.70 -12.24 41.04
C PHE B 109 13.06 -11.63 40.72
N LEU B 110 13.15 -11.00 39.55
CA LEU B 110 14.40 -10.45 39.07
C LEU B 110 14.67 -9.04 39.61
N GLY B 111 15.66 -8.93 40.47
CA GLY B 111 16.10 -7.64 40.98
C GLY B 111 17.13 -6.99 40.07
N ARG B 112 17.65 -5.84 40.49
CA ARG B 112 18.59 -5.08 39.68
C ARG B 112 19.91 -4.85 40.37
N GLY B 113 20.96 -4.65 39.57
CA GLY B 113 22.28 -4.31 40.08
C GLY B 113 22.96 -5.46 40.80
N VAL B 114 22.52 -6.68 40.50
CA VAL B 114 23.10 -7.87 41.11
C VAL B 114 24.30 -8.35 40.31
N GLN B 115 25.48 -8.27 40.91
CA GLN B 115 26.69 -8.75 40.26
C GLN B 115 26.99 -10.19 40.65
N LEU B 116 26.96 -11.08 39.66
CA LEU B 116 27.27 -12.48 39.88
C LEU B 116 28.25 -13.00 38.83
N PRO B 117 29.30 -13.71 39.29
CA PRO B 117 30.18 -14.40 38.35
C PRO B 117 29.37 -15.44 37.60
N ALA B 118 29.67 -15.63 36.32
CA ALA B 118 28.92 -16.59 35.50
C ALA B 118 29.11 -18.02 36.00
N LEU B 119 30.35 -18.36 36.36
CA LEU B 119 30.68 -19.72 36.77
C LEU B 119 30.93 -19.81 38.26
N ASP B 120 30.94 -21.03 38.77
CA ASP B 120 31.26 -21.28 40.18
C ASP B 120 32.78 -21.24 40.38
N HIS B 121 33.26 -20.16 40.99
CA HIS B 121 34.70 -19.97 41.17
C HIS B 121 35.24 -20.65 42.42
N GLU B 122 34.36 -21.39 43.11
CA GLU B 122 34.74 -22.04 44.36
C GLU B 122 34.76 -23.56 44.22
N LYS B 123 34.19 -24.05 43.12
CA LYS B 123 34.05 -25.49 42.90
C LYS B 123 35.38 -26.15 42.53
N GLN B 124 35.63 -27.30 43.15
CA GLN B 124 36.83 -28.08 42.85
C GLN B 124 36.61 -28.95 41.62
N TRP B 125 37.52 -28.85 40.66
CA TRP B 125 37.49 -29.68 39.47
C TRP B 125 38.79 -30.46 39.39
N TRP B 126 38.73 -31.68 38.88
CA TRP B 126 39.95 -32.43 38.65
C TRP B 126 40.51 -32.13 37.26
N PHE B 127 41.66 -31.45 37.24
CA PHE B 127 42.33 -31.16 35.99
C PHE B 127 43.28 -32.29 35.62
N GLU B 128 43.09 -32.85 34.43
CA GLU B 128 43.97 -33.90 33.95
C GLU B 128 44.93 -33.32 32.92
N ALA B 129 46.16 -33.05 33.34
CA ALA B 129 47.18 -32.52 32.45
C ALA B 129 47.52 -33.53 31.37
N THR B 130 47.54 -33.09 30.12
CA THR B 130 47.75 -34.01 29.02
C THR B 130 48.94 -33.59 28.15
N ILE B 131 49.49 -32.42 28.44
CA ILE B 131 50.62 -31.90 27.68
C ILE B 131 51.91 -31.95 28.51
N GLU B 132 53.04 -32.01 27.83
CA GLU B 132 54.34 -32.13 28.51
C GLU B 132 55.03 -30.79 28.69
N GLU B 133 55.80 -30.68 29.77
CA GLU B 133 56.59 -29.48 30.01
C GLU B 133 57.69 -29.40 28.97
N GLY B 134 57.94 -28.19 28.47
CA GLY B 134 58.93 -27.98 27.43
C GLY B 134 58.31 -27.94 26.04
N THR B 135 57.00 -28.16 25.98
CA THR B 135 56.27 -28.13 24.72
C THR B 135 55.97 -26.70 24.30
N GLU B 136 56.20 -26.39 23.03
CA GLU B 136 55.86 -25.07 22.50
C GLU B 136 54.38 -25.02 22.13
N VAL B 137 53.68 -24.03 22.67
CA VAL B 137 52.24 -23.92 22.45
C VAL B 137 51.82 -22.56 21.91
N SER B 138 50.64 -22.54 21.28
CA SER B 138 50.01 -21.30 20.84
C SER B 138 48.49 -21.45 21.02
N ALA B 139 47.75 -20.42 20.63
CA ALA B 139 46.29 -20.40 20.84
C ALA B 139 45.61 -21.63 20.27
N GLY B 140 44.75 -22.25 21.06
CA GLY B 140 43.99 -23.41 20.63
C GLY B 140 44.53 -24.75 21.09
N ASP B 141 45.81 -24.79 21.45
CA ASP B 141 46.44 -26.04 21.91
C ASP B 141 45.86 -26.52 23.23
N ILE B 142 45.61 -27.83 23.31
CA ILE B 142 45.08 -28.43 24.53
C ILE B 142 46.20 -28.72 25.53
N ILE B 143 46.06 -28.23 26.76
CA ILE B 143 47.04 -28.51 27.80
C ILE B 143 46.52 -29.58 28.75
N GLY B 144 45.21 -29.84 28.70
CA GLY B 144 44.60 -30.83 29.56
C GLY B 144 43.09 -30.75 29.46
N TYR B 145 42.38 -31.54 30.26
CA TYR B 145 40.93 -31.56 30.19
C TYR B 145 40.28 -31.73 31.56
N VAL B 146 38.96 -31.53 31.59
CA VAL B 146 38.15 -31.81 32.76
C VAL B 146 36.92 -32.58 32.30
N ASP B 147 36.62 -33.68 32.98
CA ASP B 147 35.39 -34.42 32.71
C ASP B 147 34.20 -33.71 33.33
N GLU B 148 33.76 -32.63 32.69
CA GLU B 148 32.66 -31.81 33.21
C GLU B 148 31.38 -32.63 33.35
N THR B 149 31.14 -33.52 32.38
CA THR B 149 30.09 -34.53 32.51
C THR B 149 30.70 -35.88 32.18
N LYS B 150 29.91 -36.94 32.35
CA LYS B 150 30.38 -38.29 32.12
C LYS B 150 30.73 -38.54 30.65
N ILE B 151 30.16 -37.74 29.76
CA ILE B 151 30.41 -37.86 28.32
C ILE B 151 31.34 -36.78 27.78
N ILE B 152 31.06 -35.52 28.11
CA ILE B 152 31.76 -34.38 27.53
C ILE B 152 33.03 -33.96 28.29
N GLN B 153 34.16 -34.07 27.61
CA GLN B 153 35.44 -33.57 28.13
C GLN B 153 35.56 -32.08 27.89
N HIS B 154 35.73 -31.31 28.96
CA HIS B 154 35.98 -29.87 28.82
C HIS B 154 37.46 -29.64 28.59
N LYS B 155 37.83 -29.42 27.34
CA LYS B 155 39.23 -29.26 26.97
C LYS B 155 39.76 -27.88 27.34
N ILE B 156 40.85 -27.86 28.09
CA ILE B 156 41.47 -26.60 28.50
C ILE B 156 42.48 -26.16 27.44
N MSE B 157 42.19 -25.05 26.77
CA MSE B 157 42.99 -24.58 25.66
C MSE B 157 43.80 -23.33 25.99
O MSE B 157 43.39 -22.51 26.80
CB MSE B 157 42.09 -24.28 24.45
CG MSE B 157 41.26 -25.46 24.00
SE MSE B 157 39.95 -25.02 22.61
CE MSE B 157 38.83 -23.80 23.63
N VAL B 158 44.98 -23.21 25.37
CA VAL B 158 45.76 -22.00 25.45
C VAL B 158 44.95 -20.84 24.87
N PRO B 159 44.76 -19.77 25.66
CA PRO B 159 43.95 -18.64 25.22
C PRO B 159 44.56 -17.91 24.02
N ASN B 160 43.72 -17.28 23.21
CA ASN B 160 44.21 -16.41 22.14
C ASN B 160 45.07 -15.28 22.70
N GLY B 161 46.22 -15.06 22.08
CA GLY B 161 47.14 -14.02 22.51
C GLY B 161 48.31 -14.57 23.33
N ILE B 162 48.26 -15.85 23.67
CA ILE B 162 49.31 -16.48 24.44
C ILE B 162 50.15 -17.42 23.55
N LYS B 163 51.47 -17.29 23.66
CA LYS B 163 52.38 -18.10 22.86
C LYS B 163 53.72 -18.26 23.58
N GLY B 164 54.22 -19.49 23.64
CA GLY B 164 55.47 -19.76 24.31
C GLY B 164 55.64 -21.25 24.59
N THR B 165 56.44 -21.56 25.60
CA THR B 165 56.68 -22.96 25.97
C THR B 165 56.12 -23.24 27.35
N VAL B 166 55.60 -24.45 27.55
CA VAL B 166 55.06 -24.86 28.85
C VAL B 166 56.18 -25.03 29.87
N GLN B 167 56.16 -24.21 30.91
CA GLN B 167 57.19 -24.25 31.95
C GLN B 167 56.86 -25.27 33.04
N LYS B 168 55.61 -25.23 33.51
CA LYS B 168 55.19 -26.14 34.57
C LYS B 168 53.70 -26.47 34.42
N ILE B 169 53.38 -27.76 34.55
CA ILE B 169 52.00 -28.21 34.50
C ILE B 169 51.84 -29.58 35.16
N GLU B 170 50.83 -29.71 36.00
CA GLU B 170 50.56 -30.97 36.68
C GLU B 170 49.07 -31.15 36.95
N SER B 171 48.64 -32.40 36.96
CA SER B 171 47.24 -32.73 37.26
C SER B 171 46.93 -32.43 38.72
N GLY B 172 45.66 -32.34 39.05
CA GLY B 172 45.25 -32.10 40.42
C GLY B 172 43.89 -31.43 40.54
N SER B 173 43.47 -31.20 41.78
CA SER B 173 42.18 -30.56 42.05
C SER B 173 42.34 -29.07 42.24
N PHE B 174 41.71 -28.28 41.37
CA PHE B 174 41.79 -26.82 41.45
C PHE B 174 40.41 -26.20 41.25
N THR B 175 40.28 -24.93 41.61
CA THR B 175 39.14 -24.14 41.17
C THR B 175 39.53 -23.50 39.84
N ILE B 176 38.61 -22.77 39.23
CA ILE B 176 38.90 -22.12 37.96
C ILE B 176 39.72 -20.84 38.15
N ASP B 177 40.06 -20.55 39.39
CA ASP B 177 40.88 -19.37 39.70
C ASP B 177 42.33 -19.75 39.97
N ASP B 178 42.58 -21.04 40.21
CA ASP B 178 43.92 -21.51 40.50
C ASP B 178 44.76 -21.66 39.24
N PRO B 179 46.02 -21.21 39.31
CA PRO B 179 46.97 -21.38 38.20
C PRO B 179 47.35 -22.85 38.01
N ILE B 180 47.09 -23.39 36.82
CA ILE B 180 47.32 -24.80 36.56
C ILE B 180 48.51 -25.00 35.62
N CYS B 181 48.94 -23.92 34.99
CA CYS B 181 50.00 -24.00 34.00
C CYS B 181 50.78 -22.70 33.89
N VAL B 182 52.10 -22.81 33.73
CA VAL B 182 52.95 -21.64 33.53
C VAL B 182 53.54 -21.65 32.13
N ILE B 183 53.28 -20.59 31.38
CA ILE B 183 53.77 -20.47 30.01
C ILE B 183 54.91 -19.46 29.94
N GLU B 184 56.05 -19.91 29.42
CA GLU B 184 57.19 -19.01 29.24
C GLU B 184 57.08 -18.29 27.90
N THR B 185 56.64 -17.04 27.93
CA THR B 185 56.41 -16.27 26.71
C THR B 185 57.55 -15.28 26.46
N GLU B 186 57.49 -14.62 25.30
CA GLU B 186 58.49 -13.61 24.95
C GLU B 186 58.31 -12.37 25.82
N GLN B 187 57.09 -12.15 26.28
CA GLN B 187 56.77 -11.04 27.17
C GLN B 187 56.90 -11.44 28.64
N GLY B 188 57.57 -12.56 28.89
CA GLY B 188 57.78 -13.03 30.24
C GLY B 188 56.92 -14.24 30.59
N LEU B 189 56.86 -14.54 31.89
CA LEU B 189 56.07 -15.67 32.37
C LEU B 189 54.60 -15.33 32.53
N LYS B 190 53.73 -16.18 31.99
CA LYS B 190 52.29 -16.02 32.14
C LYS B 190 51.68 -17.30 32.69
N GLU B 191 50.76 -17.16 33.65
CA GLU B 191 50.10 -18.32 34.22
C GLU B 191 48.66 -18.45 33.73
N LEU B 192 48.25 -19.68 33.46
CA LEU B 192 46.91 -19.94 32.95
C LEU B 192 46.05 -20.62 34.00
N THR B 193 44.76 -20.33 33.96
CA THR B 193 43.78 -21.04 34.76
C THR B 193 42.90 -21.86 33.82
N MSE B 194 41.83 -22.44 34.34
CA MSE B 194 40.92 -23.22 33.53
C MSE B 194 39.85 -22.36 32.85
O MSE B 194 39.08 -22.86 32.04
CB MSE B 194 40.26 -24.32 34.36
CG MSE B 194 41.21 -25.41 34.81
SE MSE B 194 40.29 -26.85 35.76
CE MSE B 194 39.61 -25.82 37.26
N MSE B 195 39.83 -21.08 33.17
CA MSE B 195 38.83 -20.17 32.65
C MSE B 195 39.48 -19.10 31.77
O MSE B 195 40.54 -18.59 32.10
CB MSE B 195 38.03 -19.51 33.78
CB MSE B 195 38.07 -19.50 33.80
CG MSE B 195 36.78 -18.76 33.34
CG MSE B 195 36.94 -18.59 33.37
SE MSE B 195 37.04 -16.88 32.86
SE MSE B 195 36.74 -17.08 34.58
CE MSE B 195 37.61 -16.20 34.60
CE MSE B 195 38.26 -16.00 33.98
N GLN B 196 38.83 -18.78 30.66
CA GLN B 196 39.24 -17.65 29.85
C GLN B 196 38.03 -16.76 29.57
N LYS B 197 38.28 -15.47 29.35
CA LYS B 197 37.22 -14.54 28.99
C LYS B 197 37.28 -14.24 27.50
N TRP B 198 36.13 -13.93 26.91
CA TRP B 198 36.09 -13.53 25.51
C TRP B 198 34.97 -12.55 25.25
N PRO B 199 35.26 -11.47 24.52
CA PRO B 199 34.24 -10.47 24.15
C PRO B 199 33.21 -11.03 23.17
N VAL B 200 31.93 -10.96 23.53
CA VAL B 200 30.88 -11.65 22.78
C VAL B 200 30.59 -11.09 21.38
N ARG B 201 30.98 -9.85 21.12
CA ARG B 201 30.72 -9.22 19.83
C ARG B 201 31.81 -9.53 18.80
N ARG B 202 32.83 -10.25 19.23
CA ARG B 202 33.93 -10.63 18.34
C ARG B 202 33.95 -12.14 18.17
N GLY B 203 33.83 -12.60 16.93
CA GLY B 203 33.87 -14.02 16.64
C GLY B 203 35.21 -14.59 17.06
N ARG B 204 35.20 -15.75 17.70
CA ARG B 204 36.45 -16.41 18.08
C ARG B 204 37.20 -16.87 16.83
N PRO B 205 38.50 -16.54 16.75
CA PRO B 205 39.33 -16.83 15.57
C PRO B 205 39.51 -18.32 15.29
N ILE B 206 39.65 -18.65 14.01
CA ILE B 206 39.79 -20.01 13.54
C ILE B 206 40.95 -20.08 12.55
N LYS B 207 41.26 -21.28 12.05
CA LYS B 207 42.23 -21.39 10.98
C LYS B 207 41.55 -21.04 9.66
N GLN B 208 40.50 -21.80 9.33
CA GLN B 208 39.73 -21.55 8.11
C GLN B 208 38.37 -22.24 8.18
N LYS B 209 37.38 -21.68 7.49
CA LYS B 209 36.09 -22.32 7.38
C LYS B 209 36.17 -23.45 6.35
N LEU B 210 35.29 -24.42 6.48
CA LEU B 210 35.18 -25.51 5.53
C LEU B 210 33.74 -25.61 5.03
N ASN B 211 33.54 -26.29 3.91
CA ASN B 211 32.21 -26.55 3.41
C ASN B 211 31.43 -27.46 4.35
N PRO B 212 30.27 -27.01 4.82
CA PRO B 212 29.41 -27.88 5.62
C PRO B 212 28.68 -28.84 4.70
N ASP B 213 29.20 -30.06 4.57
CA ASP B 213 28.67 -31.00 3.59
C ASP B 213 28.17 -32.32 4.19
N VAL B 214 28.19 -32.42 5.51
CA VAL B 214 27.66 -33.62 6.18
C VAL B 214 26.30 -33.31 6.79
N PRO B 215 25.25 -33.99 6.31
CA PRO B 215 23.90 -33.72 6.81
C PRO B 215 23.75 -34.04 8.28
N MSE B 216 23.04 -33.18 9.00
CA MSE B 216 22.69 -33.42 10.38
C MSE B 216 21.56 -34.45 10.40
O MSE B 216 20.70 -34.43 9.52
CB MSE B 216 22.25 -32.12 11.07
CB MSE B 216 22.17 -32.13 11.01
CG MSE B 216 22.29 -32.18 12.59
CG MSE B 216 21.79 -32.27 12.47
SE MSE B 216 22.22 -30.43 13.46
SE MSE B 216 23.40 -32.23 13.55
CE MSE B 216 20.37 -29.96 13.09
CE MSE B 216 23.92 -30.39 13.17
N ILE B 217 21.56 -35.34 11.40
CA ILE B 217 20.43 -36.24 11.58
C ILE B 217 19.51 -35.70 12.66
N THR B 218 18.40 -35.09 12.26
CA THR B 218 17.43 -34.59 13.23
C THR B 218 16.40 -35.66 13.56
N GLY B 219 16.31 -36.68 12.71
CA GLY B 219 15.31 -37.71 12.87
C GLY B 219 13.92 -37.25 12.50
N GLN B 220 13.82 -36.02 12.00
CA GLN B 220 12.55 -35.46 11.54
C GLN B 220 12.44 -35.63 10.04
N ARG B 221 11.52 -36.50 9.62
CA ARG B 221 11.45 -36.96 8.23
C ARG B 221 11.41 -35.87 7.18
N VAL B 222 10.56 -34.87 7.36
CA VAL B 222 10.43 -33.79 6.39
C VAL B 222 11.74 -33.02 6.23
N ILE B 223 12.48 -32.89 7.33
CA ILE B 223 13.76 -32.17 7.32
C ILE B 223 14.90 -32.99 6.72
N ASP B 224 15.18 -34.16 7.29
CA ASP B 224 16.30 -34.97 6.81
C ASP B 224 16.17 -35.38 5.33
N THR B 225 14.94 -35.53 4.87
CA THR B 225 14.68 -36.01 3.51
C THR B 225 14.63 -34.87 2.49
N PHE B 226 13.74 -33.91 2.70
CA PHE B 226 13.48 -32.89 1.69
C PHE B 226 14.19 -31.55 1.90
N PHE B 227 14.38 -31.14 3.15
CA PHE B 227 15.04 -29.86 3.41
C PHE B 227 16.17 -29.95 4.44
N PRO B 228 17.17 -30.79 4.16
CA PRO B 228 18.20 -31.11 5.17
C PRO B 228 19.14 -29.97 5.47
N VAL B 229 19.59 -29.88 6.71
CA VAL B 229 20.65 -28.95 7.08
C VAL B 229 21.92 -29.75 7.35
N THR B 230 23.07 -29.19 6.99
CA THR B 230 24.34 -29.87 7.23
C THR B 230 24.98 -29.37 8.53
N LYS B 231 25.96 -30.10 9.02
CA LYS B 231 26.72 -29.67 10.19
C LYS B 231 27.60 -28.47 9.82
N GLY B 232 27.25 -27.30 10.35
CA GLY B 232 27.94 -26.08 9.99
C GLY B 232 27.05 -25.22 9.11
N GLY B 233 25.86 -25.73 8.83
CA GLY B 233 24.89 -25.00 8.03
C GLY B 233 24.04 -24.10 8.90
N ALA B 234 23.15 -23.36 8.27
CA ALA B 234 22.24 -22.48 8.99
C ALA B 234 20.84 -22.62 8.42
N ALA B 235 19.84 -22.61 9.29
CA ALA B 235 18.46 -22.78 8.88
C ALA B 235 17.55 -21.76 9.54
N ALA B 236 16.75 -21.08 8.72
CA ALA B 236 15.77 -20.14 9.24
C ALA B 236 14.40 -20.81 9.36
N VAL B 237 13.69 -20.56 10.45
CA VAL B 237 12.35 -21.11 10.66
C VAL B 237 11.31 -19.99 10.85
N PRO B 238 10.96 -19.30 9.77
CA PRO B 238 9.96 -18.23 9.86
C PRO B 238 8.55 -18.80 9.81
N GLY B 239 7.69 -18.37 10.72
CA GLY B 239 6.31 -18.80 10.72
C GLY B 239 5.40 -17.85 11.47
N PRO B 240 4.08 -17.98 11.24
CA PRO B 240 3.10 -17.19 11.99
C PRO B 240 2.98 -17.75 13.41
N PHE B 241 2.22 -17.10 14.28
CA PHE B 241 2.03 -17.63 15.63
C PHE B 241 1.23 -18.93 15.59
N GLY B 242 1.46 -19.79 16.57
CA GLY B 242 0.70 -21.02 16.72
C GLY B 242 0.94 -22.06 15.65
N ALA B 243 2.12 -22.07 15.05
CA ALA B 243 2.44 -23.02 13.99
C ALA B 243 3.39 -24.14 14.44
N GLY B 244 3.68 -24.19 15.74
CA GLY B 244 4.48 -25.26 16.32
C GLY B 244 5.99 -25.07 16.23
N LYS B 245 6.42 -23.81 16.17
CA LYS B 245 7.85 -23.49 16.06
C LYS B 245 8.69 -24.03 17.22
N THR B 246 8.11 -24.05 18.41
CA THR B 246 8.83 -24.46 19.62
C THR B 246 8.96 -25.98 19.71
N VAL B 247 7.96 -26.70 19.21
CA VAL B 247 8.03 -28.16 19.17
C VAL B 247 9.09 -28.60 18.18
N VAL B 248 9.15 -27.92 17.05
CA VAL B 248 10.15 -28.20 16.02
C VAL B 248 11.58 -28.03 16.54
N GLN B 249 11.84 -26.89 17.17
CA GLN B 249 13.19 -26.59 17.66
C GLN B 249 13.57 -27.47 18.85
N HIS B 250 12.58 -27.87 19.65
CA HIS B 250 12.85 -28.79 20.74
C HIS B 250 13.19 -30.18 20.22
N GLN B 251 12.51 -30.59 19.15
CA GLN B 251 12.78 -31.88 18.51
C GLN B 251 14.21 -31.94 17.99
N ILE B 252 14.65 -30.86 17.37
CA ILE B 252 16.01 -30.78 16.84
C ILE B 252 17.04 -30.80 17.97
N ALA B 253 16.74 -30.07 19.05
CA ALA B 253 17.64 -30.02 20.20
C ALA B 253 17.87 -31.40 20.81
N LYS B 254 16.81 -32.20 20.93
CA LYS B 254 16.91 -33.48 21.62
C LYS B 254 17.39 -34.64 20.75
N TRP B 255 17.20 -34.55 19.44
CA TRP B 255 17.50 -35.70 18.58
C TRP B 255 18.72 -35.54 17.66
N SER B 256 19.14 -34.31 17.40
CA SER B 256 20.27 -34.08 16.50
C SER B 256 21.56 -34.70 17.03
N ASP B 257 22.36 -35.21 16.11
CA ASP B 257 23.64 -35.83 16.46
C ASP B 257 24.75 -34.79 16.64
N VAL B 258 24.56 -33.90 17.61
CA VAL B 258 25.60 -32.94 17.99
C VAL B 258 26.10 -33.24 19.40
N ASP B 259 27.28 -32.72 19.71
CA ASP B 259 27.87 -32.92 21.03
C ASP B 259 27.27 -31.99 22.07
N LEU B 260 26.85 -30.81 21.63
CA LEU B 260 26.35 -29.80 22.55
C LEU B 260 25.28 -28.94 21.91
N VAL B 261 24.28 -28.58 22.69
CA VAL B 261 23.22 -27.67 22.25
C VAL B 261 23.26 -26.39 23.07
N VAL B 262 23.29 -25.26 22.38
CA VAL B 262 23.15 -23.98 23.04
C VAL B 262 21.79 -23.41 22.65
N TYR B 263 20.91 -23.27 23.62
CA TYR B 263 19.53 -22.87 23.36
C TYR B 263 19.29 -21.47 23.91
N VAL B 264 18.94 -20.55 23.01
CA VAL B 264 18.77 -19.15 23.38
C VAL B 264 17.32 -18.72 23.28
N GLY B 265 16.70 -18.50 24.43
CA GLY B 265 15.34 -17.97 24.48
C GLY B 265 15.39 -16.46 24.39
N CYS B 266 15.24 -15.94 23.18
CA CYS B 266 15.43 -14.52 22.92
C CYS B 266 14.11 -13.78 22.74
N GLY B 267 13.63 -13.16 23.81
CA GLY B 267 12.45 -12.32 23.76
C GLY B 267 11.14 -13.07 23.67
N GLU B 268 11.09 -14.30 24.19
CA GLU B 268 9.91 -15.14 24.05
C GLU B 268 9.25 -15.51 25.39
N ARG B 269 8.42 -16.54 25.36
CA ARG B 269 7.62 -16.91 26.52
C ARG B 269 8.45 -17.54 27.63
N GLY B 270 8.17 -17.15 28.87
CA GLY B 270 8.84 -17.71 30.02
C GLY B 270 8.52 -19.18 30.22
N ASN B 271 7.29 -19.57 29.93
CA ASN B 271 6.87 -20.96 30.10
C ASN B 271 7.63 -21.94 29.22
N GLU B 272 8.12 -21.46 28.08
CA GLU B 272 8.87 -22.32 27.17
C GLU B 272 10.27 -22.60 27.71
N MSE B 273 10.80 -21.65 28.46
CA MSE B 273 12.07 -21.84 29.13
C MSE B 273 11.91 -22.78 30.31
O MSE B 273 12.79 -23.57 30.62
CB MSE B 273 12.64 -20.49 29.59
CG MSE B 273 13.12 -19.58 28.46
SE MSE B 273 14.70 -20.24 27.49
CE MSE B 273 13.83 -21.24 26.08
N THR B 274 10.75 -22.67 30.98
CA THR B 274 10.40 -23.56 32.08
C THR B 274 10.19 -24.99 31.58
N ASP B 275 9.62 -25.10 30.39
CA ASP B 275 9.39 -26.41 29.78
C ASP B 275 10.73 -27.09 29.50
N VAL B 276 11.69 -26.33 29.00
CA VAL B 276 13.03 -26.85 28.70
C VAL B 276 13.74 -27.39 29.96
N VAL B 277 13.79 -26.59 31.02
CA VAL B 277 14.47 -27.02 32.24
C VAL B 277 13.79 -28.19 32.93
N ASN B 278 12.49 -28.33 32.73
CA ASN B 278 11.76 -29.47 33.27
C ASN B 278 11.97 -30.72 32.43
N GLU B 279 11.92 -30.56 31.11
CA GLU B 279 11.92 -31.71 30.21
C GLU B 279 13.29 -32.26 29.85
N PHE B 280 14.24 -31.37 29.56
CA PHE B 280 15.59 -31.79 29.15
C PHE B 280 16.29 -32.77 30.10
N PRO B 281 16.20 -32.57 31.42
CA PRO B 281 16.82 -33.55 32.32
C PRO B 281 16.15 -34.91 32.30
N GLU B 282 14.94 -34.99 31.77
CA GLU B 282 14.18 -36.24 31.78
C GLU B 282 14.39 -37.05 30.50
N LEU B 283 15.02 -36.43 29.51
CA LEU B 283 15.28 -37.09 28.23
C LEU B 283 16.62 -37.81 28.28
N ILE B 284 16.58 -39.10 28.61
CA ILE B 284 17.79 -39.88 28.85
C ILE B 284 18.25 -40.68 27.63
N ASP B 285 19.50 -40.50 27.25
CA ASP B 285 20.09 -41.26 26.17
C ASP B 285 20.27 -42.72 26.61
N PRO B 286 19.72 -43.66 25.84
CA PRO B 286 19.81 -45.08 26.18
C PRO B 286 21.24 -45.62 26.15
N ASN B 287 22.06 -45.12 25.24
CA ASN B 287 23.43 -45.57 25.09
C ASN B 287 24.33 -45.16 26.26
N THR B 288 24.41 -43.86 26.51
CA THR B 288 25.32 -43.32 27.51
C THR B 288 24.69 -43.09 28.88
N GLY B 289 23.36 -43.09 28.95
CA GLY B 289 22.67 -42.88 30.20
C GLY B 289 22.70 -41.43 30.67
N GLU B 290 23.03 -40.54 29.75
CA GLU B 290 23.08 -39.11 30.05
C GLU B 290 21.81 -38.40 29.58
N SER B 291 21.43 -37.34 30.28
CA SER B 291 20.27 -36.56 29.89
C SER B 291 20.66 -35.49 28.89
N LEU B 292 19.67 -34.93 28.20
CA LEU B 292 19.90 -33.85 27.25
C LEU B 292 20.42 -32.61 27.96
N MSE B 293 20.03 -32.43 29.21
CA MSE B 293 20.46 -31.27 29.99
C MSE B 293 21.96 -31.32 30.28
O MSE B 293 22.60 -30.29 30.50
CB MSE B 293 19.66 -31.15 31.29
CG MSE B 293 19.74 -29.77 31.92
SE MSE B 293 18.92 -28.38 30.82
CE MSE B 293 20.13 -26.91 31.20
N GLU B 294 22.52 -32.53 30.27
CA GLU B 294 23.95 -32.70 30.53
C GLU B 294 24.82 -32.38 29.32
N ARG B 295 24.20 -31.89 28.25
CA ARG B 295 24.94 -31.39 27.09
C ARG B 295 24.29 -30.14 26.53
N THR B 296 23.61 -29.40 27.39
CA THR B 296 22.90 -28.20 26.97
C THR B 296 23.36 -27.01 27.81
N VAL B 297 23.47 -25.85 27.16
CA VAL B 297 23.59 -24.58 27.88
C VAL B 297 22.36 -23.75 27.55
N LEU B 298 21.71 -23.19 28.58
CA LEU B 298 20.49 -22.42 28.36
C LEU B 298 20.70 -20.94 28.64
N ILE B 299 20.28 -20.11 27.70
CA ILE B 299 20.30 -18.66 27.88
C ILE B 299 18.89 -18.13 27.70
N ALA B 300 18.40 -17.43 28.71
CA ALA B 300 17.02 -16.98 28.74
C ALA B 300 16.90 -15.48 28.97
N ASN B 301 16.30 -14.78 28.01
CA ASN B 301 15.86 -13.41 28.23
C ASN B 301 14.47 -13.25 27.63
N THR B 302 13.46 -13.48 28.48
CA THR B 302 12.08 -13.57 28.03
C THR B 302 11.56 -12.24 27.52
N SER B 303 10.35 -12.25 26.99
CA SER B 303 9.76 -11.10 26.34
C SER B 303 9.64 -9.87 27.26
N ASN B 304 9.40 -10.12 28.54
CA ASN B 304 9.23 -9.03 29.51
C ASN B 304 10.47 -8.73 30.35
N MSE B 305 11.57 -9.41 30.05
CA MSE B 305 12.87 -9.07 30.63
C MSE B 305 13.48 -7.90 29.84
O MSE B 305 12.91 -7.51 28.81
CB MSE B 305 13.76 -10.33 30.65
CG MSE B 305 13.47 -11.22 31.85
SE MSE B 305 14.33 -12.97 31.89
CE MSE B 305 16.21 -12.44 32.07
N PRO B 306 14.58 -7.30 30.32
CA PRO B 306 15.09 -6.10 29.63
C PRO B 306 15.36 -6.30 28.14
N VAL B 307 14.85 -5.37 27.33
CA VAL B 307 14.84 -5.49 25.89
C VAL B 307 16.24 -5.54 25.26
N ALA B 308 17.15 -4.70 25.74
CA ALA B 308 18.52 -4.70 25.22
C ALA B 308 19.21 -6.04 25.47
N ALA B 309 18.81 -6.73 26.53
CA ALA B 309 19.44 -8.00 26.88
C ALA B 309 19.09 -9.11 25.89
N ARG B 310 18.11 -8.85 25.03
CA ARG B 310 17.78 -9.75 23.94
C ARG B 310 18.95 -9.87 22.97
N GLU B 311 19.54 -8.72 22.63
CA GLU B 311 20.72 -8.71 21.77
C GLU B 311 21.88 -9.40 22.48
N ALA B 312 22.05 -9.12 23.77
CA ALA B 312 23.09 -9.72 24.57
C ALA B 312 23.01 -11.25 24.57
N SER B 313 21.80 -11.78 24.70
CA SER B 313 21.59 -13.23 24.77
C SER B 313 22.03 -13.92 23.49
N ILE B 314 21.87 -13.24 22.36
CA ILE B 314 22.25 -13.78 21.06
C ILE B 314 23.75 -13.99 20.97
N TYR B 315 24.51 -12.97 21.38
CA TYR B 315 25.97 -12.98 21.29
C TYR B 315 26.62 -13.81 22.40
N THR B 316 25.99 -13.82 23.57
CA THR B 316 26.41 -14.70 24.66
C THR B 316 26.37 -16.15 24.20
N GLY B 317 25.30 -16.50 23.49
CA GLY B 317 25.10 -17.86 23.02
C GLY B 317 26.06 -18.30 21.94
N ILE B 318 26.23 -17.49 20.89
CA ILE B 318 27.07 -17.89 19.77
C ILE B 318 28.53 -17.97 20.18
N THR B 319 28.93 -17.15 21.16
CA THR B 319 30.30 -17.13 21.65
C THR B 319 30.63 -18.39 22.46
N ILE B 320 29.65 -18.86 23.22
CA ILE B 320 29.79 -20.11 23.96
C ILE B 320 29.84 -21.28 22.98
N ALA B 321 29.07 -21.17 21.90
CA ALA B 321 29.09 -22.18 20.84
C ALA B 321 30.44 -22.26 20.16
N GLU B 322 31.02 -21.09 19.86
CA GLU B 322 32.35 -21.03 19.25
C GLU B 322 33.41 -21.63 20.15
N TYR B 323 33.27 -21.41 21.45
CA TYR B 323 34.19 -21.95 22.45
C TYR B 323 34.24 -23.47 22.40
N PHE B 324 33.08 -24.10 22.42
CA PHE B 324 33.01 -25.57 22.34
C PHE B 324 33.34 -26.10 20.95
N ARG B 325 33.07 -25.29 19.92
CA ARG B 325 33.49 -25.59 18.56
C ARG B 325 35.02 -25.68 18.47
N ASP B 326 35.70 -24.75 19.15
CA ASP B 326 37.16 -24.70 19.13
C ASP B 326 37.79 -25.97 19.73
N MSE B 327 37.05 -26.67 20.58
CA MSE B 327 37.53 -27.91 21.19
C MSE B 327 37.41 -29.07 20.23
O MSE B 327 37.94 -30.16 20.50
CB MSE B 327 36.71 -28.24 22.44
CG MSE B 327 36.77 -27.22 23.56
SE MSE B 327 35.62 -27.81 25.03
CE MSE B 327 35.70 -26.19 26.11
N GLY B 328 36.73 -28.86 19.11
CA GLY B 328 36.57 -29.92 18.11
C GLY B 328 35.21 -30.59 18.18
N TYR B 329 34.24 -29.90 18.76
CA TYR B 329 32.89 -30.44 18.91
C TYR B 329 31.94 -29.94 17.83
N ASP B 330 30.87 -30.69 17.61
CA ASP B 330 29.76 -30.21 16.78
C ASP B 330 28.70 -29.62 17.69
N VAL B 331 28.35 -28.37 17.45
CA VAL B 331 27.45 -27.63 18.33
C VAL B 331 26.24 -27.12 17.55
N ALA B 332 25.07 -27.18 18.15
CA ALA B 332 23.89 -26.54 17.59
C ALA B 332 23.53 -25.31 18.41
N ILE B 333 23.28 -24.20 17.75
CA ILE B 333 22.81 -23.00 18.44
C ILE B 333 21.41 -22.62 17.98
N MSE B 334 20.45 -22.66 18.90
CA MSE B 334 19.07 -22.36 18.60
C MSE B 334 18.72 -20.97 19.09
O MSE B 334 18.82 -20.69 20.29
CB MSE B 334 18.13 -23.36 19.27
CG MSE B 334 18.75 -24.69 19.64
SE MSE B 334 18.70 -25.98 18.18
CE MSE B 334 16.84 -25.77 17.65
N ALA B 335 18.32 -20.09 18.18
CA ALA B 335 17.89 -18.75 18.54
C ALA B 335 16.39 -18.59 18.28
N ASP B 336 15.65 -18.40 19.36
CA ASP B 336 14.20 -18.24 19.29
C ASP B 336 13.80 -17.08 20.20
N SER B 337 13.44 -15.93 19.62
CA SER B 337 13.32 -15.73 18.19
C SER B 337 14.18 -14.53 17.77
N THR B 338 14.84 -14.63 16.61
CA THR B 338 15.69 -13.55 16.13
C THR B 338 14.92 -12.27 15.79
N SER B 339 13.60 -12.38 15.63
CA SER B 339 12.74 -11.22 15.42
C SER B 339 12.77 -10.29 16.63
N ARG B 340 12.91 -10.86 17.82
CA ARG B 340 12.87 -10.08 19.05
C ARG B 340 14.20 -9.37 19.27
N TRP B 341 15.26 -9.97 18.76
CA TRP B 341 16.59 -9.35 18.71
C TRP B 341 16.55 -8.09 17.84
N ALA B 342 15.91 -8.20 16.67
CA ALA B 342 15.79 -7.07 15.76
C ALA B 342 14.95 -5.94 16.35
N GLU B 343 13.92 -6.30 17.11
CA GLU B 343 13.08 -5.32 17.79
C GLU B 343 13.86 -4.53 18.82
N ALA B 344 14.77 -5.21 19.51
CA ALA B 344 15.65 -4.55 20.46
C ALA B 344 16.50 -3.50 19.76
N LEU B 345 17.08 -3.86 18.62
CA LEU B 345 17.89 -2.94 17.83
C LEU B 345 17.08 -1.73 17.40
N ARG B 346 15.82 -1.96 17.04
CA ARG B 346 14.93 -0.90 16.63
C ARG B 346 14.60 0.06 17.77
N GLU B 347 14.38 -0.49 18.96
CA GLU B 347 14.11 0.31 20.14
C GLU B 347 15.30 1.24 20.44
N MSE B 348 16.51 0.68 20.45
CA MSE B 348 17.71 1.46 20.71
C MSE B 348 17.99 2.49 19.62
O MSE B 348 18.41 3.62 19.90
CB MSE B 348 18.93 0.55 20.92
CB MSE B 348 18.92 0.55 20.89
CG MSE B 348 20.17 1.29 21.41
CG MSE B 348 18.93 -0.23 22.20
SE MSE B 348 19.84 2.31 23.04
SE MSE B 348 19.06 0.94 23.76
CE MSE B 348 19.35 0.83 24.21
CE MSE B 348 20.71 1.88 23.32
N SER B 349 17.74 2.11 18.37
CA SER B 349 17.91 3.01 17.23
C SER B 349 17.05 4.25 17.37
N GLY B 350 15.83 4.06 17.87
CA GLY B 350 14.92 5.18 18.15
C GLY B 350 15.42 6.08 19.26
N ARG B 351 15.90 5.48 20.35
CA ARG B 351 16.45 6.23 21.48
C ARG B 351 17.65 7.07 21.02
N LEU B 352 18.43 6.53 20.11
CA LEU B 352 19.61 7.21 19.59
C LEU B 352 19.24 8.25 18.53
N GLU B 353 17.96 8.25 18.15
CA GLU B 353 17.43 9.15 17.12
C GLU B 353 18.10 8.92 15.76
N GLU B 354 18.21 7.66 15.39
CA GLU B 354 18.86 7.30 14.13
C GLU B 354 17.86 7.35 12.97
N MSE B 355 18.39 7.48 11.76
CA MSE B 355 17.56 7.42 10.57
C MSE B 355 17.08 5.99 10.38
O MSE B 355 17.90 5.07 10.26
CB MSE B 355 18.34 7.86 9.34
CG MSE B 355 18.83 9.29 9.42
SE MSE B 355 17.37 10.55 9.25
CE MSE B 355 18.00 11.91 10.50
N PRO B 356 15.76 5.78 10.37
CA PRO B 356 15.20 4.43 10.22
C PRO B 356 15.35 3.91 8.80
N GLY B 357 15.59 2.61 8.68
CA GLY B 357 15.63 1.95 7.38
C GLY B 357 14.31 1.24 7.14
N ASP B 358 14.39 -0.02 6.71
CA ASP B 358 13.20 -0.80 6.42
C ASP B 358 12.36 -1.04 7.69
N GLU B 359 11.11 -0.61 7.64
CA GLU B 359 10.14 -0.83 8.73
C GLU B 359 10.59 -0.32 10.09
N GLY B 360 11.39 0.73 10.11
CA GLY B 360 11.82 1.34 11.37
C GLY B 360 13.06 0.69 11.95
N TYR B 361 13.47 -0.43 11.38
CA TYR B 361 14.70 -1.07 11.79
C TYR B 361 15.89 -0.22 11.37
N PRO B 362 16.97 -0.24 12.15
CA PRO B 362 18.17 0.54 11.79
C PRO B 362 18.78 0.06 10.48
N ALA B 363 19.55 0.92 9.82
CA ALA B 363 20.10 0.60 8.50
C ALA B 363 21.12 -0.53 8.53
N TYR B 364 21.65 -0.82 9.72
CA TYR B 364 22.65 -1.86 9.88
C TYR B 364 22.06 -3.21 10.29
N LEU B 365 20.74 -3.34 10.22
CA LEU B 365 20.09 -4.61 10.54
C LEU B 365 20.67 -5.77 9.71
N GLY B 366 20.73 -5.58 8.39
CA GLY B 366 21.20 -6.63 7.49
C GLY B 366 22.60 -7.13 7.78
N SER B 367 23.51 -6.20 8.06
CA SER B 367 24.90 -6.56 8.31
C SER B 367 25.09 -7.23 9.66
N ARG B 368 24.29 -6.84 10.65
CA ARG B 368 24.32 -7.49 11.96
C ARG B 368 23.90 -8.96 11.84
N LEU B 369 22.87 -9.20 11.05
CA LEU B 369 22.36 -10.56 10.85
C LEU B 369 23.37 -11.39 10.06
N ALA B 370 23.92 -10.79 9.01
CA ALA B 370 24.93 -11.45 8.19
C ALA B 370 26.14 -11.86 9.01
N GLU B 371 26.58 -10.95 9.89
CA GLU B 371 27.76 -11.19 10.72
C GLU B 371 27.52 -12.32 11.71
N TYR B 372 26.30 -12.41 12.22
CA TYR B 372 25.94 -13.45 13.17
C TYR B 372 26.02 -14.83 12.54
N TYR B 373 25.44 -14.97 11.36
CA TYR B 373 25.37 -16.27 10.71
C TYR B 373 26.71 -16.70 10.14
N GLU B 374 27.57 -15.74 9.86
CA GLU B 374 28.88 -16.04 9.32
C GLU B 374 29.80 -16.58 10.43
N ARG B 375 29.34 -16.46 11.68
CA ARG B 375 30.04 -17.05 12.81
C ARG B 375 29.70 -18.52 12.99
N SER B 376 28.60 -18.96 12.37
CA SER B 376 28.29 -20.39 12.29
C SER B 376 29.12 -20.98 11.15
N GLY B 377 29.16 -22.31 11.07
CA GLY B 377 29.93 -22.96 10.02
C GLY B 377 30.85 -24.06 10.54
N ARG B 378 31.32 -24.89 9.63
CA ARG B 378 32.32 -25.91 9.94
C ARG B 378 33.70 -25.30 9.76
N VAL B 379 34.60 -25.55 10.72
CA VAL B 379 35.91 -24.90 10.69
C VAL B 379 37.06 -25.85 11.00
N ILE B 380 38.26 -25.45 10.63
CA ILE B 380 39.46 -25.97 11.24
C ILE B 380 39.81 -25.00 12.36
N ALA B 381 39.86 -25.49 13.59
CA ALA B 381 40.12 -24.64 14.74
C ALA B 381 41.61 -24.37 14.90
N LEU B 382 41.94 -23.31 15.63
CA LEU B 382 43.32 -22.99 15.95
C LEU B 382 43.93 -24.09 16.82
N GLY B 383 45.25 -24.23 16.71
CA GLY B 383 45.96 -25.28 17.42
C GLY B 383 46.75 -26.12 16.45
N SER B 384 47.86 -26.69 16.94
CA SER B 384 48.69 -27.54 16.10
C SER B 384 47.93 -28.80 15.69
N ASP B 385 46.92 -29.14 16.49
CA ASP B 385 46.04 -30.28 16.23
C ASP B 385 45.35 -30.15 14.87
N GLN B 386 45.02 -28.91 14.51
CA GLN B 386 44.21 -28.62 13.33
C GLN B 386 42.90 -29.40 13.37
N ARG B 387 42.27 -29.41 14.55
CA ARG B 387 41.04 -30.16 14.77
C ARG B 387 39.86 -29.47 14.10
N GLU B 388 38.85 -30.26 13.74
CA GLU B 388 37.66 -29.73 13.10
C GLU B 388 36.48 -29.64 14.06
N GLY B 389 35.66 -28.61 13.88
CA GLY B 389 34.49 -28.40 14.71
C GLY B 389 33.45 -27.67 13.88
N SER B 390 32.22 -27.60 14.39
CA SER B 390 31.17 -26.93 13.65
C SER B 390 30.14 -26.30 14.56
N ILE B 391 29.49 -25.27 14.04
CA ILE B 391 28.32 -24.67 14.67
C ILE B 391 27.21 -24.67 13.64
N THR B 392 26.09 -25.30 13.97
CA THR B 392 24.91 -25.28 13.13
C THR B 392 23.88 -24.35 13.74
N ALA B 393 23.45 -23.34 12.99
CA ALA B 393 22.53 -22.34 13.50
C ALA B 393 21.09 -22.60 13.11
N ILE B 394 20.22 -22.76 14.10
CA ILE B 394 18.77 -22.88 13.84
C ILE B 394 18.07 -21.68 14.46
N SER B 395 17.49 -20.83 13.61
CA SER B 395 16.89 -19.59 14.09
C SER B 395 15.41 -19.46 13.72
N ALA B 396 14.58 -19.25 14.73
CA ALA B 396 13.18 -18.92 14.47
C ALA B 396 13.08 -17.46 14.06
N VAL B 397 12.14 -17.16 13.18
CA VAL B 397 11.80 -15.79 12.84
C VAL B 397 10.29 -15.68 13.03
N SER B 398 9.82 -14.51 13.46
CA SER B 398 8.40 -14.34 13.74
C SER B 398 7.82 -13.17 12.96
N PRO B 399 7.73 -13.31 11.62
CA PRO B 399 7.24 -12.22 10.78
C PRO B 399 5.77 -11.93 11.04
N SER B 400 5.45 -10.66 11.29
CA SER B 400 4.08 -10.21 11.53
C SER B 400 3.11 -10.75 10.47
N GLY B 401 2.03 -11.36 10.93
CA GLY B 401 1.02 -11.91 10.05
C GLY B 401 1.51 -13.07 9.20
N GLY B 402 2.71 -13.57 9.51
CA GLY B 402 3.29 -14.68 8.76
C GLY B 402 3.85 -14.24 7.41
N ASP B 403 3.91 -12.93 7.20
CA ASP B 403 4.37 -12.37 5.94
C ASP B 403 5.90 -12.30 5.89
N ILE B 404 6.51 -13.17 5.08
CA ILE B 404 7.97 -13.31 5.06
C ILE B 404 8.69 -12.22 4.25
N SER B 405 7.95 -11.25 3.73
CA SER B 405 8.56 -10.18 2.94
C SER B 405 9.18 -9.10 3.82
N GLU B 406 9.02 -9.23 5.13
CA GLU B 406 9.52 -8.26 6.09
C GLU B 406 11.05 -8.38 6.25
N PRO B 407 11.72 -7.29 6.69
CA PRO B 407 13.18 -7.19 6.69
C PRO B 407 13.95 -8.31 7.41
N VAL B 408 13.48 -8.77 8.56
CA VAL B 408 14.25 -9.77 9.31
C VAL B 408 14.35 -11.10 8.55
N THR B 409 13.21 -11.61 8.09
CA THR B 409 13.20 -12.84 7.30
C THR B 409 13.99 -12.68 5.99
N GLN B 410 13.80 -11.55 5.32
CA GLN B 410 14.44 -11.31 4.03
C GLN B 410 15.96 -11.23 4.14
N ASN B 411 16.45 -10.49 5.13
CA ASN B 411 17.88 -10.35 5.34
C ASN B 411 18.52 -11.64 5.81
N THR B 412 17.74 -12.46 6.51
CA THR B 412 18.22 -13.77 6.95
C THR B 412 18.35 -14.73 5.77
N LEU B 413 17.35 -14.74 4.90
CA LEU B 413 17.35 -15.63 3.74
C LEU B 413 18.42 -15.25 2.74
N ARG B 414 18.98 -14.05 2.90
CA ARG B 414 20.08 -13.60 2.06
C ARG B 414 21.37 -14.35 2.38
N VAL B 415 21.48 -14.83 3.62
CA VAL B 415 22.74 -15.45 4.06
C VAL B 415 22.63 -16.91 4.55
N VAL B 416 21.42 -17.44 4.67
CA VAL B 416 21.26 -18.85 5.04
C VAL B 416 20.78 -19.70 3.85
N LYS B 417 21.14 -20.98 3.87
CA LYS B 417 20.83 -21.86 2.74
C LYS B 417 19.60 -22.73 2.96
N VAL B 418 19.05 -22.69 4.17
CA VAL B 418 17.89 -23.51 4.50
C VAL B 418 16.73 -22.68 5.03
N PHE B 419 15.55 -22.90 4.46
CA PHE B 419 14.34 -22.18 4.82
C PHE B 419 13.23 -23.17 5.14
N TRP B 420 12.87 -23.28 6.41
CA TRP B 420 11.73 -24.09 6.83
C TRP B 420 10.54 -23.18 7.12
N GLY B 421 9.71 -22.95 6.12
CA GLY B 421 8.57 -22.07 6.26
C GLY B 421 7.40 -22.77 6.95
N LEU B 422 7.08 -22.33 8.17
CA LEU B 422 5.96 -22.89 8.90
C LEU B 422 4.64 -22.32 8.39
N ASP B 423 3.58 -23.13 8.48
CA ASP B 423 2.32 -22.80 7.85
C ASP B 423 1.16 -22.91 8.83
N SER B 424 0.34 -21.87 8.89
CA SER B 424 -0.76 -21.82 9.85
C SER B 424 -1.92 -22.72 9.45
N SER B 425 -2.13 -22.85 8.14
CA SER B 425 -3.22 -23.69 7.64
C SER B 425 -2.93 -25.17 7.87
N LEU B 426 -1.66 -25.55 7.79
CA LEU B 426 -1.24 -26.90 8.12
C LEU B 426 -1.44 -27.16 9.61
N ALA B 427 -1.06 -26.18 10.43
CA ALA B 427 -1.19 -26.31 11.89
C ALA B 427 -2.65 -26.49 12.31
N GLN B 428 -3.56 -25.78 11.63
CA GLN B 428 -4.98 -25.94 11.89
C GLN B 428 -5.48 -27.32 11.47
N LYS B 429 -4.89 -27.85 10.40
CA LYS B 429 -5.27 -29.16 9.87
C LYS B 429 -4.61 -30.31 10.63
N ARG B 430 -3.92 -29.98 11.72
CA ARG B 430 -3.19 -30.97 12.52
C ARG B 430 -2.09 -31.68 11.71
N HIS B 431 -1.50 -30.95 10.76
CA HIS B 431 -0.36 -31.45 10.01
C HIS B 431 0.93 -30.98 10.66
N PHE B 432 1.58 -31.86 11.42
CA PHE B 432 2.80 -31.49 12.14
C PHE B 432 3.99 -32.40 11.81
N PRO B 433 5.20 -31.82 11.70
CA PRO B 433 5.50 -30.39 11.76
C PRO B 433 4.88 -29.60 10.62
N SER B 434 4.57 -28.33 10.88
CA SER B 434 3.78 -27.53 9.95
C SER B 434 4.62 -26.88 8.85
N ILE B 435 5.59 -27.64 8.34
CA ILE B 435 6.47 -27.13 7.30
C ILE B 435 5.80 -27.19 5.92
N ASN B 436 5.69 -26.03 5.29
CA ASN B 436 5.19 -25.92 3.92
C ASN B 436 6.20 -26.52 2.94
N TRP B 437 5.87 -27.66 2.37
CA TRP B 437 6.80 -28.42 1.54
C TRP B 437 6.92 -27.85 0.12
N ILE B 438 6.05 -26.90 -0.21
CA ILE B 438 6.11 -26.24 -1.52
C ILE B 438 6.99 -25.00 -1.44
N GLN B 439 6.87 -24.24 -0.36
CA GLN B 439 7.63 -23.00 -0.20
C GLN B 439 9.03 -23.21 0.39
N SER B 440 9.18 -24.24 1.23
CA SER B 440 10.46 -24.49 1.87
C SER B 440 11.53 -24.93 0.86
N TYR B 441 12.79 -24.77 1.24
CA TYR B 441 13.89 -25.25 0.43
C TYR B 441 15.15 -25.48 1.26
N SER B 442 16.06 -26.27 0.73
CA SER B 442 17.40 -26.41 1.28
C SER B 442 18.40 -26.42 0.14
N LEU B 443 19.30 -25.44 0.13
CA LEU B 443 20.34 -25.40 -0.88
C LEU B 443 21.48 -26.39 -0.58
N TYR B 444 21.29 -27.22 0.43
CA TYR B 444 22.21 -28.32 0.71
C TYR B 444 21.71 -29.64 0.12
N SER B 445 20.49 -29.64 -0.44
CA SER B 445 19.84 -30.86 -0.92
C SER B 445 20.66 -31.68 -1.92
N THR B 446 21.30 -30.99 -2.86
CA THR B 446 22.05 -31.68 -3.89
C THR B 446 23.32 -32.33 -3.33
N GLU B 447 24.02 -31.60 -2.47
CA GLU B 447 25.23 -32.13 -1.85
C GLU B 447 24.89 -33.25 -0.87
N VAL B 448 23.82 -33.07 -0.11
CA VAL B 448 23.36 -34.09 0.82
C VAL B 448 22.93 -35.34 0.05
N GLY B 449 22.24 -35.13 -1.08
CA GLY B 449 21.86 -36.22 -1.95
C GLY B 449 23.02 -37.12 -2.35
N ARG B 450 24.14 -36.50 -2.72
CA ARG B 450 25.36 -37.24 -3.06
C ARG B 450 25.90 -38.03 -1.85
N TYR B 451 25.93 -37.36 -0.70
CA TYR B 451 26.39 -37.98 0.54
C TYR B 451 25.54 -39.19 0.90
N MSE B 452 24.22 -39.03 0.77
CA MSE B 452 23.27 -40.08 1.13
C MSE B 452 23.37 -41.27 0.18
O MSE B 452 23.34 -42.42 0.61
CB MSE B 452 21.85 -39.53 1.14
CG MSE B 452 21.60 -38.46 2.19
SE MSE B 452 21.63 -39.15 4.00
CE MSE B 452 20.06 -40.27 3.91
N ASP B 453 23.47 -40.99 -1.11
CA ASP B 453 23.63 -42.05 -2.11
C ASP B 453 24.87 -42.88 -1.81
N GLN B 454 25.92 -42.21 -1.36
CA GLN B 454 27.19 -42.87 -1.10
C GLN B 454 27.12 -43.70 0.18
N ILE B 455 26.55 -43.12 1.24
CA ILE B 455 26.53 -43.80 2.54
C ILE B 455 25.48 -44.91 2.61
N LEU B 456 24.39 -44.77 1.85
CA LEU B 456 23.34 -45.77 1.82
C LEU B 456 23.58 -46.81 0.73
N GLN B 457 24.38 -46.44 -0.26
CA GLN B 457 24.56 -47.25 -1.46
C GLN B 457 23.22 -47.54 -2.11
N GLN B 458 22.36 -46.52 -2.14
CA GLN B 458 21.04 -46.59 -2.76
C GLN B 458 20.82 -45.34 -3.60
N ASP B 459 19.80 -45.37 -4.44
CA ASP B 459 19.45 -44.20 -5.25
C ASP B 459 18.52 -43.29 -4.46
N TRP B 460 19.03 -42.77 -3.34
CA TRP B 460 18.23 -41.96 -2.43
C TRP B 460 17.85 -40.61 -3.01
N SER B 461 18.80 -39.95 -3.68
CA SER B 461 18.54 -38.65 -4.27
C SER B 461 17.44 -38.68 -5.34
N ASP B 462 17.37 -39.77 -6.09
CA ASP B 462 16.32 -39.95 -7.08
C ASP B 462 14.97 -40.13 -6.41
N MSE B 463 14.96 -40.81 -5.27
CA MSE B 463 13.72 -41.05 -4.53
C MSE B 463 13.19 -39.75 -3.95
O MSE B 463 11.98 -39.49 -3.97
CB MSE B 463 13.96 -42.07 -3.42
CG MSE B 463 14.32 -43.45 -3.93
SE MSE B 463 14.93 -44.65 -2.51
CE MSE B 463 13.45 -44.37 -1.27
N VAL B 464 14.09 -38.94 -3.40
CA VAL B 464 13.71 -37.65 -2.84
C VAL B 464 13.18 -36.72 -3.93
N THR B 465 13.85 -36.73 -5.08
CA THR B 465 13.44 -35.93 -6.23
C THR B 465 12.05 -36.36 -6.72
N GLU B 466 11.83 -37.66 -6.82
CA GLU B 466 10.54 -38.18 -7.24
C GLU B 466 9.42 -37.84 -6.26
N GLY B 467 9.71 -37.95 -4.97
CA GLY B 467 8.75 -37.62 -3.93
C GLY B 467 8.30 -36.16 -3.97
N MSE B 468 9.24 -35.27 -4.27
CA MSE B 468 8.93 -33.85 -4.36
C MSE B 468 8.21 -33.52 -5.67
O MSE B 468 7.39 -32.60 -5.72
CB MSE B 468 10.21 -33.02 -4.25
CG MSE B 468 9.99 -31.51 -4.39
SE MSE B 468 8.72 -30.76 -3.11
CE MSE B 468 9.59 -31.32 -1.46
N ARG B 469 8.50 -34.27 -6.73
CA ARG B 469 7.83 -34.07 -8.00
C ARG B 469 6.35 -34.36 -7.85
N ILE B 470 6.05 -35.44 -7.13
CA ILE B 470 4.69 -35.86 -6.85
C ILE B 470 3.91 -34.83 -6.03
N LEU B 471 4.57 -34.26 -5.02
CA LEU B 471 3.95 -33.23 -4.20
C LEU B 471 3.70 -31.96 -5.00
N GLN B 472 4.63 -31.62 -5.88
CA GLN B 472 4.48 -30.44 -6.74
C GLN B 472 3.37 -30.64 -7.76
N GLU B 473 3.25 -31.86 -8.28
CA GLU B 473 2.17 -32.18 -9.20
C GLU B 473 0.83 -32.18 -8.48
N GLU B 474 0.85 -32.60 -7.21
CA GLU B 474 -0.36 -32.58 -6.39
C GLU B 474 -0.91 -31.16 -6.23
N GLU B 475 -0.01 -30.20 -6.04
CA GLU B 475 -0.42 -28.80 -5.91
C GLU B 475 -1.10 -28.30 -7.19
N GLN B 476 -0.60 -28.75 -8.33
CA GLN B 476 -1.18 -28.39 -9.61
C GLN B 476 -2.54 -29.06 -9.79
N LEU B 477 -2.63 -30.34 -9.41
CA LEU B 477 -3.87 -31.09 -9.53
C LEU B 477 -4.95 -30.58 -8.59
N ASN B 478 -4.55 -30.14 -7.40
CA ASN B 478 -5.49 -29.60 -6.43
C ASN B 478 -6.18 -28.32 -6.90
N GLU B 479 -5.49 -27.54 -7.72
CA GLU B 479 -6.07 -26.34 -8.30
C GLU B 479 -7.17 -26.71 -9.28
N ILE B 480 -6.96 -27.80 -10.02
CA ILE B 480 -7.95 -28.30 -10.97
C ILE B 480 -9.19 -28.87 -10.25
N VAL B 481 -8.96 -29.61 -9.17
CA VAL B 481 -10.03 -30.17 -8.36
C VAL B 481 -10.91 -29.05 -7.78
N ARG B 482 -10.28 -27.95 -7.41
CA ARG B 482 -10.99 -26.79 -6.88
C ARG B 482 -11.96 -26.21 -7.92
N LEU B 483 -11.59 -26.32 -9.19
CA LEU B 483 -12.36 -25.70 -10.27
C LEU B 483 -13.39 -26.63 -10.88
N VAL B 484 -13.00 -27.88 -11.13
CA VAL B 484 -13.85 -28.81 -11.86
C VAL B 484 -14.40 -29.92 -10.96
N GLY B 485 -13.71 -30.23 -9.88
CA GLY B 485 -14.06 -31.35 -9.03
C GLY B 485 -13.17 -32.54 -9.32
N ILE B 486 -12.98 -33.39 -8.31
CA ILE B 486 -12.04 -34.50 -8.40
C ILE B 486 -12.47 -35.59 -9.39
N ASP B 487 -13.75 -35.63 -9.69
CA ASP B 487 -14.28 -36.65 -10.59
C ASP B 487 -13.95 -36.40 -12.06
N SER B 488 -13.27 -35.28 -12.33
CA SER B 488 -12.91 -34.92 -13.70
C SER B 488 -11.50 -35.38 -14.07
N LEU B 489 -10.73 -35.81 -13.08
CA LEU B 489 -9.35 -36.23 -13.29
C LEU B 489 -9.28 -37.65 -13.85
N SER B 490 -8.27 -37.90 -14.69
CA SER B 490 -8.04 -39.24 -15.22
C SER B 490 -7.56 -40.16 -14.11
N ASP B 491 -7.52 -41.46 -14.40
CA ASP B 491 -7.05 -42.45 -13.43
C ASP B 491 -5.59 -42.20 -13.03
N ASN B 492 -4.78 -41.79 -13.99
CA ASN B 492 -3.38 -41.48 -13.74
C ASN B 492 -3.20 -40.32 -12.75
N ASP B 493 -4.06 -39.31 -12.88
CA ASP B 493 -4.02 -38.15 -12.00
C ASP B 493 -4.63 -38.45 -10.63
N ARG B 494 -5.62 -39.34 -10.61
CA ARG B 494 -6.21 -39.79 -9.36
C ARG B 494 -5.17 -40.55 -8.53
N LEU B 495 -4.31 -41.28 -9.21
CA LEU B 495 -3.26 -42.06 -8.54
C LEU B 495 -2.21 -41.15 -7.92
N THR B 496 -1.81 -40.13 -8.67
CA THR B 496 -0.83 -39.15 -8.21
C THR B 496 -1.27 -38.48 -6.91
N LEU B 497 -2.56 -38.20 -6.81
CA LEU B 497 -3.10 -37.56 -5.60
C LEU B 497 -3.01 -38.49 -4.39
N GLU B 498 -3.33 -39.77 -4.60
CA GLU B 498 -3.27 -40.77 -3.54
C GLU B 498 -1.83 -41.01 -3.08
N VAL B 499 -0.90 -41.05 -4.02
CA VAL B 499 0.51 -41.19 -3.66
C VAL B 499 1.02 -39.96 -2.91
N ALA B 500 0.60 -38.78 -3.38
CA ALA B 500 0.93 -37.55 -2.68
C ALA B 500 0.32 -37.54 -1.30
N LYS B 501 -0.92 -38.03 -1.19
CA LYS B 501 -1.61 -38.16 0.08
C LYS B 501 -0.85 -39.07 1.04
N SER B 502 -0.35 -40.19 0.51
CA SER B 502 0.45 -41.11 1.31
C SER B 502 1.74 -40.44 1.80
N ILE B 503 2.39 -39.69 0.92
CA ILE B 503 3.59 -38.97 1.32
C ILE B 503 3.30 -37.97 2.43
N ARG B 504 2.24 -37.20 2.26
CA ARG B 504 1.84 -36.20 3.24
C ARG B 504 1.57 -36.76 4.63
N GLU B 505 0.70 -37.77 4.73
CA GLU B 505 0.27 -38.25 6.04
C GLU B 505 0.96 -39.51 6.56
N ASP B 506 1.67 -40.23 5.69
CA ASP B 506 2.42 -41.40 6.15
C ASP B 506 3.89 -41.09 6.36
N TYR B 507 4.35 -39.95 5.84
CA TYR B 507 5.77 -39.60 5.91
C TYR B 507 6.03 -38.21 6.48
N LEU B 508 5.46 -37.18 5.86
CA LEU B 508 5.70 -35.80 6.31
C LEU B 508 5.16 -35.55 7.72
N GLN B 509 3.91 -35.95 7.94
CA GLN B 509 3.28 -35.83 9.24
C GLN B 509 3.97 -36.74 10.27
N GLN B 510 4.40 -36.13 11.38
CA GLN B 510 5.21 -36.82 12.37
C GLN B 510 4.86 -36.29 13.76
N ASN B 511 4.48 -37.19 14.66
CA ASN B 511 4.07 -36.83 16.02
C ASN B 511 5.27 -36.78 16.97
N ALA B 512 5.59 -35.58 17.43
CA ALA B 512 6.73 -35.38 18.31
C ALA B 512 6.53 -36.04 19.67
N PHE B 513 5.28 -36.23 20.06
CA PHE B 513 4.96 -36.74 21.39
C PHE B 513 4.60 -38.24 21.38
N ASP B 514 4.93 -38.92 20.29
CA ASP B 514 4.76 -40.36 20.21
C ASP B 514 6.12 -41.02 20.33
N ASP B 515 6.23 -41.99 21.25
CA ASP B 515 7.52 -42.60 21.59
C ASP B 515 8.31 -43.18 20.41
N VAL B 516 7.61 -43.64 19.38
CA VAL B 516 8.27 -44.22 18.22
C VAL B 516 8.37 -43.21 17.08
N ASP B 517 7.30 -42.44 16.90
CA ASP B 517 7.21 -41.48 15.80
C ASP B 517 8.04 -40.22 16.04
N THR B 518 8.50 -40.04 17.28
CA THR B 518 9.25 -38.84 17.65
C THR B 518 10.63 -38.78 16.97
N PHE B 519 11.18 -39.95 16.65
CA PHE B 519 12.47 -40.02 15.98
C PHE B 519 12.45 -41.13 14.94
N THR B 520 12.93 -40.82 13.74
CA THR B 520 13.01 -41.81 12.68
C THR B 520 14.45 -41.88 12.18
N SER B 521 15.05 -43.05 12.28
CA SER B 521 16.45 -43.22 11.88
C SER B 521 16.60 -43.06 10.38
N ARG B 522 17.82 -42.82 9.95
CA ARG B 522 18.14 -42.65 8.54
C ARG B 522 17.74 -43.89 7.74
N GLU B 523 17.98 -45.05 8.33
CA GLU B 523 17.68 -46.33 7.70
C GLU B 523 16.18 -46.55 7.61
N LYS B 524 15.47 -46.25 8.70
CA LYS B 524 14.02 -46.35 8.72
C LYS B 524 13.36 -45.39 7.72
N GLN B 525 13.88 -44.18 7.60
CA GLN B 525 13.38 -43.21 6.64
C GLN B 525 13.47 -43.73 5.21
N PHE B 526 14.58 -44.41 4.90
CA PHE B 526 14.78 -44.95 3.56
C PHE B 526 13.74 -46.02 3.24
N ASN B 527 13.49 -46.90 4.20
CA ASN B 527 12.54 -47.98 4.00
C ASN B 527 11.11 -47.47 3.85
N MSE B 528 10.75 -46.48 4.64
CA MSE B 528 9.41 -45.88 4.58
C MSE B 528 9.14 -45.22 3.23
O MSE B 528 8.11 -45.46 2.62
CB MSE B 528 9.21 -44.88 5.71
CG MSE B 528 9.18 -45.49 7.09
SE MSE B 528 8.96 -44.15 8.46
CE MSE B 528 7.32 -43.30 7.81
N LEU B 529 10.07 -44.38 2.80
CA LEU B 529 9.91 -43.68 1.52
C LEU B 529 9.94 -44.65 0.35
N LYS B 530 10.78 -45.68 0.45
CA LYS B 530 10.87 -46.69 -0.60
C LYS B 530 9.53 -47.40 -0.81
N VAL B 531 8.89 -47.75 0.30
CA VAL B 531 7.61 -48.46 0.26
C VAL B 531 6.51 -47.58 -0.34
N ILE B 532 6.43 -46.33 0.11
CA ILE B 532 5.47 -45.37 -0.41
C ILE B 532 5.62 -45.20 -1.91
N LEU B 533 6.87 -45.10 -2.36
CA LEU B 533 7.17 -44.88 -3.77
C LEU B 533 6.93 -46.13 -4.61
N THR B 534 7.10 -47.30 -3.98
CA THR B 534 6.89 -48.56 -4.67
C THR B 534 5.41 -48.77 -5.00
N PHE B 535 4.53 -48.39 -4.06
CA PHE B 535 3.10 -48.51 -4.30
C PHE B 535 2.70 -47.71 -5.54
N GLY B 536 3.15 -46.47 -5.61
CA GLY B 536 2.87 -45.62 -6.75
C GLY B 536 3.42 -46.20 -8.04
N LYS B 537 4.61 -46.78 -7.96
CA LYS B 537 5.28 -47.36 -9.11
C LYS B 537 4.51 -48.57 -9.64
N GLU B 538 4.12 -49.46 -8.73
CA GLU B 538 3.38 -50.66 -9.10
C GLU B 538 1.96 -50.32 -9.57
N ALA B 539 1.34 -49.35 -8.92
CA ALA B 539 -0.01 -48.93 -9.31
C ALA B 539 -0.01 -48.24 -10.67
N ARG B 540 1.06 -47.50 -10.96
CA ARG B 540 1.20 -46.82 -12.24
C ARG B 540 1.27 -47.82 -13.38
N LYS B 541 1.99 -48.92 -13.15
CA LYS B 541 2.12 -49.97 -14.16
C LYS B 541 0.82 -50.72 -14.34
N ALA B 542 0.07 -50.86 -13.25
CA ALA B 542 -1.23 -51.53 -13.29
C ALA B 542 -2.20 -50.77 -14.19
N LEU B 543 -2.17 -49.44 -14.10
CA LEU B 543 -3.03 -48.61 -14.93
C LEU B 543 -2.71 -48.76 -16.42
N SER B 544 -1.43 -48.87 -16.74
CA SER B 544 -1.00 -49.01 -18.13
C SER B 544 -1.27 -50.41 -18.66
N LEU B 545 -1.55 -51.34 -17.76
CA LEU B 545 -1.85 -52.71 -18.14
C LEU B 545 -3.35 -52.98 -18.17
N GLY B 546 -4.14 -51.93 -18.08
CA GLY B 546 -5.58 -52.04 -18.24
C GLY B 546 -6.41 -52.01 -16.96
N ALA B 547 -5.75 -51.99 -15.81
CA ALA B 547 -6.46 -51.90 -14.55
C ALA B 547 -6.99 -50.48 -14.34
N TYR B 548 -8.13 -50.37 -13.65
CA TYR B 548 -8.73 -49.07 -13.39
C TYR B 548 -8.37 -48.59 -11.98
N PHE B 549 -8.36 -47.27 -11.80
CA PHE B 549 -7.99 -46.65 -10.53
C PHE B 549 -8.85 -47.16 -9.37
N ASN B 550 -10.16 -47.21 -9.58
CA ASN B 550 -11.08 -47.68 -8.56
C ASN B 550 -10.75 -49.10 -8.10
N GLU B 551 -10.44 -49.97 -9.06
CA GLU B 551 -10.11 -51.36 -8.75
C GLU B 551 -8.84 -51.47 -7.92
N ILE B 552 -7.85 -50.65 -8.24
CA ILE B 552 -6.57 -50.67 -7.54
C ILE B 552 -6.72 -50.28 -6.06
N MSE B 553 -7.50 -49.23 -5.82
CA MSE B 553 -7.73 -48.75 -4.46
C MSE B 553 -8.50 -49.77 -3.61
O MSE B 553 -8.14 -50.02 -2.47
CB MSE B 553 -8.44 -47.39 -4.46
CG MSE B 553 -7.62 -46.27 -5.10
SE MSE B 553 -5.89 -45.96 -4.23
CE MSE B 553 -6.54 -45.26 -2.53
N GLU B 554 -9.56 -50.34 -4.19
CA GLU B 554 -10.41 -51.28 -3.47
C GLU B 554 -9.68 -52.56 -3.05
N GLY B 555 -8.72 -52.98 -3.88
CA GLY B 555 -8.00 -54.22 -3.62
C GLY B 555 -6.70 -54.04 -2.87
N THR B 556 -6.39 -52.81 -2.47
CA THR B 556 -5.16 -52.53 -1.75
C THR B 556 -5.42 -51.81 -0.43
N VAL B 557 -6.58 -52.05 0.16
CA VAL B 557 -6.96 -51.42 1.41
C VAL B 557 -6.04 -51.86 2.56
N ALA B 558 -5.77 -53.15 2.63
CA ALA B 558 -4.95 -53.70 3.70
C ALA B 558 -3.49 -53.26 3.65
N VAL B 559 -2.92 -53.25 2.45
CA VAL B 559 -1.51 -52.90 2.31
C VAL B 559 -1.26 -51.40 2.49
N ARG B 560 -2.23 -50.57 2.09
CA ARG B 560 -2.09 -49.13 2.24
C ARG B 560 -2.21 -48.74 3.70
N GLU B 561 -2.98 -49.52 4.44
CA GLU B 561 -3.16 -49.29 5.87
C GLU B 561 -1.88 -49.68 6.60
N ARG B 562 -1.17 -50.65 6.05
CA ARG B 562 0.08 -51.12 6.62
C ARG B 562 1.22 -50.11 6.37
N ILE B 563 1.20 -49.51 5.18
CA ILE B 563 2.14 -48.45 4.86
C ILE B 563 1.97 -47.27 5.81
N SER B 564 0.73 -46.95 6.14
CA SER B 564 0.41 -45.81 6.99
C SER B 564 0.74 -46.05 8.46
N ARG B 565 1.10 -47.27 8.81
CA ARG B 565 1.48 -47.62 10.18
C ARG B 565 2.98 -47.82 10.34
N SER B 566 3.70 -47.82 9.22
CA SER B 566 5.14 -48.10 9.23
C SER B 566 5.95 -47.11 10.05
N LYS B 567 5.41 -45.92 10.27
CA LYS B 567 6.09 -44.90 11.07
C LYS B 567 6.19 -45.33 12.54
N TYR B 568 5.33 -46.25 12.96
CA TYR B 568 5.30 -46.71 14.35
C TYR B 568 6.06 -48.02 14.55
N ILE B 569 6.57 -48.59 13.47
CA ILE B 569 7.37 -49.81 13.57
C ILE B 569 8.69 -49.52 14.27
N PRO B 570 8.98 -50.28 15.34
CA PRO B 570 10.20 -50.12 16.14
C PRO B 570 11.47 -50.16 15.29
N GLU B 571 12.52 -49.48 15.72
CA GLU B 571 13.77 -49.40 14.97
C GLU B 571 14.46 -50.75 14.81
N GLU B 572 14.12 -51.71 15.67
CA GLU B 572 14.74 -53.03 15.60
C GLU B 572 13.92 -54.01 14.78
N GLU B 573 12.79 -53.55 14.26
CA GLU B 573 11.92 -54.39 13.44
C GLU B 573 11.70 -53.80 12.04
N LEU B 574 12.73 -53.15 11.51
CA LEU B 574 12.65 -52.49 10.21
C LEU B 574 12.43 -53.45 9.04
N ALA B 575 12.57 -54.74 9.31
CA ALA B 575 12.30 -55.75 8.30
C ALA B 575 10.80 -55.80 7.99
N LYS B 576 10.00 -55.37 8.95
CA LYS B 576 8.55 -55.33 8.78
C LYS B 576 8.12 -54.22 7.82
N ILE B 577 9.00 -53.23 7.63
CA ILE B 577 8.73 -52.15 6.69
C ILE B 577 9.13 -52.58 5.28
N SER B 578 10.33 -53.11 5.15
CA SER B 578 10.84 -53.51 3.84
C SER B 578 10.01 -54.61 3.19
N SER B 579 9.40 -55.47 4.00
CA SER B 579 8.61 -56.58 3.48
C SER B 579 7.27 -56.15 2.90
N ILE B 580 6.90 -54.89 3.13
CA ILE B 580 5.67 -54.33 2.57
C ILE B 580 5.78 -54.27 1.05
N ASN B 581 7.01 -54.04 0.57
CA ASN B 581 7.29 -53.96 -0.86
C ASN B 581 6.81 -55.18 -1.64
N GLU B 582 7.08 -56.37 -1.11
CA GLU B 582 6.64 -57.59 -1.76
C GLU B 582 5.12 -57.72 -1.74
N GLU B 583 4.51 -57.31 -0.63
CA GLU B 583 3.06 -57.38 -0.48
C GLU B 583 2.37 -56.46 -1.47
N ILE B 584 3.00 -55.31 -1.75
CA ILE B 584 2.49 -54.39 -2.75
C ILE B 584 2.52 -55.04 -4.13
N LYS B 585 3.67 -55.61 -4.49
CA LYS B 585 3.84 -56.26 -5.79
C LYS B 585 2.84 -57.39 -6.00
N GLU B 586 2.62 -58.19 -4.95
CA GLU B 586 1.72 -59.33 -5.01
C GLU B 586 0.27 -58.93 -5.25
N THR B 587 -0.27 -58.10 -4.36
CA THR B 587 -1.69 -57.73 -4.41
C THR B 587 -2.07 -57.03 -5.71
N ILE B 588 -1.22 -56.11 -6.16
CA ILE B 588 -1.50 -55.35 -7.37
C ILE B 588 -1.48 -56.23 -8.63
N GLN B 589 -0.52 -57.15 -8.70
CA GLN B 589 -0.44 -58.10 -9.81
C GLN B 589 -1.69 -58.99 -9.82
N LEU B 590 -2.20 -59.30 -8.64
CA LEU B 590 -3.41 -60.10 -8.50
C LEU B 590 -4.63 -59.33 -8.97
N ILE B 591 -4.61 -58.01 -8.74
CA ILE B 591 -5.71 -57.15 -9.17
C ILE B 591 -5.77 -57.05 -10.69
N VAL B 592 -4.59 -57.04 -11.33
CA VAL B 592 -4.51 -57.03 -12.78
C VAL B 592 -5.12 -58.30 -13.37
N SER B 593 -4.99 -59.41 -12.66
CA SER B 593 -5.57 -60.68 -13.09
C SER B 593 -7.06 -60.78 -12.72
N MSE C 8 40.16 41.33 -8.17
CA MSE C 8 40.94 41.75 -7.03
C MSE C 8 40.72 40.84 -5.81
O MSE C 8 41.66 40.26 -5.28
CB MSE C 8 40.63 43.20 -6.65
CG MSE C 8 41.46 44.23 -7.39
SE MSE C 8 43.31 44.38 -6.75
CE MSE C 8 44.16 43.07 -7.92
N GLN C 9 39.46 40.72 -5.40
CA GLN C 9 39.13 39.98 -4.18
C GLN C 9 39.34 38.48 -4.35
N ILE C 10 40.00 37.88 -3.35
CA ILE C 10 40.21 36.44 -3.34
C ILE C 10 39.48 35.84 -2.16
N GLY C 11 38.58 34.91 -2.43
CA GLY C 11 37.86 34.21 -1.38
C GLY C 11 38.71 33.10 -0.80
N LYS C 12 38.27 32.55 0.32
CA LYS C 12 38.97 31.43 0.94
C LYS C 12 37.97 30.35 1.34
N ILE C 13 38.22 29.13 0.87
CA ILE C 13 37.34 28.00 1.17
C ILE C 13 37.33 27.71 2.67
N ILE C 14 36.13 27.53 3.22
CA ILE C 14 35.97 27.19 4.63
C ILE C 14 35.22 25.88 4.81
N LYS C 15 34.71 25.33 3.72
CA LYS C 15 33.99 24.05 3.76
C LYS C 15 33.92 23.38 2.40
N VAL C 16 34.20 22.09 2.36
CA VAL C 16 33.96 21.28 1.16
C VAL C 16 33.15 20.04 1.53
N SER C 17 32.04 19.85 0.85
CA SER C 17 31.19 18.69 1.09
C SER C 17 30.57 18.21 -0.22
N GLY C 18 31.22 17.28 -0.88
CA GLY C 18 30.80 16.86 -2.21
C GLY C 18 30.92 18.04 -3.16
N PRO C 19 29.88 18.26 -3.98
CA PRO C 19 29.86 19.34 -4.98
C PRO C 19 29.55 20.71 -4.37
N LEU C 20 29.38 20.77 -3.05
CA LEU C 20 29.09 22.03 -2.38
C LEU C 20 30.32 22.59 -1.68
N VAL C 21 30.69 23.82 -2.03
CA VAL C 21 31.85 24.48 -1.43
C VAL C 21 31.45 25.84 -0.86
N MSE C 22 31.87 26.13 0.37
CA MSE C 22 31.64 27.42 1.00
C MSE C 22 32.93 28.24 1.08
O MSE C 22 33.97 27.72 1.48
CB MSE C 22 31.00 27.27 2.38
CB MSE C 22 31.10 27.25 2.42
CG MSE C 22 29.62 26.61 2.33
CG MSE C 22 29.61 27.49 2.59
SE MSE C 22 28.66 26.62 4.03
SE MSE C 22 28.51 26.14 1.71
CE MSE C 22 27.03 25.71 3.46
CE MSE C 22 29.55 24.56 2.13
N ALA C 23 32.85 29.51 0.70
CA ALA C 23 34.01 30.37 0.72
C ALA C 23 33.68 31.71 1.36
N GLU C 24 34.53 32.16 2.27
CA GLU C 24 34.36 33.46 2.91
C GLU C 24 35.09 34.54 2.11
N ASN C 25 34.90 35.80 2.52
CA ASN C 25 35.48 36.95 1.83
C ASN C 25 35.07 37.02 0.36
N MSE C 26 33.77 36.86 0.11
CA MSE C 26 33.24 36.87 -1.25
C MSE C 26 32.22 37.99 -1.45
O MSE C 26 31.37 37.92 -2.34
CB MSE C 26 32.59 35.53 -1.60
CG MSE C 26 33.56 34.34 -1.66
SE MSE C 26 34.69 34.37 -3.25
CE MSE C 26 33.36 33.93 -4.58
N SER C 27 32.31 39.03 -0.63
CA SER C 27 31.32 40.09 -0.58
C SER C 27 31.25 40.98 -1.84
N GLU C 28 32.27 40.92 -2.69
CA GLU C 28 32.27 41.70 -3.92
C GLU C 28 31.64 40.92 -5.06
N ALA C 29 31.49 39.62 -4.86
CA ALA C 29 30.87 38.77 -5.87
C ALA C 29 29.36 38.87 -5.80
N SER C 30 28.68 38.39 -6.85
CA SER C 30 27.23 38.43 -6.90
C SER C 30 26.65 37.04 -7.11
N ILE C 31 25.37 36.88 -6.76
CA ILE C 31 24.66 35.62 -6.94
C ILE C 31 24.69 35.20 -8.42
N GLN C 32 24.91 33.90 -8.65
CA GLN C 32 24.99 33.28 -9.98
C GLN C 32 26.31 33.52 -10.71
N ASP C 33 27.25 34.22 -10.07
CA ASP C 33 28.59 34.40 -10.64
C ASP C 33 29.30 33.07 -10.78
N MSE C 34 30.02 32.89 -11.88
CA MSE C 34 30.90 31.75 -12.06
C MSE C 34 32.20 32.00 -11.30
O MSE C 34 32.64 33.15 -11.21
CB MSE C 34 31.21 31.50 -13.53
CB MSE C 34 31.17 31.49 -13.54
CG MSE C 34 29.99 31.19 -14.37
CG MSE C 34 31.81 30.15 -13.85
SE MSE C 34 29.03 29.63 -13.69
SE MSE C 34 33.70 30.29 -14.31
CE MSE C 34 30.26 28.26 -14.26
CE MSE C 34 33.52 31.10 -16.08
N CYS C 35 32.81 30.96 -10.74
CA CYS C 35 34.06 31.11 -10.02
C CYS C 35 35.06 30.00 -10.33
N LEU C 36 36.33 30.29 -10.09
CA LEU C 36 37.37 29.26 -10.13
C LEU C 36 37.68 28.85 -8.70
N VAL C 37 37.44 27.58 -8.38
CA VAL C 37 37.49 27.10 -7.00
C VAL C 37 38.78 26.32 -6.69
N GLY C 38 39.46 26.71 -5.62
CA GLY C 38 40.62 25.97 -5.13
C GLY C 38 41.88 26.23 -5.92
N ASP C 39 42.95 25.53 -5.54
CA ASP C 39 44.23 25.61 -6.25
C ASP C 39 44.08 25.16 -7.71
N LEU C 40 43.22 24.17 -7.92
CA LEU C 40 42.99 23.61 -9.26
C LEU C 40 42.18 24.56 -10.14
N GLY C 41 41.42 25.44 -9.50
CA GLY C 41 40.59 26.38 -10.23
C GLY C 41 39.47 25.68 -10.97
N VAL C 42 38.85 24.71 -10.33
CA VAL C 42 37.70 24.03 -10.90
C VAL C 42 36.54 25.01 -11.05
N ILE C 43 35.65 24.73 -11.99
CA ILE C 43 34.59 25.66 -12.36
C ILE C 43 33.35 25.50 -11.48
N GLY C 44 32.88 26.59 -10.90
CA GLY C 44 31.72 26.56 -10.03
C GLY C 44 30.83 27.79 -10.15
N GLU C 45 29.74 27.81 -9.40
CA GLU C 45 28.78 28.90 -9.46
C GLU C 45 28.19 29.24 -8.08
N ILE C 46 28.15 30.53 -7.76
CA ILE C 46 27.58 30.98 -6.50
C ILE C 46 26.06 30.87 -6.51
N ILE C 47 25.52 30.08 -5.59
CA ILE C 47 24.07 29.88 -5.52
C ILE C 47 23.46 30.50 -4.26
N GLU C 48 24.31 30.83 -3.29
CA GLU C 48 23.88 31.47 -2.05
C GLU C 48 24.95 32.42 -1.55
N MSE C 49 24.52 33.44 -0.80
CA MSE C 49 25.44 34.34 -0.13
C MSE C 49 24.90 34.71 1.25
O MSE C 49 23.85 35.33 1.36
CB MSE C 49 25.64 35.62 -0.95
CG MSE C 49 26.56 36.64 -0.29
SE MSE C 49 28.44 36.21 -0.54
CE MSE C 49 28.49 36.23 -2.48
N ARG C 50 25.60 34.29 2.29
CA ARG C 50 25.25 34.69 3.65
C ARG C 50 26.36 35.56 4.21
N GLN C 51 26.07 36.85 4.35
CA GLN C 51 27.08 37.85 4.66
C GLN C 51 28.19 37.82 3.61
N ASP C 52 29.41 37.44 4.02
CA ASP C 52 30.52 37.38 3.08
C ASP C 52 30.81 35.95 2.64
N VAL C 53 30.04 35.00 3.16
CA VAL C 53 30.25 33.60 2.83
C VAL C 53 29.35 33.14 1.69
N ALA C 54 29.97 32.74 0.58
CA ALA C 54 29.25 32.26 -0.58
C ALA C 54 29.14 30.75 -0.58
N SER C 55 27.96 30.24 -0.94
CA SER C 55 27.78 28.81 -1.16
C SER C 55 27.96 28.54 -2.65
N ILE C 56 28.87 27.65 -2.98
CA ILE C 56 29.24 27.42 -4.37
C ILE C 56 28.91 26.00 -4.83
N GLN C 57 28.25 25.94 -5.98
CA GLN C 57 27.92 24.69 -6.64
C GLN C 57 28.98 24.40 -7.70
N VAL C 58 29.75 23.33 -7.51
CA VAL C 58 30.88 23.03 -8.38
C VAL C 58 30.51 22.09 -9.53
N TYR C 59 30.97 22.43 -10.74
CA TYR C 59 30.63 21.67 -11.93
C TYR C 59 31.69 20.65 -12.30
N GLU C 60 32.59 20.41 -11.35
CA GLU C 60 33.64 19.42 -11.54
C GLU C 60 33.85 18.69 -10.22
N GLU C 61 34.62 17.60 -10.25
CA GLU C 61 34.90 16.87 -9.03
C GLU C 61 35.71 17.71 -8.05
N THR C 62 35.39 17.60 -6.77
CA THR C 62 36.04 18.42 -5.74
C THR C 62 36.97 17.61 -4.86
N SER C 63 37.18 16.35 -5.23
CA SER C 63 38.13 15.50 -4.52
C SER C 63 39.50 16.16 -4.47
N GLY C 64 40.10 16.21 -3.29
CA GLY C 64 41.43 16.79 -3.14
C GLY C 64 41.39 18.27 -2.79
N ILE C 65 40.20 18.84 -2.72
CA ILE C 65 40.04 20.24 -2.34
C ILE C 65 39.63 20.35 -0.87
N GLY C 66 40.18 21.33 -0.17
CA GLY C 66 39.86 21.55 1.24
C GLY C 66 39.97 23.02 1.63
N PRO C 67 39.63 23.33 2.88
CA PRO C 67 39.65 24.70 3.43
C PRO C 67 41.00 25.39 3.32
N GLY C 68 40.99 26.70 3.10
CA GLY C 68 42.22 27.48 3.03
C GLY C 68 42.63 27.83 1.61
N GLU C 69 42.01 27.18 0.64
CA GLU C 69 42.35 27.39 -0.77
C GLU C 69 41.61 28.61 -1.31
N PRO C 70 42.16 29.27 -2.34
CA PRO C 70 41.54 30.47 -2.89
C PRO C 70 40.31 30.20 -3.75
N VAL C 71 39.44 31.19 -3.85
CA VAL C 71 38.32 31.16 -4.79
C VAL C 71 38.24 32.53 -5.46
N ARG C 72 38.14 32.55 -6.79
CA ARG C 72 38.04 33.80 -7.53
C ARG C 72 36.81 33.82 -8.42
N SER C 73 35.99 34.85 -8.25
CA SER C 73 34.83 35.06 -9.11
C SER C 73 35.25 35.62 -10.48
N THR C 74 34.55 35.24 -11.53
CA THR C 74 34.82 35.75 -12.87
C THR C 74 33.99 37.00 -13.15
N GLY C 75 32.99 37.26 -12.30
CA GLY C 75 32.16 38.43 -12.44
C GLY C 75 31.05 38.26 -13.47
N GLU C 76 30.92 37.05 -13.99
CA GLU C 76 29.91 36.76 -15.00
C GLU C 76 29.16 35.47 -14.68
N ALA C 77 27.88 35.44 -15.03
CA ALA C 77 27.04 34.26 -14.85
C ALA C 77 27.43 33.20 -15.89
N LEU C 78 26.93 31.98 -15.72
CA LEU C 78 27.17 30.89 -16.66
C LEU C 78 26.66 31.26 -18.05
N SER C 79 27.55 31.20 -19.03
CA SER C 79 27.24 31.67 -20.37
C SER C 79 27.69 30.70 -21.46
N VAL C 80 27.22 30.93 -22.68
CA VAL C 80 27.67 30.18 -23.85
C VAL C 80 28.24 31.12 -24.91
N GLU C 81 29.23 30.62 -25.65
CA GLU C 81 29.71 31.34 -26.83
C GLU C 81 28.84 30.93 -28.00
N LEU C 82 28.30 31.91 -28.71
CA LEU C 82 27.40 31.64 -29.83
C LEU C 82 27.96 32.25 -31.11
N GLY C 83 28.40 31.39 -32.02
CA GLY C 83 29.00 31.85 -33.25
C GLY C 83 29.42 30.68 -34.12
N PRO C 84 30.01 30.98 -35.29
CA PRO C 84 30.50 29.94 -36.20
C PRO C 84 31.45 28.96 -35.52
N GLY C 85 31.21 27.67 -35.72
CA GLY C 85 32.02 26.62 -35.13
C GLY C 85 31.26 25.84 -34.08
N ILE C 86 29.94 25.99 -34.09
CA ILE C 86 29.12 25.38 -33.05
C ILE C 86 28.40 24.13 -33.59
N ILE C 87 28.10 24.13 -34.88
CA ILE C 87 27.41 23.00 -35.51
C ILE C 87 28.34 21.80 -35.70
N SER C 88 27.81 20.61 -35.43
CA SER C 88 28.52 19.33 -35.56
C SER C 88 29.53 19.07 -34.44
N GLN C 89 29.54 19.91 -33.42
CA GLN C 89 30.47 19.73 -32.30
C GLN C 89 29.81 19.01 -31.13
N MSE C 90 30.62 18.30 -30.35
CA MSE C 90 30.15 17.77 -29.08
C MSE C 90 30.77 18.56 -27.92
O MSE C 90 31.99 18.65 -27.80
CB MSE C 90 30.48 16.28 -28.92
CG MSE C 90 30.25 15.77 -27.50
SE MSE C 90 30.50 13.85 -27.25
CE MSE C 90 28.89 13.22 -28.14
N PHE C 91 29.92 19.12 -27.08
CA PHE C 91 30.36 19.87 -25.91
C PHE C 91 29.99 19.11 -24.64
N ASP C 92 30.63 19.45 -23.53
CA ASP C 92 30.17 18.96 -22.23
C ASP C 92 29.08 19.88 -21.69
N GLY C 93 28.68 19.67 -20.44
CA GLY C 93 27.59 20.44 -19.85
C GLY C 93 27.79 21.94 -19.84
N ILE C 94 29.04 22.38 -19.74
CA ILE C 94 29.34 23.80 -19.68
C ILE C 94 30.02 24.30 -20.96
N GLN C 95 29.66 23.66 -22.08
CA GLN C 95 30.11 24.04 -23.41
C GLN C 95 31.63 24.03 -23.61
N ARG C 96 32.29 23.01 -23.08
CA ARG C 96 33.69 22.79 -23.41
C ARG C 96 33.78 21.71 -24.48
N PRO C 97 34.48 22.00 -25.58
CA PRO C 97 34.58 21.04 -26.69
C PRO C 97 35.35 19.78 -26.28
N LEU C 98 34.70 18.63 -26.37
CA LEU C 98 35.26 17.39 -25.85
C LEU C 98 36.38 16.81 -26.74
N ASP C 99 36.37 17.17 -28.02
CA ASP C 99 37.42 16.71 -28.93
C ASP C 99 38.71 17.51 -28.71
N THR C 100 38.56 18.83 -28.57
CA THR C 100 39.71 19.69 -28.29
C THR C 100 40.29 19.35 -26.93
N PHE C 101 39.40 19.02 -25.99
CA PHE C 101 39.76 18.58 -24.65
C PHE C 101 40.73 17.40 -24.74
N MSE C 102 40.43 16.47 -25.64
CA MSE C 102 41.21 15.26 -25.82
C MSE C 102 42.58 15.57 -26.41
O MSE C 102 43.58 14.97 -26.02
CB MSE C 102 40.46 14.30 -26.73
CG MSE C 102 41.09 12.94 -26.87
SE MSE C 102 39.95 11.79 -27.95
CE MSE C 102 38.26 12.31 -27.15
N GLU C 103 42.61 16.48 -27.38
CA GLU C 103 43.86 16.83 -28.06
C GLU C 103 44.78 17.62 -27.14
N VAL C 104 44.21 18.57 -26.40
CA VAL C 104 44.99 19.41 -25.51
C VAL C 104 45.61 18.61 -24.37
N THR C 105 44.79 17.84 -23.67
CA THR C 105 45.26 17.09 -22.51
C THR C 105 45.97 15.79 -22.90
N GLN C 106 45.89 15.44 -24.18
CA GLN C 106 46.49 14.20 -24.69
C GLN C 106 46.00 12.99 -23.88
N SER C 107 44.71 12.98 -23.54
CA SER C 107 44.17 11.92 -22.70
C SER C 107 42.81 11.43 -23.21
N ASN C 108 42.53 10.15 -22.99
CA ASN C 108 41.24 9.57 -23.34
C ASN C 108 40.25 9.74 -22.21
N PHE C 109 40.68 10.39 -21.14
CA PHE C 109 39.86 10.55 -19.95
C PHE C 109 39.68 12.02 -19.61
N LEU C 110 38.73 12.32 -18.74
CA LEU C 110 38.38 13.71 -18.42
C LEU C 110 39.06 14.21 -17.15
N GLY C 111 39.98 15.16 -17.32
CA GLY C 111 40.66 15.78 -16.19
C GLY C 111 39.90 16.96 -15.65
N ARG C 112 40.50 17.67 -14.69
CA ARG C 112 39.83 18.77 -14.01
C ARG C 112 40.59 20.08 -14.15
N GLY C 113 39.86 21.19 -14.07
CA GLY C 113 40.46 22.50 -13.94
C GLY C 113 41.01 23.10 -15.23
N VAL C 114 40.66 22.51 -16.36
CA VAL C 114 41.11 23.04 -17.65
C VAL C 114 40.06 23.92 -18.29
N GLN C 115 40.46 25.14 -18.64
CA GLN C 115 39.54 26.09 -19.25
C GLN C 115 39.79 26.17 -20.75
N LEU C 116 38.90 25.53 -21.52
CA LEU C 116 38.96 25.63 -22.98
C LEU C 116 37.82 26.49 -23.49
N PRO C 117 38.13 27.40 -24.42
CA PRO C 117 37.09 28.17 -25.10
C PRO C 117 36.15 27.24 -25.85
N ALA C 118 34.87 27.55 -25.84
CA ALA C 118 33.86 26.73 -26.50
C ALA C 118 34.13 26.55 -27.99
N LEU C 119 34.42 27.65 -28.68
CA LEU C 119 34.58 27.63 -30.12
C LEU C 119 36.06 27.74 -30.52
N ASP C 120 36.34 27.42 -31.78
CA ASP C 120 37.68 27.61 -32.34
C ASP C 120 37.86 29.08 -32.68
N HIS C 121 38.57 29.80 -31.82
CA HIS C 121 38.80 31.23 -32.01
C HIS C 121 39.89 31.52 -33.04
N GLU C 122 40.50 30.48 -33.58
CA GLU C 122 41.58 30.63 -34.56
C GLU C 122 41.15 30.26 -35.97
N LYS C 123 40.01 29.58 -36.10
CA LYS C 123 39.55 29.13 -37.42
C LYS C 123 39.09 30.29 -38.30
N GLN C 124 39.48 30.25 -39.56
CA GLN C 124 39.07 31.26 -40.53
C GLN C 124 37.73 30.92 -41.17
N TRP C 125 36.82 31.89 -41.17
CA TRP C 125 35.52 31.74 -41.81
C TRP C 125 35.32 32.84 -42.84
N TRP C 126 34.60 32.55 -43.91
CA TRP C 126 34.24 33.61 -44.85
C TRP C 126 32.94 34.30 -44.44
N PHE C 127 33.06 35.58 -44.07
CA PHE C 127 31.91 36.39 -43.72
C PHE C 127 31.40 37.13 -44.95
N GLU C 128 30.16 36.85 -45.34
CA GLU C 128 29.54 37.54 -46.46
C GLU C 128 28.63 38.65 -45.94
N ALA C 129 29.06 39.89 -46.09
CA ALA C 129 28.28 41.04 -45.64
C ALA C 129 27.08 41.24 -46.55
N THR C 130 25.90 41.37 -45.94
CA THR C 130 24.67 41.52 -46.71
C THR C 130 23.97 42.84 -46.45
N ILE C 131 24.42 43.56 -45.43
CA ILE C 131 23.79 44.82 -45.06
C ILE C 131 24.61 46.04 -45.51
N GLU C 132 23.90 47.10 -45.89
CA GLU C 132 24.54 48.32 -46.40
C GLU C 132 24.95 49.25 -45.27
N GLU C 133 26.05 49.98 -45.48
CA GLU C 133 26.52 50.95 -44.50
C GLU C 133 25.56 52.13 -44.41
N GLY C 134 25.36 52.63 -43.19
CA GLY C 134 24.43 53.72 -42.97
C GLY C 134 23.05 53.24 -42.53
N THR C 135 22.88 51.92 -42.46
CA THR C 135 21.61 51.33 -42.07
C THR C 135 21.42 51.38 -40.57
N GLU C 136 20.21 51.74 -40.13
CA GLU C 136 19.86 51.69 -38.72
C GLU C 136 19.51 50.26 -38.33
N VAL C 137 20.22 49.72 -37.33
CA VAL C 137 19.98 48.35 -36.89
C VAL C 137 19.64 48.28 -35.41
N SER C 138 19.06 47.16 -35.01
CA SER C 138 18.79 46.86 -33.61
C SER C 138 18.92 45.36 -33.41
N ALA C 139 18.71 44.91 -32.17
CA ALA C 139 18.90 43.49 -31.82
C ALA C 139 18.18 42.54 -32.78
N GLY C 140 18.91 41.53 -33.26
CA GLY C 140 18.32 40.52 -34.12
C GLY C 140 18.51 40.79 -35.60
N ASP C 141 18.85 42.03 -35.96
CA ASP C 141 19.08 42.37 -37.35
C ASP C 141 20.31 41.65 -37.90
N ILE C 142 20.17 41.10 -39.10
CA ILE C 142 21.25 40.37 -39.75
C ILE C 142 22.16 41.32 -40.51
N ILE C 143 23.47 41.23 -40.24
CA ILE C 143 24.44 42.06 -40.94
C ILE C 143 25.18 41.29 -42.02
N GLY C 144 25.05 39.96 -41.97
CA GLY C 144 25.72 39.10 -42.94
C GLY C 144 25.59 37.64 -42.53
N TYR C 145 26.31 36.76 -43.20
CA TYR C 145 26.22 35.33 -42.87
C TYR C 145 27.51 34.55 -43.11
N VAL C 146 27.54 33.33 -42.59
CA VAL C 146 28.61 32.39 -42.86
C VAL C 146 28.04 31.03 -43.22
N ASP C 147 28.45 30.47 -44.35
CA ASP C 147 28.05 29.13 -44.72
C ASP C 147 28.79 28.12 -43.85
N GLU C 148 28.29 27.88 -42.64
CA GLU C 148 28.95 26.97 -41.70
C GLU C 148 28.91 25.53 -42.22
N THR C 149 27.82 25.17 -42.90
CA THR C 149 27.74 23.90 -43.61
C THR C 149 27.22 24.18 -45.01
N LYS C 150 27.07 23.14 -45.82
CA LYS C 150 26.58 23.29 -47.18
C LYS C 150 25.15 23.83 -47.24
N ILE C 151 24.39 23.58 -46.17
CA ILE C 151 22.99 23.97 -46.12
C ILE C 151 22.68 25.05 -45.08
N ILE C 152 23.14 24.85 -43.85
CA ILE C 152 22.88 25.81 -42.78
C ILE C 152 23.71 27.09 -42.90
N GLN C 153 23.04 28.19 -43.19
CA GLN C 153 23.65 29.51 -43.14
C GLN C 153 23.70 29.98 -41.69
N HIS C 154 24.89 30.32 -41.21
CA HIS C 154 25.02 30.93 -39.90
C HIS C 154 24.88 32.44 -40.04
N LYS C 155 23.73 32.96 -39.63
CA LYS C 155 23.43 34.39 -39.77
C LYS C 155 24.00 35.19 -38.60
N ILE C 156 24.75 36.24 -38.93
CA ILE C 156 25.37 37.09 -37.91
C ILE C 156 24.43 38.21 -37.53
N MSE C 157 23.89 38.15 -36.31
CA MSE C 157 22.87 39.07 -35.88
C MSE C 157 23.42 40.11 -34.90
O MSE C 157 24.39 39.85 -34.18
CB MSE C 157 21.72 38.32 -35.22
CG MSE C 157 21.05 37.31 -36.13
SE MSE C 157 19.80 36.16 -35.17
CE MSE C 157 21.06 35.25 -33.99
N VAL C 158 22.81 41.28 -34.90
CA VAL C 158 23.14 42.33 -33.93
C VAL C 158 22.73 41.85 -32.54
N PRO C 159 23.70 41.75 -31.62
CA PRO C 159 23.45 41.26 -30.26
C PRO C 159 22.43 42.13 -29.54
N ASN C 160 21.73 41.55 -28.58
CA ASN C 160 20.79 42.29 -27.75
C ASN C 160 21.52 43.37 -26.97
N GLY C 161 20.92 44.54 -26.87
CA GLY C 161 21.52 45.66 -26.17
C GLY C 161 22.29 46.61 -27.06
N ILE C 162 22.40 46.25 -28.33
CA ILE C 162 23.08 47.10 -29.31
C ILE C 162 22.09 47.75 -30.26
N LYS C 163 22.21 49.06 -30.43
CA LYS C 163 21.32 49.82 -31.31
C LYS C 163 22.07 51.02 -31.90
N GLY C 164 22.02 51.16 -33.23
CA GLY C 164 22.66 52.27 -33.88
C GLY C 164 22.73 52.14 -35.39
N THR C 165 23.72 52.79 -35.97
CA THR C 165 23.88 52.85 -37.42
C THR C 165 25.14 52.11 -37.86
N VAL C 166 25.01 51.25 -38.87
CA VAL C 166 26.16 50.57 -39.44
C VAL C 166 27.10 51.58 -40.09
N GLN C 167 28.32 51.69 -39.57
CA GLN C 167 29.27 52.66 -40.10
C GLN C 167 30.24 52.01 -41.08
N LYS C 168 30.80 50.88 -40.69
CA LYS C 168 31.75 50.16 -41.53
C LYS C 168 31.48 48.66 -41.54
N ILE C 169 31.50 48.06 -42.73
CA ILE C 169 31.29 46.62 -42.88
C ILE C 169 31.74 46.17 -44.28
N GLU C 170 32.23 44.94 -44.36
CA GLU C 170 32.66 44.36 -45.63
C GLU C 170 32.89 42.87 -45.50
N SER C 171 32.70 42.16 -46.60
CA SER C 171 32.93 40.72 -46.65
C SER C 171 34.42 40.42 -46.48
N GLY C 172 34.74 39.18 -46.09
CA GLY C 172 36.12 38.79 -45.95
C GLY C 172 36.32 37.58 -45.08
N SER C 173 37.58 37.15 -44.96
CA SER C 173 37.94 36.02 -44.13
C SER C 173 38.40 36.52 -42.76
N PHE C 174 37.72 36.08 -41.71
CA PHE C 174 38.04 36.50 -40.35
C PHE C 174 38.00 35.31 -39.39
N THR C 175 38.54 35.50 -38.19
CA THR C 175 38.27 34.61 -37.07
C THR C 175 37.10 35.21 -36.30
N ILE C 176 36.61 34.51 -35.29
CA ILE C 176 35.46 35.00 -34.53
C ILE C 176 35.85 36.09 -33.51
N ASP C 177 37.13 36.43 -33.48
CA ASP C 177 37.61 37.50 -32.61
C ASP C 177 37.80 38.80 -33.37
N ASP C 178 37.92 38.70 -34.69
CA ASP C 178 38.14 39.88 -35.53
C ASP C 178 36.88 40.73 -35.62
N PRO C 179 37.05 42.05 -35.53
CA PRO C 179 35.93 42.99 -35.71
C PRO C 179 35.49 43.03 -37.16
N ILE C 180 34.23 42.74 -37.43
CA ILE C 180 33.72 42.67 -38.80
C ILE C 180 32.75 43.81 -39.11
N CYS C 181 32.40 44.59 -38.09
CA CYS C 181 31.39 45.63 -38.25
C CYS C 181 31.49 46.68 -37.16
N VAL C 182 31.36 47.95 -37.55
CA VAL C 182 31.34 49.05 -36.60
C VAL C 182 29.99 49.73 -36.62
N ILE C 183 29.35 49.82 -35.45
CA ILE C 183 28.05 50.46 -35.34
C ILE C 183 28.11 51.72 -34.47
N GLU C 184 27.62 52.83 -35.03
CA GLU C 184 27.57 54.09 -34.30
C GLU C 184 26.35 54.12 -33.37
N THR C 185 26.60 53.97 -32.08
CA THR C 185 25.53 54.01 -31.09
C THR C 185 25.53 55.34 -30.37
N GLU C 186 24.47 55.61 -29.60
CA GLU C 186 24.37 56.85 -28.84
C GLU C 186 25.41 56.88 -27.72
N GLN C 187 25.91 55.71 -27.35
CA GLN C 187 26.95 55.58 -26.34
C GLN C 187 28.33 55.51 -26.98
N GLY C 188 28.42 55.87 -28.26
CA GLY C 188 29.68 55.85 -28.97
C GLY C 188 29.83 54.66 -29.89
N LEU C 189 31.00 54.52 -30.51
CA LEU C 189 31.26 53.43 -31.44
C LEU C 189 31.47 52.09 -30.74
N LYS C 190 30.84 51.07 -31.27
CA LYS C 190 31.00 49.71 -30.76
C LYS C 190 31.33 48.76 -31.90
N GLU C 191 32.32 47.90 -31.69
CA GLU C 191 32.71 46.91 -32.69
C GLU C 191 31.98 45.60 -32.45
N LEU C 192 31.63 44.93 -33.54
CA LEU C 192 30.97 43.62 -33.44
C LEU C 192 31.83 42.54 -34.08
N THR C 193 31.81 41.35 -33.48
CA THR C 193 32.46 40.19 -34.04
C THR C 193 31.38 39.20 -34.49
N MSE C 194 31.81 38.03 -34.96
CA MSE C 194 30.86 37.01 -35.37
C MSE C 194 30.31 36.23 -34.19
O MSE C 194 29.40 35.42 -34.33
CB MSE C 194 31.51 36.05 -36.37
CG MSE C 194 31.74 36.67 -37.74
SE MSE C 194 32.41 35.40 -39.07
CE MSE C 194 34.18 35.09 -38.35
N MSE C 195 30.85 36.51 -33.01
CA MSE C 195 30.47 35.78 -31.79
C MSE C 195 29.77 36.69 -30.77
O MSE C 195 30.13 37.86 -30.62
CB MSE C 195 31.70 35.12 -31.15
CG MSE C 195 31.38 34.09 -30.08
SE MSE C 195 31.40 34.79 -28.25
CE MSE C 195 33.31 35.13 -28.11
N GLN C 196 28.77 36.14 -30.09
CA GLN C 196 28.13 36.81 -28.97
C GLN C 196 27.95 35.84 -27.82
N LYS C 197 28.05 36.35 -26.60
CA LYS C 197 27.84 35.53 -25.41
C LYS C 197 26.42 35.74 -24.87
N TRP C 198 25.92 34.75 -24.14
CA TRP C 198 24.60 34.83 -23.54
C TRP C 198 24.52 33.95 -22.29
N PRO C 199 23.89 34.44 -21.22
CA PRO C 199 23.69 33.66 -19.99
C PRO C 199 22.65 32.58 -20.22
N VAL C 200 23.00 31.33 -19.93
CA VAL C 200 22.14 30.19 -20.26
C VAL C 200 20.84 30.10 -19.45
N ARG C 201 20.79 30.78 -18.32
CA ARG C 201 19.59 30.75 -17.48
C ARG C 201 18.64 31.89 -17.82
N ARG C 202 19.00 32.69 -18.81
CA ARG C 202 18.12 33.76 -19.29
C ARG C 202 17.61 33.41 -20.69
N GLY C 203 16.29 33.40 -20.84
CA GLY C 203 15.69 33.15 -22.14
C GLY C 203 16.03 34.26 -23.11
N ARG C 204 16.51 33.89 -24.31
CA ARG C 204 16.79 34.88 -25.33
C ARG C 204 15.48 35.55 -25.76
N PRO C 205 15.46 36.89 -25.75
CA PRO C 205 14.24 37.66 -25.99
C PRO C 205 13.73 37.55 -27.43
N ILE C 206 12.41 37.58 -27.56
CA ILE C 206 11.74 37.45 -28.84
C ILE C 206 10.78 38.61 -28.99
N LYS C 207 10.17 38.74 -30.17
CA LYS C 207 9.14 39.75 -30.34
C LYS C 207 7.80 39.21 -29.86
N GLN C 208 7.48 38.00 -30.28
CA GLN C 208 6.14 37.45 -30.10
C GLN C 208 6.18 35.94 -30.09
N LYS C 209 5.46 35.34 -29.14
CA LYS C 209 5.30 33.89 -29.12
C LYS C 209 4.03 33.55 -29.91
N LEU C 210 4.08 32.46 -30.67
CA LEU C 210 2.97 32.09 -31.54
C LEU C 210 2.43 30.70 -31.23
N ASN C 211 1.27 30.38 -31.81
CA ASN C 211 0.66 29.07 -31.68
C ASN C 211 1.31 28.07 -32.63
N PRO C 212 1.83 26.96 -32.09
CA PRO C 212 2.47 25.93 -32.92
C PRO C 212 1.42 25.05 -33.58
N ASP C 213 1.14 25.28 -34.86
CA ASP C 213 0.03 24.61 -35.53
C ASP C 213 0.45 23.71 -36.70
N VAL C 214 1.73 23.74 -37.06
CA VAL C 214 2.22 22.88 -38.13
C VAL C 214 2.80 21.58 -37.58
N PRO C 215 2.16 20.45 -37.90
CA PRO C 215 2.59 19.16 -37.36
C PRO C 215 3.99 18.76 -37.82
N MSE C 216 4.76 18.22 -36.89
CA MSE C 216 6.07 17.68 -37.20
C MSE C 216 5.92 16.33 -37.86
O MSE C 216 5.13 15.49 -37.40
CB MSE C 216 6.94 17.58 -35.93
CB MSE C 216 6.87 17.49 -35.92
CG MSE C 216 8.38 17.14 -36.17
CG MSE C 216 8.27 16.99 -36.15
SE MSE C 216 9.58 17.64 -34.68
SE MSE C 216 9.35 18.50 -36.63
CE MSE C 216 9.35 19.56 -34.82
CE MSE C 216 9.46 19.29 -34.85
N ILE C 217 6.66 16.10 -38.95
CA ILE C 217 6.70 14.78 -39.56
C ILE C 217 7.86 14.00 -38.97
N THR C 218 7.55 13.07 -38.07
CA THR C 218 8.57 12.22 -37.45
C THR C 218 8.70 10.91 -38.22
N GLY C 219 7.67 10.59 -39.00
CA GLY C 219 7.66 9.37 -39.79
C GLY C 219 7.33 8.13 -38.97
N GLN C 220 7.14 8.32 -37.67
CA GLN C 220 6.77 7.24 -36.77
C GLN C 220 5.26 7.21 -36.64
N ARG C 221 4.65 6.12 -37.11
CA ARG C 221 3.19 6.04 -37.29
C ARG C 221 2.35 6.35 -36.05
N VAL C 222 2.67 5.73 -34.91
CA VAL C 222 1.88 5.96 -33.71
C VAL C 222 1.90 7.44 -33.30
N ILE C 223 3.05 8.08 -33.48
CA ILE C 223 3.20 9.48 -33.13
C ILE C 223 2.48 10.40 -34.12
N ASP C 224 2.87 10.34 -35.38
CA ASP C 224 2.30 11.24 -36.40
C ASP C 224 0.78 11.10 -36.51
N THR C 225 0.26 9.91 -36.23
CA THR C 225 -1.16 9.64 -36.40
C THR C 225 -1.98 9.93 -35.14
N PHE C 226 -1.61 9.30 -34.04
CA PHE C 226 -2.43 9.36 -32.82
C PHE C 226 -2.00 10.41 -31.79
N PHE C 227 -0.70 10.62 -31.66
CA PHE C 227 -0.19 11.58 -30.68
C PHE C 227 0.85 12.52 -31.28
N PRO C 228 0.42 13.37 -32.24
CA PRO C 228 1.35 14.21 -33.00
C PRO C 228 1.89 15.39 -32.22
N VAL C 229 3.09 15.85 -32.60
CA VAL C 229 3.65 17.06 -32.05
C VAL C 229 3.83 18.08 -33.18
N THR C 230 3.63 19.36 -32.86
CA THR C 230 3.77 20.43 -33.84
C THR C 230 5.13 21.10 -33.71
N LYS C 231 5.52 21.87 -34.72
CA LYS C 231 6.76 22.64 -34.64
C LYS C 231 6.58 23.80 -33.66
N GLY C 232 7.26 23.70 -32.52
CA GLY C 232 7.10 24.66 -31.44
C GLY C 232 6.39 24.03 -30.26
N GLY C 233 6.03 22.76 -30.39
CA GLY C 233 5.36 22.05 -29.32
C GLY C 233 6.33 21.47 -28.30
N ALA C 234 5.78 20.89 -27.25
CA ALA C 234 6.60 20.26 -26.22
C ALA C 234 6.01 18.88 -25.88
N ALA C 235 6.87 17.87 -25.92
CA ALA C 235 6.43 16.50 -25.65
C ALA C 235 7.33 15.83 -24.62
N ALA C 236 6.74 14.99 -23.78
CA ALA C 236 7.51 14.19 -22.83
C ALA C 236 7.36 12.70 -23.15
N VAL C 237 8.44 11.96 -22.96
CA VAL C 237 8.42 10.50 -23.15
C VAL C 237 8.81 9.81 -21.84
N PRO C 238 7.85 9.66 -20.91
CA PRO C 238 8.15 8.99 -19.64
C PRO C 238 7.97 7.50 -19.76
N GLY C 239 8.95 6.73 -19.28
CA GLY C 239 8.86 5.29 -19.33
C GLY C 239 9.80 4.61 -18.35
N PRO C 240 9.52 3.34 -18.04
CA PRO C 240 10.38 2.54 -17.16
C PRO C 240 11.70 2.24 -17.85
N PHE C 241 12.65 1.65 -17.14
CA PHE C 241 13.93 1.32 -17.77
C PHE C 241 13.74 0.21 -18.80
N GLY C 242 14.51 0.30 -19.89
CA GLY C 242 14.49 -0.73 -20.93
C GLY C 242 13.23 -0.75 -21.77
N ALA C 243 12.60 0.40 -21.93
CA ALA C 243 11.36 0.50 -22.71
C ALA C 243 11.61 1.03 -24.12
N GLY C 244 12.88 1.28 -24.45
CA GLY C 244 13.25 1.75 -25.77
C GLY C 244 13.14 3.24 -25.98
N LYS C 245 13.31 4.02 -24.91
CA LYS C 245 13.21 5.48 -25.00
C LYS C 245 14.28 6.09 -25.91
N THR C 246 15.43 5.42 -25.99
CA THR C 246 16.56 5.92 -26.77
C THR C 246 16.32 5.83 -28.26
N VAL C 247 15.85 4.67 -28.72
CA VAL C 247 15.53 4.47 -30.12
C VAL C 247 14.45 5.45 -30.60
N VAL C 248 13.45 5.67 -29.74
CA VAL C 248 12.38 6.61 -30.02
C VAL C 248 12.92 8.01 -30.32
N GLN C 249 13.80 8.48 -29.45
CA GLN C 249 14.35 9.83 -29.56
C GLN C 249 15.32 9.96 -30.73
N HIS C 250 16.10 8.90 -30.98
CA HIS C 250 17.00 8.88 -32.13
C HIS C 250 16.23 8.90 -33.44
N GLN C 251 15.09 8.21 -33.48
CA GLN C 251 14.24 8.18 -34.67
C GLN C 251 13.73 9.58 -34.98
N ILE C 252 13.31 10.29 -33.95
CA ILE C 252 12.80 11.64 -34.10
C ILE C 252 13.93 12.56 -34.54
N ALA C 253 15.09 12.43 -33.92
CA ALA C 253 16.25 13.25 -34.25
C ALA C 253 16.71 13.07 -35.70
N LYS C 254 16.55 11.87 -36.23
CA LYS C 254 17.06 11.59 -37.56
C LYS C 254 16.04 11.82 -38.68
N TRP C 255 14.75 11.73 -38.35
CA TRP C 255 13.71 11.80 -39.37
C TRP C 255 12.85 13.07 -39.36
N SER C 256 12.85 13.81 -38.26
CA SER C 256 12.01 15.02 -38.17
C SER C 256 12.41 16.07 -39.20
N ASP C 257 11.41 16.82 -39.70
CA ASP C 257 11.68 17.84 -40.70
C ASP C 257 12.00 19.20 -40.10
N VAL C 258 13.06 19.24 -39.28
CA VAL C 258 13.55 20.49 -38.71
C VAL C 258 14.87 20.86 -39.37
N ASP C 259 15.31 22.10 -39.18
CA ASP C 259 16.57 22.54 -39.76
C ASP C 259 17.76 22.08 -38.92
N LEU C 260 17.58 22.05 -37.60
CA LEU C 260 18.68 21.76 -36.68
C LEU C 260 18.23 20.93 -35.49
N VAL C 261 19.11 20.06 -35.01
CA VAL C 261 18.82 19.25 -33.84
C VAL C 261 19.85 19.50 -32.75
N VAL C 262 19.39 19.91 -31.57
CA VAL C 262 20.26 20.02 -30.40
C VAL C 262 19.98 18.83 -29.49
N TYR C 263 20.94 17.92 -29.39
CA TYR C 263 20.74 16.71 -28.61
C TYR C 263 21.51 16.80 -27.29
N VAL C 264 20.79 16.73 -26.18
CA VAL C 264 21.41 16.84 -24.87
C VAL C 264 21.38 15.50 -24.13
N GLY C 265 22.55 14.89 -23.99
CA GLY C 265 22.69 13.69 -23.18
C GLY C 265 22.85 14.08 -21.73
N CYS C 266 21.75 14.08 -20.99
CA CYS C 266 21.75 14.59 -19.62
C CYS C 266 21.76 13.46 -18.59
N GLY C 267 22.93 13.19 -18.02
CA GLY C 267 23.07 12.20 -16.97
C GLY C 267 22.83 10.77 -17.43
N GLU C 268 23.09 10.49 -18.70
CA GLU C 268 22.85 9.15 -19.25
C GLU C 268 24.13 8.39 -19.63
N ARG C 269 23.97 7.35 -20.44
CA ARG C 269 25.07 6.45 -20.77
C ARG C 269 26.02 7.07 -21.77
N GLY C 270 27.32 6.88 -21.53
CA GLY C 270 28.35 7.42 -22.41
C GLY C 270 28.33 6.85 -23.81
N ASN C 271 28.03 5.55 -23.91
CA ASN C 271 28.00 4.87 -25.20
C ASN C 271 26.93 5.40 -26.15
N GLU C 272 25.88 5.99 -25.58
CA GLU C 272 24.81 6.56 -26.39
C GLU C 272 25.26 7.83 -27.10
N MSE C 273 26.21 8.53 -26.49
CA MSE C 273 26.79 9.71 -27.10
C MSE C 273 27.77 9.29 -28.19
O MSE C 273 27.88 9.94 -29.23
CB MSE C 273 27.48 10.59 -26.06
CG MSE C 273 26.54 11.13 -24.99
SE MSE C 273 25.28 12.48 -25.64
CE MSE C 273 23.80 11.34 -26.23
N THR C 274 28.48 8.20 -27.92
CA THR C 274 29.43 7.63 -28.87
C THR C 274 28.68 7.08 -30.08
N ASP C 275 27.53 6.48 -29.84
CA ASP C 275 26.70 5.96 -30.92
C ASP C 275 26.25 7.10 -31.82
N VAL C 276 25.85 8.23 -31.23
CA VAL C 276 25.38 9.36 -32.01
C VAL C 276 26.46 9.96 -32.92
N VAL C 277 27.66 10.19 -32.39
CA VAL C 277 28.75 10.75 -33.20
C VAL C 277 29.25 9.82 -34.29
N ASN C 278 28.91 8.53 -34.19
CA ASN C 278 29.34 7.56 -35.18
C ASN C 278 28.27 7.30 -36.24
N GLU C 279 27.02 7.33 -35.81
CA GLU C 279 25.89 7.02 -36.68
C GLU C 279 25.44 8.23 -37.48
N PHE C 280 25.32 9.38 -36.81
CA PHE C 280 24.83 10.61 -37.45
C PHE C 280 25.58 11.06 -38.73
N PRO C 281 26.93 11.05 -38.72
CA PRO C 281 27.61 11.42 -39.96
C PRO C 281 27.36 10.47 -41.13
N GLU C 282 26.80 9.30 -40.85
CA GLU C 282 26.57 8.29 -41.87
C GLU C 282 25.15 8.34 -42.42
N LEU C 283 24.31 9.16 -41.81
CA LEU C 283 22.92 9.27 -42.22
C LEU C 283 22.74 10.42 -43.22
N ILE C 284 22.66 10.07 -44.50
CA ILE C 284 22.68 11.06 -45.56
C ILE C 284 21.30 11.38 -46.13
N ASP C 285 20.92 12.65 -46.04
CA ASP C 285 19.71 13.14 -46.68
C ASP C 285 19.95 13.19 -48.19
N PRO C 286 19.22 12.36 -48.95
CA PRO C 286 19.42 12.25 -50.41
C PRO C 286 19.01 13.52 -51.15
N ASN C 287 18.06 14.26 -50.60
CA ASN C 287 17.62 15.52 -51.19
C ASN C 287 18.61 16.65 -50.90
N THR C 288 19.61 16.35 -50.09
CA THR C 288 20.58 17.36 -49.66
C THR C 288 22.01 16.92 -49.94
N GLY C 289 22.31 15.66 -49.66
CA GLY C 289 23.65 15.13 -49.82
C GLY C 289 24.46 15.31 -48.54
N GLU C 290 23.84 15.96 -47.56
CA GLU C 290 24.50 16.26 -46.29
C GLU C 290 24.06 15.30 -45.19
N SER C 291 24.97 15.01 -44.27
CA SER C 291 24.69 14.10 -43.17
C SER C 291 23.87 14.79 -42.08
N LEU C 292 23.32 13.98 -41.18
CA LEU C 292 22.55 14.49 -40.06
C LEU C 292 23.43 15.23 -39.06
N MSE C 293 24.72 14.87 -39.03
CA MSE C 293 25.68 15.51 -38.13
C MSE C 293 25.93 16.96 -38.52
O MSE C 293 26.24 17.80 -37.68
CB MSE C 293 26.99 14.74 -38.09
CG MSE C 293 27.87 15.08 -36.89
SE MSE C 293 27.05 14.51 -35.20
CE MSE C 293 27.66 15.98 -34.07
N GLU C 294 25.79 17.26 -39.81
CA GLU C 294 25.97 18.62 -40.31
C GLU C 294 24.78 19.52 -40.01
N ARG C 295 23.83 19.00 -39.23
CA ARG C 295 22.73 19.83 -38.74
C ARG C 295 22.46 19.54 -37.26
N THR C 296 23.46 18.99 -36.58
CA THR C 296 23.32 18.57 -35.19
C THR C 296 24.35 19.20 -34.25
N VAL C 297 23.88 19.61 -33.06
CA VAL C 297 24.77 20.00 -31.98
C VAL C 297 24.56 19.06 -30.80
N LEU C 298 25.65 18.52 -30.25
CA LEU C 298 25.57 17.56 -29.15
C LEU C 298 26.12 18.12 -27.85
N ILE C 299 25.34 17.97 -26.78
CA ILE C 299 25.76 18.36 -25.43
C ILE C 299 25.78 17.11 -24.57
N ALA C 300 26.93 16.77 -24.00
CA ALA C 300 27.08 15.52 -23.27
C ALA C 300 27.56 15.69 -21.83
N ASN C 301 26.71 15.32 -20.87
CA ASN C 301 27.15 15.17 -19.49
C ASN C 301 26.66 13.85 -18.89
N THR C 302 27.46 12.81 -19.08
CA THR C 302 27.09 11.45 -18.71
C THR C 302 26.77 11.28 -17.24
N SER C 303 26.22 10.11 -16.90
CA SER C 303 25.76 9.83 -15.54
C SER C 303 26.87 9.86 -14.50
N ASN C 304 28.10 9.55 -14.92
CA ASN C 304 29.23 9.56 -14.00
C ASN C 304 30.12 10.79 -14.14
N MSE C 305 29.67 11.75 -14.95
CA MSE C 305 30.30 13.06 -15.01
C MSE C 305 29.71 13.92 -13.88
O MSE C 305 28.74 13.50 -13.25
CB MSE C 305 30.09 13.67 -16.41
CG MSE C 305 31.16 13.23 -17.42
SE MSE C 305 30.78 13.63 -19.29
CE MSE C 305 31.13 15.55 -19.28
N PRO C 306 30.30 15.11 -13.60
CA PRO C 306 29.83 15.88 -12.43
C PRO C 306 28.33 16.15 -12.40
N VAL C 307 27.72 15.90 -11.25
CA VAL C 307 26.27 15.94 -11.09
C VAL C 307 25.66 17.30 -11.37
N ALA C 308 26.30 18.36 -10.89
CA ALA C 308 25.76 19.71 -11.06
C ALA C 308 25.77 20.14 -12.52
N ALA C 309 26.64 19.53 -13.31
CA ALA C 309 26.74 19.86 -14.73
C ALA C 309 25.58 19.30 -15.56
N ARG C 310 24.72 18.51 -14.94
CA ARG C 310 23.54 17.99 -15.64
C ARG C 310 22.58 19.13 -15.92
N GLU C 311 22.41 20.00 -14.93
CA GLU C 311 21.56 21.17 -15.06
C GLU C 311 22.11 22.11 -16.12
N ALA C 312 23.43 22.25 -16.12
CA ALA C 312 24.10 23.13 -17.08
C ALA C 312 23.91 22.65 -18.52
N SER C 313 23.98 21.33 -18.73
CA SER C 313 23.80 20.75 -20.06
C SER C 313 22.43 21.09 -20.63
N ILE C 314 21.43 21.05 -19.75
CA ILE C 314 20.06 21.40 -20.12
C ILE C 314 19.97 22.85 -20.62
N TYR C 315 20.51 23.78 -19.83
CA TYR C 315 20.42 25.20 -20.16
C TYR C 315 21.36 25.60 -21.31
N THR C 316 22.51 24.94 -21.39
CA THR C 316 23.43 25.13 -22.51
C THR C 316 22.72 24.78 -23.81
N GLY C 317 22.00 23.67 -23.80
CA GLY C 317 21.28 23.19 -24.96
C GLY C 317 20.14 24.10 -25.41
N ILE C 318 19.32 24.56 -24.47
CA ILE C 318 18.16 25.37 -24.83
C ILE C 318 18.58 26.75 -25.36
N THR C 319 19.66 27.30 -24.81
CA THR C 319 20.15 28.60 -25.24
C THR C 319 20.71 28.55 -26.66
N ILE C 320 21.43 27.48 -26.99
CA ILE C 320 21.93 27.28 -28.35
C ILE C 320 20.76 27.11 -29.33
N ALA C 321 19.71 26.42 -28.89
CA ALA C 321 18.52 26.24 -29.72
C ALA C 321 17.80 27.57 -29.98
N GLU C 322 17.76 28.43 -28.95
CA GLU C 322 17.15 29.75 -29.08
C GLU C 322 17.94 30.65 -30.01
N TYR C 323 19.26 30.46 -30.01
CA TYR C 323 20.15 31.23 -30.87
C TYR C 323 19.86 30.95 -32.34
N PHE C 324 19.72 29.67 -32.69
CA PHE C 324 19.40 29.29 -34.06
C PHE C 324 17.94 29.55 -34.41
N ARG C 325 17.07 29.48 -33.41
CA ARG C 325 15.67 29.87 -33.58
C ARG C 325 15.58 31.32 -34.04
N ASP C 326 16.39 32.18 -33.42
CA ASP C 326 16.41 33.61 -33.72
C ASP C 326 16.84 33.91 -35.16
N MSE C 327 17.50 32.95 -35.79
CA MSE C 327 17.92 33.10 -37.18
C MSE C 327 16.81 32.79 -38.17
O MSE C 327 16.94 33.05 -39.36
CB MSE C 327 19.11 32.18 -37.47
CG MSE C 327 20.35 32.48 -36.70
SE MSE C 327 21.74 31.20 -37.16
CE MSE C 327 23.00 31.61 -35.76
N GLY C 328 15.71 32.22 -37.67
CA GLY C 328 14.60 31.85 -38.53
C GLY C 328 14.52 30.35 -38.78
N TYR C 329 15.23 29.57 -37.98
CA TYR C 329 15.27 28.11 -38.15
C TYR C 329 14.29 27.37 -37.25
N ASP C 330 13.86 26.20 -37.70
CA ASP C 330 13.07 25.29 -36.88
C ASP C 330 14.02 24.32 -36.20
N VAL C 331 14.04 24.34 -34.88
CA VAL C 331 14.98 23.54 -34.11
C VAL C 331 14.23 22.55 -33.21
N ALA C 332 14.79 21.35 -33.07
CA ALA C 332 14.29 20.40 -32.11
C ALA C 332 15.35 20.17 -31.05
N ILE C 333 14.96 20.28 -29.78
CA ILE C 333 15.90 20.00 -28.69
C ILE C 333 15.49 18.73 -27.93
N MSE C 334 16.40 17.77 -27.90
CA MSE C 334 16.18 16.49 -27.24
C MSE C 334 16.91 16.47 -25.90
O MSE C 334 18.13 16.60 -25.87
CB MSE C 334 16.71 15.36 -28.13
CB MSE C 334 16.72 15.35 -28.11
CG MSE C 334 16.57 15.63 -29.62
CG MSE C 334 15.68 14.44 -28.74
SE MSE C 334 14.73 15.69 -30.24
SE MSE C 334 15.38 14.78 -30.64
CE MSE C 334 14.23 13.84 -29.89
CE MSE C 334 14.48 16.49 -30.48
N ALA C 335 16.16 16.33 -24.81
CA ALA C 335 16.78 16.20 -23.50
C ALA C 335 16.55 14.81 -22.93
N ASP C 336 17.64 14.05 -22.83
CA ASP C 336 17.58 12.69 -22.30
C ASP C 336 18.67 12.51 -21.24
N SER C 337 18.28 12.49 -19.96
CA SER C 337 16.90 12.53 -19.50
C SER C 337 16.70 13.66 -18.48
N THR C 338 15.51 14.24 -18.45
CA THR C 338 15.25 15.35 -17.52
C THR C 338 15.16 14.90 -16.06
N SER C 339 14.94 13.61 -15.84
CA SER C 339 14.91 13.07 -14.49
C SER C 339 16.27 13.23 -13.81
N ARG C 340 17.33 13.06 -14.58
CA ARG C 340 18.69 13.16 -14.04
C ARG C 340 19.00 14.61 -13.66
N TRP C 341 18.39 15.55 -14.37
CA TRP C 341 18.47 16.96 -14.04
C TRP C 341 17.75 17.21 -12.70
N ALA C 342 16.55 16.67 -12.56
CA ALA C 342 15.78 16.79 -11.34
C ALA C 342 16.48 16.17 -10.13
N GLU C 343 17.18 15.07 -10.36
CA GLU C 343 17.90 14.38 -9.28
C GLU C 343 19.12 15.17 -8.82
N ALA C 344 19.67 15.97 -9.73
CA ALA C 344 20.76 16.87 -9.38
C ALA C 344 20.27 18.01 -8.51
N LEU C 345 19.06 18.50 -8.78
CA LEU C 345 18.44 19.52 -7.95
C LEU C 345 18.15 18.95 -6.56
N ARG C 346 17.66 17.72 -6.53
CA ARG C 346 17.32 17.05 -5.27
C ARG C 346 18.54 16.81 -4.40
N GLU C 347 19.64 16.41 -5.01
CA GLU C 347 20.85 16.12 -4.27
C GLU C 347 21.43 17.40 -3.69
N MSE C 348 21.32 18.51 -4.43
CA MSE C 348 21.81 19.79 -3.95
C MSE C 348 20.88 20.37 -2.88
O MSE C 348 21.34 20.98 -1.92
CB MSE C 348 21.96 20.79 -5.11
CG MSE C 348 22.59 22.10 -4.70
SE MSE C 348 24.32 21.88 -3.82
CE MSE C 348 25.30 21.01 -5.28
N SER C 349 19.58 20.16 -3.05
CA SER C 349 18.59 20.57 -2.06
C SER C 349 18.86 19.88 -0.73
N GLY C 350 19.16 18.59 -0.79
CA GLY C 350 19.52 17.81 0.38
C GLY C 350 20.81 18.26 1.02
N ARG C 351 21.76 18.72 0.22
CA ARG C 351 23.03 19.21 0.73
C ARG C 351 22.87 20.59 1.38
N LEU C 352 21.87 21.33 0.95
CA LEU C 352 21.57 22.62 1.56
C LEU C 352 20.63 22.41 2.75
N GLU C 353 20.22 21.17 2.95
CA GLU C 353 19.29 20.80 4.02
C GLU C 353 17.97 21.56 3.96
N GLU C 354 17.49 21.80 2.75
CA GLU C 354 16.21 22.47 2.55
C GLU C 354 15.06 21.52 2.89
N MSE C 355 13.91 22.09 3.23
CA MSE C 355 12.70 21.28 3.40
C MSE C 355 12.29 20.78 2.02
O MSE C 355 11.95 21.56 1.14
CB MSE C 355 11.57 22.12 4.00
CG MSE C 355 10.28 21.34 4.24
SE MSE C 355 10.42 20.18 5.81
CE MSE C 355 11.35 21.43 6.96
N PRO C 356 12.34 19.44 1.84
CA PRO C 356 12.07 18.85 0.53
C PRO C 356 10.58 18.75 0.21
N GLY C 357 10.27 18.55 -1.06
CA GLY C 357 8.92 18.21 -1.48
C GLY C 357 8.83 16.70 -1.56
N ASP C 358 7.98 16.20 -2.46
CA ASP C 358 7.81 14.76 -2.61
C ASP C 358 9.09 14.07 -3.09
N GLU C 359 9.39 12.92 -2.48
CA GLU C 359 10.55 12.12 -2.83
C GLU C 359 11.89 12.84 -2.70
N GLY C 360 11.93 13.87 -1.85
CA GLY C 360 13.15 14.59 -1.59
C GLY C 360 13.47 15.69 -2.59
N TYR C 361 12.69 15.78 -3.67
CA TYR C 361 12.87 16.86 -4.64
C TYR C 361 12.50 18.18 -4.00
N PRO C 362 13.20 19.25 -4.38
CA PRO C 362 12.88 20.57 -3.85
C PRO C 362 11.47 20.98 -4.29
N ALA C 363 10.80 21.79 -3.49
CA ALA C 363 9.41 22.17 -3.76
C ALA C 363 9.30 23.09 -4.97
N TYR C 364 10.43 23.66 -5.39
CA TYR C 364 10.43 24.54 -6.55
C TYR C 364 10.75 23.78 -7.83
N LEU C 365 10.67 22.45 -7.78
CA LEU C 365 10.94 21.61 -8.94
C LEU C 365 10.04 21.95 -10.12
N GLY C 366 8.75 22.05 -9.85
CA GLY C 366 7.77 22.35 -10.89
C GLY C 366 8.04 23.68 -11.57
N SER C 367 8.48 24.66 -10.80
CA SER C 367 8.80 25.98 -11.32
C SER C 367 10.02 25.95 -12.25
N ARG C 368 11.03 25.14 -11.90
CA ARG C 368 12.22 25.00 -12.73
C ARG C 368 11.88 24.37 -14.08
N LEU C 369 11.12 23.28 -14.03
CA LEU C 369 10.67 22.62 -15.26
C LEU C 369 9.85 23.57 -16.12
N ALA C 370 9.02 24.39 -15.47
CA ALA C 370 8.18 25.34 -16.18
C ALA C 370 9.00 26.40 -16.93
N GLU C 371 10.09 26.83 -16.32
CA GLU C 371 10.97 27.84 -16.92
C GLU C 371 11.66 27.30 -18.17
N TYR C 372 11.96 26.01 -18.18
CA TYR C 372 12.59 25.36 -19.34
C TYR C 372 11.62 25.23 -20.51
N TYR C 373 10.47 24.61 -20.26
CA TYR C 373 9.52 24.34 -21.35
C TYR C 373 8.88 25.60 -21.92
N GLU C 374 8.76 26.64 -21.11
CA GLU C 374 8.22 27.91 -21.59
C GLU C 374 9.22 28.64 -22.48
N ARG C 375 10.42 28.09 -22.62
CA ARG C 375 11.40 28.63 -23.53
C ARG C 375 11.27 28.00 -24.92
N SER C 376 10.64 26.82 -24.98
CA SER C 376 10.33 26.20 -26.25
C SER C 376 9.17 26.96 -26.90
N GLY C 377 8.92 26.70 -28.18
CA GLY C 377 7.78 27.31 -28.83
C GLY C 377 8.09 27.96 -30.16
N ARG C 378 7.02 28.28 -30.88
CA ARG C 378 7.10 28.97 -32.17
C ARG C 378 7.07 30.47 -31.90
N VAL C 379 7.96 31.22 -32.54
CA VAL C 379 8.05 32.65 -32.26
C VAL C 379 8.25 33.51 -33.49
N ILE C 380 8.06 34.81 -33.31
CA ILE C 380 8.60 35.81 -34.22
C ILE C 380 9.81 36.38 -33.50
N ALA C 381 10.96 36.31 -34.14
CA ALA C 381 12.20 36.76 -33.52
C ALA C 381 12.39 38.26 -33.64
N LEU C 382 13.29 38.82 -32.83
CA LEU C 382 13.60 40.24 -32.89
C LEU C 382 14.27 40.59 -34.21
N GLY C 383 14.04 41.80 -34.68
CA GLY C 383 14.63 42.28 -35.92
C GLY C 383 13.60 42.85 -36.87
N SER C 384 14.03 43.73 -37.76
CA SER C 384 13.14 44.36 -38.74
C SER C 384 12.46 43.34 -39.64
N ASP C 385 13.14 42.23 -39.89
CA ASP C 385 12.63 41.17 -40.75
C ASP C 385 11.41 40.49 -40.14
N GLN C 386 11.36 40.44 -38.82
CA GLN C 386 10.36 39.66 -38.09
C GLN C 386 10.33 38.21 -38.56
N ARG C 387 11.48 37.56 -38.50
CA ARG C 387 11.61 36.17 -38.92
C ARG C 387 10.87 35.24 -37.97
N GLU C 388 10.32 34.18 -38.54
CA GLU C 388 9.65 33.15 -37.77
C GLU C 388 10.60 32.00 -37.50
N GLY C 389 10.62 31.53 -36.26
CA GLY C 389 11.42 30.38 -35.89
C GLY C 389 10.69 29.59 -34.82
N SER C 390 11.22 28.42 -34.46
CA SER C 390 10.57 27.61 -33.43
C SER C 390 11.54 26.66 -32.74
N ILE C 391 11.18 26.27 -31.53
CA ILE C 391 11.88 25.22 -30.81
C ILE C 391 10.87 24.17 -30.38
N THR C 392 11.12 22.93 -30.78
CA THR C 392 10.28 21.82 -30.35
C THR C 392 11.04 21.02 -29.31
N ALA C 393 10.46 20.91 -28.11
CA ALA C 393 11.10 20.18 -27.02
C ALA C 393 10.60 18.74 -26.92
N ILE C 394 11.53 17.80 -27.01
CA ILE C 394 11.23 16.39 -26.77
C ILE C 394 12.08 15.93 -25.59
N SER C 395 11.43 15.60 -24.47
CA SER C 395 12.16 15.23 -23.26
C SER C 395 11.85 13.82 -22.78
N ALA C 396 12.89 13.07 -22.46
CA ALA C 396 12.71 11.79 -21.80
C ALA C 396 12.52 12.04 -20.30
N VAL C 397 11.69 11.22 -19.67
CA VAL C 397 11.56 11.21 -18.22
C VAL C 397 11.72 9.76 -17.78
N SER C 398 12.29 9.56 -16.60
CA SER C 398 12.61 8.20 -16.16
C SER C 398 12.04 7.88 -14.78
N PRO C 399 10.70 7.76 -14.69
CA PRO C 399 10.05 7.49 -13.39
C PRO C 399 10.38 6.13 -12.81
N SER C 400 10.76 6.10 -11.53
CA SER C 400 11.09 4.85 -10.85
C SER C 400 9.91 3.88 -10.89
N GLY C 401 10.17 2.66 -11.35
CA GLY C 401 9.15 1.63 -11.41
C GLY C 401 8.10 1.87 -12.48
N GLY C 402 8.27 2.93 -13.27
CA GLY C 402 7.32 3.27 -14.30
C GLY C 402 6.13 4.04 -13.75
N ASP C 403 6.23 4.40 -12.48
CA ASP C 403 5.16 5.12 -11.79
C ASP C 403 5.13 6.60 -12.19
N ILE C 404 4.18 6.96 -13.04
CA ILE C 404 4.10 8.34 -13.54
C ILE C 404 3.55 9.34 -12.52
N SER C 405 3.25 8.87 -11.31
CA SER C 405 2.75 9.76 -10.27
C SER C 405 3.88 10.42 -9.50
N GLU C 406 5.12 10.09 -9.86
CA GLU C 406 6.28 10.70 -9.24
C GLU C 406 6.42 12.17 -9.67
N PRO C 407 7.04 13.01 -8.82
CA PRO C 407 7.03 14.47 -9.02
C PRO C 407 7.57 14.95 -10.37
N VAL C 408 8.59 14.29 -10.92
CA VAL C 408 9.17 14.75 -12.18
C VAL C 408 8.18 14.64 -13.33
N THR C 409 7.56 13.47 -13.48
CA THR C 409 6.58 13.25 -14.54
C THR C 409 5.34 14.11 -14.34
N GLN C 410 4.86 14.18 -13.10
CA GLN C 410 3.64 14.91 -12.80
C GLN C 410 3.80 16.41 -13.05
N ASN C 411 4.91 16.97 -12.62
CA ASN C 411 5.17 18.38 -12.84
C ASN C 411 5.40 18.69 -14.31
N THR C 412 5.99 17.74 -15.02
CA THR C 412 6.23 17.89 -16.45
C THR C 412 4.93 17.88 -17.25
N LEU C 413 4.01 16.98 -16.89
CA LEU C 413 2.73 16.87 -17.61
C LEU C 413 1.83 18.09 -17.42
N ARG C 414 2.11 18.91 -16.41
CA ARG C 414 1.35 20.13 -16.20
C ARG C 414 1.78 21.24 -17.17
N VAL C 415 2.96 21.11 -17.76
CA VAL C 415 3.47 22.14 -18.67
C VAL C 415 3.71 21.71 -20.11
N VAL C 416 3.88 20.41 -20.36
CA VAL C 416 3.99 19.94 -21.74
C VAL C 416 2.60 19.64 -22.30
N LYS C 417 2.51 19.39 -23.59
CA LYS C 417 1.21 19.21 -24.24
C LYS C 417 1.06 17.87 -24.94
N VAL C 418 2.14 17.11 -25.01
CA VAL C 418 2.09 15.76 -25.58
C VAL C 418 2.70 14.76 -24.61
N PHE C 419 2.01 13.64 -24.43
CA PHE C 419 2.46 12.61 -23.50
C PHE C 419 2.60 11.26 -24.23
N TRP C 420 3.83 10.82 -24.43
CA TRP C 420 4.10 9.51 -25.03
C TRP C 420 4.53 8.53 -23.93
N GLY C 421 3.55 7.96 -23.25
CA GLY C 421 3.82 7.05 -22.15
C GLY C 421 4.30 5.69 -22.61
N LEU C 422 5.57 5.39 -22.31
CA LEU C 422 6.15 4.11 -22.67
C LEU C 422 5.68 3.04 -21.69
N ASP C 423 5.52 1.82 -22.19
CA ASP C 423 4.91 0.76 -21.40
C ASP C 423 5.83 -0.46 -21.33
N SER C 424 6.04 -0.95 -20.11
CA SER C 424 6.92 -2.10 -19.89
C SER C 424 6.33 -3.37 -20.51
N SER C 425 5.02 -3.53 -20.42
CA SER C 425 4.36 -4.73 -20.93
C SER C 425 4.46 -4.83 -22.45
N LEU C 426 4.36 -3.69 -23.14
CA LEU C 426 4.54 -3.65 -24.58
C LEU C 426 5.98 -3.96 -24.95
N ALA C 427 6.90 -3.45 -24.14
CA ALA C 427 8.33 -3.65 -24.38
C ALA C 427 8.72 -5.12 -24.24
N GLN C 428 8.10 -5.82 -23.29
CA GLN C 428 8.44 -7.21 -23.04
C GLN C 428 7.98 -8.15 -24.16
N LYS C 429 6.88 -7.83 -24.81
CA LYS C 429 6.41 -8.61 -25.96
C LYS C 429 6.96 -8.05 -27.27
N ARG C 430 7.97 -7.18 -27.14
CA ARG C 430 8.64 -6.57 -28.29
C ARG C 430 7.70 -5.83 -29.22
N HIS C 431 6.78 -5.07 -28.62
CA HIS C 431 5.91 -4.16 -29.34
C HIS C 431 6.57 -2.79 -29.30
N PHE C 432 7.16 -2.38 -30.43
CA PHE C 432 7.88 -1.11 -30.49
C PHE C 432 7.33 -0.21 -31.60
N PRO C 433 7.28 1.12 -31.35
CA PRO C 433 7.59 1.80 -30.10
C PRO C 433 6.58 1.45 -29.02
N SER C 434 7.04 1.26 -27.78
CA SER C 434 6.18 0.75 -26.72
C SER C 434 5.30 1.84 -26.10
N ILE C 435 4.68 2.64 -26.96
CA ILE C 435 3.81 3.72 -26.50
C ILE C 435 2.43 3.18 -26.12
N ASN C 436 2.04 3.39 -24.87
CA ASN C 436 0.71 3.03 -24.38
C ASN C 436 -0.34 3.95 -25.01
N TRP C 437 -1.12 3.40 -25.95
CA TRP C 437 -2.10 4.18 -26.69
C TRP C 437 -3.33 4.59 -25.86
N ILE C 438 -3.49 3.98 -24.68
CA ILE C 438 -4.63 4.31 -23.81
C ILE C 438 -4.24 5.41 -22.82
N GLN C 439 -2.99 5.40 -22.40
CA GLN C 439 -2.47 6.36 -21.44
C GLN C 439 -2.04 7.65 -22.15
N SER C 440 -1.47 7.50 -23.34
CA SER C 440 -0.91 8.62 -24.08
C SER C 440 -1.96 9.60 -24.61
N TYR C 441 -1.53 10.83 -24.87
CA TYR C 441 -2.38 11.84 -25.46
C TYR C 441 -1.57 12.93 -26.15
N SER C 442 -2.22 13.68 -27.02
CA SER C 442 -1.62 14.88 -27.59
C SER C 442 -2.67 15.98 -27.63
N LEU C 443 -2.34 17.12 -27.03
CA LEU C 443 -3.24 18.27 -27.07
C LEU C 443 -3.31 18.91 -28.45
N TYR C 444 -2.47 18.43 -29.36
CA TYR C 444 -2.44 18.94 -30.73
C TYR C 444 -3.25 18.12 -31.72
N SER C 445 -3.83 17.02 -31.24
CA SER C 445 -4.58 16.10 -32.11
C SER C 445 -5.66 16.78 -32.97
N THR C 446 -6.46 17.65 -32.35
CA THR C 446 -7.56 18.30 -33.06
C THR C 446 -7.04 19.24 -34.16
N GLU C 447 -6.07 20.08 -33.81
CA GLU C 447 -5.48 21.00 -34.77
C GLU C 447 -4.73 20.26 -35.89
N VAL C 448 -3.93 19.27 -35.52
CA VAL C 448 -3.21 18.48 -36.52
C VAL C 448 -4.20 17.76 -37.44
N GLY C 449 -5.29 17.26 -36.86
CA GLY C 449 -6.35 16.63 -37.63
C GLY C 449 -6.93 17.56 -38.69
N ARG C 450 -7.15 18.81 -38.32
CA ARG C 450 -7.63 19.81 -39.28
C ARG C 450 -6.63 20.01 -40.41
N TYR C 451 -5.35 20.12 -40.04
CA TYR C 451 -4.27 20.32 -41.01
C TYR C 451 -4.19 19.17 -41.99
N MSE C 452 -4.29 17.94 -41.46
CA MSE C 452 -4.16 16.73 -42.26
C MSE C 452 -5.35 16.55 -43.21
O MSE C 452 -5.17 16.15 -44.36
CB MSE C 452 -4.02 15.51 -41.36
CG MSE C 452 -2.77 15.52 -40.51
SE MSE C 452 -1.13 15.48 -41.57
CE MSE C 452 -1.42 13.75 -42.45
N ASP C 453 -6.54 16.83 -42.70
CA ASP C 453 -7.75 16.81 -43.52
C ASP C 453 -7.58 17.70 -44.75
N GLN C 454 -6.96 18.86 -44.55
CA GLN C 454 -6.76 19.82 -45.63
C GLN C 454 -5.68 19.36 -46.61
N ILE C 455 -4.58 18.83 -46.06
CA ILE C 455 -3.49 18.33 -46.87
C ILE C 455 -3.89 17.14 -47.72
N LEU C 456 -4.58 16.18 -47.10
CA LEU C 456 -4.89 14.92 -47.75
C LEU C 456 -6.17 15.00 -48.57
N GLN C 457 -7.02 15.98 -48.26
CA GLN C 457 -8.37 16.06 -48.80
C GLN C 457 -9.11 14.76 -48.51
N GLN C 458 -8.98 14.29 -47.26
CA GLN C 458 -9.61 13.08 -46.79
C GLN C 458 -10.16 13.34 -45.39
N ASP C 459 -11.04 12.48 -44.92
CA ASP C 459 -11.55 12.57 -43.57
C ASP C 459 -10.59 11.89 -42.59
N TRP C 460 -9.37 12.43 -42.52
CA TRP C 460 -8.33 11.87 -41.68
C TRP C 460 -8.65 11.95 -40.19
N SER C 461 -9.24 13.07 -39.77
CA SER C 461 -9.67 13.25 -38.38
C SER C 461 -10.61 12.14 -37.92
N ASP C 462 -11.58 11.81 -38.76
CA ASP C 462 -12.55 10.76 -38.44
C ASP C 462 -11.87 9.40 -38.33
N MSE C 463 -10.95 9.13 -39.24
CA MSE C 463 -10.24 7.86 -39.27
C MSE C 463 -9.42 7.63 -38.01
O MSE C 463 -9.37 6.53 -37.46
CB MSE C 463 -9.34 7.77 -40.51
CG MSE C 463 -10.12 7.77 -41.82
SE MSE C 463 -9.00 8.02 -43.41
CE MSE C 463 -7.70 6.62 -43.05
N VAL C 464 -8.77 8.69 -37.54
CA VAL C 464 -7.97 8.62 -36.31
C VAL C 464 -8.86 8.46 -35.09
N THR C 465 -9.99 9.16 -35.08
CA THR C 465 -10.96 9.04 -34.00
C THR C 465 -11.53 7.62 -33.95
N GLU C 466 -11.81 7.06 -35.12
CA GLU C 466 -12.34 5.71 -35.24
C GLU C 466 -11.30 4.67 -34.85
N GLY C 467 -10.05 4.92 -35.23
CA GLY C 467 -8.96 4.03 -34.86
C GLY C 467 -8.78 3.96 -33.36
N MSE C 468 -8.79 5.12 -32.71
CA MSE C 468 -8.62 5.19 -31.27
C MSE C 468 -9.82 4.61 -30.53
O MSE C 468 -9.69 4.04 -29.44
CB MSE C 468 -8.39 6.64 -30.82
CG MSE C 468 -8.17 6.79 -29.32
SE MSE C 468 -6.65 5.73 -28.68
CE MSE C 468 -5.27 6.54 -29.81
N ARG C 469 -10.99 4.77 -31.13
CA ARG C 469 -12.22 4.28 -30.53
C ARG C 469 -12.25 2.75 -30.52
N ILE C 470 -11.74 2.15 -31.59
CA ILE C 470 -11.60 0.70 -31.66
C ILE C 470 -10.60 0.20 -30.63
N LEU C 471 -9.51 0.92 -30.47
CA LEU C 471 -8.49 0.57 -29.48
C LEU C 471 -9.03 0.69 -28.05
N GLN C 472 -9.86 1.69 -27.82
CA GLN C 472 -10.49 1.87 -26.50
C GLN C 472 -11.52 0.77 -26.25
N GLU C 473 -12.21 0.36 -27.32
CA GLU C 473 -13.19 -0.71 -27.20
C GLU C 473 -12.52 -2.06 -26.94
N GLU C 474 -11.41 -2.32 -27.60
CA GLU C 474 -10.62 -3.52 -27.35
C GLU C 474 -10.20 -3.60 -25.89
N GLU C 475 -9.80 -2.46 -25.34
CA GLU C 475 -9.39 -2.36 -23.94
C GLU C 475 -10.50 -2.79 -22.99
N GLN C 476 -11.70 -2.27 -23.24
CA GLN C 476 -12.87 -2.60 -22.43
C GLN C 476 -13.25 -4.08 -22.59
N LEU C 477 -13.12 -4.60 -23.81
CA LEU C 477 -13.40 -6.02 -24.05
C LEU C 477 -12.39 -6.90 -23.34
N ASN C 478 -11.13 -6.51 -23.37
CA ASN C 478 -10.08 -7.26 -22.69
C ASN C 478 -10.24 -7.32 -21.18
N GLU C 479 -10.90 -6.32 -20.59
CA GLU C 479 -11.15 -6.32 -19.16
C GLU C 479 -12.03 -7.50 -18.77
N ILE C 480 -12.96 -7.84 -19.66
CA ILE C 480 -13.88 -8.96 -19.45
C ILE C 480 -13.23 -10.30 -19.77
N VAL C 481 -12.63 -10.37 -20.95
CA VAL C 481 -11.98 -11.59 -21.44
C VAL C 481 -10.99 -12.17 -20.43
N ARG C 482 -10.23 -11.29 -19.77
CA ARG C 482 -9.24 -11.72 -18.80
C ARG C 482 -9.89 -12.39 -17.59
N LEU C 483 -11.06 -11.90 -17.21
CA LEU C 483 -11.75 -12.42 -16.03
C LEU C 483 -13.04 -13.16 -16.38
N VAL C 484 -13.08 -13.76 -17.57
CA VAL C 484 -14.26 -14.50 -18.02
C VAL C 484 -13.96 -15.47 -19.17
N GLY C 485 -13.08 -15.07 -20.08
CA GLY C 485 -12.73 -15.90 -21.23
C GLY C 485 -13.39 -15.44 -22.52
N ILE C 486 -12.85 -15.88 -23.66
CA ILE C 486 -13.41 -15.52 -24.97
C ILE C 486 -14.58 -16.40 -25.36
N ASP C 487 -15.15 -17.10 -24.39
CA ASP C 487 -16.19 -18.09 -24.66
C ASP C 487 -17.46 -17.50 -25.27
N SER C 488 -18.01 -16.49 -24.61
CA SER C 488 -19.31 -15.96 -24.97
C SER C 488 -19.28 -14.74 -25.88
N LEU C 489 -18.12 -14.45 -26.47
CA LEU C 489 -17.99 -13.28 -27.33
C LEU C 489 -18.74 -13.44 -28.66
N SER C 490 -19.54 -12.43 -28.99
CA SER C 490 -20.29 -12.43 -30.24
C SER C 490 -19.35 -12.22 -31.42
N ASP C 491 -19.86 -12.43 -32.63
CA ASP C 491 -19.08 -12.24 -33.85
C ASP C 491 -18.62 -10.79 -34.02
N ASN C 492 -19.48 -9.84 -33.64
CA ASN C 492 -19.12 -8.43 -33.71
C ASN C 492 -17.96 -8.05 -32.79
N ASP C 493 -17.99 -8.55 -31.56
CA ASP C 493 -16.91 -8.29 -30.61
C ASP C 493 -15.62 -8.98 -31.05
N ARG C 494 -15.74 -10.17 -31.63
CA ARG C 494 -14.57 -10.87 -32.15
C ARG C 494 -13.97 -10.13 -33.34
N LEU C 495 -14.82 -9.46 -34.12
CA LEU C 495 -14.35 -8.66 -35.23
C LEU C 495 -13.61 -7.43 -34.73
N THR C 496 -14.16 -6.81 -33.68
CA THR C 496 -13.53 -5.65 -33.06
C THR C 496 -12.11 -5.98 -32.60
N LEU C 497 -11.96 -7.14 -31.94
CA LEU C 497 -10.65 -7.58 -31.46
C LEU C 497 -9.67 -7.80 -32.60
N GLU C 498 -10.17 -8.29 -33.74
CA GLU C 498 -9.32 -8.54 -34.90
C GLU C 498 -8.86 -7.25 -35.56
N VAL C 499 -9.77 -6.28 -35.65
CA VAL C 499 -9.43 -4.99 -36.21
C VAL C 499 -8.43 -4.25 -35.32
N ALA C 500 -8.66 -4.30 -34.02
CA ALA C 500 -7.75 -3.69 -33.05
C ALA C 500 -6.39 -4.37 -33.08
N LYS C 501 -6.41 -5.69 -33.27
CA LYS C 501 -5.17 -6.46 -33.41
C LYS C 501 -4.39 -6.00 -34.64
N SER C 502 -5.12 -5.75 -35.72
CA SER C 502 -4.53 -5.25 -36.95
C SER C 502 -3.96 -3.85 -36.78
N ILE C 503 -4.67 -3.00 -36.05
CA ILE C 503 -4.16 -1.67 -35.75
C ILE C 503 -2.85 -1.75 -34.95
N ARG C 504 -2.82 -2.63 -33.95
CA ARG C 504 -1.65 -2.80 -33.10
C ARG C 504 -0.45 -3.36 -33.85
N GLU C 505 -0.64 -4.50 -34.52
CA GLU C 505 0.45 -5.22 -35.16
C GLU C 505 0.85 -4.69 -36.55
N ASP C 506 -0.13 -4.24 -37.33
CA ASP C 506 0.14 -3.82 -38.69
C ASP C 506 0.42 -2.31 -38.81
N TYR C 507 0.04 -1.55 -37.80
CA TYR C 507 0.19 -0.09 -37.87
C TYR C 507 1.06 0.48 -36.76
N LEU C 508 0.69 0.20 -35.51
CA LEU C 508 1.39 0.76 -34.35
C LEU C 508 2.82 0.26 -34.23
N GLN C 509 3.01 -1.05 -34.44
CA GLN C 509 4.33 -1.65 -34.39
C GLN C 509 5.16 -1.23 -35.58
N GLN C 510 6.38 -0.77 -35.32
CA GLN C 510 7.22 -0.20 -36.36
C GLN C 510 8.68 -0.43 -36.01
N ASN C 511 9.39 -1.14 -36.91
CA ASN C 511 10.78 -1.50 -36.67
C ASN C 511 11.75 -0.44 -37.18
N ALA C 512 12.38 0.26 -36.23
CA ALA C 512 13.30 1.35 -36.54
C ALA C 512 14.53 0.87 -37.31
N PHE C 513 14.79 -0.44 -37.28
CA PHE C 513 15.99 -0.99 -37.90
C PHE C 513 15.75 -1.53 -39.30
N ASP C 514 14.50 -1.54 -39.74
CA ASP C 514 14.18 -1.93 -41.11
C ASP C 514 14.31 -0.70 -42.01
N ASP C 515 14.96 -0.87 -43.16
CA ASP C 515 15.24 0.25 -44.06
C ASP C 515 13.98 0.99 -44.53
N VAL C 516 12.90 0.24 -44.70
CA VAL C 516 11.64 0.82 -45.19
C VAL C 516 10.71 1.20 -44.05
N ASP C 517 10.66 0.36 -43.02
CA ASP C 517 9.74 0.55 -41.90
C ASP C 517 10.20 1.68 -40.98
N THR C 518 11.47 2.05 -41.07
CA THR C 518 12.04 3.06 -40.18
C THR C 518 11.39 4.44 -40.33
N PHE C 519 10.79 4.67 -41.51
CA PHE C 519 10.11 5.94 -41.79
C PHE C 519 8.90 5.69 -42.67
N THR C 520 7.78 6.32 -42.32
CA THR C 520 6.56 6.22 -43.11
C THR C 520 6.02 7.61 -43.40
N SER C 521 5.86 7.93 -44.69
CA SER C 521 5.34 9.23 -45.09
C SER C 521 3.88 9.38 -44.70
N ARG C 522 3.37 10.61 -44.75
CA ARG C 522 1.97 10.90 -44.44
C ARG C 522 1.01 10.14 -45.35
N GLU C 523 1.32 10.12 -46.64
CA GLU C 523 0.44 9.46 -47.60
C GLU C 523 0.43 7.96 -47.40
N LYS C 524 1.60 7.37 -47.17
CA LYS C 524 1.69 5.94 -46.90
C LYS C 524 0.95 5.62 -45.60
N GLN C 525 1.06 6.50 -44.62
CA GLN C 525 0.32 6.34 -43.36
C GLN C 525 -1.18 6.34 -43.61
N PHE C 526 -1.64 7.28 -44.43
CA PHE C 526 -3.05 7.38 -44.77
C PHE C 526 -3.57 6.11 -45.43
N ASN C 527 -2.82 5.60 -46.41
CA ASN C 527 -3.22 4.40 -47.13
C ASN C 527 -3.24 3.15 -46.26
N MSE C 528 -2.29 3.04 -45.35
CA MSE C 528 -2.23 1.90 -44.44
C MSE C 528 -3.42 1.91 -43.48
O MSE C 528 -4.04 0.86 -43.24
CB MSE C 528 -0.93 1.89 -43.64
CG MSE C 528 0.31 1.58 -44.47
SE MSE C 528 1.94 1.73 -43.42
CE MSE C 528 1.56 0.40 -42.06
N LEU C 529 -3.73 3.07 -42.93
CA LEU C 529 -4.84 3.17 -41.98
C LEU C 529 -6.18 2.98 -42.69
N LYS C 530 -6.27 3.50 -43.92
CA LYS C 530 -7.47 3.36 -44.73
C LYS C 530 -7.78 1.89 -44.95
N VAL C 531 -6.77 1.12 -45.34
CA VAL C 531 -6.91 -0.30 -45.61
C VAL C 531 -7.42 -1.06 -44.39
N ILE C 532 -6.79 -0.81 -43.25
CA ILE C 532 -7.15 -1.47 -41.99
C ILE C 532 -8.60 -1.20 -41.60
N LEU C 533 -9.01 0.06 -41.67
CA LEU C 533 -10.39 0.44 -41.34
C LEU C 533 -11.38 -0.15 -42.34
N THR C 534 -10.97 -0.20 -43.60
CA THR C 534 -11.81 -0.74 -44.66
C THR C 534 -12.16 -2.20 -44.42
N PHE C 535 -11.19 -3.01 -44.02
CA PHE C 535 -11.46 -4.41 -43.69
C PHE C 535 -12.50 -4.52 -42.57
N GLY C 536 -12.35 -3.71 -41.53
CA GLY C 536 -13.32 -3.68 -40.45
C GLY C 536 -14.70 -3.32 -40.94
N LYS C 537 -14.77 -2.29 -41.77
CA LYS C 537 -16.05 -1.79 -42.29
C LYS C 537 -16.74 -2.82 -43.19
N GLU C 538 -15.97 -3.45 -44.07
CA GLU C 538 -16.52 -4.45 -44.99
C GLU C 538 -16.91 -5.73 -44.26
N ALA C 539 -16.10 -6.13 -43.27
CA ALA C 539 -16.41 -7.32 -42.49
C ALA C 539 -17.65 -7.07 -41.65
N ARG C 540 -17.78 -5.83 -41.17
CA ARG C 540 -18.93 -5.45 -40.35
C ARG C 540 -20.22 -5.61 -41.13
N LYS C 541 -20.22 -5.14 -42.37
CA LYS C 541 -21.38 -5.24 -43.25
C LYS C 541 -21.76 -6.70 -43.52
N ALA C 542 -20.73 -7.52 -43.77
CA ALA C 542 -20.93 -8.93 -44.06
C ALA C 542 -21.59 -9.67 -42.91
N LEU C 543 -21.23 -9.30 -41.69
CA LEU C 543 -21.84 -9.86 -40.49
C LEU C 543 -23.33 -9.56 -40.43
N SER C 544 -23.71 -8.33 -40.80
CA SER C 544 -25.11 -7.94 -40.81
C SER C 544 -25.85 -8.57 -42.00
N LEU C 545 -25.10 -9.09 -42.96
CA LEU C 545 -25.70 -9.76 -44.12
C LEU C 545 -25.84 -11.26 -43.90
N GLY C 546 -25.53 -11.71 -42.69
CA GLY C 546 -25.72 -13.11 -42.32
C GLY C 546 -24.49 -13.98 -42.41
N ALA C 547 -23.33 -13.37 -42.68
CA ALA C 547 -22.09 -14.13 -42.74
C ALA C 547 -21.49 -14.31 -41.36
N TYR C 548 -20.80 -15.42 -41.15
CA TYR C 548 -20.21 -15.72 -39.85
C TYR C 548 -18.77 -15.22 -39.75
N PHE C 549 -18.36 -14.86 -38.55
CA PHE C 549 -17.01 -14.37 -38.28
C PHE C 549 -15.95 -15.37 -38.73
N ASN C 550 -16.18 -16.64 -38.46
CA ASN C 550 -15.22 -17.68 -38.83
C ASN C 550 -15.03 -17.78 -40.33
N GLU C 551 -16.12 -17.64 -41.07
CA GLU C 551 -16.08 -17.70 -42.53
C GLU C 551 -15.35 -16.48 -43.12
N ILE C 552 -15.64 -15.30 -42.58
CA ILE C 552 -15.00 -14.06 -43.05
C ILE C 552 -13.48 -14.11 -42.86
N MSE C 553 -13.04 -14.66 -41.74
CA MSE C 553 -11.62 -14.74 -41.44
C MSE C 553 -10.89 -15.77 -42.31
O MSE C 553 -9.76 -15.53 -42.74
CB MSE C 553 -11.41 -15.05 -39.95
CG MSE C 553 -11.93 -13.97 -39.02
SE MSE C 553 -11.00 -12.27 -39.27
CE MSE C 553 -9.22 -12.88 -38.78
N GLU C 554 -11.52 -16.91 -42.54
CA GLU C 554 -10.91 -17.99 -43.32
C GLU C 554 -10.77 -17.66 -44.80
N GLY C 555 -11.67 -16.82 -45.31
CA GLY C 555 -11.66 -16.48 -46.72
C GLY C 555 -10.84 -15.26 -47.04
N THR C 556 -10.27 -14.63 -46.03
CA THR C 556 -9.52 -13.39 -46.22
C THR C 556 -8.09 -13.50 -45.69
N VAL C 557 -7.52 -14.69 -45.74
CA VAL C 557 -6.16 -14.90 -45.25
C VAL C 557 -5.14 -14.18 -46.12
N ALA C 558 -5.29 -14.29 -47.43
CA ALA C 558 -4.35 -13.72 -48.38
C ALA C 558 -4.34 -12.19 -48.35
N VAL C 559 -5.53 -11.58 -48.29
CA VAL C 559 -5.61 -10.13 -48.29
C VAL C 559 -5.14 -9.53 -46.96
N ARG C 560 -5.40 -10.21 -45.85
CA ARG C 560 -4.95 -9.73 -44.55
C ARG C 560 -3.44 -9.86 -44.38
N GLU C 561 -2.82 -10.73 -45.18
CA GLU C 561 -1.36 -10.83 -45.19
C GLU C 561 -0.78 -9.63 -45.93
N ARG C 562 -1.50 -9.16 -46.95
CA ARG C 562 -1.09 -7.96 -47.67
C ARG C 562 -1.16 -6.74 -46.77
N ILE C 563 -2.14 -6.72 -45.87
CA ILE C 563 -2.29 -5.64 -44.91
C ILE C 563 -1.15 -5.66 -43.91
N SER C 564 -0.81 -6.87 -43.45
CA SER C 564 0.24 -7.06 -42.45
C SER C 564 1.61 -6.63 -42.95
N ARG C 565 1.78 -6.63 -44.26
CA ARG C 565 3.08 -6.32 -44.86
C ARG C 565 3.07 -5.00 -45.64
N SER C 566 2.02 -4.21 -45.44
CA SER C 566 1.91 -2.89 -46.05
C SER C 566 3.05 -1.99 -45.60
N LYS C 567 3.46 -2.16 -44.35
CA LYS C 567 4.49 -1.31 -43.75
C LYS C 567 5.84 -1.40 -44.49
N TYR C 568 6.02 -2.48 -45.25
CA TYR C 568 7.28 -2.71 -45.97
C TYR C 568 7.22 -2.30 -47.44
N ILE C 569 6.06 -1.84 -47.89
CA ILE C 569 5.90 -1.39 -49.27
C ILE C 569 6.61 -0.06 -49.50
N PRO C 570 7.49 -0.01 -50.51
CA PRO C 570 8.28 1.18 -50.86
C PRO C 570 7.42 2.42 -51.14
N GLU C 571 7.94 3.59 -50.81
CA GLU C 571 7.22 4.85 -50.96
C GLU C 571 6.88 5.16 -52.42
N GLU C 572 7.64 4.60 -53.34
CA GLU C 572 7.42 4.83 -54.77
C GLU C 572 6.36 3.88 -55.31
N GLU C 573 5.89 2.96 -54.46
CA GLU C 573 4.94 1.95 -54.89
C GLU C 573 3.70 1.92 -53.99
N LEU C 574 3.20 3.09 -53.64
CA LEU C 574 2.05 3.20 -52.73
C LEU C 574 0.77 2.63 -53.33
N ALA C 575 0.76 2.42 -54.64
CA ALA C 575 -0.40 1.86 -55.33
C ALA C 575 -0.66 0.41 -54.93
N LYS C 576 0.37 -0.24 -54.38
CA LYS C 576 0.24 -1.61 -53.89
C LYS C 576 -0.48 -1.69 -52.55
N ILE C 577 -0.62 -0.54 -51.88
CA ILE C 577 -1.38 -0.48 -50.65
C ILE C 577 -2.82 -0.08 -50.93
N SER C 578 -2.99 0.96 -51.72
CA SER C 578 -4.32 1.50 -52.00
C SER C 578 -5.21 0.48 -52.72
N SER C 579 -4.59 -0.40 -53.50
CA SER C 579 -5.33 -1.39 -54.26
C SER C 579 -5.93 -2.48 -53.36
N ILE C 580 -5.44 -2.58 -52.13
CA ILE C 580 -5.94 -3.59 -51.19
C ILE C 580 -7.42 -3.36 -50.88
N ASN C 581 -7.84 -2.08 -50.86
CA ASN C 581 -9.23 -1.75 -50.58
C ASN C 581 -10.21 -2.46 -51.51
N GLU C 582 -9.78 -2.65 -52.76
CA GLU C 582 -10.63 -3.28 -53.77
C GLU C 582 -10.61 -4.80 -53.63
N GLU C 583 -9.53 -5.34 -53.10
CA GLU C 583 -9.43 -6.78 -52.86
C GLU C 583 -10.26 -7.16 -51.63
N ILE C 584 -10.28 -6.28 -50.63
CA ILE C 584 -11.08 -6.47 -49.43
C ILE C 584 -12.57 -6.59 -49.80
N LYS C 585 -13.04 -5.62 -50.57
CA LYS C 585 -14.46 -5.52 -50.90
C LYS C 585 -14.90 -6.66 -51.83
N GLU C 586 -14.03 -7.06 -52.74
CA GLU C 586 -14.34 -8.14 -53.67
C GLU C 586 -14.35 -9.48 -52.95
N THR C 587 -13.35 -9.71 -52.12
CA THR C 587 -13.22 -10.98 -51.40
C THR C 587 -14.36 -11.20 -50.42
N ILE C 588 -14.68 -10.18 -49.65
CA ILE C 588 -15.73 -10.26 -48.63
C ILE C 588 -17.12 -10.45 -49.24
N GLN C 589 -17.37 -9.80 -50.38
CA GLN C 589 -18.63 -9.99 -51.09
C GLN C 589 -18.80 -11.41 -51.60
N LEU C 590 -17.68 -12.03 -52.00
CA LEU C 590 -17.69 -13.41 -52.46
C LEU C 590 -18.03 -14.36 -51.32
N ILE C 591 -17.62 -14.00 -50.11
CA ILE C 591 -17.92 -14.79 -48.92
C ILE C 591 -19.41 -14.71 -48.58
N VAL C 592 -20.00 -13.53 -48.76
CA VAL C 592 -21.41 -13.33 -48.51
C VAL C 592 -22.27 -14.20 -49.41
N SER C 593 -21.83 -14.37 -50.66
CA SER C 593 -22.52 -15.24 -51.60
C SER C 593 -21.78 -16.56 -51.80
N GLU D 11 14.72 53.62 3.42
CA GLU D 11 15.43 52.69 2.56
C GLU D 11 16.53 51.97 3.32
N TYR D 12 16.68 50.67 3.08
CA TYR D 12 17.63 49.85 3.84
C TYR D 12 18.72 49.25 2.96
N ARG D 13 19.97 49.46 3.37
CA ARG D 13 21.09 48.75 2.76
C ARG D 13 21.54 47.66 3.73
N THR D 14 20.64 46.70 3.98
CA THR D 14 20.85 45.71 5.02
C THR D 14 20.49 44.28 4.61
N ILE D 15 20.75 43.94 3.34
CA ILE D 15 20.59 42.56 2.90
C ILE D 15 21.62 41.68 3.60
N LYS D 16 21.14 40.68 4.32
CA LYS D 16 22.00 39.81 5.10
C LYS D 16 22.30 38.51 4.36
N GLU D 17 21.28 37.94 3.74
CA GLU D 17 21.39 36.65 3.08
C GLU D 17 20.64 36.62 1.75
N VAL D 18 21.10 35.81 0.81
CA VAL D 18 20.35 35.51 -0.39
C VAL D 18 20.42 34.01 -0.68
N VAL D 19 19.28 33.34 -0.54
CA VAL D 19 19.19 31.91 -0.78
C VAL D 19 18.15 31.65 -1.88
N GLY D 20 18.63 31.52 -3.11
CA GLY D 20 17.73 31.39 -4.25
C GLY D 20 17.02 32.70 -4.49
N PRO D 21 15.71 32.64 -4.76
CA PRO D 21 14.90 33.86 -4.96
C PRO D 21 14.54 34.53 -3.63
N LEU D 22 14.96 33.91 -2.53
CA LEU D 22 14.69 34.44 -1.19
C LEU D 22 15.85 35.30 -0.71
N MSE D 23 15.52 36.29 0.13
CA MSE D 23 16.54 37.13 0.75
C MSE D 23 16.11 37.49 2.16
O MSE D 23 14.92 37.68 2.42
CB MSE D 23 16.72 38.45 -0.02
CB MSE D 23 16.85 38.34 -0.14
CG MSE D 23 16.97 38.34 -1.51
CG MSE D 23 16.62 39.72 0.45
SE MSE D 23 17.51 40.08 -2.20
SE MSE D 23 16.58 41.06 -0.97
CE MSE D 23 16.18 41.20 -1.33
CE MSE D 23 18.22 40.57 -1.92
N ALA D 24 17.07 37.58 3.08
CA ALA D 24 16.79 38.02 4.44
C ALA D 24 17.25 39.45 4.62
N VAL D 25 16.39 40.29 5.18
CA VAL D 25 16.68 41.71 5.36
C VAL D 25 16.62 42.09 6.84
N GLU D 26 17.71 42.66 7.34
CA GLU D 26 17.79 43.05 8.75
C GLU D 26 17.38 44.49 9.00
N LYS D 27 17.47 44.90 10.27
CA LYS D 27 17.10 46.25 10.71
C LYS D 27 15.69 46.65 10.28
N VAL D 28 14.79 45.67 10.20
CA VAL D 28 13.41 45.93 9.82
C VAL D 28 12.60 46.41 11.03
N SER D 29 11.55 47.18 10.77
CA SER D 29 10.67 47.68 11.79
C SER D 29 9.39 48.20 11.14
N GLY D 30 8.24 47.83 11.70
CA GLY D 30 6.96 48.20 11.11
C GLY D 30 6.67 47.39 9.86
N VAL D 31 7.43 46.32 9.65
CA VAL D 31 7.25 45.45 8.49
C VAL D 31 6.17 44.42 8.76
N LYS D 32 5.27 44.23 7.79
CA LYS D 32 4.14 43.32 7.96
C LYS D 32 4.26 42.09 7.06
N TYR D 33 3.59 41.02 7.47
CA TYR D 33 3.49 39.82 6.66
C TYR D 33 2.78 40.17 5.35
N GLU D 34 3.32 39.66 4.25
CA GLU D 34 2.81 39.91 2.90
C GLU D 34 3.00 41.34 2.37
N GLU D 35 3.74 42.16 3.10
CA GLU D 35 4.04 43.51 2.65
C GLU D 35 4.92 43.49 1.39
N LEU D 36 4.67 44.42 0.48
CA LEU D 36 5.47 44.52 -0.73
C LEU D 36 6.81 45.21 -0.47
N ILE D 37 7.85 44.77 -1.19
CA ILE D 37 9.16 45.39 -1.07
C ILE D 37 9.72 45.75 -2.44
N GLU D 38 10.74 46.59 -2.46
CA GLU D 38 11.37 47.01 -3.69
C GLU D 38 12.88 46.96 -3.51
N VAL D 39 13.56 46.21 -4.38
CA VAL D 39 15.01 46.05 -4.30
C VAL D 39 15.73 46.86 -5.37
N ARG D 40 16.55 47.81 -4.92
CA ARG D 40 17.41 48.57 -5.82
C ARG D 40 18.78 47.93 -5.85
N MSE D 41 19.12 47.32 -6.98
CA MSE D 41 20.37 46.60 -7.12
C MSE D 41 21.56 47.54 -7.34
O MSE D 41 21.37 48.74 -7.53
CB MSE D 41 20.28 45.57 -8.26
CG MSE D 41 19.26 44.48 -7.99
SE MSE D 41 18.88 43.38 -9.56
CE MSE D 41 20.70 42.87 -10.04
N GLN D 42 22.77 46.99 -7.28
CA GLN D 42 23.98 47.80 -7.38
C GLN D 42 24.13 48.47 -8.73
N ASN D 43 23.42 47.95 -9.74
CA ASN D 43 23.47 48.53 -11.07
C ASN D 43 22.28 49.45 -11.34
N GLY D 44 21.50 49.72 -10.30
CA GLY D 44 20.35 50.61 -10.42
C GLY D 44 19.07 49.89 -10.82
N GLU D 45 19.20 48.63 -11.21
CA GLU D 45 18.06 47.82 -11.62
C GLU D 45 17.09 47.62 -10.44
N ILE D 46 15.79 47.65 -10.72
CA ILE D 46 14.76 47.57 -9.69
C ILE D 46 13.96 46.27 -9.77
N ARG D 47 13.91 45.54 -8.67
CA ARG D 47 13.07 44.35 -8.57
C ARG D 47 12.13 44.46 -7.36
N ARG D 48 10.93 43.92 -7.50
CA ARG D 48 9.98 43.95 -6.39
C ARG D 48 9.81 42.55 -5.78
N GLY D 49 9.32 42.51 -4.55
CA GLY D 49 9.14 41.27 -3.84
C GLY D 49 8.07 41.35 -2.77
N GLN D 50 7.96 40.30 -1.97
CA GLN D 50 6.90 40.21 -0.97
C GLN D 50 7.43 39.53 0.29
N VAL D 51 7.05 40.05 1.45
CA VAL D 51 7.46 39.47 2.71
C VAL D 51 6.71 38.17 2.98
N LEU D 52 7.46 37.08 3.12
CA LEU D 52 6.85 35.77 3.37
C LEU D 52 6.84 35.40 4.84
N GLU D 53 7.63 36.14 5.63
CA GLU D 53 7.82 35.84 7.04
C GLU D 53 8.60 36.99 7.64
N VAL D 54 8.28 37.38 8.86
CA VAL D 54 8.93 38.51 9.48
C VAL D 54 9.13 38.34 10.99
N GLN D 55 10.34 38.66 11.46
CA GLN D 55 10.65 38.64 12.89
C GLN D 55 11.08 40.04 13.31
N GLU D 56 11.42 40.19 14.58
CA GLU D 56 11.90 41.46 15.12
C GLU D 56 13.13 41.94 14.36
N ASP D 57 14.14 41.08 14.30
CA ASP D 57 15.42 41.44 13.70
C ASP D 57 15.41 41.42 12.17
N LYS D 58 14.69 40.47 11.58
CA LYS D 58 14.73 40.31 10.13
C LYS D 58 13.40 39.94 9.48
N ALA D 59 13.39 39.99 8.14
CA ALA D 59 12.22 39.62 7.36
C ALA D 59 12.66 38.79 6.17
N MSE D 60 11.89 37.75 5.85
CA MSE D 60 12.16 36.93 4.67
C MSE D 60 11.30 37.38 3.51
O MSE D 60 10.09 37.49 3.63
CB MSE D 60 11.91 35.45 4.95
CG MSE D 60 11.98 34.59 3.68
SE MSE D 60 11.66 32.69 3.95
CE MSE D 60 9.80 32.72 4.41
N VAL D 61 11.94 37.63 2.37
CA VAL D 61 11.22 38.08 1.19
C VAL D 61 11.54 37.20 -0.01
N GLN D 62 10.59 37.10 -0.94
CA GLN D 62 10.86 36.45 -2.23
C GLN D 62 10.74 37.47 -3.35
N ILE D 63 11.76 37.51 -4.20
CA ILE D 63 11.78 38.47 -5.31
C ILE D 63 11.10 37.87 -6.54
N PHE D 64 10.13 38.60 -7.09
CA PHE D 64 9.37 38.11 -8.25
C PHE D 64 10.31 37.75 -9.41
N GLU D 65 11.25 38.64 -9.70
CA GLU D 65 12.13 38.48 -10.85
C GLU D 65 13.35 37.60 -10.56
N GLY D 66 13.50 37.15 -9.32
CA GLY D 66 14.65 36.34 -8.94
C GLY D 66 15.78 37.17 -8.37
N THR D 67 16.88 36.50 -8.01
CA THR D 67 18.00 37.18 -7.35
C THR D 67 19.31 37.10 -8.12
N SER D 68 19.25 36.63 -9.36
CA SER D 68 20.45 36.52 -10.18
C SER D 68 21.13 37.88 -10.38
N GLY D 69 22.44 37.92 -10.14
CA GLY D 69 23.22 39.12 -10.38
C GLY D 69 23.24 40.13 -9.24
N ILE D 70 22.54 39.83 -8.15
CA ILE D 70 22.47 40.74 -7.02
C ILE D 70 23.71 40.65 -6.13
N ASN D 71 24.36 41.80 -5.92
CA ASN D 71 25.40 41.93 -4.90
C ASN D 71 24.74 42.44 -3.63
N LEU D 72 24.85 41.67 -2.55
CA LEU D 72 24.15 41.98 -1.31
C LEU D 72 24.57 43.32 -0.72
N LYS D 73 25.88 43.52 -0.62
CA LYS D 73 26.45 44.67 0.08
C LYS D 73 26.03 46.01 -0.52
N ASN D 74 25.92 46.05 -1.85
CA ASN D 74 25.70 47.31 -2.55
C ASN D 74 24.28 47.50 -3.06
N SER D 75 23.40 46.58 -2.69
CA SER D 75 21.99 46.69 -3.06
C SER D 75 21.17 47.19 -1.89
N SER D 76 19.99 47.72 -2.18
CA SER D 76 19.16 48.33 -1.17
C SER D 76 17.74 47.81 -1.21
N VAL D 77 17.03 47.89 -0.08
CA VAL D 77 15.65 47.44 -0.01
C VAL D 77 14.74 48.50 0.60
N ARG D 78 13.57 48.68 -0.02
CA ARG D 78 12.58 49.62 0.48
C ARG D 78 11.24 48.92 0.72
N PHE D 79 10.64 49.15 1.88
CA PHE D 79 9.36 48.54 2.21
C PHE D 79 8.22 49.49 1.89
N LEU D 80 7.28 49.02 1.09
CA LEU D 80 6.29 49.89 0.46
C LEU D 80 5.14 50.30 1.39
N GLY D 81 4.99 49.57 2.49
CA GLY D 81 3.97 49.89 3.48
C GLY D 81 2.59 49.38 3.13
N HIS D 82 2.52 48.51 2.12
CA HIS D 82 1.25 47.93 1.69
C HIS D 82 1.47 46.61 0.98
N PRO D 83 0.47 45.72 1.03
CA PRO D 83 0.52 44.45 0.29
C PRO D 83 0.06 44.64 -1.15
N LEU D 84 -0.08 43.54 -1.88
CA LEU D 84 -0.68 43.58 -3.21
C LEU D 84 -2.12 44.05 -3.12
N GLN D 85 -2.50 44.98 -3.98
CA GLN D 85 -3.85 45.52 -3.98
C GLN D 85 -4.39 45.66 -5.39
N LEU D 86 -5.71 45.52 -5.53
CA LEU D 86 -6.34 45.66 -6.83
C LEU D 86 -6.97 47.04 -6.99
N GLY D 87 -6.62 47.72 -8.09
CA GLY D 87 -7.24 48.99 -8.41
C GLY D 87 -8.52 48.74 -9.18
N VAL D 88 -9.64 48.80 -8.48
CA VAL D 88 -10.94 48.45 -9.06
C VAL D 88 -11.60 49.60 -9.81
N SER D 89 -12.34 49.24 -10.86
CA SER D 89 -13.08 50.18 -11.69
C SER D 89 -13.94 49.39 -12.66
N GLU D 90 -15.05 49.97 -13.10
CA GLU D 90 -15.89 49.31 -14.11
C GLU D 90 -15.19 49.25 -15.46
N ASP D 91 -14.07 49.95 -15.58
CA ASP D 91 -13.29 49.95 -16.81
C ASP D 91 -12.43 48.69 -16.96
N MSE D 92 -12.50 47.80 -15.97
CA MSE D 92 -11.79 46.53 -16.06
C MSE D 92 -12.43 45.64 -17.11
O MSE D 92 -11.76 44.79 -17.72
CB MSE D 92 -11.80 45.80 -14.70
CG MSE D 92 -11.01 46.49 -13.61
SE MSE D 92 -11.08 45.49 -11.93
CE MSE D 92 -13.02 45.32 -11.80
N ILE D 93 -13.72 45.82 -17.33
CA ILE D 93 -14.46 45.05 -18.34
C ILE D 93 -13.87 45.28 -19.73
N GLY D 94 -13.54 44.20 -20.43
CA GLY D 94 -12.95 44.30 -21.75
C GLY D 94 -11.44 44.33 -21.72
N ARG D 95 -10.86 44.18 -20.53
CA ARG D 95 -9.43 44.30 -20.34
C ARG D 95 -8.76 43.00 -19.88
N VAL D 96 -7.48 42.85 -20.22
CA VAL D 96 -6.71 41.67 -19.85
C VAL D 96 -5.53 42.07 -18.97
N PHE D 97 -5.46 41.47 -17.79
CA PHE D 97 -4.41 41.77 -16.82
C PHE D 97 -3.61 40.51 -16.50
N ASP D 98 -2.45 40.69 -15.88
CA ASP D 98 -1.68 39.54 -15.41
C ASP D 98 -2.09 39.19 -13.99
N GLY D 99 -1.34 38.30 -13.35
CA GLY D 99 -1.64 37.87 -12.00
C GLY D 99 -1.67 38.98 -10.97
N LEU D 100 -0.84 40.00 -11.18
CA LEU D 100 -0.77 41.11 -10.23
C LEU D 100 -1.69 42.27 -10.61
N GLY D 101 -2.54 42.05 -11.61
CA GLY D 101 -3.51 43.06 -12.02
C GLY D 101 -2.97 44.09 -12.99
N ARG D 102 -1.76 43.87 -13.50
CA ARG D 102 -1.15 44.79 -14.44
C ARG D 102 -1.63 44.52 -15.86
N PRO D 103 -1.92 45.59 -16.61
CA PRO D 103 -2.40 45.53 -18.01
C PRO D 103 -1.54 44.63 -18.89
N LYS D 104 -2.18 43.82 -19.71
CA LYS D 104 -1.45 42.88 -20.56
C LYS D 104 -1.78 43.11 -22.03
N ASP D 105 -2.79 43.95 -22.29
CA ASP D 105 -3.30 44.13 -23.65
C ASP D 105 -2.81 45.41 -24.33
N ASN D 106 -1.88 46.12 -23.68
CA ASN D 106 -1.34 47.37 -24.20
C ASN D 106 -2.43 48.42 -24.46
N GLY D 107 -3.46 48.43 -23.64
CA GLY D 107 -4.58 49.34 -23.81
C GLY D 107 -4.43 50.62 -23.01
N PRO D 108 -5.46 51.47 -23.01
CA PRO D 108 -5.42 52.78 -22.35
C PRO D 108 -5.28 52.65 -20.83
N GLU D 109 -4.79 53.70 -20.19
CA GLU D 109 -4.53 53.68 -18.75
C GLU D 109 -5.82 53.62 -17.94
N ILE D 110 -5.79 52.90 -16.83
CA ILE D 110 -6.94 52.79 -15.95
C ILE D 110 -6.76 53.61 -14.68
N LEU D 111 -7.72 54.51 -14.42
CA LEU D 111 -7.73 55.29 -13.20
C LEU D 111 -8.69 54.64 -12.21
N PRO D 112 -8.15 53.99 -11.17
CA PRO D 112 -8.94 53.22 -10.21
C PRO D 112 -9.90 54.07 -9.38
N GLU D 113 -11.08 53.54 -9.11
CA GLU D 113 -12.03 54.17 -8.19
C GLU D 113 -11.43 54.14 -6.79
N LYS D 114 -10.75 53.04 -6.48
CA LYS D 114 -10.10 52.84 -5.19
C LYS D 114 -9.26 51.58 -5.24
N TYR D 115 -8.40 51.39 -4.25
CA TYR D 115 -7.59 50.18 -4.13
C TYR D 115 -8.13 49.29 -3.03
N LEU D 116 -8.31 48.01 -3.33
CA LEU D 116 -8.83 47.06 -2.36
C LEU D 116 -7.81 45.99 -2.00
N ASP D 117 -7.86 45.51 -0.77
CA ASP D 117 -7.10 44.34 -0.36
C ASP D 117 -7.73 43.13 -1.02
N ILE D 118 -6.92 42.14 -1.36
CA ILE D 118 -7.38 41.04 -2.20
C ILE D 118 -7.80 39.79 -1.42
N ASN D 119 -7.81 39.90 -0.10
CA ASN D 119 -8.22 38.77 0.74
C ASN D 119 -9.73 38.70 0.92
N GLY D 120 -10.40 39.84 0.78
CA GLY D 120 -11.83 39.91 0.93
C GLY D 120 -12.27 39.74 2.37
N GLU D 121 -13.57 39.77 2.58
CA GLU D 121 -14.12 39.54 3.91
C GLU D 121 -15.08 38.35 3.87
N VAL D 122 -15.15 37.63 4.99
CA VAL D 122 -16.00 36.45 5.07
C VAL D 122 -17.47 36.84 5.15
N ILE D 123 -18.28 36.25 4.28
CA ILE D 123 -19.72 36.52 4.25
C ILE D 123 -20.42 35.89 5.45
N ASN D 124 -21.22 36.69 6.16
CA ASN D 124 -22.05 36.18 7.24
C ASN D 124 -22.97 35.10 6.68
N PRO D 125 -22.89 33.88 7.24
CA PRO D 125 -23.68 32.74 6.76
C PRO D 125 -25.19 32.99 6.69
N ILE D 126 -25.70 33.93 7.48
CA ILE D 126 -27.12 34.24 7.46
C ILE D 126 -27.44 35.42 6.54
N ALA D 127 -26.41 35.96 5.90
CA ALA D 127 -26.59 37.07 4.96
C ALA D 127 -26.69 36.55 3.53
N ARG D 128 -26.35 35.29 3.33
CA ARG D 128 -26.38 34.69 2.01
C ARG D 128 -27.82 34.37 1.60
N ASP D 129 -28.11 34.54 0.31
CA ASP D 129 -29.41 34.20 -0.22
C ASP D 129 -29.26 32.91 -1.03
N TYR D 130 -30.33 32.12 -1.12
CA TYR D 130 -30.25 30.84 -1.81
C TYR D 130 -30.32 31.00 -3.34
N PRO D 131 -29.47 30.26 -4.06
CA PRO D 131 -29.43 30.25 -5.53
C PRO D 131 -30.79 29.92 -6.13
N ASP D 132 -31.23 30.75 -7.09
CA ASP D 132 -32.59 30.65 -7.60
C ASP D 132 -32.66 30.54 -9.11
N GLU D 133 -31.81 31.28 -9.81
CA GLU D 133 -31.93 31.42 -11.26
C GLU D 133 -31.10 30.38 -12.04
N PHE D 134 -31.77 29.74 -12.99
CA PHE D 134 -31.14 28.77 -13.91
C PHE D 134 -30.12 29.46 -14.82
N ILE D 135 -28.95 28.85 -14.95
CA ILE D 135 -27.94 29.32 -15.89
C ILE D 135 -27.82 28.34 -17.04
N GLN D 136 -28.12 28.78 -18.24
CA GLN D 136 -27.97 27.94 -19.42
C GLN D 136 -26.54 28.00 -19.94
N THR D 137 -25.80 26.91 -19.74
CA THR D 137 -24.44 26.81 -20.24
C THR D 137 -24.42 26.44 -21.71
N GLY D 138 -25.55 25.94 -22.20
CA GLY D 138 -25.65 25.48 -23.58
C GLY D 138 -25.13 24.06 -23.75
N ILE D 139 -24.79 23.44 -22.63
CA ILE D 139 -24.27 22.07 -22.63
C ILE D 139 -25.25 21.12 -21.95
N SER D 140 -25.83 20.23 -22.73
CA SER D 140 -26.86 19.30 -22.27
C SER D 140 -26.52 18.56 -20.98
N ALA D 141 -25.34 17.93 -20.94
CA ALA D 141 -24.94 17.12 -19.79
C ALA D 141 -24.85 17.92 -18.50
N ILE D 142 -24.79 19.25 -18.63
CA ILE D 142 -24.80 20.12 -17.46
C ILE D 142 -26.21 20.68 -17.22
N ASP D 143 -26.71 21.47 -18.15
CA ASP D 143 -28.01 22.14 -17.99
C ASP D 143 -29.13 21.21 -17.55
N HIS D 144 -29.14 19.99 -18.08
CA HIS D 144 -30.22 19.07 -17.81
C HIS D 144 -29.96 18.16 -16.61
N LEU D 145 -28.79 17.53 -16.59
CA LEU D 145 -28.51 16.49 -15.60
C LEU D 145 -27.76 16.98 -14.36
N ASN D 146 -26.99 18.07 -14.51
CA ASN D 146 -26.23 18.64 -13.39
C ASN D 146 -26.31 20.15 -13.41
N THR D 147 -27.53 20.66 -13.30
CA THR D 147 -27.84 22.06 -13.55
C THR D 147 -27.04 23.05 -12.70
N LEU D 148 -26.50 24.08 -13.37
CA LEU D 148 -25.82 25.18 -12.72
C LEU D 148 -26.80 26.29 -12.36
N VAL D 149 -26.81 26.70 -11.11
CA VAL D 149 -27.74 27.72 -10.62
C VAL D 149 -26.95 28.96 -10.18
N ARG D 150 -27.52 30.14 -10.43
CA ARG D 150 -26.87 31.41 -10.11
C ARG D 150 -26.53 31.54 -8.63
N GLY D 151 -25.24 31.58 -8.31
CA GLY D 151 -24.78 31.69 -6.93
C GLY D 151 -24.11 30.42 -6.43
N GLN D 152 -24.15 29.38 -7.25
CA GLN D 152 -23.56 28.08 -6.91
C GLN D 152 -22.06 28.10 -7.13
N LYS D 153 -21.36 27.18 -6.49
CA LYS D 153 -19.99 26.86 -6.86
C LYS D 153 -20.01 25.45 -7.42
N LEU D 154 -19.82 25.33 -8.73
CA LEU D 154 -19.86 24.05 -9.40
C LEU D 154 -18.60 23.84 -10.25
N PRO D 155 -17.64 23.06 -9.73
CA PRO D 155 -16.33 22.89 -10.35
C PRO D 155 -16.28 21.78 -11.38
N VAL D 156 -15.29 21.87 -12.27
CA VAL D 156 -14.98 20.81 -13.22
C VAL D 156 -13.75 20.06 -12.75
N PHE D 157 -13.90 18.75 -12.56
CA PHE D 157 -12.77 17.90 -12.18
C PHE D 157 -12.25 17.22 -13.44
N SER D 158 -11.02 17.54 -13.81
CA SER D 158 -10.48 17.04 -15.07
C SER D 158 -9.19 16.27 -14.82
N GLY D 159 -8.33 16.23 -15.84
CA GLY D 159 -7.05 15.56 -15.72
C GLY D 159 -6.12 15.96 -16.84
N SER D 160 -4.84 15.63 -16.70
CA SER D 160 -3.86 15.95 -17.73
C SER D 160 -4.24 15.31 -19.06
N GLY D 161 -4.30 16.12 -20.11
CA GLY D 161 -4.63 15.63 -21.43
C GLY D 161 -6.12 15.57 -21.70
N LEU D 162 -6.92 15.97 -20.72
CA LEU D 162 -8.36 16.06 -20.92
C LEU D 162 -8.72 17.49 -21.31
N PRO D 163 -9.82 17.67 -22.06
CA PRO D 163 -10.10 18.97 -22.67
C PRO D 163 -10.88 19.95 -21.80
N HIS D 164 -10.43 20.19 -20.56
CA HIS D 164 -11.09 21.18 -19.73
C HIS D 164 -10.81 22.60 -20.24
N LYS D 165 -9.79 22.73 -21.08
CA LYS D 165 -9.49 24.01 -21.72
C LYS D 165 -10.63 24.43 -22.65
N GLU D 166 -11.02 23.52 -23.53
CA GLU D 166 -12.10 23.77 -24.49
C GLU D 166 -13.45 23.94 -23.80
N LEU D 167 -13.66 23.20 -22.70
CA LEU D 167 -14.91 23.27 -21.95
C LEU D 167 -15.04 24.60 -21.23
N ALA D 168 -13.93 25.07 -20.66
CA ALA D 168 -13.89 26.36 -19.97
C ALA D 168 -14.21 27.50 -20.93
N ALA D 169 -13.60 27.45 -22.10
CA ALA D 169 -13.83 28.47 -23.12
C ALA D 169 -15.28 28.43 -23.57
N GLN D 170 -15.81 27.23 -23.75
CA GLN D 170 -17.18 27.04 -24.22
C GLN D 170 -18.21 27.59 -23.23
N ILE D 171 -18.02 27.26 -21.95
CA ILE D 171 -18.96 27.71 -20.92
C ILE D 171 -18.97 29.23 -20.79
N ALA D 172 -17.78 29.84 -20.75
CA ALA D 172 -17.65 31.29 -20.68
C ALA D 172 -18.31 31.96 -21.89
N ARG D 173 -18.26 31.27 -23.02
CA ARG D 173 -18.76 31.77 -24.28
C ARG D 173 -20.29 31.69 -24.34
N GLN D 174 -20.84 30.59 -23.85
CA GLN D 174 -22.26 30.28 -24.04
C GLN D 174 -23.16 30.58 -22.84
N ALA D 175 -22.57 30.70 -21.65
CA ALA D 175 -23.35 30.88 -20.43
C ALA D 175 -24.25 32.11 -20.48
N THR D 176 -25.53 31.91 -20.17
CA THR D 176 -26.47 33.03 -20.07
C THR D 176 -27.68 32.68 -19.23
N VAL D 177 -28.34 33.71 -18.73
CA VAL D 177 -29.59 33.56 -17.99
C VAL D 177 -30.75 33.93 -18.91
N LEU D 178 -31.79 33.10 -18.92
CA LEU D 178 -32.96 33.34 -19.75
C LEU D 178 -33.68 34.62 -19.31
N ASP D 179 -34.09 35.42 -20.29
CA ASP D 179 -34.63 36.77 -20.07
C ASP D 179 -33.59 37.71 -19.45
N SER D 180 -33.99 38.43 -18.40
CA SER D 180 -33.09 39.32 -17.64
C SER D 180 -32.58 40.57 -18.36
N SER D 181 -32.31 40.45 -19.66
CA SER D 181 -31.72 41.52 -20.47
C SER D 181 -30.28 41.85 -20.08
N ASP D 182 -30.05 42.17 -18.81
CA ASP D 182 -28.70 42.35 -18.30
C ASP D 182 -27.99 41.00 -18.31
N ASP D 183 -26.80 40.97 -18.90
CA ASP D 183 -26.08 39.71 -19.11
C ASP D 183 -25.00 39.43 -18.07
N PHE D 184 -24.23 38.36 -18.31
CA PHE D 184 -23.18 37.94 -17.42
C PHE D 184 -21.87 38.70 -17.66
N ALA D 185 -21.30 39.24 -16.60
CA ALA D 185 -19.91 39.69 -16.63
C ALA D 185 -19.07 38.50 -16.22
N VAL D 186 -18.12 38.12 -17.05
CA VAL D 186 -17.31 36.93 -16.78
C VAL D 186 -15.90 37.30 -16.32
N VAL D 187 -15.55 36.89 -15.11
CA VAL D 187 -14.16 37.04 -14.65
C VAL D 187 -13.43 35.73 -14.86
N PHE D 188 -12.38 35.78 -15.69
CA PHE D 188 -11.62 34.58 -16.05
C PHE D 188 -10.22 34.63 -15.48
N ALA D 189 -9.90 33.70 -14.58
CA ALA D 189 -8.58 33.63 -13.98
C ALA D 189 -7.81 32.40 -14.48
N ALA D 190 -6.64 32.63 -15.05
CA ALA D 190 -5.75 31.56 -15.47
C ALA D 190 -4.59 31.47 -14.51
N ILE D 191 -4.43 30.32 -13.86
CA ILE D 191 -3.43 30.16 -12.81
C ILE D 191 -2.35 29.15 -13.20
N GLY D 192 -1.13 29.64 -13.42
CA GLY D 192 0.01 28.79 -13.69
C GLY D 192 -0.05 28.00 -14.99
N ILE D 193 -0.79 28.50 -15.97
CA ILE D 193 -0.92 27.77 -17.23
C ILE D 193 0.15 28.16 -18.25
N THR D 194 0.30 27.35 -19.29
CA THR D 194 1.29 27.63 -20.33
C THR D 194 0.83 28.80 -21.17
N PHE D 195 1.77 29.48 -21.83
CA PHE D 195 1.43 30.61 -22.68
C PHE D 195 0.48 30.18 -23.80
N GLU D 196 0.76 29.01 -24.37
CA GLU D 196 -0.04 28.48 -25.46
C GLU D 196 -1.52 28.34 -25.07
N GLU D 197 -1.78 27.94 -23.82
CA GLU D 197 -3.14 27.81 -23.33
C GLU D 197 -3.76 29.18 -23.03
N ALA D 198 -2.95 30.08 -22.46
CA ALA D 198 -3.39 31.43 -22.16
C ALA D 198 -3.75 32.18 -23.43
N GLU D 199 -2.97 31.96 -24.48
CA GLU D 199 -3.22 32.59 -25.77
C GLU D 199 -4.48 32.03 -26.42
N PHE D 200 -4.74 30.75 -26.22
CA PHE D 200 -5.99 30.16 -26.71
C PHE D 200 -7.19 30.86 -26.11
N PHE D 201 -7.16 31.04 -24.79
CA PHE D 201 -8.25 31.68 -24.06
C PHE D 201 -8.43 33.12 -24.52
N MSE D 202 -7.35 33.89 -24.52
CA MSE D 202 -7.40 35.29 -24.92
C MSE D 202 -7.91 35.46 -26.36
O MSE D 202 -8.71 36.35 -26.64
CB MSE D 202 -6.03 35.95 -24.75
CG MSE D 202 -5.63 36.16 -23.30
SE MSE D 202 -3.88 37.02 -23.05
CE MSE D 202 -2.72 35.51 -23.48
N GLU D 203 -7.45 34.59 -27.25
CA GLU D 203 -7.84 34.69 -28.66
C GLU D 203 -9.28 34.23 -28.90
N ASP D 204 -9.73 33.28 -28.10
CA ASP D 204 -11.11 32.81 -28.21
C ASP D 204 -12.06 33.90 -27.73
N PHE D 205 -11.69 34.56 -26.64
CA PHE D 205 -12.49 35.65 -26.08
C PHE D 205 -12.60 36.83 -27.04
N ARG D 206 -11.51 37.11 -27.76
CA ARG D 206 -11.51 38.22 -28.71
C ARG D 206 -12.27 37.90 -30.00
N GLN D 207 -12.11 36.68 -30.49
CA GLN D 207 -12.69 36.29 -31.77
C GLN D 207 -14.21 36.12 -31.71
N THR D 208 -14.75 35.95 -30.50
CA THR D 208 -16.18 35.76 -30.34
C THR D 208 -16.87 36.99 -29.75
N GLY D 209 -16.07 37.96 -29.31
CA GLY D 209 -16.61 39.17 -28.70
C GLY D 209 -16.90 39.00 -27.23
N ALA D 210 -16.57 37.83 -26.69
CA ALA D 210 -16.81 37.54 -25.28
C ALA D 210 -15.95 38.42 -24.38
N ILE D 211 -14.87 38.95 -24.94
CA ILE D 211 -13.97 39.84 -24.21
C ILE D 211 -14.68 41.11 -23.75
N ASP D 212 -15.70 41.54 -24.49
CA ASP D 212 -16.46 42.73 -24.15
C ASP D 212 -17.28 42.56 -22.86
N ARG D 213 -17.46 41.30 -22.46
CA ARG D 213 -18.21 40.95 -21.26
C ARG D 213 -17.27 40.57 -20.12
N SER D 214 -15.98 40.49 -20.42
CA SER D 214 -15.06 39.80 -19.52
C SER D 214 -13.96 40.65 -18.89
N VAL D 215 -13.45 40.16 -17.77
CA VAL D 215 -12.21 40.64 -17.19
C VAL D 215 -11.28 39.44 -17.00
N MSE D 216 -10.12 39.48 -17.63
CA MSE D 216 -9.21 38.33 -17.58
C MSE D 216 -7.97 38.61 -16.75
O MSE D 216 -7.31 39.63 -16.94
CB MSE D 216 -8.82 37.90 -18.99
CG MSE D 216 -10.01 37.65 -19.91
SE MSE D 216 -9.39 37.15 -21.68
CE MSE D 216 -8.81 35.33 -21.30
N PHE D 217 -7.64 37.68 -15.86
CA PHE D 217 -6.40 37.73 -15.09
C PHE D 217 -5.56 36.53 -15.48
N MSE D 218 -4.48 36.77 -16.21
CA MSE D 218 -3.69 35.69 -16.80
C MSE D 218 -2.33 35.52 -16.12
O MSE D 218 -1.48 36.40 -16.17
CB MSE D 218 -3.51 35.90 -18.30
CG MSE D 218 -4.82 36.23 -19.04
SE MSE D 218 -6.20 34.86 -18.87
CE MSE D 218 -5.51 33.56 -20.14
N ASN D 219 -2.16 34.37 -15.48
CA ASN D 219 -0.91 34.03 -14.81
C ASN D 219 -0.31 32.78 -15.46
N LEU D 220 0.99 32.82 -15.73
CA LEU D 220 1.64 31.76 -16.49
C LEU D 220 2.49 30.83 -15.63
N ALA D 221 2.81 29.66 -16.19
CA ALA D 221 3.56 28.64 -15.47
C ALA D 221 4.94 29.12 -15.02
N ASN D 222 5.57 29.98 -15.81
CA ASN D 222 6.89 30.49 -15.47
C ASN D 222 6.87 31.80 -14.70
N ASP D 223 5.67 32.20 -14.28
CA ASP D 223 5.53 33.34 -13.36
C ASP D 223 5.81 32.85 -11.95
N PRO D 224 6.22 33.76 -11.05
CA PRO D 224 6.55 33.41 -9.66
C PRO D 224 5.39 32.73 -8.92
N ALA D 225 5.73 31.87 -7.97
CA ALA D 225 4.72 31.16 -7.17
C ALA D 225 3.82 32.12 -6.40
N ILE D 226 4.39 33.25 -5.97
CA ILE D 226 3.62 34.25 -5.24
C ILE D 226 2.63 35.00 -6.14
N GLU D 227 2.93 35.07 -7.44
CA GLU D 227 1.99 35.65 -8.39
C GLU D 227 0.83 34.70 -8.67
N ARG D 228 1.12 33.40 -8.65
CA ARG D 228 0.10 32.38 -8.88
C ARG D 228 -0.88 32.35 -7.72
N ILE D 229 -0.36 32.58 -6.51
CA ILE D 229 -1.18 32.61 -5.31
C ILE D 229 -2.05 33.86 -5.29
N ALA D 230 -1.52 34.96 -5.81
CA ALA D 230 -2.23 36.23 -5.82
C ALA D 230 -3.38 36.24 -6.84
N THR D 231 -3.20 35.52 -7.94
CA THR D 231 -4.15 35.54 -9.06
C THR D 231 -5.63 35.26 -8.72
N PRO D 232 -5.92 34.15 -8.02
CA PRO D 232 -7.33 33.89 -7.69
C PRO D 232 -7.92 34.98 -6.80
N ARG D 233 -7.10 35.52 -5.92
CA ARG D 233 -7.54 36.56 -5.00
C ARG D 233 -7.81 37.88 -5.72
N MSE D 234 -6.98 38.18 -6.73
CA MSE D 234 -7.19 39.36 -7.55
C MSE D 234 -8.49 39.24 -8.33
O MSE D 234 -9.28 40.17 -8.40
CB MSE D 234 -6.03 39.53 -8.54
CG MSE D 234 -4.73 40.00 -7.90
SE MSE D 234 -4.60 41.94 -7.76
CE MSE D 234 -2.90 42.06 -6.81
N ALA D 235 -8.70 38.06 -8.92
CA ALA D 235 -9.88 37.79 -9.74
C ALA D 235 -11.17 37.85 -8.93
N LEU D 236 -11.15 37.25 -7.74
CA LEU D 236 -12.33 37.22 -6.89
C LEU D 236 -12.64 38.58 -6.27
N THR D 237 -11.59 39.38 -6.05
CA THR D 237 -11.77 40.74 -5.56
C THR D 237 -12.45 41.59 -6.62
N ALA D 238 -12.07 41.37 -7.88
CA ALA D 238 -12.70 42.05 -9.00
C ALA D 238 -14.16 41.63 -9.15
N ALA D 239 -14.43 40.34 -8.94
CA ALA D 239 -15.78 39.80 -9.07
C ALA D 239 -16.74 40.34 -8.02
N GLU D 240 -16.29 40.37 -6.77
CA GLU D 240 -17.13 40.86 -5.67
C GLU D 240 -17.40 42.36 -5.79
N TYR D 241 -16.49 43.07 -6.43
CA TYR D 241 -16.65 44.50 -6.65
C TYR D 241 -17.71 44.76 -7.72
N LEU D 242 -17.60 44.03 -8.83
CA LEU D 242 -18.57 44.14 -9.91
C LEU D 242 -19.94 43.65 -9.45
N ALA D 243 -19.95 42.56 -8.68
CA ALA D 243 -21.20 41.96 -8.23
C ALA D 243 -21.86 42.68 -7.07
N TYR D 244 -21.16 42.80 -5.94
CA TYR D 244 -21.78 43.31 -4.71
C TYR D 244 -21.79 44.84 -4.61
N GLU D 245 -20.92 45.51 -5.37
CA GLU D 245 -20.88 46.97 -5.36
C GLU D 245 -21.53 47.59 -6.59
N LYS D 246 -21.46 46.92 -7.73
CA LYS D 246 -22.01 47.45 -8.97
C LYS D 246 -23.29 46.73 -9.41
N GLY D 247 -23.65 45.69 -8.68
CA GLY D 247 -24.92 44.99 -8.91
C GLY D 247 -24.94 44.06 -10.11
N MSE D 248 -23.77 43.65 -10.57
CA MSE D 248 -23.69 42.78 -11.74
C MSE D 248 -23.79 41.31 -11.36
O MSE D 248 -23.47 40.91 -10.24
CB MSE D 248 -22.37 43.00 -12.48
CG MSE D 248 -22.17 44.39 -13.04
SE MSE D 248 -20.62 44.44 -14.23
CE MSE D 248 -20.51 46.37 -14.49
N HIS D 249 -24.24 40.50 -12.32
CA HIS D 249 -24.20 39.06 -12.16
C HIS D 249 -22.90 38.54 -12.76
N VAL D 250 -22.08 37.93 -11.92
CA VAL D 250 -20.72 37.57 -12.32
C VAL D 250 -20.50 36.06 -12.31
N LEU D 251 -20.00 35.54 -13.43
CA LEU D 251 -19.56 34.15 -13.50
C LEU D 251 -18.05 34.10 -13.42
N VAL D 252 -17.53 33.39 -12.42
CA VAL D 252 -16.09 33.28 -12.21
C VAL D 252 -15.58 31.90 -12.61
N ILE D 253 -14.71 31.86 -13.61
CA ILE D 253 -14.11 30.61 -14.05
C ILE D 253 -12.60 30.64 -13.81
N MSE D 254 -12.11 29.65 -13.04
CA MSE D 254 -10.70 29.64 -12.66
C MSE D 254 -10.05 28.28 -12.93
O MSE D 254 -10.49 27.27 -12.41
CB MSE D 254 -10.54 30.00 -11.17
CG MSE D 254 -11.11 31.36 -10.79
SE MSE D 254 -10.80 31.83 -8.92
CE MSE D 254 -11.70 30.34 -8.05
N THR D 255 -8.99 28.30 -13.73
CA THR D 255 -8.19 27.10 -13.98
C THR D 255 -6.72 27.51 -13.97
N ASP D 256 -5.81 26.66 -13.48
CA ASP D 256 -6.09 25.33 -12.94
C ASP D 256 -5.82 25.42 -11.44
N MSE D 257 -6.81 25.06 -10.63
CA MSE D 257 -6.68 25.15 -9.17
C MSE D 257 -5.55 24.28 -8.60
O MSE D 257 -5.01 24.59 -7.55
CB MSE D 257 -8.00 24.80 -8.48
CG MSE D 257 -9.13 25.73 -8.83
SE MSE D 257 -8.67 27.61 -8.61
CE MSE D 257 -8.22 27.61 -6.71
N THR D 258 -5.22 23.20 -9.30
CA THR D 258 -4.11 22.36 -8.90
C THR D 258 -2.81 23.14 -8.96
N ASN D 259 -2.67 24.03 -9.94
CA ASN D 259 -1.49 24.89 -10.04
C ASN D 259 -1.39 25.84 -8.85
N TYR D 260 -2.53 26.29 -8.37
CA TYR D 260 -2.60 27.13 -7.19
C TYR D 260 -2.09 26.38 -5.96
N ALA D 261 -2.51 25.13 -5.82
CA ALA D 261 -2.14 24.28 -4.68
C ALA D 261 -0.64 23.99 -4.64
N GLU D 262 -0.06 23.79 -5.82
CA GLU D 262 1.37 23.53 -5.91
C GLU D 262 2.19 24.76 -5.57
N ALA D 263 1.63 25.94 -5.82
CA ALA D 263 2.29 27.19 -5.47
C ALA D 263 2.33 27.36 -3.96
N LEU D 264 1.28 26.91 -3.28
CA LEU D 264 1.22 26.96 -1.82
C LEU D 264 2.30 26.10 -1.19
N ARG D 265 2.52 24.91 -1.74
CA ARG D 265 3.53 23.99 -1.24
C ARG D 265 4.93 24.59 -1.32
N GLU D 266 5.16 25.37 -2.37
CA GLU D 266 6.46 25.99 -2.59
C GLU D 266 6.76 27.03 -1.51
N ILE D 267 5.76 27.85 -1.20
CA ILE D 267 5.89 28.87 -0.17
C ILE D 267 5.97 28.22 1.22
N SER D 268 5.16 27.19 1.42
CA SER D 268 5.13 26.45 2.68
C SER D 268 6.49 25.81 2.98
N ALA D 269 7.14 25.29 1.94
CA ALA D 269 8.46 24.68 2.09
C ALA D 269 9.54 25.72 2.40
N ALA D 270 9.37 26.93 1.87
CA ALA D 270 10.31 28.02 2.11
C ALA D 270 10.29 28.45 3.57
N ARG D 271 9.13 28.26 4.22
CA ARG D 271 8.99 28.56 5.64
C ARG D 271 9.23 27.31 6.49
N ARG D 272 9.68 26.24 5.84
CA ARG D 272 9.99 24.98 6.50
C ARG D 272 8.82 24.41 7.31
N GLU D 273 7.63 24.48 6.73
CA GLU D 273 6.43 23.93 7.35
C GLU D 273 6.30 22.45 7.02
N VAL D 274 5.96 21.63 8.01
CA VAL D 274 5.74 20.21 7.77
C VAL D 274 4.37 20.01 7.12
N PRO D 275 4.34 19.32 5.97
CA PRO D 275 3.11 19.10 5.20
C PRO D 275 2.05 18.33 5.97
N GLY D 276 0.81 18.42 5.50
CA GLY D 276 -0.26 17.60 6.03
C GLY D 276 -0.43 16.36 5.16
N ARG D 277 -1.68 16.03 4.86
CA ARG D 277 -1.99 14.86 4.05
C ARG D 277 -1.47 14.98 2.61
N ARG D 278 -0.74 13.96 2.17
CA ARG D 278 -0.24 13.86 0.79
C ARG D 278 0.65 15.01 0.33
N GLY D 279 1.33 15.66 1.29
CA GLY D 279 2.33 16.66 0.97
C GLY D 279 1.85 18.10 0.91
N TYR D 280 0.57 18.32 1.19
CA TYR D 280 0.00 19.67 1.12
C TYR D 280 -0.10 20.31 2.50
N PRO D 281 -0.15 21.65 2.56
CA PRO D 281 -0.20 22.32 3.86
C PRO D 281 -1.42 21.88 4.66
N GLY D 282 -1.31 21.88 5.98
CA GLY D 282 -2.42 21.49 6.83
C GLY D 282 -3.59 22.43 6.66
N TYR D 283 -3.29 23.69 6.36
CA TYR D 283 -4.32 24.71 6.21
C TYR D 283 -4.86 24.81 4.79
N LEU D 284 -4.67 23.76 3.99
CA LEU D 284 -5.16 23.75 2.61
C LEU D 284 -6.68 23.91 2.54
N TYR D 285 -7.39 23.29 3.48
CA TYR D 285 -8.85 23.37 3.51
C TYR D 285 -9.32 24.81 3.71
N THR D 286 -8.79 25.45 4.75
CA THR D 286 -9.08 26.86 5.04
C THR D 286 -8.82 27.72 3.82
N ASN D 287 -7.68 27.47 3.18
CA ASN D 287 -7.25 28.22 1.99
C ASN D 287 -8.24 28.08 0.83
N LEU D 288 -8.60 26.84 0.50
CA LEU D 288 -9.55 26.57 -0.57
C LEU D 288 -10.94 27.09 -0.24
N ALA D 289 -11.33 26.94 1.03
CA ALA D 289 -12.66 27.36 1.48
C ALA D 289 -12.80 28.88 1.43
N THR D 290 -11.73 29.58 1.76
CA THR D 290 -11.75 31.04 1.74
C THR D 290 -11.93 31.58 0.31
N LEU D 291 -11.37 30.86 -0.67
CA LEU D 291 -11.55 31.23 -2.07
C LEU D 291 -12.93 30.87 -2.61
N PHE D 292 -13.33 29.61 -2.45
CA PHE D 292 -14.55 29.11 -3.06
C PHE D 292 -15.83 29.66 -2.44
N GLU D 293 -15.76 30.09 -1.18
CA GLU D 293 -16.93 30.65 -0.51
C GLU D 293 -17.10 32.15 -0.75
N ARG D 294 -16.23 32.72 -1.58
CA ARG D 294 -16.42 34.09 -2.04
C ARG D 294 -17.35 34.05 -3.24
N ALA D 295 -18.59 33.64 -2.99
CA ALA D 295 -19.56 33.41 -4.06
C ALA D 295 -20.97 33.38 -3.51
N GLY D 296 -21.95 33.52 -4.41
CA GLY D 296 -23.34 33.39 -4.04
C GLY D 296 -24.10 34.70 -4.02
N ARG D 297 -25.41 34.61 -3.85
CA ARG D 297 -26.25 35.79 -3.72
C ARG D 297 -26.16 36.29 -2.28
N ILE D 298 -26.43 37.57 -2.09
CA ILE D 298 -26.46 38.15 -0.75
C ILE D 298 -27.79 38.88 -0.59
N ARG D 299 -28.46 38.65 0.55
CA ARG D 299 -29.76 39.23 0.82
C ARG D 299 -29.75 40.76 0.70
N GLY D 300 -30.66 41.29 -0.12
CA GLY D 300 -30.79 42.73 -0.28
C GLY D 300 -29.93 43.31 -1.39
N LEU D 301 -29.09 42.48 -1.99
CA LEU D 301 -28.20 42.93 -3.07
C LEU D 301 -28.63 42.37 -4.41
N LYS D 302 -28.50 43.18 -5.45
CA LYS D 302 -28.94 42.81 -6.79
C LYS D 302 -27.98 41.86 -7.48
N GLY D 303 -26.68 42.07 -7.27
CA GLY D 303 -25.67 41.29 -7.96
C GLY D 303 -25.31 39.97 -7.27
N SER D 304 -24.58 39.12 -7.97
CA SER D 304 -24.20 37.82 -7.44
C SER D 304 -22.89 37.31 -8.02
N VAL D 305 -22.28 36.34 -7.33
CA VAL D 305 -21.10 35.68 -7.84
C VAL D 305 -21.36 34.19 -7.99
N THR D 306 -21.12 33.67 -9.20
CA THR D 306 -21.20 32.23 -9.46
C THR D 306 -19.80 31.73 -9.78
N GLN D 307 -19.39 30.63 -9.16
CA GLN D 307 -18.03 30.10 -9.37
C GLN D 307 -17.97 28.76 -10.09
N ILE D 308 -17.08 28.67 -11.06
CA ILE D 308 -16.72 27.39 -11.68
C ILE D 308 -15.21 27.20 -11.60
N PRO D 309 -14.72 26.66 -10.47
CA PRO D 309 -13.29 26.36 -10.37
C PRO D 309 -12.98 25.16 -11.25
N ILE D 310 -11.81 25.13 -11.87
CA ILE D 310 -11.43 24.00 -12.68
C ILE D 310 -10.10 23.44 -12.20
N LEU D 311 -10.04 22.13 -12.03
CA LEU D 311 -8.82 21.51 -11.54
C LEU D 311 -8.54 20.19 -12.24
N THR D 312 -7.26 19.85 -12.34
CA THR D 312 -6.86 18.53 -12.80
C THR D 312 -6.61 17.66 -11.59
N MSE D 313 -7.16 16.44 -11.61
CA MSE D 313 -6.93 15.48 -10.54
C MSE D 313 -5.67 14.70 -10.84
O MSE D 313 -5.61 14.00 -11.85
CB MSE D 313 -8.12 14.52 -10.42
CG MSE D 313 -9.44 15.22 -10.16
SE MSE D 313 -10.89 13.96 -9.87
CE MSE D 313 -11.10 13.28 -11.70
N PRO D 314 -4.65 14.84 -9.98
CA PRO D 314 -3.39 14.11 -10.16
C PRO D 314 -3.64 12.62 -10.26
N GLU D 315 -3.05 11.99 -11.28
CA GLU D 315 -3.26 10.57 -11.60
C GLU D 315 -4.74 10.15 -11.63
N ASP D 316 -5.61 11.11 -11.95
CA ASP D 316 -7.05 10.90 -12.05
C ASP D 316 -7.62 10.33 -10.76
N ASP D 317 -7.09 10.81 -9.64
CA ASP D 317 -7.45 10.29 -8.33
C ASP D 317 -8.36 11.26 -7.58
N LYS D 318 -9.60 10.85 -7.38
CA LYS D 318 -10.60 11.70 -6.75
C LYS D 318 -10.44 11.79 -5.23
N THR D 319 -9.63 10.90 -4.67
CA THR D 319 -9.37 10.91 -3.23
C THR D 319 -8.20 11.85 -2.90
N HIS D 320 -7.52 12.33 -3.94
CA HIS D 320 -6.44 13.29 -3.79
C HIS D 320 -6.97 14.53 -3.07
N PRO D 321 -6.16 15.09 -2.16
CA PRO D 321 -6.56 16.26 -1.35
C PRO D 321 -7.20 17.40 -2.13
N ILE D 322 -6.71 17.68 -3.34
CA ILE D 322 -7.24 18.81 -4.10
C ILE D 322 -8.71 18.60 -4.53
N PRO D 323 -9.02 17.52 -5.27
CA PRO D 323 -10.45 17.34 -5.58
C PRO D 323 -11.27 16.91 -4.37
N ASP D 324 -10.66 16.20 -3.42
CA ASP D 324 -11.39 15.69 -2.26
C ASP D 324 -11.90 16.81 -1.37
N LEU D 325 -11.03 17.77 -1.06
CA LEU D 325 -11.41 18.91 -0.24
C LEU D 325 -12.31 19.89 -0.97
N THR D 326 -12.08 20.04 -2.27
CA THR D 326 -12.89 20.93 -3.10
C THR D 326 -14.36 20.49 -3.12
N GLY D 327 -14.58 19.18 -3.24
CA GLY D 327 -15.93 18.63 -3.25
C GLY D 327 -16.67 18.83 -1.94
N TYR D 328 -15.91 18.91 -0.85
CA TYR D 328 -16.48 19.18 0.47
C TYR D 328 -16.96 20.61 0.57
N ILE D 329 -16.44 21.47 -0.30
CA ILE D 329 -16.70 22.90 -0.23
C ILE D 329 -17.70 23.34 -1.29
N THR D 330 -17.52 22.83 -2.49
CA THR D 330 -18.38 23.19 -3.61
C THR D 330 -19.66 22.34 -3.60
N GLU D 331 -20.70 22.84 -4.26
CA GLU D 331 -21.98 22.12 -4.31
C GLU D 331 -22.04 21.19 -5.52
N GLY D 332 -21.19 20.17 -5.53
CA GLY D 332 -21.15 19.20 -6.60
C GLY D 332 -19.86 19.27 -7.41
N GLN D 333 -19.83 18.55 -8.53
CA GLN D 333 -18.68 18.59 -9.43
C GLN D 333 -19.02 17.98 -10.78
N ILE D 334 -18.44 18.53 -11.84
CA ILE D 334 -18.55 17.97 -13.17
C ILE D 334 -17.27 17.20 -13.48
N ILE D 335 -17.41 15.93 -13.81
CA ILE D 335 -16.25 15.08 -14.01
C ILE D 335 -16.00 14.73 -15.49
N LEU D 336 -14.78 14.97 -15.94
CA LEU D 336 -14.33 14.58 -17.28
C LEU D 336 -13.56 13.27 -17.16
N THR D 337 -13.77 12.35 -18.10
CA THR D 337 -13.07 11.07 -18.06
C THR D 337 -12.32 10.72 -19.36
N ARG D 338 -11.25 9.96 -19.20
CA ARG D 338 -10.39 9.52 -20.29
C ARG D 338 -11.11 8.52 -21.20
N GLU D 339 -11.93 7.67 -20.59
CA GLU D 339 -12.69 6.66 -21.34
C GLU D 339 -13.59 7.30 -22.38
N LEU D 340 -14.29 8.36 -21.99
CA LEU D 340 -15.19 9.06 -22.89
C LEU D 340 -14.40 9.83 -23.95
N TYR D 341 -13.31 10.47 -23.53
CA TYR D 341 -12.50 11.24 -24.47
C TYR D 341 -11.84 10.35 -25.53
N LYS D 342 -11.33 9.19 -25.10
CA LYS D 342 -10.74 8.24 -26.04
C LYS D 342 -11.78 7.69 -27.03
N SER D 343 -13.05 7.76 -26.65
CA SER D 343 -14.13 7.32 -27.52
C SER D 343 -14.66 8.47 -28.36
N GLY D 344 -14.05 9.64 -28.21
CA GLY D 344 -14.36 10.79 -29.03
C GLY D 344 -15.55 11.61 -28.59
N ILE D 345 -15.94 11.46 -27.32
CA ILE D 345 -17.07 12.20 -26.79
C ILE D 345 -16.65 13.61 -26.35
N GLN D 346 -17.31 14.62 -26.90
CA GLN D 346 -16.97 16.01 -26.63
C GLN D 346 -18.20 16.83 -26.29
N PRO D 347 -18.28 17.34 -25.06
CA PRO D 347 -17.32 17.15 -23.97
C PRO D 347 -17.45 15.79 -23.28
N PRO D 348 -16.31 15.23 -22.82
CA PRO D 348 -16.29 13.90 -22.20
C PRO D 348 -16.78 13.92 -20.75
N ILE D 349 -18.00 14.40 -20.54
CA ILE D 349 -18.59 14.46 -19.21
C ILE D 349 -19.21 13.11 -18.80
N ASP D 350 -18.80 12.58 -17.67
CA ASP D 350 -19.38 11.34 -17.16
C ASP D 350 -20.48 11.70 -16.17
N VAL D 351 -21.73 11.54 -16.58
CA VAL D 351 -22.85 12.01 -15.77
C VAL D 351 -23.08 11.22 -14.49
N LEU D 352 -22.63 9.96 -14.47
CA LEU D 352 -22.87 9.10 -13.30
C LEU D 352 -22.18 9.60 -12.02
N PRO D 353 -20.88 9.92 -12.07
CA PRO D 353 -20.28 10.46 -10.84
C PRO D 353 -20.43 11.99 -10.72
N SER D 354 -20.83 12.66 -11.80
CA SER D 354 -21.05 14.10 -11.75
C SER D 354 -22.26 14.43 -10.88
N LEU D 355 -22.24 15.59 -10.23
CA LEU D 355 -23.35 15.99 -9.38
C LEU D 355 -23.47 17.52 -9.25
N SER D 356 -24.71 18.00 -9.25
CA SER D 356 -25.01 19.36 -8.85
C SER D 356 -25.99 19.26 -7.68
N ARG D 357 -25.61 19.82 -6.54
CA ARG D 357 -26.42 19.65 -5.33
C ARG D 357 -27.54 20.68 -5.21
N LEU D 358 -27.50 21.70 -6.06
CA LEU D 358 -28.52 22.75 -6.03
C LEU D 358 -29.43 22.68 -7.25
N LYS D 359 -29.35 21.58 -7.98
CA LYS D 359 -30.04 21.45 -9.27
C LYS D 359 -31.56 21.59 -9.18
N ASP D 360 -32.15 21.10 -8.10
CA ASP D 360 -33.60 21.16 -7.92
C ASP D 360 -34.11 22.58 -7.70
N LYS D 361 -33.20 23.54 -7.62
CA LYS D 361 -33.54 24.91 -7.32
C LYS D 361 -33.61 25.79 -8.56
N GLY D 362 -33.07 25.30 -9.67
CA GLY D 362 -33.05 26.07 -10.90
C GLY D 362 -33.82 25.42 -12.04
N THR D 363 -34.66 24.45 -11.72
CA THR D 363 -35.37 23.69 -12.75
C THR D 363 -36.88 23.64 -12.50
N GLY D 364 -37.62 23.30 -13.56
CA GLY D 364 -39.07 23.17 -13.46
C GLY D 364 -39.81 24.23 -14.24
N ALA D 365 -41.11 24.34 -14.00
CA ALA D 365 -41.93 25.33 -14.70
C ALA D 365 -41.59 26.75 -14.23
N GLY D 366 -41.40 27.65 -15.19
CA GLY D 366 -41.04 29.02 -14.89
C GLY D 366 -39.54 29.23 -14.95
N LYS D 367 -38.78 28.17 -14.69
CA LYS D 367 -37.33 28.23 -14.71
C LYS D 367 -36.78 27.60 -16.00
N THR D 368 -37.09 26.33 -16.19
CA THR D 368 -36.77 25.66 -17.46
C THR D 368 -38.07 25.14 -18.09
N ARG D 369 -38.44 23.91 -17.77
CA ARG D 369 -39.71 23.35 -18.20
C ARG D 369 -40.14 22.26 -17.23
N GLU D 370 -41.44 21.96 -17.21
CA GLU D 370 -42.02 21.07 -16.19
C GLU D 370 -41.54 19.62 -16.29
N ASP D 371 -41.03 19.23 -17.46
CA ASP D 371 -40.59 17.86 -17.66
C ASP D 371 -39.09 17.68 -17.37
N HIS D 372 -38.50 18.67 -16.69
CA HIS D 372 -37.05 18.69 -16.48
C HIS D 372 -36.56 17.60 -15.51
N ALA D 373 -37.12 17.58 -14.31
CA ALA D 373 -36.64 16.67 -13.27
C ALA D 373 -36.93 15.21 -13.60
N ALA D 374 -38.14 14.93 -14.08
CA ALA D 374 -38.55 13.58 -14.40
C ALA D 374 -37.71 12.95 -15.51
N THR D 375 -37.45 13.71 -16.57
CA THR D 375 -36.66 13.20 -17.69
C THR D 375 -35.20 13.01 -17.31
N MSE D 376 -34.72 13.83 -16.39
CA MSE D 376 -33.36 13.72 -15.89
C MSE D 376 -33.15 12.42 -15.15
O MSE D 376 -32.16 11.72 -15.36
CB MSE D 376 -33.02 14.88 -14.97
CG MSE D 376 -31.77 14.65 -14.14
SE MSE D 376 -31.55 15.94 -12.71
CE MSE D 376 -33.23 15.67 -11.77
N ASN D 377 -34.08 12.08 -14.26
CA ASN D 377 -34.03 10.83 -13.51
C ASN D 377 -34.16 9.63 -14.44
N GLN D 378 -35.03 9.78 -15.44
CA GLN D 378 -35.27 8.70 -16.39
C GLN D 378 -34.08 8.44 -17.30
N LEU D 379 -33.47 9.52 -17.79
CA LEU D 379 -32.28 9.41 -18.64
C LEU D 379 -31.12 8.79 -17.88
N PHE D 380 -31.00 9.16 -16.60
CA PHE D 380 -29.94 8.65 -15.76
C PHE D 380 -30.12 7.15 -15.54
N ALA D 381 -31.34 6.73 -15.24
CA ALA D 381 -31.65 5.33 -14.98
C ALA D 381 -31.40 4.47 -16.20
N ALA D 382 -31.89 4.91 -17.34
CA ALA D 382 -31.76 4.16 -18.59
C ALA D 382 -30.30 4.07 -19.04
N TYR D 383 -29.53 5.12 -18.79
CA TYR D 383 -28.12 5.15 -19.15
C TYR D 383 -27.33 4.12 -18.36
N ALA D 384 -27.56 4.07 -17.05
CA ALA D 384 -26.89 3.11 -16.18
C ALA D 384 -27.34 1.69 -16.51
N GLN D 385 -28.62 1.54 -16.83
CA GLN D 385 -29.18 0.25 -17.19
C GLN D 385 -28.65 -0.22 -18.53
N GLY D 386 -28.45 0.72 -19.46
CA GLY D 386 -27.92 0.40 -20.77
C GLY D 386 -26.47 -0.02 -20.74
N LYS D 387 -25.70 0.61 -19.86
CA LYS D 387 -24.30 0.24 -19.66
C LYS D 387 -24.20 -1.17 -19.08
N GLN D 388 -25.11 -1.50 -18.16
CA GLN D 388 -25.19 -2.85 -17.60
C GLN D 388 -25.53 -3.88 -18.68
N ALA D 389 -26.39 -3.48 -19.61
CA ALA D 389 -26.81 -4.36 -20.69
C ALA D 389 -25.66 -4.67 -21.64
N LYS D 390 -24.84 -3.66 -21.92
CA LYS D 390 -23.67 -3.84 -22.77
C LYS D 390 -22.69 -4.83 -22.14
N GLU D 391 -22.51 -4.69 -20.82
CA GLU D 391 -21.62 -5.57 -20.08
C GLU D 391 -22.14 -7.00 -20.08
N LEU D 392 -23.44 -7.15 -19.91
CA LEU D 392 -24.09 -8.45 -19.94
C LEU D 392 -23.82 -9.17 -21.26
N ALA D 393 -23.88 -8.42 -22.36
CA ALA D 393 -23.68 -8.99 -23.69
C ALA D 393 -22.26 -9.53 -23.86
N VAL D 394 -21.30 -8.88 -23.21
CA VAL D 394 -19.91 -9.30 -23.30
C VAL D 394 -19.63 -10.51 -22.43
N VAL D 395 -20.26 -10.55 -21.26
CA VAL D 395 -20.05 -11.64 -20.30
C VAL D 395 -20.74 -12.94 -20.72
N LEU D 396 -22.03 -12.84 -21.06
CA LEU D 396 -22.84 -14.03 -21.33
C LEU D 396 -23.17 -14.26 -22.80
N GLY D 397 -22.91 -13.25 -23.63
CA GLY D 397 -23.20 -13.35 -25.05
C GLY D 397 -24.50 -12.65 -25.43
N GLU D 398 -24.77 -12.57 -26.72
CA GLU D 398 -25.99 -11.96 -27.21
C GLU D 398 -27.20 -12.86 -26.97
N SER D 399 -26.93 -14.10 -26.56
CA SER D 399 -27.97 -15.08 -26.26
C SER D 399 -28.76 -14.68 -25.03
N ALA D 400 -28.08 -14.04 -24.07
CA ALA D 400 -28.68 -13.71 -22.79
C ALA D 400 -29.50 -12.42 -22.84
N LEU D 401 -29.32 -11.63 -23.89
CA LEU D 401 -30.03 -10.37 -24.03
C LEU D 401 -31.49 -10.56 -24.42
N SER D 402 -32.39 -9.90 -23.69
CA SER D 402 -33.79 -9.82 -24.10
C SER D 402 -33.92 -8.69 -25.11
N ASP D 403 -35.12 -8.51 -25.66
CA ASP D 403 -35.36 -7.45 -26.61
C ASP D 403 -35.31 -6.08 -25.94
N ILE D 404 -35.74 -6.02 -24.69
CA ILE D 404 -35.66 -4.78 -23.93
C ILE D 404 -34.21 -4.44 -23.62
N ASP D 405 -33.42 -5.47 -23.34
CA ASP D 405 -31.99 -5.30 -23.02
C ASP D 405 -31.21 -4.72 -24.19
N LYS D 406 -31.50 -5.20 -25.39
CA LYS D 406 -30.82 -4.74 -26.59
C LYS D 406 -31.13 -3.27 -26.87
N ILE D 407 -32.31 -2.82 -26.42
CA ILE D 407 -32.69 -1.42 -26.58
C ILE D 407 -31.92 -0.51 -25.64
N TYR D 408 -31.84 -0.90 -24.37
CA TYR D 408 -31.11 -0.14 -23.37
C TYR D 408 -29.65 0.02 -23.78
N ALA D 409 -29.06 -1.07 -24.29
CA ALA D 409 -27.71 -1.04 -24.81
C ALA D 409 -27.58 -0.02 -25.95
N LYS D 410 -28.57 0.00 -26.84
CA LYS D 410 -28.60 0.98 -27.93
C LYS D 410 -28.85 2.38 -27.40
N PHE D 411 -29.61 2.49 -26.31
CA PHE D 411 -29.88 3.78 -25.70
C PHE D 411 -28.59 4.41 -25.20
N ALA D 412 -27.84 3.65 -24.40
CA ALA D 412 -26.59 4.13 -23.82
C ALA D 412 -25.59 4.56 -24.90
N GLU D 413 -25.62 3.86 -26.02
CA GLU D 413 -24.75 4.18 -27.14
C GLU D 413 -25.12 5.52 -27.75
N ARG D 414 -26.40 5.70 -28.05
CA ARG D 414 -26.90 6.96 -28.61
C ARG D 414 -26.80 8.11 -27.60
N PHE D 415 -26.98 7.79 -26.33
CA PHE D 415 -26.89 8.80 -25.28
C PHE D 415 -25.51 9.44 -25.23
N GLU D 416 -24.47 8.62 -25.29
CA GLU D 416 -23.12 9.13 -25.28
C GLU D 416 -22.80 9.86 -26.57
N ASN D 417 -23.22 9.29 -27.70
CA ASN D 417 -22.83 9.76 -29.02
C ASN D 417 -23.62 10.94 -29.59
N GLU D 418 -24.84 11.14 -29.11
CA GLU D 418 -25.68 12.22 -29.64
C GLU D 418 -26.07 13.25 -28.58
N TYR D 419 -26.22 12.80 -27.34
CA TYR D 419 -26.65 13.68 -26.26
C TYR D 419 -25.45 14.31 -25.55
N VAL D 420 -24.60 13.48 -24.97
CA VAL D 420 -23.40 13.97 -24.30
C VAL D 420 -22.41 14.55 -25.32
N ASN D 421 -22.19 13.83 -26.41
CA ASN D 421 -21.27 14.28 -27.46
C ASN D 421 -21.92 15.31 -28.37
N GLN D 422 -21.89 16.57 -27.96
CA GLN D 422 -22.53 17.62 -28.74
C GLN D 422 -21.53 18.49 -29.50
N GLY D 423 -20.28 18.51 -29.06
CA GLY D 423 -19.26 19.33 -29.68
C GLY D 423 -18.97 20.56 -28.86
N PHE D 424 -17.71 20.99 -28.90
CA PHE D 424 -17.24 22.11 -28.07
C PHE D 424 -17.70 23.48 -28.59
N TYR D 425 -18.32 23.51 -29.76
CA TYR D 425 -18.80 24.76 -30.33
C TYR D 425 -20.29 24.72 -30.65
N THR D 426 -20.99 23.81 -29.98
CA THR D 426 -22.44 23.69 -30.13
C THR D 426 -23.15 24.25 -28.91
N ASN D 427 -24.03 25.21 -29.14
CA ASN D 427 -24.76 25.88 -28.06
C ASN D 427 -26.22 25.46 -28.06
N ARG D 428 -26.57 24.49 -27.21
CA ARG D 428 -27.95 23.99 -27.15
C ARG D 428 -28.81 24.76 -26.15
N THR D 429 -29.97 25.21 -26.61
CA THR D 429 -30.93 25.82 -25.69
C THR D 429 -31.53 24.70 -24.83
N ILE D 430 -32.00 25.06 -23.64
CA ILE D 430 -32.57 24.06 -22.73
C ILE D 430 -33.74 23.31 -23.38
N THR D 431 -34.51 24.02 -24.20
CA THR D 431 -35.61 23.39 -24.94
C THR D 431 -35.09 22.29 -25.87
N GLU D 432 -34.05 22.61 -26.63
CA GLU D 432 -33.44 21.64 -27.53
C GLU D 432 -32.89 20.44 -26.78
N THR D 433 -32.30 20.71 -25.61
CA THR D 433 -31.73 19.65 -24.76
C THR D 433 -32.82 18.72 -24.23
N LEU D 434 -33.89 19.31 -23.68
CA LEU D 434 -35.02 18.54 -23.17
C LEU D 434 -35.70 17.73 -24.27
N ASP D 435 -35.83 18.34 -25.45
CA ASP D 435 -36.45 17.66 -26.58
C ASP D 435 -35.63 16.46 -27.06
N LEU D 436 -34.31 16.62 -27.05
CA LEU D 436 -33.41 15.52 -27.44
C LEU D 436 -33.49 14.39 -26.41
N GLY D 437 -33.67 14.75 -25.14
CA GLY D 437 -33.86 13.76 -24.10
C GLY D 437 -35.07 12.89 -24.38
N TRP D 438 -36.15 13.51 -24.83
CA TRP D 438 -37.40 12.80 -25.13
C TRP D 438 -37.29 11.91 -26.37
N GLU D 439 -36.50 12.34 -27.34
CA GLU D 439 -36.30 11.56 -28.56
C GLU D 439 -35.51 10.28 -28.24
N LEU D 440 -34.64 10.37 -27.24
CA LEU D 440 -33.87 9.22 -26.80
C LEU D 440 -34.71 8.29 -25.92
N LEU D 441 -35.54 8.89 -25.07
CA LEU D 441 -36.46 8.12 -24.23
C LEU D 441 -37.55 7.46 -25.06
N ALA D 442 -37.77 7.96 -26.27
CA ALA D 442 -38.77 7.40 -27.17
C ALA D 442 -38.34 6.03 -27.73
N MSE D 443 -37.08 5.69 -27.55
CA MSE D 443 -36.57 4.37 -27.95
C MSE D 443 -37.18 3.29 -27.08
O MSE D 443 -37.36 2.15 -27.51
CB MSE D 443 -35.05 4.31 -27.81
CG MSE D 443 -34.29 5.33 -28.64
SE MSE D 443 -32.39 5.23 -28.22
CE MSE D 443 -32.08 3.37 -28.73
N LEU D 444 -37.49 3.65 -25.84
CA LEU D 444 -37.98 2.69 -24.85
C LEU D 444 -39.50 2.59 -24.88
N PRO D 445 -40.02 1.39 -24.58
CA PRO D 445 -41.47 1.22 -24.44
C PRO D 445 -42.00 2.09 -23.32
N ARG D 446 -43.27 2.46 -23.39
CA ARG D 446 -43.89 3.30 -22.37
C ARG D 446 -43.87 2.61 -21.01
N THR D 447 -43.84 1.28 -21.04
CA THR D 447 -43.80 0.48 -19.81
C THR D 447 -42.50 0.71 -19.03
N GLU D 448 -41.42 1.01 -19.75
CA GLU D 448 -40.11 1.19 -19.13
C GLU D 448 -39.93 2.57 -18.50
N LEU D 449 -40.72 3.54 -18.98
CA LEU D 449 -40.63 4.92 -18.49
C LEU D 449 -41.34 5.07 -17.14
N LYS D 450 -40.80 4.44 -16.12
CA LYS D 450 -41.45 4.36 -14.81
C LYS D 450 -41.37 5.65 -14.00
N ARG D 451 -40.23 6.34 -14.08
CA ARG D 451 -40.00 7.54 -13.28
C ARG D 451 -40.71 8.77 -13.85
N ILE D 452 -41.50 8.57 -14.90
CA ILE D 452 -42.25 9.66 -15.53
C ILE D 452 -43.75 9.44 -15.42
N LYS D 453 -44.45 10.40 -14.81
CA LYS D 453 -45.89 10.32 -14.67
C LYS D 453 -46.56 10.39 -16.04
N ASP D 454 -47.63 9.61 -16.21
CA ASP D 454 -48.33 9.52 -17.48
C ASP D 454 -48.87 10.87 -17.94
N ASP D 455 -49.00 11.79 -16.99
CA ASP D 455 -49.43 13.16 -17.26
C ASP D 455 -48.47 13.83 -18.25
N LEU D 456 -47.18 13.83 -17.93
CA LEU D 456 -46.18 14.47 -18.77
C LEU D 456 -45.67 13.54 -19.88
N LEU D 457 -45.87 12.24 -19.71
CA LEU D 457 -45.50 11.27 -20.73
C LEU D 457 -46.40 11.42 -21.96
N ASP D 458 -47.66 11.76 -21.73
CA ASP D 458 -48.63 11.91 -22.81
C ASP D 458 -48.46 13.25 -23.53
N LYS D 459 -47.80 14.20 -22.88
CA LYS D 459 -47.64 15.54 -23.43
C LYS D 459 -46.39 15.69 -24.30
N TYR D 460 -45.33 14.95 -23.95
CA TYR D 460 -44.02 15.16 -24.57
C TYR D 460 -43.45 14.00 -25.37
N LEU D 461 -43.90 12.78 -25.09
CA LEU D 461 -43.32 11.59 -25.73
C LEU D 461 -43.68 11.48 -27.21
N PRO D 462 -42.67 11.52 -28.08
CA PRO D 462 -42.87 11.41 -29.53
C PRO D 462 -43.03 9.96 -29.98
N GLU E 11 9.24 20.80 46.00
CA GLU E 11 8.28 21.47 45.13
C GLU E 11 8.96 22.56 44.30
N TYR E 12 8.86 22.45 42.98
CA TYR E 12 9.52 23.41 42.09
C TYR E 12 8.53 24.33 41.38
N ARG E 13 8.88 25.62 41.32
CA ARG E 13 8.09 26.58 40.57
C ARG E 13 8.89 26.99 39.34
N THR E 14 9.43 25.99 38.65
CA THR E 14 10.36 26.23 37.55
C THR E 14 9.93 25.55 36.26
N ILE E 15 8.63 25.47 36.02
CA ILE E 15 8.13 24.98 34.74
C ILE E 15 8.62 25.93 33.66
N LYS E 16 9.34 25.39 32.69
CA LYS E 16 9.99 26.21 31.67
C LYS E 16 9.20 26.22 30.35
N GLU E 17 8.69 25.05 29.96
CA GLU E 17 8.00 24.91 28.69
C GLU E 17 6.79 24.00 28.77
N VAL E 18 5.76 24.34 28.01
CA VAL E 18 4.65 23.44 27.77
C VAL E 18 4.37 23.39 26.27
N VAL E 19 4.49 22.19 25.71
CA VAL E 19 4.20 21.97 24.30
C VAL E 19 3.25 20.79 24.18
N GLY E 20 1.97 21.08 23.97
CA GLY E 20 0.96 20.04 23.96
C GLY E 20 0.82 19.44 25.35
N PRO E 21 0.68 18.11 25.43
CA PRO E 21 0.59 17.40 26.70
C PRO E 21 1.95 17.27 27.39
N LEU E 22 3.00 17.78 26.74
CA LEU E 22 4.37 17.66 27.24
C LEU E 22 4.83 18.92 27.95
N MSE E 23 5.63 18.74 29.00
CA MSE E 23 6.05 19.83 29.86
C MSE E 23 7.51 19.65 30.27
O MSE E 23 7.93 18.54 30.60
CB MSE E 23 5.14 19.85 31.09
CB MSE E 23 5.15 19.92 31.09
CG MSE E 23 4.94 21.19 31.74
CG MSE E 23 5.72 20.81 32.20
SE MSE E 23 3.44 21.17 32.98
SE MSE E 23 4.76 20.67 33.90
CE MSE E 23 4.31 20.24 34.46
CE MSE E 23 3.03 21.37 33.34
N ALA E 24 8.27 20.74 30.25
CA ALA E 24 9.67 20.69 30.69
C ALA E 24 9.87 21.45 32.00
N VAL E 25 10.44 20.78 32.98
CA VAL E 25 10.69 21.38 34.29
C VAL E 25 12.19 21.47 34.53
N GLU E 26 12.70 22.66 34.82
CA GLU E 26 14.13 22.88 34.97
C GLU E 26 14.53 23.09 36.42
N LYS E 27 15.84 23.23 36.64
CA LYS E 27 16.42 23.47 37.96
C LYS E 27 16.01 22.44 39.00
N VAL E 28 15.97 21.17 38.60
CA VAL E 28 15.59 20.10 39.51
C VAL E 28 16.80 19.23 39.87
N SER E 29 16.65 18.45 40.94
CA SER E 29 17.69 17.53 41.37
C SER E 29 17.05 16.26 41.93
N GLY E 30 17.72 15.13 41.75
CA GLY E 30 17.26 13.86 42.29
C GLY E 30 16.02 13.31 41.64
N VAL E 31 15.73 13.75 40.42
CA VAL E 31 14.58 13.27 39.68
C VAL E 31 14.95 12.04 38.85
N LYS E 32 14.08 11.03 38.88
CA LYS E 32 14.37 9.76 38.23
C LYS E 32 13.45 9.48 37.06
N TYR E 33 13.89 8.57 36.19
CA TYR E 33 13.10 8.11 35.07
C TYR E 33 11.83 7.42 35.59
N GLU E 34 10.69 7.74 34.98
CA GLU E 34 9.37 7.17 35.32
C GLU E 34 8.79 7.62 36.67
N GLU E 35 9.47 8.53 37.35
CA GLU E 35 8.99 9.07 38.61
C GLU E 35 7.67 9.82 38.43
N LEU E 36 6.74 9.60 39.36
CA LEU E 36 5.44 10.24 39.32
C LEU E 36 5.57 11.69 39.79
N ILE E 37 4.86 12.60 39.14
CA ILE E 37 4.88 14.00 39.53
C ILE E 37 3.48 14.53 39.81
N GLU E 38 3.42 15.68 40.46
CA GLU E 38 2.15 16.29 40.81
C GLU E 38 2.19 17.79 40.51
N VAL E 39 1.30 18.23 39.62
CA VAL E 39 1.22 19.64 39.24
C VAL E 39 0.12 20.36 39.99
N ARG E 40 0.52 21.32 40.83
CA ARG E 40 -0.42 22.19 41.52
C ARG E 40 -0.61 23.46 40.70
N MSE E 41 -1.73 23.53 39.97
CA MSE E 41 -2.01 24.64 39.07
C MSE E 41 -2.20 25.94 39.82
O MSE E 41 -2.36 25.95 41.04
CB MSE E 41 -3.27 24.34 38.25
CG MSE E 41 -3.04 24.08 36.76
SE MSE E 41 -4.16 22.62 36.15
CE MSE E 41 -3.44 21.28 37.36
N GLN E 42 -2.21 27.05 39.08
CA GLN E 42 -2.36 28.37 39.69
C GLN E 42 -3.74 28.54 40.35
N ASN E 43 -4.68 27.66 39.98
CA ASN E 43 -6.04 27.72 40.53
C ASN E 43 -6.32 26.64 41.56
N GLY E 44 -5.27 26.00 42.07
CA GLY E 44 -5.42 25.00 43.11
C GLY E 44 -5.73 23.60 42.59
N GLU E 45 -6.03 23.51 41.30
CA GLU E 45 -6.31 22.23 40.67
C GLU E 45 -5.06 21.35 40.67
N ILE E 46 -5.24 20.06 40.91
CA ILE E 46 -4.11 19.13 40.96
C ILE E 46 -4.16 18.11 39.81
N ARG E 47 -3.08 18.07 39.03
CA ARG E 47 -2.94 17.07 37.99
C ARG E 47 -1.68 16.25 38.22
N ARG E 48 -1.76 14.95 37.95
CA ARG E 48 -0.60 14.08 38.08
C ARG E 48 0.06 13.84 36.73
N GLY E 49 1.33 13.46 36.77
CA GLY E 49 2.09 13.23 35.55
C GLY E 49 3.18 12.20 35.76
N GLN E 50 4.00 12.03 34.74
CA GLN E 50 5.07 11.03 34.76
C GLN E 50 6.29 11.59 34.07
N VAL E 51 7.47 11.33 34.61
CA VAL E 51 8.72 11.71 33.97
C VAL E 51 9.05 10.75 32.83
N LEU E 52 9.09 11.28 31.61
CA LEU E 52 9.37 10.44 30.44
C LEU E 52 10.86 10.40 30.17
N GLU E 53 11.56 11.42 30.65
CA GLU E 53 12.96 11.60 30.35
C GLU E 53 13.56 12.62 31.31
N VAL E 54 14.77 12.36 31.77
CA VAL E 54 15.41 13.28 32.71
C VAL E 54 16.85 13.56 32.26
N GLN E 55 17.19 14.84 32.16
CA GLN E 55 18.46 15.25 31.60
C GLN E 55 19.07 16.42 32.37
N GLU E 56 20.21 16.17 33.01
CA GLU E 56 20.90 17.18 33.80
C GLU E 56 19.99 17.82 34.84
N ASP E 57 19.55 19.05 34.56
CA ASP E 57 18.66 19.76 35.48
C ASP E 57 17.24 19.85 34.95
N LYS E 58 16.97 19.15 33.85
CA LYS E 58 15.65 19.17 33.24
C LYS E 58 14.92 17.83 33.36
N ALA E 59 13.61 17.90 33.46
CA ALA E 59 12.77 16.70 33.44
C ALA E 59 11.62 16.89 32.45
N MSE E 60 11.50 15.97 31.51
CA MSE E 60 10.39 15.99 30.54
C MSE E 60 9.25 15.16 31.09
O MSE E 60 9.40 13.96 31.31
CB MSE E 60 10.84 15.48 29.16
CB MSE E 60 10.85 15.39 29.20
CG MSE E 60 11.54 16.52 28.31
CG MSE E 60 11.76 16.28 28.35
SE MSE E 60 10.36 17.97 27.72
SE MSE E 60 13.48 16.78 29.14
CE MSE E 60 11.65 19.03 26.72
CE MSE E 60 12.96 18.53 29.80
N VAL E 61 8.10 15.81 31.30
CA VAL E 61 6.96 15.13 31.90
C VAL E 61 5.72 15.16 31.00
N GLN E 62 4.88 14.15 31.15
CA GLN E 62 3.58 14.14 30.49
C GLN E 62 2.48 14.13 31.55
N ILE E 63 1.52 15.05 31.42
CA ILE E 63 0.43 15.15 32.37
C ILE E 63 -0.78 14.34 31.91
N PHE E 64 -1.27 13.46 32.78
CA PHE E 64 -2.34 12.52 32.45
C PHE E 64 -3.57 13.23 31.88
N GLU E 65 -3.95 14.33 32.52
CA GLU E 65 -5.17 15.04 32.20
C GLU E 65 -4.96 16.16 31.19
N GLY E 66 -3.74 16.30 30.69
CA GLY E 66 -3.42 17.33 29.72
C GLY E 66 -2.90 18.62 30.35
N THR E 67 -2.53 19.56 29.49
CA THR E 67 -1.89 20.80 29.95
C THR E 67 -2.76 22.01 29.66
N SER E 68 -4.00 21.78 29.25
CA SER E 68 -4.93 22.86 28.97
C SER E 68 -5.22 23.68 30.22
N GLY E 69 -5.09 25.00 30.11
CA GLY E 69 -5.42 25.90 31.20
C GLY E 69 -4.28 26.17 32.17
N ILE E 70 -3.14 25.52 31.98
CA ILE E 70 -2.01 25.68 32.89
C ILE E 70 -1.22 26.97 32.65
N ASN E 71 -1.09 27.78 33.69
CA ASN E 71 -0.19 28.93 33.68
C ASN E 71 1.16 28.54 34.26
N LEU E 72 2.20 28.62 33.44
CA LEU E 72 3.52 28.12 33.79
C LEU E 72 4.14 28.75 35.04
N LYS E 73 4.23 30.08 35.06
CA LYS E 73 4.94 30.77 36.14
C LYS E 73 4.27 30.60 37.50
N ASN E 74 2.95 30.42 37.52
CA ASN E 74 2.20 30.35 38.76
C ASN E 74 1.80 28.93 39.15
N SER E 75 2.34 27.95 38.43
CA SER E 75 2.10 26.56 38.77
C SER E 75 3.36 25.94 39.37
N SER E 76 3.19 24.91 40.19
CA SER E 76 4.33 24.25 40.80
C SER E 76 4.28 22.74 40.57
N VAL E 77 5.44 22.11 40.60
CA VAL E 77 5.55 20.68 40.39
C VAL E 77 6.19 19.99 41.60
N ARG E 78 5.53 18.95 42.09
CA ARG E 78 6.11 18.12 43.14
C ARG E 78 6.55 16.77 42.58
N PHE E 79 7.79 16.39 42.83
CA PHE E 79 8.27 15.08 42.44
C PHE E 79 8.09 14.10 43.60
N LEU E 80 7.25 13.09 43.39
CA LEU E 80 6.74 12.26 44.47
C LEU E 80 7.73 11.22 45.00
N GLY E 81 8.73 10.87 44.19
CA GLY E 81 9.78 9.97 44.62
C GLY E 81 9.48 8.49 44.42
N HIS E 82 8.42 8.21 43.66
CA HIS E 82 8.06 6.83 43.35
C HIS E 82 7.28 6.79 42.04
N PRO E 83 7.31 5.65 41.34
CA PRO E 83 6.52 5.52 40.12
C PRO E 83 5.05 5.29 40.46
N LEU E 84 4.22 5.06 39.44
CA LEU E 84 2.81 4.78 39.66
C LEU E 84 2.63 3.53 40.52
N GLN E 85 1.77 3.62 41.53
CA GLN E 85 1.59 2.53 42.50
C GLN E 85 0.13 2.19 42.79
N LEU E 86 -0.09 1.00 43.32
CA LEU E 86 -1.40 0.58 43.81
C LEU E 86 -1.32 0.23 45.29
N GLY E 87 -2.22 0.80 46.08
CA GLY E 87 -2.31 0.46 47.49
C GLY E 87 -3.17 -0.78 47.63
N VAL E 88 -2.52 -1.90 47.96
CA VAL E 88 -3.20 -3.19 47.95
C VAL E 88 -3.67 -3.64 49.34
N SER E 89 -4.78 -4.37 49.34
CA SER E 89 -5.33 -4.96 50.55
C SER E 89 -6.23 -6.11 50.15
N GLU E 90 -6.52 -7.01 51.08
CA GLU E 90 -7.45 -8.10 50.79
C GLU E 90 -8.88 -7.60 50.82
N ASP E 91 -9.07 -6.36 51.29
CA ASP E 91 -10.37 -5.72 51.32
C ASP E 91 -10.81 -5.22 49.95
N MSE E 92 -10.02 -5.51 48.92
CA MSE E 92 -10.35 -5.08 47.56
C MSE E 92 -11.45 -5.94 46.96
O MSE E 92 -12.15 -5.51 46.04
CB MSE E 92 -9.11 -5.13 46.66
CG MSE E 92 -8.00 -4.16 47.06
SE MSE E 92 -6.45 -4.34 45.89
CE MSE E 92 -6.60 -2.63 44.98
N ILE E 93 -11.59 -7.16 47.48
CA ILE E 93 -12.62 -8.08 46.99
C ILE E 93 -14.01 -7.51 47.26
N GLY E 94 -14.82 -7.42 46.21
CA GLY E 94 -16.17 -6.88 46.33
C GLY E 94 -16.23 -5.39 46.05
N ARG E 95 -15.08 -4.82 45.68
CA ARG E 95 -14.97 -3.38 45.48
C ARG E 95 -14.73 -3.01 44.02
N VAL E 96 -15.17 -1.81 43.65
CA VAL E 96 -15.02 -1.32 42.28
C VAL E 96 -14.11 -0.10 42.24
N PHE E 97 -13.10 -0.16 41.37
CA PHE E 97 -12.13 0.93 41.25
C PHE E 97 -12.10 1.45 39.83
N ASP E 98 -11.53 2.65 39.64
CA ASP E 98 -11.34 3.15 38.28
C ASP E 98 -9.98 2.70 37.75
N GLY E 99 -9.57 3.25 36.62
CA GLY E 99 -8.33 2.85 35.98
C GLY E 99 -7.08 3.08 36.81
N LEU E 100 -7.14 4.04 37.73
CA LEU E 100 -6.00 4.34 38.58
C LEU E 100 -6.18 3.85 40.03
N GLY E 101 -7.11 2.91 40.23
CA GLY E 101 -7.29 2.29 41.52
C GLY E 101 -8.02 3.13 42.55
N ARG E 102 -8.70 4.17 42.10
CA ARG E 102 -9.51 5.00 42.99
C ARG E 102 -10.92 4.41 43.09
N PRO E 103 -11.49 4.41 44.30
CA PRO E 103 -12.82 3.84 44.55
C PRO E 103 -13.89 4.44 43.65
N LYS E 104 -14.80 3.60 43.18
CA LYS E 104 -15.78 4.01 42.19
C LYS E 104 -17.18 3.62 42.64
N ASP E 105 -17.28 3.02 43.83
CA ASP E 105 -18.54 2.45 44.30
C ASP E 105 -19.11 3.12 45.54
N ASN E 106 -18.53 4.26 45.93
CA ASN E 106 -18.94 4.97 47.15
C ASN E 106 -18.83 4.11 48.40
N GLY E 107 -17.91 3.15 48.36
CA GLY E 107 -17.69 2.26 49.49
C GLY E 107 -16.84 2.90 50.55
N PRO E 108 -16.61 2.18 51.66
CA PRO E 108 -15.82 2.66 52.80
C PRO E 108 -14.37 2.94 52.43
N GLU E 109 -13.63 3.52 53.38
CA GLU E 109 -12.23 3.83 53.18
C GLU E 109 -11.39 2.57 53.00
N ILE E 110 -10.44 2.61 52.07
CA ILE E 110 -9.58 1.47 51.83
C ILE E 110 -8.20 1.66 52.47
N LEU E 111 -7.86 0.79 53.42
CA LEU E 111 -6.59 0.88 54.13
C LEU E 111 -5.59 -0.13 53.59
N PRO E 112 -4.60 0.36 52.82
CA PRO E 112 -3.61 -0.49 52.14
C PRO E 112 -2.61 -1.14 53.10
N GLU E 113 -2.37 -2.44 52.90
CA GLU E 113 -1.33 -3.14 53.63
C GLU E 113 0.03 -2.63 53.17
N LYS E 114 0.13 -2.30 51.89
CA LYS E 114 1.35 -1.79 51.30
C LYS E 114 1.05 -1.19 49.92
N TYR E 115 2.01 -0.45 49.36
CA TYR E 115 1.88 0.08 48.01
C TYR E 115 2.83 -0.61 47.07
N LEU E 116 2.34 -0.95 45.87
CA LEU E 116 3.15 -1.72 44.93
C LEU E 116 3.29 -1.04 43.56
N ASP E 117 4.53 -0.99 43.07
CA ASP E 117 4.81 -0.53 41.72
C ASP E 117 3.97 -1.34 40.74
N ILE E 118 3.13 -0.67 39.96
CA ILE E 118 2.19 -1.37 39.09
C ILE E 118 2.83 -2.08 37.89
N ASN E 119 4.11 -1.82 37.65
CA ASN E 119 4.87 -2.59 36.66
C ASN E 119 5.16 -4.00 37.16
N GLY E 120 5.14 -4.16 38.49
CA GLY E 120 5.47 -5.44 39.11
C GLY E 120 6.93 -5.80 38.91
N GLU E 121 7.25 -7.07 39.15
CA GLU E 121 8.58 -7.59 38.88
C GLU E 121 8.49 -8.79 37.93
N VAL E 122 9.60 -9.08 37.26
CA VAL E 122 9.66 -10.22 36.36
C VAL E 122 9.97 -11.48 37.13
N ILE E 123 9.16 -12.52 36.93
CA ILE E 123 9.40 -13.81 37.53
C ILE E 123 10.68 -14.41 36.95
N ASN E 124 11.62 -14.77 37.82
CA ASN E 124 12.81 -15.51 37.41
C ASN E 124 12.38 -16.76 36.65
N PRO E 125 12.85 -16.91 35.40
CA PRO E 125 12.49 -18.05 34.54
C PRO E 125 12.73 -19.39 35.24
N ILE E 126 13.74 -19.43 36.10
CA ILE E 126 14.08 -20.64 36.83
C ILE E 126 13.13 -20.86 38.02
N ALA E 127 12.51 -19.78 38.48
CA ALA E 127 11.58 -19.83 39.63
C ALA E 127 10.15 -20.07 39.16
N ARG E 128 9.91 -19.81 37.88
CA ARG E 128 8.58 -19.96 37.29
C ARG E 128 8.15 -21.42 37.28
N ASP E 129 6.87 -21.64 37.56
CA ASP E 129 6.32 -22.99 37.55
C ASP E 129 5.37 -23.11 36.36
N TYR E 130 5.43 -24.23 35.65
CA TYR E 130 4.61 -24.44 34.48
C TYR E 130 3.13 -24.43 34.89
N PRO E 131 2.27 -23.84 34.04
CA PRO E 131 0.83 -23.83 34.32
C PRO E 131 0.29 -25.24 34.46
N ASP E 132 -0.56 -25.44 35.46
CA ASP E 132 -1.00 -26.77 35.83
C ASP E 132 -2.39 -26.70 36.46
N GLU E 133 -3.16 -27.78 36.32
CA GLU E 133 -4.47 -27.94 36.95
C GLU E 133 -5.63 -27.24 36.22
N PHE E 134 -6.84 -27.73 36.48
CA PHE E 134 -8.04 -27.37 35.74
C PHE E 134 -8.79 -26.18 36.34
N ILE E 135 -9.19 -25.25 35.48
CA ILE E 135 -10.17 -24.24 35.84
C ILE E 135 -11.45 -24.50 35.05
N GLN E 136 -12.54 -24.77 35.75
CA GLN E 136 -13.82 -25.01 35.09
C GLN E 136 -14.53 -23.70 34.78
N THR E 137 -14.64 -23.36 33.49
CA THR E 137 -15.33 -22.14 33.07
C THR E 137 -16.84 -22.37 32.94
N GLY E 138 -17.24 -23.63 32.78
CA GLY E 138 -18.64 -23.98 32.63
C GLY E 138 -19.08 -23.95 31.18
N ILE E 139 -18.13 -23.59 30.31
CA ILE E 139 -18.37 -23.54 28.87
C ILE E 139 -17.72 -24.74 28.18
N SER E 140 -18.54 -25.61 27.61
CA SER E 140 -18.11 -26.86 27.00
C SER E 140 -17.01 -26.71 25.96
N ALA E 141 -17.19 -25.79 25.02
CA ALA E 141 -16.22 -25.58 23.97
C ALA E 141 -14.85 -25.19 24.52
N ILE E 142 -14.84 -24.57 25.70
CA ILE E 142 -13.59 -24.23 26.36
C ILE E 142 -13.07 -25.37 27.23
N ASP E 143 -13.84 -25.76 28.25
CA ASP E 143 -13.40 -26.77 29.22
C ASP E 143 -12.91 -28.08 28.58
N HIS E 144 -13.59 -28.51 27.52
CA HIS E 144 -13.28 -29.79 26.91
C HIS E 144 -12.23 -29.67 25.81
N LEU E 145 -12.54 -28.86 24.80
CA LEU E 145 -11.71 -28.80 23.60
C LEU E 145 -10.54 -27.80 23.66
N ASN E 146 -10.68 -26.76 24.49
CA ASN E 146 -9.65 -25.74 24.61
C ASN E 146 -9.42 -25.36 26.06
N THR E 147 -9.05 -26.36 26.86
CA THR E 147 -9.07 -26.26 28.33
C THR E 147 -8.23 -25.13 28.91
N LEU E 148 -8.82 -24.37 29.83
CA LEU E 148 -8.11 -23.32 30.54
C LEU E 148 -7.39 -23.88 31.76
N VAL E 149 -6.09 -23.59 31.86
CA VAL E 149 -5.23 -24.15 32.89
C VAL E 149 -4.82 -23.03 33.86
N ARG E 150 -4.59 -23.38 35.13
CA ARG E 150 -4.16 -22.38 36.12
C ARG E 150 -2.76 -21.85 35.81
N GLY E 151 -2.68 -20.55 35.54
CA GLY E 151 -1.43 -19.92 35.20
C GLY E 151 -1.29 -19.63 33.71
N GLN E 152 -2.32 -19.99 32.94
CA GLN E 152 -2.28 -19.84 31.49
C GLN E 152 -2.76 -18.46 31.06
N LYS E 153 -2.29 -18.00 29.91
CA LYS E 153 -2.87 -16.84 29.25
C LYS E 153 -3.62 -17.36 28.01
N LEU E 154 -4.94 -17.25 28.04
CA LEU E 154 -5.80 -17.76 26.97
C LEU E 154 -6.83 -16.73 26.57
N PRO E 155 -6.57 -16.01 25.47
CA PRO E 155 -7.37 -14.86 25.04
C PRO E 155 -8.59 -15.23 24.24
N VAL E 156 -9.52 -14.28 24.13
CA VAL E 156 -10.67 -14.42 23.26
C VAL E 156 -10.53 -13.43 22.12
N PHE E 157 -10.53 -13.93 20.89
CA PHE E 157 -10.46 -13.08 19.70
C PHE E 157 -11.86 -12.92 19.15
N SER E 158 -12.35 -11.68 19.13
CA SER E 158 -13.72 -11.42 18.72
C SER E 158 -13.75 -10.38 17.61
N GLY E 159 -14.87 -9.65 17.53
CA GLY E 159 -15.03 -8.58 16.56
C GLY E 159 -16.18 -7.68 16.95
N SER E 160 -16.30 -6.53 16.29
CA SER E 160 -17.39 -5.60 16.57
C SER E 160 -18.76 -6.24 16.33
N GLY E 161 -19.65 -6.12 17.32
CA GLY E 161 -20.99 -6.64 17.20
C GLY E 161 -21.14 -8.08 17.66
N LEU E 162 -20.03 -8.71 18.01
CA LEU E 162 -20.04 -10.07 18.51
C LEU E 162 -20.19 -10.06 20.04
N PRO E 163 -20.77 -11.13 20.61
CA PRO E 163 -21.12 -11.13 22.03
C PRO E 163 -19.99 -11.49 22.99
N HIS E 164 -18.83 -10.87 22.84
CA HIS E 164 -17.72 -11.15 23.75
C HIS E 164 -17.96 -10.61 25.16
N LYS E 165 -18.78 -9.59 25.29
CA LYS E 165 -19.08 -9.02 26.60
C LYS E 165 -20.00 -9.95 27.40
N GLU E 166 -20.89 -10.68 26.72
CA GLU E 166 -21.72 -11.69 27.37
C GLU E 166 -20.90 -12.90 27.77
N LEU E 167 -19.93 -13.27 26.93
CA LEU E 167 -19.05 -14.40 27.21
C LEU E 167 -18.09 -14.10 28.37
N ALA E 168 -17.61 -12.87 28.42
CA ALA E 168 -16.73 -12.41 29.50
C ALA E 168 -17.43 -12.48 30.86
N ALA E 169 -18.67 -11.99 30.89
CA ALA E 169 -19.45 -11.97 32.13
C ALA E 169 -19.88 -13.37 32.56
N GLN E 170 -20.08 -14.24 31.57
CA GLN E 170 -20.45 -15.62 31.87
C GLN E 170 -19.30 -16.39 32.50
N ILE E 171 -18.10 -16.26 31.92
CA ILE E 171 -16.93 -16.91 32.48
C ILE E 171 -16.63 -16.36 33.87
N ALA E 172 -16.76 -15.05 34.02
CA ALA E 172 -16.43 -14.38 35.28
C ALA E 172 -17.26 -14.90 36.45
N ARG E 173 -18.52 -15.21 36.23
CA ARG E 173 -19.38 -15.70 37.31
C ARG E 173 -19.39 -17.22 37.43
N GLN E 174 -19.05 -17.91 36.35
CA GLN E 174 -19.10 -19.38 36.34
C GLN E 174 -17.78 -20.05 36.70
N ALA E 175 -16.67 -19.34 36.49
CA ALA E 175 -15.34 -19.92 36.69
C ALA E 175 -15.15 -20.41 38.12
N THR E 176 -14.54 -21.59 38.24
CA THR E 176 -14.31 -22.16 39.57
C THR E 176 -13.22 -23.22 39.51
N VAL E 177 -12.64 -23.53 40.67
CA VAL E 177 -11.74 -24.67 40.80
C VAL E 177 -12.43 -25.74 41.61
N LEU E 178 -12.26 -26.99 41.19
CA LEU E 178 -12.94 -28.11 41.85
C LEU E 178 -12.16 -28.61 43.05
N ASP E 179 -12.89 -29.04 44.08
CA ASP E 179 -12.30 -29.60 45.30
C ASP E 179 -11.29 -28.64 45.93
N SER E 180 -11.69 -27.37 46.03
CA SER E 180 -10.86 -26.33 46.60
C SER E 180 -11.73 -25.11 46.89
N SER E 181 -12.10 -24.93 48.16
CA SER E 181 -13.08 -23.92 48.53
C SER E 181 -12.47 -22.64 49.10
N ASP E 182 -13.07 -21.51 48.73
CA ASP E 182 -12.75 -20.19 49.30
C ASP E 182 -11.32 -19.69 49.04
N ASP E 183 -10.78 -19.99 47.86
CA ASP E 183 -9.48 -19.46 47.49
C ASP E 183 -9.41 -19.11 46.00
N PHE E 184 -10.57 -18.80 45.43
CA PHE E 184 -10.64 -18.38 44.03
C PHE E 184 -11.17 -16.95 43.94
N ALA E 185 -10.55 -16.14 43.10
CA ALA E 185 -10.98 -14.76 42.90
C ALA E 185 -10.89 -14.34 41.44
N VAL E 186 -11.73 -13.40 41.05
CA VAL E 186 -11.70 -12.86 39.70
C VAL E 186 -11.33 -11.39 39.76
N VAL E 187 -10.38 -10.98 38.93
CA VAL E 187 -10.06 -9.57 38.77
C VAL E 187 -10.54 -9.14 37.39
N PHE E 188 -11.49 -8.22 37.36
CA PHE E 188 -12.07 -7.77 36.10
C PHE E 188 -11.62 -6.36 35.72
N ALA E 189 -10.94 -6.25 34.59
CA ALA E 189 -10.48 -4.96 34.11
C ALA E 189 -11.23 -4.55 32.84
N ALA E 190 -11.94 -3.44 32.91
CA ALA E 190 -12.60 -2.86 31.75
C ALA E 190 -11.73 -1.73 31.21
N ILE E 191 -11.40 -1.78 29.93
CA ILE E 191 -10.48 -0.82 29.34
C ILE E 191 -11.09 -0.03 28.19
N GLY E 192 -11.25 1.28 28.38
CA GLY E 192 -11.71 2.18 27.35
C GLY E 192 -13.10 1.93 26.81
N ILE E 193 -13.96 1.34 27.64
CA ILE E 193 -15.32 1.00 27.22
C ILE E 193 -16.31 2.09 27.60
N THR E 194 -17.44 2.14 26.91
CA THR E 194 -18.44 3.18 27.19
C THR E 194 -19.13 2.98 28.54
N PHE E 195 -19.75 4.05 29.03
CA PHE E 195 -20.52 4.00 30.27
C PHE E 195 -21.54 2.88 30.29
N GLU E 196 -22.27 2.72 29.17
CA GLU E 196 -23.34 1.73 29.11
C GLU E 196 -22.86 0.29 29.14
N GLU E 197 -21.71 0.02 28.52
CA GLU E 197 -21.17 -1.34 28.60
C GLU E 197 -20.51 -1.60 29.96
N ALA E 198 -19.99 -0.55 30.57
CA ALA E 198 -19.52 -0.66 31.95
C ALA E 198 -20.68 -0.97 32.88
N GLU E 199 -21.82 -0.33 32.63
CA GLU E 199 -23.03 -0.56 33.42
C GLU E 199 -23.56 -1.98 33.26
N PHE E 200 -23.44 -2.52 32.04
CA PHE E 200 -23.81 -3.91 31.79
C PHE E 200 -23.04 -4.85 32.71
N PHE E 201 -21.72 -4.68 32.75
CA PHE E 201 -20.86 -5.54 33.56
C PHE E 201 -21.14 -5.36 35.05
N MSE E 202 -21.30 -4.12 35.47
CA MSE E 202 -21.54 -3.81 36.88
C MSE E 202 -22.85 -4.43 37.37
O MSE E 202 -22.89 -5.04 38.44
CB MSE E 202 -21.58 -2.31 37.10
CB MSE E 202 -21.45 -2.31 37.17
CG MSE E 202 -20.24 -1.65 37.00
CG MSE E 202 -20.08 -1.70 36.89
SE MSE E 202 -19.04 -2.48 38.27
SE MSE E 202 -19.71 -0.03 37.86
CE MSE E 202 -20.22 -2.36 39.84
CE MSE E 202 -18.56 0.86 36.57
N GLU E 203 -23.90 -4.27 36.59
CA GLU E 203 -25.21 -4.80 36.94
C GLU E 203 -25.22 -6.32 36.96
N ASP E 204 -24.52 -6.94 36.02
CA ASP E 204 -24.49 -8.40 35.93
C ASP E 204 -23.76 -9.03 37.12
N PHE E 205 -22.60 -8.48 37.47
CA PHE E 205 -21.83 -8.96 38.60
C PHE E 205 -22.61 -8.84 39.91
N ARG E 206 -23.28 -7.70 40.10
CA ARG E 206 -24.04 -7.47 41.32
C ARG E 206 -25.28 -8.36 41.39
N GLN E 207 -25.92 -8.59 40.24
CA GLN E 207 -27.14 -9.38 40.20
C GLN E 207 -26.88 -10.85 40.49
N THR E 208 -25.76 -11.37 39.99
CA THR E 208 -25.45 -12.79 40.15
C THR E 208 -24.68 -13.08 41.43
N GLY E 209 -24.13 -12.03 42.03
CA GLY E 209 -23.35 -12.19 43.24
C GLY E 209 -21.89 -12.45 42.93
N ALA E 210 -21.52 -12.34 41.66
CA ALA E 210 -20.13 -12.51 41.24
C ALA E 210 -19.24 -11.41 41.84
N ILE E 211 -19.86 -10.28 42.17
CA ILE E 211 -19.15 -9.15 42.75
C ILE E 211 -18.47 -9.52 44.07
N ASP E 212 -19.07 -10.45 44.81
CA ASP E 212 -18.58 -10.84 46.12
C ASP E 212 -17.23 -11.57 46.10
N ARG E 213 -16.81 -12.05 44.93
CA ARG E 213 -15.53 -12.71 44.82
C ARG E 213 -14.65 -12.01 43.78
N SER E 214 -15.01 -10.78 43.44
CA SER E 214 -14.32 -10.05 42.38
C SER E 214 -13.73 -8.72 42.81
N VAL E 215 -12.67 -8.30 42.13
CA VAL E 215 -12.16 -6.94 42.20
C VAL E 215 -12.35 -6.36 40.81
N MSE E 216 -12.93 -5.17 40.72
CA MSE E 216 -13.22 -4.60 39.42
C MSE E 216 -12.51 -3.27 39.18
O MSE E 216 -12.54 -2.38 40.04
CB MSE E 216 -14.72 -4.46 39.22
CG MSE E 216 -15.47 -5.78 39.36
SE MSE E 216 -17.39 -5.58 39.17
CE MSE E 216 -17.51 -5.58 37.22
N PHE E 217 -11.86 -3.15 38.03
CA PHE E 217 -11.21 -1.91 37.64
C PHE E 217 -11.88 -1.41 36.36
N MSE E 218 -12.60 -0.30 36.47
CA MSE E 218 -13.45 0.17 35.37
C MSE E 218 -12.93 1.45 34.73
O MSE E 218 -13.04 2.53 35.32
CB MSE E 218 -14.89 0.36 35.87
CG MSE E 218 -15.43 -0.86 36.63
SE MSE E 218 -15.50 -2.49 35.55
CE MSE E 218 -17.01 -2.02 34.43
N ASN E 219 -12.38 1.32 33.54
CA ASN E 219 -11.87 2.46 32.78
C ASN E 219 -12.75 2.75 31.56
N LEU E 220 -13.09 4.03 31.37
CA LEU E 220 -14.06 4.41 30.36
C LEU E 220 -13.45 5.01 29.10
N ALA E 221 -14.25 5.08 28.05
CA ALA E 221 -13.80 5.56 26.74
C ALA E 221 -13.33 7.01 26.75
N ASN E 222 -13.95 7.82 27.62
CA ASN E 222 -13.59 9.24 27.71
C ASN E 222 -12.61 9.55 28.84
N ASP E 223 -12.06 8.51 29.47
CA ASP E 223 -11.00 8.69 30.46
C ASP E 223 -9.68 8.93 29.74
N PRO E 224 -8.73 9.62 30.40
CA PRO E 224 -7.42 9.90 29.80
C PRO E 224 -6.75 8.64 29.28
N ALA E 225 -6.09 8.75 28.12
CA ALA E 225 -5.47 7.59 27.47
C ALA E 225 -4.39 6.94 28.31
N ILE E 226 -3.71 7.74 29.12
CA ILE E 226 -2.67 7.21 30.01
C ILE E 226 -3.30 6.37 31.12
N GLU E 227 -4.48 6.77 31.58
CA GLU E 227 -5.22 6.01 32.56
C GLU E 227 -5.68 4.68 31.98
N ARG E 228 -5.99 4.68 30.69
CA ARG E 228 -6.46 3.48 30.02
C ARG E 228 -5.35 2.44 29.96
N ILE E 229 -4.11 2.90 29.79
CA ILE E 229 -2.99 1.97 29.71
C ILE E 229 -2.45 1.57 31.09
N ALA E 230 -2.79 2.36 32.10
CA ALA E 230 -2.43 2.02 33.47
C ALA E 230 -3.35 0.94 34.02
N THR E 231 -4.58 0.93 33.50
CA THR E 231 -5.64 0.03 33.97
C THR E 231 -5.26 -1.45 34.10
N PRO E 232 -4.76 -2.08 33.00
CA PRO E 232 -4.42 -3.50 33.14
C PRO E 232 -3.28 -3.76 34.12
N ARG E 233 -2.41 -2.78 34.34
CA ARG E 233 -1.31 -2.95 35.28
C ARG E 233 -1.77 -2.80 36.72
N MSE E 234 -2.80 -1.99 36.94
CA MSE E 234 -3.44 -1.90 38.24
C MSE E 234 -4.10 -3.23 38.59
O MSE E 234 -3.97 -3.75 39.69
CB MSE E 234 -4.47 -0.77 38.26
CG MSE E 234 -3.88 0.63 38.18
SE MSE E 234 -3.42 1.34 39.94
CE MSE E 234 -2.61 3.04 39.41
N ALA E 235 -4.82 -3.78 37.61
CA ALA E 235 -5.52 -5.05 37.76
C ALA E 235 -4.56 -6.21 38.06
N LEU E 236 -3.48 -6.30 37.29
CA LEU E 236 -2.51 -7.39 37.44
C LEU E 236 -1.71 -7.28 38.74
N THR E 237 -1.49 -6.06 39.21
CA THR E 237 -0.83 -5.84 40.48
C THR E 237 -1.69 -6.34 41.63
N ALA E 238 -2.99 -6.11 41.52
CA ALA E 238 -3.95 -6.61 42.50
C ALA E 238 -4.02 -8.13 42.47
N ALA E 239 -3.95 -8.70 41.27
CA ALA E 239 -4.02 -10.14 41.09
C ALA E 239 -2.81 -10.87 41.67
N GLU E 240 -1.63 -10.32 41.43
CA GLU E 240 -0.39 -10.92 41.93
C GLU E 240 -0.32 -10.87 43.45
N TYR E 241 -0.87 -9.82 44.03
CA TYR E 241 -0.91 -9.67 45.48
C TYR E 241 -1.84 -10.71 46.09
N LEU E 242 -3.01 -10.89 45.48
CA LEU E 242 -3.97 -11.87 45.96
C LEU E 242 -3.48 -13.30 45.73
N ALA E 243 -2.80 -13.52 44.62
CA ALA E 243 -2.30 -14.85 44.29
C ALA E 243 -1.08 -15.24 45.14
N TYR E 244 -0.03 -14.43 45.06
CA TYR E 244 1.25 -14.82 45.65
C TYR E 244 1.38 -14.47 47.12
N GLU E 245 0.67 -13.45 47.58
CA GLU E 245 0.74 -13.06 48.99
C GLU E 245 -0.42 -13.61 49.82
N LYS E 246 -1.55 -13.90 49.16
CA LYS E 246 -2.70 -14.44 49.88
C LYS E 246 -2.97 -15.90 49.51
N GLY E 247 -2.24 -16.43 48.54
CA GLY E 247 -2.34 -17.83 48.17
C GLY E 247 -3.52 -18.20 47.29
N MSE E 248 -4.12 -17.21 46.63
CA MSE E 248 -5.34 -17.46 45.87
C MSE E 248 -5.10 -17.84 44.41
O MSE E 248 -4.08 -17.49 43.82
CB MSE E 248 -6.24 -16.22 45.91
CG MSE E 248 -6.53 -15.70 47.30
SE MSE E 248 -7.94 -14.35 47.27
CE MSE E 248 -9.49 -15.53 47.08
N HIS E 249 -6.06 -18.56 43.83
CA HIS E 249 -6.12 -18.73 42.39
C HIS E 249 -6.94 -17.59 41.80
N VAL E 250 -6.29 -16.76 40.99
CA VAL E 250 -6.90 -15.55 40.48
C VAL E 250 -7.06 -15.61 38.96
N LEU E 251 -8.28 -15.34 38.50
CA LEU E 251 -8.55 -15.29 37.08
C LEU E 251 -8.69 -13.83 36.66
N VAL E 252 -7.85 -13.40 35.73
CA VAL E 252 -7.87 -12.01 35.28
C VAL E 252 -8.48 -11.90 33.88
N ILE E 253 -9.62 -11.21 33.80
CA ILE E 253 -10.30 -11.01 32.54
C ILE E 253 -10.22 -9.52 32.16
N MSE E 254 -9.75 -9.24 30.95
CA MSE E 254 -9.56 -7.86 30.53
C MSE E 254 -10.09 -7.61 29.11
O MSE E 254 -9.78 -8.35 28.18
CB MSE E 254 -8.08 -7.47 30.61
CG MSE E 254 -7.48 -7.67 32.00
SE MSE E 254 -5.57 -7.32 32.11
CE MSE E 254 -4.95 -8.60 30.78
N THR E 255 -10.89 -6.57 28.97
CA THR E 255 -11.50 -6.21 27.69
C THR E 255 -11.67 -4.69 27.69
N ASP E 256 -11.52 -4.03 26.54
CA ASP E 256 -11.14 -4.61 25.27
C ASP E 256 -9.68 -4.27 25.00
N MSE E 257 -8.85 -5.28 24.75
CA MSE E 257 -7.43 -5.06 24.53
C MSE E 257 -7.15 -4.21 23.29
O MSE E 257 -6.05 -3.67 23.14
CB MSE E 257 -6.67 -6.38 24.46
CG MSE E 257 -6.71 -7.20 25.75
SE MSE E 257 -6.08 -6.24 27.32
CE MSE E 257 -4.36 -5.59 26.66
N THR E 258 -8.13 -4.12 22.41
CA THR E 258 -8.01 -3.28 21.22
C THR E 258 -8.05 -1.80 21.59
N ASN E 259 -8.87 -1.46 22.59
CA ASN E 259 -8.90 -0.09 23.10
C ASN E 259 -7.60 0.25 23.80
N TYR E 260 -6.96 -0.75 24.41
CA TYR E 260 -5.68 -0.57 25.07
C TYR E 260 -4.61 -0.18 24.07
N ALA E 261 -4.55 -0.92 22.96
CA ALA E 261 -3.56 -0.68 21.92
C ALA E 261 -3.80 0.66 21.22
N GLU E 262 -5.06 1.04 21.07
CA GLU E 262 -5.38 2.34 20.48
C GLU E 262 -4.88 3.47 21.37
N ALA E 263 -5.10 3.34 22.68
CA ALA E 263 -4.60 4.30 23.64
C ALA E 263 -3.08 4.39 23.57
N LEU E 264 -2.44 3.24 23.40
CA LEU E 264 -0.98 3.18 23.34
C LEU E 264 -0.47 3.92 22.12
N ARG E 265 -1.20 3.77 21.02
CA ARG E 265 -0.86 4.43 19.76
C ARG E 265 -1.06 5.94 19.86
N GLU E 266 -2.12 6.33 20.56
CA GLU E 266 -2.39 7.75 20.80
C GLU E 266 -1.28 8.39 21.61
N ILE E 267 -0.86 7.73 22.67
CA ILE E 267 0.23 8.21 23.52
C ILE E 267 1.55 8.25 22.75
N SER E 268 1.80 7.20 21.97
CA SER E 268 3.00 7.12 21.15
C SER E 268 3.08 8.27 20.14
N ALA E 269 1.96 8.57 19.49
CA ALA E 269 1.92 9.64 18.50
C ALA E 269 2.12 11.02 19.15
N ALA E 270 1.63 11.16 20.38
CA ALA E 270 1.78 12.43 21.11
C ALA E 270 3.25 12.73 21.36
N ARG E 271 4.04 11.68 21.54
CA ARG E 271 5.47 11.82 21.77
C ARG E 271 6.24 11.81 20.46
N ARG E 272 5.49 11.75 19.35
CA ARG E 272 6.05 11.71 18.00
C ARG E 272 7.11 10.63 17.81
N GLU E 273 6.87 9.46 18.38
CA GLU E 273 7.74 8.31 18.20
C GLU E 273 7.58 7.75 16.79
N VAL E 274 8.58 7.02 16.30
CA VAL E 274 8.50 6.42 14.98
C VAL E 274 7.46 5.29 14.98
N PRO E 275 6.41 5.44 14.16
CA PRO E 275 5.32 4.46 14.12
C PRO E 275 5.75 3.15 13.46
N GLY E 276 5.27 2.04 13.99
CA GLY E 276 5.59 0.74 13.41
C GLY E 276 4.50 0.29 12.45
N ARG E 277 4.36 -1.02 12.31
CA ARG E 277 3.41 -1.60 11.36
C ARG E 277 1.97 -1.17 11.67
N ARG E 278 1.30 -0.66 10.64
CA ARG E 278 -0.08 -0.18 10.73
C ARG E 278 -0.25 1.03 11.67
N GLY E 279 0.86 1.68 12.00
CA GLY E 279 0.81 2.89 12.82
C GLY E 279 0.99 2.65 14.31
N TYR E 280 0.93 1.40 14.73
CA TYR E 280 1.10 1.07 16.15
C TYR E 280 2.57 1.15 16.53
N PRO E 281 2.87 1.39 17.82
CA PRO E 281 4.24 1.54 18.29
C PRO E 281 5.10 0.34 17.94
N GLY E 282 6.41 0.58 17.74
CA GLY E 282 7.34 -0.49 17.44
C GLY E 282 7.49 -1.45 18.60
N TYR E 283 7.12 -0.99 19.79
CA TYR E 283 7.27 -1.77 21.00
C TYR E 283 5.94 -2.39 21.45
N LEU E 284 4.98 -2.49 20.53
CA LEU E 284 3.67 -3.05 20.86
C LEU E 284 3.77 -4.47 21.40
N TYR E 285 4.57 -5.31 20.75
CA TYR E 285 4.78 -6.68 21.22
C TYR E 285 5.32 -6.69 22.64
N THR E 286 6.42 -5.98 22.85
CA THR E 286 7.07 -5.91 24.15
C THR E 286 6.09 -5.41 25.21
N ASN E 287 5.35 -4.35 24.88
CA ASN E 287 4.39 -3.77 25.81
C ASN E 287 3.29 -4.74 26.22
N LEU E 288 2.72 -5.45 25.24
CA LEU E 288 1.72 -6.48 25.51
C LEU E 288 2.31 -7.61 26.35
N ALA E 289 3.57 -7.96 26.08
CA ALA E 289 4.24 -9.03 26.81
C ALA E 289 4.42 -8.71 28.29
N THR E 290 4.68 -7.44 28.61
CA THR E 290 4.88 -7.04 30.00
C THR E 290 3.59 -7.15 30.81
N LEU E 291 2.47 -7.23 30.10
CA LEU E 291 1.18 -7.51 30.72
C LEU E 291 0.93 -9.02 30.80
N PHE E 292 0.99 -9.67 29.64
CA PHE E 292 0.55 -11.05 29.52
C PHE E 292 1.47 -12.05 30.21
N GLU E 293 2.74 -11.71 30.35
CA GLU E 293 3.69 -12.59 31.01
C GLU E 293 3.59 -12.55 32.53
N ARG E 294 2.73 -11.67 33.07
CA ARG E 294 2.50 -11.65 34.52
C ARG E 294 1.64 -12.85 34.93
N ALA E 295 1.09 -13.55 33.95
CA ALA E 295 0.35 -14.79 34.21
C ALA E 295 1.33 -15.91 34.54
N GLY E 296 0.87 -16.88 35.35
CA GLY E 296 1.69 -18.06 35.60
C GLY E 296 1.60 -18.60 37.01
N ARG E 297 2.53 -19.48 37.34
CA ARG E 297 2.65 -20.04 38.68
C ARG E 297 4.11 -19.93 39.11
N ILE E 298 4.34 -20.01 40.42
CA ILE E 298 5.69 -19.91 40.94
C ILE E 298 6.01 -21.14 41.78
N ARG E 299 7.18 -21.73 41.54
CA ARG E 299 7.60 -22.91 42.28
C ARG E 299 7.68 -22.60 43.76
N GLY E 300 7.00 -23.40 44.58
CA GLY E 300 7.10 -23.27 46.01
C GLY E 300 6.07 -22.35 46.61
N LEU E 301 5.29 -21.69 45.76
CA LEU E 301 4.24 -20.81 46.22
C LEU E 301 2.86 -21.34 45.91
N LYS E 302 1.95 -21.22 46.87
CA LYS E 302 0.54 -21.46 46.61
C LYS E 302 0.02 -20.25 45.86
N GLY E 303 -0.86 -20.47 44.89
CA GLY E 303 -1.45 -19.38 44.15
C GLY E 303 -1.07 -19.39 42.68
N SER E 304 -1.86 -18.68 41.89
CA SER E 304 -1.62 -18.58 40.45
C SER E 304 -2.38 -17.40 39.87
N VAL E 305 -1.83 -16.85 38.78
CA VAL E 305 -2.52 -15.82 38.02
C VAL E 305 -2.81 -16.37 36.63
N THR E 306 -4.07 -16.34 36.24
CA THR E 306 -4.50 -16.79 34.92
C THR E 306 -5.14 -15.62 34.21
N GLN E 307 -4.85 -15.45 32.92
CA GLN E 307 -5.37 -14.31 32.18
C GLN E 307 -6.21 -14.70 30.98
N ILE E 308 -7.32 -13.99 30.80
CA ILE E 308 -8.10 -14.05 29.57
C ILE E 308 -8.23 -12.64 29.02
N PRO E 309 -7.27 -12.24 28.18
CA PRO E 309 -7.37 -10.97 27.45
C PRO E 309 -8.46 -11.09 26.39
N ILE E 310 -9.32 -10.10 26.27
CA ILE E 310 -10.35 -10.13 25.25
C ILE E 310 -10.15 -8.97 24.28
N LEU E 311 -10.17 -9.27 22.99
CA LEU E 311 -9.91 -8.26 21.98
C LEU E 311 -10.81 -8.40 20.77
N THR E 312 -11.08 -7.27 20.12
CA THR E 312 -11.81 -7.26 18.86
C THR E 312 -10.80 -7.15 17.73
N MSE E 313 -10.88 -8.06 16.77
CA MSE E 313 -10.00 -8.02 15.61
C MSE E 313 -10.51 -7.01 14.61
O MSE E 313 -11.61 -7.17 14.08
CB MSE E 313 -9.90 -9.41 14.98
CG MSE E 313 -9.33 -10.47 15.90
SE MSE E 313 -9.04 -12.17 15.03
CE MSE E 313 -10.90 -12.71 14.77
N PRO E 314 -9.72 -5.95 14.35
CA PRO E 314 -10.12 -4.92 13.39
C PRO E 314 -10.34 -5.51 12.00
N GLU E 315 -11.48 -5.21 11.41
CA GLU E 315 -11.86 -5.76 10.10
C GLU E 315 -11.88 -7.28 10.09
N ASP E 316 -12.04 -7.87 11.28
CA ASP E 316 -12.00 -9.33 11.46
C ASP E 316 -10.69 -9.92 10.94
N ASP E 317 -9.64 -9.11 10.95
CA ASP E 317 -8.34 -9.48 10.39
C ASP E 317 -7.42 -10.00 11.49
N LYS E 318 -7.11 -11.29 11.42
CA LYS E 318 -6.29 -11.96 12.43
C LYS E 318 -4.81 -11.60 12.28
N THR E 319 -4.44 -11.04 11.14
CA THR E 319 -3.05 -10.67 10.90
C THR E 319 -2.79 -9.22 11.31
N HIS E 320 -3.85 -8.54 11.72
CA HIS E 320 -3.72 -7.19 12.26
C HIS E 320 -2.81 -7.26 13.50
N PRO E 321 -1.96 -6.24 13.71
CA PRO E 321 -0.98 -6.25 14.80
C PRO E 321 -1.54 -6.63 16.17
N ILE E 322 -2.79 -6.25 16.45
CA ILE E 322 -3.35 -6.52 17.79
C ILE E 322 -3.59 -8.02 18.05
N PRO E 323 -4.37 -8.71 17.20
CA PRO E 323 -4.47 -10.16 17.45
C PRO E 323 -3.18 -10.91 17.11
N ASP E 324 -2.43 -10.41 16.15
CA ASP E 324 -1.22 -11.11 15.70
C ASP E 324 -0.17 -11.18 16.80
N LEU E 325 0.21 -10.02 17.33
CA LEU E 325 1.22 -9.98 18.38
C LEU E 325 0.72 -10.65 19.65
N THR E 326 -0.58 -10.53 19.94
CA THR E 326 -1.17 -11.22 21.07
C THR E 326 -1.01 -12.74 20.94
N GLY E 327 -1.27 -13.28 19.75
CA GLY E 327 -1.13 -14.70 19.50
C GLY E 327 0.30 -15.21 19.62
N TYR E 328 1.26 -14.33 19.33
CA TYR E 328 2.67 -14.65 19.49
C TYR E 328 3.08 -14.67 20.96
N ILE E 329 2.21 -14.17 21.82
CA ILE E 329 2.51 -14.09 23.25
C ILE E 329 1.72 -15.11 24.06
N THR E 330 0.43 -15.24 23.75
CA THR E 330 -0.46 -16.10 24.52
C THR E 330 -0.27 -17.59 24.21
N GLU E 331 -0.98 -18.42 24.96
CA GLU E 331 -0.85 -19.88 24.84
C GLU E 331 -2.12 -20.46 24.23
N GLY E 332 -2.47 -19.95 23.06
CA GLY E 332 -3.68 -20.35 22.37
C GLY E 332 -4.61 -19.17 22.17
N GLN E 333 -5.80 -19.43 21.66
CA GLN E 333 -6.79 -18.38 21.44
C GLN E 333 -8.17 -18.96 21.25
N ILE E 334 -9.18 -18.25 21.75
CA ILE E 334 -10.57 -18.64 21.56
C ILE E 334 -11.21 -17.71 20.53
N ILE E 335 -11.67 -18.28 19.42
CA ILE E 335 -12.17 -17.48 18.30
C ILE E 335 -13.70 -17.45 18.23
N LEU E 336 -14.27 -16.25 18.21
CA LEU E 336 -15.70 -16.08 17.98
C LEU E 336 -15.92 -15.67 16.52
N THR E 337 -16.91 -16.28 15.87
CA THR E 337 -17.16 -15.97 14.45
C THR E 337 -18.59 -15.49 14.18
N ARG E 338 -18.73 -14.70 13.12
CA ARG E 338 -20.03 -14.16 12.74
C ARG E 338 -20.93 -15.23 12.12
N GLU E 339 -20.30 -16.21 11.46
CA GLU E 339 -21.05 -17.31 10.86
C GLU E 339 -21.83 -18.06 11.92
N LEU E 340 -21.17 -18.33 13.05
CA LEU E 340 -21.80 -19.05 14.14
C LEU E 340 -22.72 -18.15 14.96
N TYR E 341 -22.37 -16.88 15.04
CA TYR E 341 -23.20 -15.90 15.75
C TYR E 341 -24.53 -15.70 15.00
N LYS E 342 -24.46 -15.70 13.67
CA LYS E 342 -25.65 -15.53 12.86
C LYS E 342 -26.52 -16.79 12.86
N SER E 343 -25.97 -17.89 13.36
CA SER E 343 -26.73 -19.13 13.49
C SER E 343 -27.35 -19.25 14.88
N GLY E 344 -27.09 -18.27 15.74
CA GLY E 344 -27.65 -18.25 17.07
C GLY E 344 -26.92 -19.11 18.08
N ILE E 345 -25.67 -19.46 17.77
CA ILE E 345 -24.86 -20.29 18.67
C ILE E 345 -24.27 -19.45 19.80
N GLN E 346 -24.59 -19.83 21.04
CA GLN E 346 -24.14 -19.09 22.22
C GLN E 346 -23.36 -19.97 23.19
N PRO E 347 -22.05 -19.74 23.32
CA PRO E 347 -21.27 -18.71 22.63
C PRO E 347 -20.85 -19.15 21.23
N PRO E 348 -20.63 -18.20 20.31
CA PRO E 348 -20.29 -18.51 18.92
C PRO E 348 -18.82 -18.87 18.73
N ILE E 349 -18.35 -19.84 19.51
CA ILE E 349 -16.96 -20.27 19.44
C ILE E 349 -16.74 -21.22 18.28
N ASP E 350 -15.78 -20.90 17.42
CA ASP E 350 -15.36 -21.81 16.37
C ASP E 350 -14.16 -22.60 16.87
N VAL E 351 -14.34 -23.90 17.10
CA VAL E 351 -13.28 -24.72 17.68
C VAL E 351 -12.19 -25.09 16.69
N LEU E 352 -12.44 -24.89 15.40
CA LEU E 352 -11.47 -25.24 14.36
C LEU E 352 -10.20 -24.36 14.36
N PRO E 353 -10.36 -23.02 14.41
CA PRO E 353 -9.13 -22.23 14.56
C PRO E 353 -8.74 -21.98 16.02
N SER E 354 -9.58 -22.38 16.97
CA SER E 354 -9.29 -22.16 18.38
C SER E 354 -8.32 -23.21 18.89
N LEU E 355 -7.51 -22.83 19.87
CA LEU E 355 -6.52 -23.74 20.44
C LEU E 355 -6.17 -23.36 21.87
N SER E 356 -5.93 -24.36 22.71
CA SER E 356 -5.27 -24.18 23.99
C SER E 356 -4.00 -25.04 24.01
N ARG E 357 -2.86 -24.41 24.18
CA ARG E 357 -1.57 -25.11 24.09
C ARG E 357 -1.21 -25.90 25.34
N LEU E 358 -1.75 -25.47 26.48
CA LEU E 358 -1.36 -26.05 27.76
C LEU E 358 -2.44 -26.98 28.32
N LYS E 359 -3.47 -27.25 27.51
CA LYS E 359 -4.63 -28.02 27.95
C LYS E 359 -4.32 -29.37 28.59
N ASP E 360 -3.20 -29.98 28.21
CA ASP E 360 -2.80 -31.29 28.73
C ASP E 360 -2.59 -31.25 30.25
N LYS E 361 -2.22 -30.08 30.76
CA LYS E 361 -1.88 -29.92 32.17
C LYS E 361 -3.10 -29.74 33.06
N GLY E 362 -4.28 -29.75 32.45
CA GLY E 362 -5.50 -29.52 33.20
C GLY E 362 -6.59 -30.54 32.95
N THR E 363 -6.23 -31.63 32.28
CA THR E 363 -7.23 -32.65 31.92
C THR E 363 -6.80 -34.05 32.36
N GLY E 364 -7.72 -35.00 32.23
CA GLY E 364 -7.43 -36.38 32.58
C GLY E 364 -7.89 -36.75 33.98
N ALA E 365 -7.61 -37.99 34.36
CA ALA E 365 -8.01 -38.51 35.67
C ALA E 365 -7.42 -37.68 36.81
N GLY E 366 -8.26 -37.39 37.81
CA GLY E 366 -7.83 -36.61 38.95
C GLY E 366 -8.00 -35.11 38.74
N LYS E 367 -8.16 -34.70 37.49
CA LYS E 367 -8.32 -33.29 37.16
C LYS E 367 -9.68 -33.02 36.54
N THR E 368 -9.99 -33.75 35.48
CA THR E 368 -11.32 -33.78 34.91
C THR E 368 -11.81 -35.22 34.94
N ARG E 369 -11.59 -35.96 33.86
CA ARG E 369 -11.89 -37.38 33.83
C ARG E 369 -11.02 -38.09 32.78
N GLU E 370 -10.83 -39.40 32.95
CA GLU E 370 -9.90 -40.18 32.15
C GLU E 370 -10.19 -40.19 30.64
N ASP E 371 -11.42 -39.86 30.26
CA ASP E 371 -11.82 -39.89 28.85
C ASP E 371 -11.74 -38.52 28.20
N HIS E 372 -11.13 -37.56 28.88
CA HIS E 372 -11.10 -36.18 28.40
C HIS E 372 -10.36 -36.05 27.06
N ALA E 373 -9.09 -36.45 27.05
CA ALA E 373 -8.25 -36.25 25.86
C ALA E 373 -8.72 -37.03 24.63
N ALA E 374 -9.12 -38.28 24.81
CA ALA E 374 -9.53 -39.13 23.69
C ALA E 374 -10.77 -38.60 22.98
N THR E 375 -11.77 -38.20 23.74
CA THR E 375 -13.01 -37.68 23.17
C THR E 375 -12.78 -36.33 22.50
N MSE E 376 -11.88 -35.53 23.08
CA MSE E 376 -11.55 -34.24 22.51
C MSE E 376 -10.91 -34.40 21.14
O MSE E 376 -11.29 -33.71 20.19
CB MSE E 376 -10.58 -33.50 23.42
CG MSE E 376 -9.92 -32.32 22.74
SE MSE E 376 -8.48 -31.57 23.80
CE MSE E 376 -7.28 -33.10 23.82
N ASN E 377 -9.94 -35.29 21.04
CA ASN E 377 -9.30 -35.59 19.77
C ASN E 377 -10.31 -36.08 18.75
N GLN E 378 -11.25 -36.89 19.21
CA GLN E 378 -12.25 -37.51 18.34
C GLN E 378 -13.33 -36.52 17.91
N LEU E 379 -13.79 -35.70 18.86
CA LEU E 379 -14.81 -34.70 18.57
C LEU E 379 -14.29 -33.65 17.61
N PHE E 380 -13.05 -33.19 17.84
CA PHE E 380 -12.44 -32.23 16.94
C PHE E 380 -12.28 -32.80 15.53
N ALA E 381 -11.84 -34.04 15.44
CA ALA E 381 -11.61 -34.70 14.16
C ALA E 381 -12.92 -34.94 13.40
N ALA E 382 -13.95 -35.34 14.12
CA ALA E 382 -15.25 -35.61 13.53
C ALA E 382 -15.95 -34.34 13.06
N TYR E 383 -15.76 -33.27 13.81
CA TYR E 383 -16.35 -31.97 13.48
C TYR E 383 -15.68 -31.35 12.25
N ALA E 384 -14.38 -31.51 12.15
CA ALA E 384 -13.64 -31.01 10.99
C ALA E 384 -14.05 -31.76 9.73
N GLN E 385 -14.24 -33.06 9.85
CA GLN E 385 -14.70 -33.87 8.73
C GLN E 385 -16.16 -33.56 8.40
N GLY E 386 -16.96 -33.29 9.43
CA GLY E 386 -18.34 -32.91 9.25
C GLY E 386 -18.49 -31.58 8.52
N LYS E 387 -17.69 -30.60 8.90
CA LYS E 387 -17.72 -29.29 8.26
C LYS E 387 -17.22 -29.39 6.82
N GLN E 388 -16.27 -30.28 6.59
CA GLN E 388 -15.71 -30.49 5.26
C GLN E 388 -16.77 -31.08 4.33
N ALA E 389 -17.57 -32.00 4.86
CA ALA E 389 -18.64 -32.62 4.09
C ALA E 389 -19.76 -31.63 3.81
N LYS E 390 -19.97 -30.71 4.76
CA LYS E 390 -21.01 -29.70 4.62
C LYS E 390 -20.68 -28.75 3.47
N GLU E 391 -19.42 -28.33 3.42
CA GLU E 391 -18.94 -27.43 2.38
C GLU E 391 -18.96 -28.11 1.02
N LEU E 392 -18.77 -29.43 1.02
CA LEU E 392 -18.82 -30.20 -0.22
C LEU E 392 -20.25 -30.26 -0.77
N ALA E 393 -21.23 -30.33 0.13
CA ALA E 393 -22.63 -30.34 -0.27
C ALA E 393 -23.04 -28.99 -0.82
N VAL E 394 -22.39 -27.93 -0.36
CA VAL E 394 -22.69 -26.58 -0.81
C VAL E 394 -22.25 -26.35 -2.26
N VAL E 395 -21.03 -26.78 -2.57
CA VAL E 395 -20.43 -26.48 -3.87
C VAL E 395 -20.80 -27.49 -4.97
N LEU E 396 -21.01 -28.75 -4.59
CA LEU E 396 -21.27 -29.80 -5.58
C LEU E 396 -22.64 -30.47 -5.44
N GLY E 397 -23.37 -30.15 -4.37
CA GLY E 397 -24.68 -30.73 -4.15
C GLY E 397 -24.68 -31.87 -3.15
N GLU E 398 -25.87 -32.26 -2.70
CA GLU E 398 -26.00 -33.31 -1.69
C GLU E 398 -25.65 -34.70 -2.23
N SER E 399 -25.80 -34.89 -3.53
CA SER E 399 -25.49 -36.19 -4.14
C SER E 399 -23.99 -36.39 -4.33
N ALA E 400 -23.20 -35.41 -3.92
CA ALA E 400 -21.75 -35.50 -4.00
C ALA E 400 -21.17 -36.14 -2.73
N LEU E 401 -22.03 -36.38 -1.75
CA LEU E 401 -21.59 -36.95 -0.47
C LEU E 401 -21.88 -38.44 -0.40
N SER E 402 -20.98 -39.19 0.24
CA SER E 402 -21.21 -40.59 0.51
C SER E 402 -22.13 -40.71 1.73
N ASP E 403 -22.60 -41.93 2.00
CA ASP E 403 -23.50 -42.15 3.13
C ASP E 403 -22.82 -41.80 4.45
N ILE E 404 -21.51 -42.01 4.53
CA ILE E 404 -20.75 -41.67 5.72
C ILE E 404 -20.58 -40.15 5.85
N ASP E 405 -20.32 -39.50 4.73
CA ASP E 405 -20.17 -38.04 4.70
C ASP E 405 -21.44 -37.36 5.19
N LYS E 406 -22.59 -37.95 4.88
CA LYS E 406 -23.88 -37.41 5.32
C LYS E 406 -24.02 -37.51 6.83
N ILE E 407 -23.49 -38.59 7.41
CA ILE E 407 -23.53 -38.79 8.85
C ILE E 407 -22.67 -37.75 9.57
N TYR E 408 -21.47 -37.53 9.05
CA TYR E 408 -20.55 -36.54 9.61
C TYR E 408 -21.10 -35.13 9.51
N ALA E 409 -21.78 -34.83 8.40
CA ALA E 409 -22.40 -33.53 8.21
C ALA E 409 -23.48 -33.30 9.27
N LYS E 410 -24.30 -34.32 9.51
CA LYS E 410 -25.34 -34.23 10.52
C LYS E 410 -24.71 -34.10 11.92
N PHE E 411 -23.56 -34.74 12.12
CA PHE E 411 -22.84 -34.65 13.38
C PHE E 411 -22.43 -33.20 13.68
N ALA E 412 -21.91 -32.53 12.66
CA ALA E 412 -21.43 -31.15 12.82
C ALA E 412 -22.56 -30.19 13.15
N GLU E 413 -23.78 -30.53 12.72
CA GLU E 413 -24.95 -29.72 13.03
C GLU E 413 -25.32 -29.81 14.50
N ARG E 414 -25.45 -31.04 15.00
CA ARG E 414 -25.79 -31.25 16.40
C ARG E 414 -24.66 -30.77 17.32
N PHE E 415 -23.42 -30.91 16.85
CA PHE E 415 -22.27 -30.42 17.61
C PHE E 415 -22.39 -28.91 17.83
N GLU E 416 -22.75 -28.19 16.78
CA GLU E 416 -22.93 -26.75 16.89
C GLU E 416 -24.20 -26.38 17.66
N ASN E 417 -25.30 -27.06 17.35
CA ASN E 417 -26.60 -26.72 17.92
C ASN E 417 -26.80 -27.16 19.38
N GLU E 418 -26.16 -28.25 19.78
CA GLU E 418 -26.40 -28.81 21.11
C GLU E 418 -25.19 -28.75 22.04
N TYR E 419 -24.00 -28.89 21.47
CA TYR E 419 -22.78 -28.93 22.26
C TYR E 419 -22.19 -27.54 22.45
N VAL E 420 -21.75 -26.92 21.36
CA VAL E 420 -21.16 -25.58 21.44
C VAL E 420 -22.18 -24.57 21.94
N ASN E 421 -23.41 -24.68 21.44
CA ASN E 421 -24.51 -23.80 21.86
C ASN E 421 -25.09 -24.28 23.19
N GLN E 422 -24.95 -23.46 24.23
CA GLN E 422 -25.46 -23.83 25.53
C GLN E 422 -26.22 -22.68 26.20
N GLY E 423 -26.03 -21.47 25.68
CA GLY E 423 -26.65 -20.29 26.26
C GLY E 423 -25.67 -19.53 27.15
N PHE E 424 -25.89 -18.24 27.29
CA PHE E 424 -24.98 -17.38 28.05
C PHE E 424 -25.23 -17.39 29.55
N TYR E 425 -26.29 -18.08 29.98
CA TYR E 425 -26.59 -18.19 31.40
C TYR E 425 -26.73 -19.64 31.85
N THR E 426 -26.06 -20.54 31.14
CA THR E 426 -26.08 -21.96 31.46
C THR E 426 -24.68 -22.47 31.80
N ASN E 427 -24.53 -23.00 33.02
CA ASN E 427 -23.25 -23.53 33.45
C ASN E 427 -23.20 -25.05 33.38
N ARG E 428 -22.29 -25.58 32.58
CA ARG E 428 -22.12 -27.02 32.46
C ARG E 428 -20.90 -27.50 33.23
N THR E 429 -21.10 -28.47 34.10
CA THR E 429 -19.98 -29.10 34.78
C THR E 429 -19.17 -29.88 33.75
N ILE E 430 -17.90 -30.14 34.04
CA ILE E 430 -17.05 -30.88 33.12
C ILE E 430 -17.61 -32.29 32.88
N THR E 431 -18.22 -32.87 33.91
CA THR E 431 -18.88 -34.17 33.79
C THR E 431 -20.03 -34.14 32.79
N GLU E 432 -20.83 -33.07 32.84
CA GLU E 432 -21.92 -32.91 31.89
C GLU E 432 -21.42 -32.72 30.46
N THR E 433 -20.32 -31.97 30.32
CA THR E 433 -19.71 -31.73 29.02
C THR E 433 -19.19 -33.01 28.39
N LEU E 434 -18.48 -33.81 29.19
CA LEU E 434 -17.92 -35.07 28.71
C LEU E 434 -18.99 -36.08 28.33
N ASP E 435 -20.03 -36.19 29.15
CA ASP E 435 -21.15 -37.08 28.87
C ASP E 435 -21.86 -36.68 27.58
N LEU E 436 -22.03 -35.37 27.39
CA LEU E 436 -22.71 -34.86 26.20
C LEU E 436 -21.87 -35.13 24.95
N GLY E 437 -20.55 -35.15 25.11
CA GLY E 437 -19.66 -35.48 24.01
C GLY E 437 -19.80 -36.91 23.55
N TRP E 438 -20.04 -37.82 24.49
CA TRP E 438 -20.24 -39.23 24.17
C TRP E 438 -21.55 -39.47 23.42
N GLU E 439 -22.55 -38.66 23.73
CA GLU E 439 -23.84 -38.75 23.03
C GLU E 439 -23.70 -38.43 21.55
N LEU E 440 -22.91 -37.40 21.24
CA LEU E 440 -22.70 -37.00 19.85
C LEU E 440 -21.81 -38.01 19.12
N LEU E 441 -20.83 -38.56 19.82
CA LEU E 441 -19.93 -39.54 19.22
C LEU E 441 -20.66 -40.84 18.88
N ALA E 442 -21.74 -41.12 19.60
CA ALA E 442 -22.52 -42.33 19.37
C ALA E 442 -23.25 -42.32 18.02
N MSE E 443 -23.39 -41.13 17.43
CA MSE E 443 -23.98 -41.01 16.10
C MSE E 443 -23.13 -41.76 15.10
O MSE E 443 -23.64 -42.43 14.21
CB MSE E 443 -24.06 -39.54 15.68
CG MSE E 443 -24.96 -38.68 16.53
SE MSE E 443 -24.91 -36.83 15.89
CE MSE E 443 -25.57 -37.13 14.08
N LEU E 444 -21.81 -41.61 15.24
CA LEU E 444 -20.87 -42.20 14.31
C LEU E 444 -20.74 -43.70 14.57
N PRO E 445 -20.41 -44.46 13.52
CA PRO E 445 -20.14 -45.89 13.71
C PRO E 445 -18.94 -46.06 14.62
N ARG E 446 -18.97 -47.06 15.50
CA ARG E 446 -17.87 -47.31 16.42
C ARG E 446 -16.57 -47.54 15.67
N THR E 447 -16.68 -48.06 14.45
CA THR E 447 -15.54 -48.33 13.59
C THR E 447 -14.87 -47.04 13.10
N GLU E 448 -15.57 -45.91 13.23
CA GLU E 448 -15.06 -44.62 12.77
C GLU E 448 -14.40 -43.83 13.89
N LEU E 449 -14.46 -44.34 15.12
CA LEU E 449 -13.87 -43.67 16.27
C LEU E 449 -12.42 -44.11 16.47
N LYS E 450 -11.59 -43.84 15.46
CA LYS E 450 -10.23 -44.38 15.40
C LYS E 450 -9.24 -43.72 16.36
N ARG E 451 -9.62 -42.60 16.96
CA ARG E 451 -8.74 -41.87 17.86
C ARG E 451 -8.88 -42.36 19.31
N ILE E 452 -9.88 -43.21 19.55
CA ILE E 452 -10.17 -43.72 20.89
C ILE E 452 -9.90 -45.22 20.99
N LYS E 453 -9.07 -45.62 21.95
CA LYS E 453 -8.79 -47.04 22.17
C LYS E 453 -10.03 -47.79 22.65
N ASP E 454 -9.98 -49.12 22.56
CA ASP E 454 -11.14 -49.95 22.85
C ASP E 454 -11.56 -49.94 24.31
N ASP E 455 -10.58 -49.75 25.21
CA ASP E 455 -10.89 -49.73 26.65
C ASP E 455 -11.81 -48.56 27.01
N LEU E 456 -11.57 -47.40 26.42
CA LEU E 456 -12.43 -46.23 26.66
C LEU E 456 -13.78 -46.35 25.95
N LEU E 457 -13.79 -46.95 24.77
CA LEU E 457 -15.03 -47.15 24.03
C LEU E 457 -15.97 -48.10 24.77
N ASP E 458 -15.44 -49.23 25.21
CA ASP E 458 -16.24 -50.23 25.93
C ASP E 458 -16.85 -49.68 27.22
N LYS E 459 -16.14 -48.78 27.87
CA LYS E 459 -16.55 -48.27 29.18
C LYS E 459 -17.59 -47.14 29.10
N TYR E 460 -17.39 -46.21 28.18
CA TYR E 460 -18.19 -44.98 28.17
C TYR E 460 -19.24 -44.89 27.06
N LEU E 461 -18.97 -45.48 25.89
CA LEU E 461 -19.83 -45.29 24.73
C LEU E 461 -21.27 -45.77 24.96
N PRO E 462 -22.23 -44.83 24.91
CA PRO E 462 -23.65 -45.11 25.17
C PRO E 462 -24.31 -45.85 24.01
N MSE F 8 57.20 14.54 5.88
CA MSE F 8 56.51 14.78 7.14
C MSE F 8 55.11 14.19 7.14
O MSE F 8 54.28 14.55 6.31
CB MSE F 8 56.44 16.28 7.44
CG MSE F 8 57.79 16.99 7.41
SE MSE F 8 57.94 18.37 8.78
CE MSE F 8 56.47 19.52 8.24
N ILE F 9 54.85 13.28 8.08
CA ILE F 9 53.53 12.65 8.19
C ILE F 9 52.57 13.47 9.04
N LYS F 10 51.41 13.79 8.47
CA LYS F 10 50.40 14.58 9.17
C LYS F 10 49.53 13.72 10.08
N GLU F 11 49.59 13.98 11.39
CA GLU F 11 48.83 13.20 12.36
C GLU F 11 48.33 14.07 13.51
N TYR F 12 47.08 13.86 13.91
CA TYR F 12 46.49 14.60 15.01
C TYR F 12 45.99 13.66 16.09
N ARG F 13 46.13 14.08 17.35
CA ARG F 13 45.63 13.30 18.47
C ARG F 13 44.40 14.00 19.05
N THR F 14 43.55 14.50 18.17
CA THR F 14 42.41 15.32 18.57
C THR F 14 41.07 14.79 18.09
N ILE F 15 40.80 13.52 18.36
CA ILE F 15 39.51 12.93 17.99
C ILE F 15 38.40 13.44 18.91
N LYS F 16 37.35 13.99 18.30
CA LYS F 16 36.29 14.64 19.05
C LYS F 16 35.11 13.72 19.37
N GLU F 17 34.71 12.90 18.41
CA GLU F 17 33.60 11.98 18.64
C GLU F 17 33.67 10.75 17.75
N VAL F 18 33.12 9.65 18.25
CA VAL F 18 33.09 8.40 17.53
C VAL F 18 31.69 7.81 17.58
N VAL F 19 31.01 7.81 16.44
CA VAL F 19 29.61 7.41 16.41
C VAL F 19 29.37 6.41 15.28
N GLY F 20 29.34 5.13 15.63
CA GLY F 20 29.18 4.08 14.65
C GLY F 20 30.36 4.06 13.69
N PRO F 21 30.08 4.17 12.39
CA PRO F 21 31.11 4.17 11.35
C PRO F 21 31.75 5.56 11.17
N LEU F 22 31.24 6.55 11.88
CA LEU F 22 31.70 7.93 11.69
C LEU F 22 32.56 8.46 12.84
N MSE F 23 33.49 9.34 12.50
CA MSE F 23 34.38 9.95 13.46
C MSE F 23 34.58 11.41 13.09
O MSE F 23 34.61 11.76 11.91
CB MSE F 23 35.72 9.21 13.47
CB MSE F 23 35.73 9.24 13.49
CG MSE F 23 36.83 9.86 14.28
CG MSE F 23 35.74 7.95 14.28
SE MSE F 23 38.52 8.90 14.06
SE MSE F 23 37.56 7.35 14.64
CE MSE F 23 38.06 7.26 14.99
CE MSE F 23 38.47 9.06 14.43
N ALA F 24 34.69 12.26 14.10
CA ALA F 24 34.98 13.67 13.86
C ALA F 24 36.32 14.02 14.49
N VAL F 25 37.15 14.71 13.73
CA VAL F 25 38.46 15.15 14.21
C VAL F 25 38.49 16.68 14.19
N GLU F 26 39.07 17.29 15.22
CA GLU F 26 39.13 18.76 15.28
C GLU F 26 40.55 19.30 15.31
N LYS F 27 40.68 20.62 15.20
CA LYS F 27 41.97 21.31 15.19
C LYS F 27 42.91 20.82 14.09
N VAL F 28 42.35 20.42 12.95
CA VAL F 28 43.14 19.96 11.83
C VAL F 28 43.39 21.09 10.83
N SER F 29 44.37 20.88 9.95
CA SER F 29 44.69 21.85 8.92
C SER F 29 45.19 21.12 7.68
N GLY F 30 44.92 21.68 6.50
CA GLY F 30 45.41 21.11 5.26
C GLY F 30 44.78 19.79 4.86
N VAL F 31 43.63 19.48 5.46
CA VAL F 31 42.90 18.25 5.14
C VAL F 31 41.98 18.46 3.94
N LYS F 32 41.91 17.46 3.06
CA LYS F 32 41.16 17.58 1.81
C LYS F 32 39.97 16.62 1.75
N TYR F 33 38.95 17.01 1.02
CA TYR F 33 37.80 16.15 0.77
C TYR F 33 38.24 14.85 0.10
N GLU F 34 37.76 13.73 0.64
CA GLU F 34 38.07 12.37 0.17
C GLU F 34 39.49 11.88 0.45
N GLU F 35 40.21 12.58 1.31
CA GLU F 35 41.57 12.17 1.66
C GLU F 35 41.56 10.88 2.49
N LEU F 36 42.53 10.01 2.22
CA LEU F 36 42.68 8.76 2.96
C LEU F 36 43.25 9.00 4.35
N ILE F 37 42.61 8.40 5.34
CA ILE F 37 43.09 8.53 6.71
C ILE F 37 43.38 7.15 7.31
N GLU F 38 44.17 7.15 8.38
CA GLU F 38 44.43 5.93 9.15
C GLU F 38 44.26 6.26 10.62
N VAL F 39 43.39 5.52 11.29
CA VAL F 39 43.26 5.66 12.74
C VAL F 39 44.27 4.75 13.43
N ARG F 40 45.11 5.35 14.27
CA ARG F 40 46.06 4.60 15.08
C ARG F 40 45.45 4.43 16.46
N MSE F 41 44.90 3.26 16.73
CA MSE F 41 44.22 3.03 18.00
C MSE F 41 45.18 2.90 19.18
O MSE F 41 46.38 2.73 18.99
CB MSE F 41 43.29 1.83 17.90
CG MSE F 41 42.08 2.08 17.02
SE MSE F 41 41.16 0.44 16.58
CE MSE F 41 40.84 -0.23 18.38
N GLN F 42 44.63 2.99 20.38
CA GLN F 42 45.41 2.98 21.61
C GLN F 42 46.24 1.71 21.79
N ASN F 43 45.85 0.64 21.11
CA ASN F 43 46.56 -0.63 21.20
C ASN F 43 47.52 -0.85 20.03
N GLY F 44 47.61 0.14 19.15
CA GLY F 44 48.52 0.08 18.02
C GLY F 44 47.88 -0.43 16.73
N GLU F 45 46.62 -0.84 16.82
CA GLU F 45 45.90 -1.33 15.64
C GLU F 45 45.64 -0.20 14.65
N ILE F 46 45.72 -0.51 13.36
CA ILE F 46 45.51 0.50 12.32
C ILE F 46 44.22 0.24 11.55
N ARG F 47 43.38 1.26 11.45
CA ARG F 47 42.16 1.16 10.67
C ARG F 47 42.04 2.33 9.70
N ARG F 48 41.88 2.02 8.42
CA ARG F 48 41.81 3.04 7.39
C ARG F 48 40.42 3.68 7.29
N GLY F 49 40.37 4.88 6.72
CA GLY F 49 39.11 5.58 6.57
C GLY F 49 39.17 6.60 5.46
N GLN F 50 38.14 7.43 5.36
CA GLN F 50 38.03 8.37 4.26
C GLN F 50 37.29 9.65 4.68
N VAL F 51 37.88 10.80 4.38
CA VAL F 51 37.28 12.09 4.71
C VAL F 51 36.04 12.33 3.86
N LEU F 52 34.88 12.46 4.50
CA LEU F 52 33.63 12.71 3.82
C LEU F 52 33.32 14.20 3.73
N GLU F 53 33.93 14.98 4.60
CA GLU F 53 33.59 16.39 4.73
C GLU F 53 34.65 17.15 5.51
N VAL F 54 34.98 18.35 5.06
CA VAL F 54 35.91 19.22 5.79
C VAL F 54 35.36 20.64 5.90
N GLN F 55 35.35 21.17 7.12
CA GLN F 55 35.02 22.56 7.33
C GLN F 55 35.82 23.17 8.48
N GLU F 56 36.29 24.40 8.27
CA GLU F 56 37.11 25.10 9.25
C GLU F 56 38.30 24.25 9.68
N ASP F 57 38.34 23.88 10.95
CA ASP F 57 39.41 23.05 11.48
C ASP F 57 38.92 21.63 11.80
N LYS F 58 37.84 21.22 11.15
CA LYS F 58 37.23 19.92 11.43
C LYS F 58 37.18 19.01 10.21
N ALA F 59 37.09 17.72 10.45
CA ALA F 59 36.98 16.72 9.38
C ALA F 59 36.09 15.58 9.83
N MSE F 60 35.14 15.19 8.99
CA MSE F 60 34.30 14.05 9.27
C MSE F 60 34.80 12.87 8.44
O MSE F 60 34.92 12.98 7.22
CB MSE F 60 32.83 14.35 8.93
CB MSE F 60 32.84 14.34 8.94
CG MSE F 60 31.96 13.11 8.76
CG MSE F 60 32.48 15.81 8.90
SE MSE F 60 30.17 13.52 8.11
SE MSE F 60 32.69 16.76 10.58
CE MSE F 60 29.40 14.26 9.74
CE MSE F 60 32.57 18.58 9.90
N VAL F 61 35.08 11.75 9.09
CA VAL F 61 35.60 10.59 8.38
C VAL F 61 34.76 9.34 8.60
N GLN F 62 34.71 8.48 7.59
CA GLN F 62 34.09 7.18 7.73
C GLN F 62 35.18 6.14 7.89
N ILE F 63 34.99 5.21 8.81
CA ILE F 63 36.00 4.17 9.06
C ILE F 63 35.56 2.86 8.42
N PHE F 64 36.38 2.33 7.51
CA PHE F 64 36.02 1.12 6.78
C PHE F 64 35.88 -0.10 7.70
N GLU F 65 36.79 -0.23 8.67
CA GLU F 65 36.80 -1.40 9.54
C GLU F 65 36.03 -1.20 10.85
N GLY F 66 35.30 -0.10 10.94
CA GLY F 66 34.51 0.17 12.14
C GLY F 66 35.33 0.75 13.27
N THR F 67 34.66 1.12 14.36
CA THR F 67 35.31 1.83 15.46
C THR F 67 35.22 1.09 16.79
N SER F 68 35.01 -0.22 16.73
CA SER F 68 34.90 -1.03 17.92
C SER F 68 36.19 -1.05 18.73
N GLY F 69 36.08 -0.77 20.03
CA GLY F 69 37.21 -0.81 20.93
C GLY F 69 38.03 0.46 21.01
N ILE F 70 37.65 1.47 20.24
CA ILE F 70 38.43 2.71 20.16
C ILE F 70 38.32 3.56 21.41
N ASN F 71 39.47 4.02 21.91
CA ASN F 71 39.53 5.05 22.92
C ASN F 71 39.90 6.38 22.25
N LEU F 72 38.99 7.35 22.31
CA LEU F 72 39.17 8.63 21.63
C LEU F 72 40.43 9.37 22.06
N LYS F 73 40.64 9.45 23.37
CA LYS F 73 41.75 10.24 23.91
C LYS F 73 43.11 9.70 23.50
N ASN F 74 43.25 8.37 23.54
CA ASN F 74 44.54 7.72 23.29
C ASN F 74 44.73 7.22 21.86
N SER F 75 43.90 7.68 20.94
CA SER F 75 44.04 7.32 19.53
C SER F 75 44.44 8.54 18.70
N SER F 76 44.99 8.28 17.52
CA SER F 76 45.40 9.34 16.60
C SER F 76 44.81 9.11 15.22
N VAL F 77 44.70 10.19 14.44
CA VAL F 77 44.29 10.07 13.06
C VAL F 77 45.38 10.62 12.15
N ARG F 78 45.87 9.78 11.26
CA ARG F 78 46.85 10.20 10.28
C ARG F 78 46.16 10.57 8.98
N PHE F 79 46.59 11.67 8.38
CA PHE F 79 46.04 12.11 7.10
C PHE F 79 47.12 11.95 6.03
N LEU F 80 46.85 11.07 5.06
CA LEU F 80 47.89 10.56 4.17
C LEU F 80 48.20 11.44 2.94
N GLY F 81 47.48 12.54 2.80
CA GLY F 81 47.79 13.50 1.73
C GLY F 81 47.40 13.07 0.33
N HIS F 82 46.55 12.06 0.24
CA HIS F 82 46.05 11.59 -1.05
C HIS F 82 44.81 10.73 -0.82
N PRO F 83 43.94 10.61 -1.84
CA PRO F 83 42.77 9.75 -1.66
C PRO F 83 43.16 8.28 -1.70
N LEU F 84 42.21 7.40 -1.38
CA LEU F 84 42.47 5.96 -1.39
C LEU F 84 42.95 5.48 -2.76
N GLN F 85 44.02 4.71 -2.77
CA GLN F 85 44.65 4.28 -4.01
C GLN F 85 44.87 2.77 -4.07
N LEU F 86 44.97 2.25 -5.28
CA LEU F 86 45.38 0.86 -5.48
C LEU F 86 46.75 0.81 -6.14
N GLY F 87 47.66 0.06 -5.53
CA GLY F 87 48.98 -0.17 -6.12
C GLY F 87 48.88 -1.30 -7.12
N VAL F 88 48.87 -0.94 -8.41
CA VAL F 88 48.60 -1.91 -9.47
C VAL F 88 49.87 -2.47 -10.10
N SER F 89 49.73 -3.66 -10.65
CA SER F 89 50.82 -4.37 -11.30
C SER F 89 50.21 -5.53 -12.07
N GLU F 90 50.88 -6.00 -13.12
CA GLU F 90 50.41 -7.21 -13.78
C GLU F 90 50.62 -8.42 -12.87
N ASP F 91 51.47 -8.25 -11.85
CA ASP F 91 51.70 -9.29 -10.86
C ASP F 91 50.47 -9.58 -10.00
N MSE F 92 49.43 -8.75 -10.13
CA MSE F 92 48.16 -8.98 -9.43
C MSE F 92 47.45 -10.22 -9.97
O MSE F 92 46.59 -10.78 -9.29
CB MSE F 92 47.22 -7.77 -9.59
CG MSE F 92 47.66 -6.51 -8.90
SE MSE F 92 46.30 -5.13 -9.11
CE MSE F 92 45.99 -5.27 -11.02
N ILE F 93 47.78 -10.60 -11.19
CA ILE F 93 47.14 -11.75 -11.84
C ILE F 93 47.41 -13.04 -11.07
N GLY F 94 46.33 -13.73 -10.69
CA GLY F 94 46.45 -14.98 -9.95
C GLY F 94 46.51 -14.76 -8.46
N ARG F 95 46.30 -13.52 -8.03
CA ARG F 95 46.38 -13.18 -6.61
C ARG F 95 45.01 -12.92 -6.01
N VAL F 96 44.90 -13.16 -4.71
CA VAL F 96 43.66 -12.94 -3.99
C VAL F 96 43.86 -11.87 -2.92
N PHE F 97 43.04 -10.84 -2.96
CA PHE F 97 43.12 -9.74 -2.00
C PHE F 97 41.82 -9.64 -1.20
N ASP F 98 41.84 -8.85 -0.13
CA ASP F 98 40.63 -8.60 0.63
C ASP F 98 39.88 -7.39 0.09
N GLY F 99 38.92 -6.89 0.85
CA GLY F 99 38.08 -5.79 0.40
C GLY F 99 38.78 -4.46 0.26
N LEU F 100 39.97 -4.34 0.84
CA LEU F 100 40.75 -3.11 0.73
C LEU F 100 42.03 -3.29 -0.09
N GLY F 101 42.16 -4.43 -0.75
CA GLY F 101 43.25 -4.67 -1.68
C GLY F 101 44.54 -5.18 -1.07
N ARG F 102 44.43 -5.71 0.14
CA ARG F 102 45.58 -6.30 0.82
C ARG F 102 45.60 -7.80 0.55
N PRO F 103 46.80 -8.36 0.33
CA PRO F 103 46.96 -9.79 0.05
C PRO F 103 46.30 -10.67 1.11
N LYS F 104 45.58 -11.68 0.64
CA LYS F 104 44.81 -12.55 1.52
C LYS F 104 45.28 -14.00 1.36
N ASP F 105 46.21 -14.22 0.42
CA ASP F 105 46.58 -15.57 0.01
C ASP F 105 47.94 -16.06 0.51
N ASN F 106 48.51 -15.36 1.49
CA ASN F 106 49.81 -15.72 2.06
C ASN F 106 50.95 -15.69 1.03
N GLY F 107 50.74 -14.97 -0.07
CA GLY F 107 51.76 -14.80 -1.08
C GLY F 107 52.52 -13.50 -0.88
N PRO F 108 53.48 -13.23 -1.77
CA PRO F 108 54.33 -12.03 -1.68
C PRO F 108 53.52 -10.74 -1.73
N GLU F 109 54.05 -9.67 -1.15
CA GLU F 109 53.49 -8.34 -1.35
C GLU F 109 53.82 -7.92 -2.78
N ILE F 110 52.86 -7.26 -3.43
CA ILE F 110 53.09 -6.76 -4.77
C ILE F 110 53.97 -5.52 -4.72
N LEU F 111 54.99 -5.47 -5.56
CA LEU F 111 55.75 -4.24 -5.76
C LEU F 111 55.06 -3.46 -6.87
N PRO F 112 54.30 -2.41 -6.50
CA PRO F 112 53.41 -1.74 -7.44
C PRO F 112 54.14 -1.02 -8.57
N GLU F 113 53.55 -1.07 -9.76
CA GLU F 113 54.05 -0.36 -10.92
C GLU F 113 53.73 1.13 -10.77
N LYS F 114 52.54 1.39 -10.22
CA LYS F 114 52.07 2.75 -9.99
C LYS F 114 50.90 2.69 -9.01
N TYR F 115 50.47 3.86 -8.54
CA TYR F 115 49.31 3.94 -7.65
C TYR F 115 48.19 4.70 -8.33
N LEU F 116 46.98 4.16 -8.25
CA LEU F 116 45.83 4.76 -8.91
C LEU F 116 44.69 5.06 -7.94
N ASP F 117 44.22 6.31 -7.97
CA ASP F 117 42.99 6.71 -7.31
C ASP F 117 41.89 5.74 -7.71
N ILE F 118 41.26 5.09 -6.74
CA ILE F 118 40.27 4.07 -7.06
C ILE F 118 38.95 4.61 -7.59
N ASN F 119 38.80 5.93 -7.58
CA ASN F 119 37.64 6.56 -8.21
C ASN F 119 37.77 6.57 -9.72
N GLY F 120 39.00 6.48 -10.21
CA GLY F 120 39.28 6.49 -11.63
C GLY F 120 38.92 7.81 -12.27
N GLU F 121 38.76 7.79 -13.60
CA GLU F 121 38.32 8.97 -14.33
C GLU F 121 37.28 8.58 -15.37
N VAL F 122 36.49 9.55 -15.81
CA VAL F 122 35.48 9.31 -16.82
C VAL F 122 36.14 9.21 -18.18
N ILE F 123 35.76 8.21 -18.97
CA ILE F 123 36.21 8.12 -20.34
C ILE F 123 35.52 9.21 -21.16
N ASN F 124 36.31 9.98 -21.90
CA ASN F 124 35.77 10.98 -22.80
C ASN F 124 34.89 10.27 -23.83
N PRO F 125 33.61 10.64 -23.93
CA PRO F 125 32.67 9.98 -24.85
C PRO F 125 33.16 9.94 -26.29
N ILE F 126 33.93 10.93 -26.71
CA ILE F 126 34.49 10.97 -28.06
C ILE F 126 35.64 9.96 -28.19
N ALA F 127 36.25 9.60 -27.06
CA ALA F 127 37.36 8.66 -27.06
C ALA F 127 36.87 7.22 -27.04
N ARG F 128 35.62 7.04 -26.64
CA ARG F 128 35.03 5.71 -26.53
C ARG F 128 34.91 5.02 -27.88
N ASP F 129 35.11 3.71 -27.87
CA ASP F 129 34.80 2.88 -29.02
C ASP F 129 33.51 2.13 -28.68
N TYR F 130 32.58 2.09 -29.62
CA TYR F 130 31.28 1.47 -29.37
C TYR F 130 31.40 -0.05 -29.35
N PRO F 131 30.89 -0.69 -28.28
CA PRO F 131 30.97 -2.17 -28.17
C PRO F 131 30.10 -2.86 -29.20
N ASP F 132 30.68 -3.75 -30.00
CA ASP F 132 29.92 -4.47 -31.02
C ASP F 132 30.46 -5.86 -31.33
N GLU F 133 31.43 -6.33 -30.55
CA GLU F 133 32.03 -7.64 -30.75
C GLU F 133 31.25 -8.73 -30.01
N PHE F 134 30.57 -9.58 -30.78
CA PHE F 134 29.76 -10.66 -30.23
C PHE F 134 30.54 -11.57 -29.28
N ILE F 135 30.04 -11.74 -28.07
CA ILE F 135 30.59 -12.70 -27.12
C ILE F 135 29.68 -13.90 -27.03
N GLN F 136 30.18 -15.04 -27.48
CA GLN F 136 29.41 -16.27 -27.40
C GLN F 136 29.52 -16.88 -26.01
N THR F 137 28.44 -16.76 -25.23
CA THR F 137 28.41 -17.34 -23.88
C THR F 137 28.05 -18.82 -23.91
N GLY F 138 27.47 -19.28 -25.01
CA GLY F 138 27.03 -20.66 -25.12
C GLY F 138 25.66 -20.85 -24.53
N ILE F 139 25.11 -19.77 -23.99
CA ILE F 139 23.80 -19.80 -23.38
C ILE F 139 22.81 -19.13 -24.34
N SER F 140 21.92 -19.93 -24.91
CA SER F 140 21.01 -19.50 -25.96
C SER F 140 20.14 -18.29 -25.56
N ALA F 141 19.63 -18.32 -24.33
CA ALA F 141 18.76 -17.24 -23.85
C ALA F 141 19.49 -15.90 -23.82
N ILE F 142 20.82 -15.96 -23.74
CA ILE F 142 21.65 -14.76 -23.82
C ILE F 142 22.12 -14.49 -25.26
N ASP F 143 22.82 -15.45 -25.87
CA ASP F 143 23.42 -15.25 -27.18
C ASP F 143 22.46 -14.78 -28.27
N HIS F 144 21.26 -15.33 -28.27
CA HIS F 144 20.29 -15.03 -29.30
C HIS F 144 19.40 -13.85 -28.95
N LEU F 145 18.82 -13.87 -27.75
CA LEU F 145 17.77 -12.93 -27.40
C LEU F 145 18.24 -11.72 -26.59
N ASN F 146 19.32 -11.89 -25.84
CA ASN F 146 19.85 -10.82 -24.99
C ASN F 146 21.36 -10.69 -25.15
N THR F 147 21.79 -10.53 -26.39
CA THR F 147 23.19 -10.67 -26.81
C THR F 147 24.21 -9.82 -26.05
N LEU F 148 25.23 -10.49 -25.52
CA LEU F 148 26.34 -9.83 -24.85
C LEU F 148 27.46 -9.52 -25.84
N VAL F 149 27.93 -8.28 -25.83
CA VAL F 149 29.07 -7.89 -26.66
C VAL F 149 30.22 -7.43 -25.78
N ARG F 150 31.43 -7.45 -26.32
CA ARG F 150 32.63 -7.13 -25.56
C ARG F 150 32.68 -5.63 -25.25
N GLY F 151 32.73 -5.31 -23.96
CA GLY F 151 32.72 -3.92 -23.51
C GLY F 151 31.39 -3.48 -22.91
N GLN F 152 30.41 -4.37 -22.93
CA GLN F 152 29.07 -4.06 -22.41
C GLN F 152 29.05 -4.23 -20.89
N LYS F 153 28.11 -3.57 -20.23
CA LYS F 153 27.76 -3.93 -18.86
C LYS F 153 26.38 -4.57 -18.82
N LEU F 154 26.34 -5.87 -18.56
CA LEU F 154 25.11 -6.64 -18.58
C LEU F 154 24.98 -7.44 -17.30
N PRO F 155 24.15 -6.95 -16.36
CA PRO F 155 24.02 -7.56 -15.04
C PRO F 155 23.02 -8.69 -14.97
N VAL F 156 23.16 -9.51 -13.93
CA VAL F 156 22.18 -10.55 -13.62
C VAL F 156 21.35 -10.06 -12.43
N PHE F 157 20.04 -9.96 -12.64
CA PHE F 157 19.12 -9.63 -11.56
C PHE F 157 18.53 -10.93 -11.04
N SER F 158 18.69 -11.18 -9.75
CA SER F 158 18.25 -12.45 -9.18
C SER F 158 17.52 -12.25 -7.86
N GLY F 159 17.64 -13.23 -6.97
CA GLY F 159 17.02 -13.16 -5.66
C GLY F 159 17.65 -14.22 -4.77
N SER F 160 17.39 -14.11 -3.48
CA SER F 160 17.93 -15.08 -2.53
C SER F 160 17.43 -16.48 -2.89
N GLY F 161 18.34 -17.46 -2.83
CA GLY F 161 17.98 -18.84 -3.12
C GLY F 161 18.00 -19.21 -4.60
N LEU F 162 18.31 -18.25 -5.45
CA LEU F 162 18.34 -18.47 -6.90
C LEU F 162 19.78 -18.69 -7.38
N PRO F 163 19.96 -19.42 -8.49
CA PRO F 163 21.28 -19.83 -8.95
C PRO F 163 22.04 -18.79 -9.79
N HIS F 164 22.12 -17.54 -9.34
CA HIS F 164 22.88 -16.53 -10.07
C HIS F 164 24.39 -16.80 -10.08
N LYS F 165 24.90 -17.48 -9.06
CA LYS F 165 26.32 -17.80 -9.02
C LYS F 165 26.67 -18.89 -10.04
N GLU F 166 25.75 -19.83 -10.23
CA GLU F 166 25.91 -20.87 -11.25
C GLU F 166 25.96 -20.26 -12.65
N LEU F 167 25.06 -19.33 -12.93
CA LEU F 167 25.02 -18.66 -14.23
C LEU F 167 26.26 -17.83 -14.47
N ALA F 168 26.65 -17.02 -13.49
CA ALA F 168 27.81 -16.15 -13.62
C ALA F 168 29.08 -16.94 -13.87
N ALA F 169 29.20 -18.09 -13.20
CA ALA F 169 30.37 -18.96 -13.38
C ALA F 169 30.35 -19.59 -14.77
N GLN F 170 29.18 -19.96 -15.25
CA GLN F 170 29.05 -20.58 -16.56
C GLN F 170 29.43 -19.62 -17.68
N ILE F 171 28.95 -18.39 -17.56
CA ILE F 171 29.30 -17.34 -18.53
C ILE F 171 30.81 -17.16 -18.61
N ALA F 172 31.45 -16.94 -17.46
CA ALA F 172 32.89 -16.74 -17.41
C ALA F 172 33.66 -17.95 -17.94
N ARG F 173 33.07 -19.12 -17.75
CA ARG F 173 33.67 -20.38 -18.17
C ARG F 173 33.62 -20.52 -19.70
N GLN F 174 32.50 -20.13 -20.29
CA GLN F 174 32.22 -20.46 -21.70
C GLN F 174 32.40 -19.28 -22.66
N ALA F 175 32.42 -18.07 -22.12
CA ALA F 175 32.45 -16.87 -22.96
C ALA F 175 33.67 -16.79 -23.87
N THR F 176 33.42 -16.52 -25.15
CA THR F 176 34.49 -16.24 -26.10
C THR F 176 33.97 -15.46 -27.29
N VAL F 177 34.82 -14.63 -27.88
CA VAL F 177 34.50 -14.01 -29.16
C VAL F 177 34.86 -15.00 -30.25
N LEU F 178 34.31 -14.81 -31.45
CA LEU F 178 34.52 -15.76 -32.53
C LEU F 178 35.69 -15.35 -33.43
N ASP F 179 36.24 -16.33 -34.14
CA ASP F 179 37.34 -16.10 -35.08
C ASP F 179 38.53 -15.44 -34.40
N SER F 180 38.78 -15.84 -33.15
CA SER F 180 39.87 -15.27 -32.38
C SER F 180 40.22 -16.19 -31.22
N SER F 181 41.47 -16.15 -30.78
CA SER F 181 41.89 -16.92 -29.63
C SER F 181 42.11 -16.01 -28.42
N ASP F 182 41.49 -14.84 -28.46
CA ASP F 182 41.47 -13.93 -27.31
C ASP F 182 40.82 -14.62 -26.13
N ASP F 183 41.38 -14.42 -24.94
CA ASP F 183 40.72 -14.90 -23.74
C ASP F 183 40.29 -13.71 -22.87
N PHE F 184 39.79 -14.00 -21.68
CA PHE F 184 39.41 -12.95 -20.75
C PHE F 184 40.25 -13.07 -19.49
N ALA F 185 40.85 -11.96 -19.05
CA ALA F 185 41.33 -11.89 -17.69
C ALA F 185 40.09 -11.61 -16.85
N VAL F 186 39.95 -12.27 -15.72
CA VAL F 186 38.76 -12.09 -14.90
C VAL F 186 39.07 -11.31 -13.62
N VAL F 187 38.31 -10.25 -13.37
CA VAL F 187 38.40 -9.56 -12.09
C VAL F 187 37.13 -9.87 -11.30
N PHE F 188 37.30 -10.49 -10.14
CA PHE F 188 36.16 -10.90 -9.30
C PHE F 188 36.11 -10.13 -7.99
N ALA F 189 34.98 -9.49 -7.73
CA ALA F 189 34.78 -8.77 -6.48
C ALA F 189 33.66 -9.41 -5.67
N ALA F 190 34.01 -9.91 -4.49
CA ALA F 190 33.02 -10.39 -3.54
C ALA F 190 32.62 -9.23 -2.64
N ILE F 191 31.32 -9.00 -2.51
CA ILE F 191 30.82 -7.87 -1.75
C ILE F 191 29.77 -8.34 -0.74
N GLY F 192 30.22 -8.62 0.48
CA GLY F 192 29.35 -9.04 1.55
C GLY F 192 28.78 -10.44 1.43
N ILE F 193 29.27 -11.22 0.47
CA ILE F 193 28.73 -12.57 0.29
C ILE F 193 29.28 -13.54 1.35
N THR F 194 28.61 -14.69 1.49
CA THR F 194 28.99 -15.66 2.50
C THR F 194 30.22 -16.46 2.06
N PHE F 195 30.83 -17.16 3.00
CA PHE F 195 31.97 -18.03 2.68
C PHE F 195 31.61 -19.04 1.60
N GLU F 196 30.45 -19.69 1.74
CA GLU F 196 30.05 -20.73 0.80
C GLU F 196 29.77 -20.19 -0.60
N GLU F 197 29.32 -18.95 -0.69
CA GLU F 197 29.09 -18.32 -1.98
C GLU F 197 30.42 -18.02 -2.65
N ALA F 198 31.32 -17.43 -1.89
CA ALA F 198 32.66 -17.11 -2.37
C ALA F 198 33.42 -18.37 -2.76
N GLU F 199 33.27 -19.41 -1.94
CA GLU F 199 34.00 -20.66 -2.15
C GLU F 199 33.53 -21.39 -3.41
N PHE F 200 32.28 -21.16 -3.82
CA PHE F 200 31.78 -21.72 -5.07
C PHE F 200 32.57 -21.19 -6.26
N PHE F 201 32.85 -19.89 -6.24
CA PHE F 201 33.61 -19.26 -7.32
C PHE F 201 35.08 -19.67 -7.26
N MSE F 202 35.66 -19.64 -6.07
CA MSE F 202 37.06 -20.03 -5.89
C MSE F 202 37.31 -21.44 -6.39
O MSE F 202 38.32 -21.70 -7.04
CB MSE F 202 37.46 -19.94 -4.42
CG MSE F 202 37.46 -18.54 -3.82
SE MSE F 202 38.65 -17.31 -4.73
CE MSE F 202 37.32 -16.39 -5.84
N GLU F 203 36.38 -22.35 -6.11
CA GLU F 203 36.51 -23.72 -6.52
C GLU F 203 36.38 -23.88 -8.04
N ASP F 204 35.45 -23.12 -8.62
CA ASP F 204 35.26 -23.15 -10.07
C ASP F 204 36.48 -22.59 -10.79
N PHE F 205 37.02 -21.49 -10.27
CA PHE F 205 38.20 -20.85 -10.86
C PHE F 205 39.43 -21.76 -10.76
N ARG F 206 39.52 -22.51 -9.67
CA ARG F 206 40.65 -23.42 -9.47
C ARG F 206 40.54 -24.67 -10.35
N GLN F 207 39.32 -25.17 -10.54
CA GLN F 207 39.12 -26.37 -11.34
C GLN F 207 39.37 -26.13 -12.83
N THR F 208 38.88 -25.00 -13.33
CA THR F 208 39.05 -24.66 -14.73
C THR F 208 40.43 -24.08 -15.01
N GLY F 209 41.13 -23.67 -13.95
CA GLY F 209 42.43 -23.06 -14.08
C GLY F 209 42.35 -21.58 -14.39
N ALA F 210 41.13 -21.05 -14.39
CA ALA F 210 40.89 -19.63 -14.65
C ALA F 210 41.51 -18.73 -13.58
N ILE F 211 41.77 -19.31 -12.41
CA ILE F 211 42.37 -18.57 -11.30
C ILE F 211 43.73 -17.98 -11.67
N ASP F 212 44.40 -18.58 -12.64
CA ASP F 212 45.69 -18.08 -13.12
C ASP F 212 45.52 -16.93 -14.11
N ARG F 213 44.27 -16.62 -14.44
CA ARG F 213 43.94 -15.48 -15.30
C ARG F 213 43.19 -14.42 -14.51
N SER F 214 43.14 -14.57 -13.19
CA SER F 214 42.21 -13.78 -12.39
C SER F 214 42.86 -12.91 -11.32
N VAL F 215 42.16 -11.82 -10.98
CA VAL F 215 42.46 -11.02 -9.81
C VAL F 215 41.20 -10.98 -8.96
N MSE F 216 41.34 -11.24 -7.67
CA MSE F 216 40.17 -11.32 -6.81
C MSE F 216 40.25 -10.37 -5.61
O MSE F 216 41.29 -10.27 -4.96
CB MSE F 216 39.93 -12.76 -6.35
CG MSE F 216 39.48 -13.67 -7.50
SE MSE F 216 40.28 -15.44 -7.45
CE MSE F 216 42.14 -14.98 -7.89
N PHE F 217 39.14 -9.68 -5.35
CA PHE F 217 39.03 -8.78 -4.21
C PHE F 217 37.86 -9.25 -3.35
N MSE F 218 38.16 -9.75 -2.16
CA MSE F 218 37.17 -10.47 -1.37
C MSE F 218 36.71 -9.75 -0.10
O MSE F 218 37.46 -9.65 0.87
CB MSE F 218 37.71 -11.84 -1.00
CG MSE F 218 38.37 -12.56 -2.17
SE MSE F 218 37.08 -13.10 -3.53
CE MSE F 218 36.46 -14.76 -2.70
N ASN F 219 35.48 -9.25 -0.13
CA ASN F 219 34.81 -8.81 1.09
C ASN F 219 33.68 -9.77 1.40
N LEU F 220 33.77 -10.47 2.52
CA LEU F 220 32.75 -11.47 2.89
C LEU F 220 31.81 -10.96 3.97
N ALA F 221 30.80 -11.76 4.29
CA ALA F 221 29.77 -11.38 5.23
C ALA F 221 30.30 -11.14 6.66
N ASN F 222 31.48 -11.67 6.95
CA ASN F 222 32.09 -11.42 8.26
C ASN F 222 33.02 -10.20 8.24
N ASP F 223 33.25 -9.65 7.06
CA ASP F 223 34.11 -8.48 6.92
C ASP F 223 33.30 -7.21 7.19
N PRO F 224 33.96 -6.14 7.66
CA PRO F 224 33.29 -4.86 7.93
C PRO F 224 32.48 -4.37 6.74
N ALA F 225 31.29 -3.85 7.01
CA ALA F 225 30.33 -3.48 5.97
C ALA F 225 30.75 -2.23 5.19
N ILE F 226 31.28 -1.24 5.88
CA ILE F 226 31.64 0.03 5.23
C ILE F 226 32.79 -0.16 4.24
N GLU F 227 33.52 -1.26 4.42
CA GLU F 227 34.57 -1.66 3.50
C GLU F 227 34.02 -1.91 2.11
N ARG F 228 32.74 -2.26 2.04
CA ARG F 228 32.07 -2.60 0.78
C ARG F 228 31.93 -1.41 -0.18
N ILE F 229 32.05 -0.20 0.33
CA ILE F 229 31.98 0.98 -0.52
C ILE F 229 33.25 1.13 -1.37
N ALA F 230 34.36 0.61 -0.86
CA ALA F 230 35.63 0.71 -1.57
C ALA F 230 35.89 -0.46 -2.51
N THR F 231 35.39 -1.64 -2.13
CA THR F 231 35.71 -2.87 -2.85
C THR F 231 35.46 -2.86 -4.38
N PRO F 232 34.26 -2.46 -4.83
CA PRO F 232 34.07 -2.48 -6.28
C PRO F 232 34.89 -1.42 -7.02
N ARG F 233 35.22 -0.32 -6.35
CA ARG F 233 36.10 0.68 -6.95
C ARG F 233 37.52 0.12 -7.09
N MSE F 234 37.95 -0.65 -6.09
CA MSE F 234 39.22 -1.36 -6.15
C MSE F 234 39.26 -2.29 -7.36
O MSE F 234 40.21 -2.29 -8.13
CB MSE F 234 39.40 -2.20 -4.88
CG MSE F 234 39.61 -1.39 -3.60
SE MSE F 234 41.51 -1.13 -3.30
CE MSE F 234 42.10 -2.72 -4.22
N ALA F 235 38.22 -3.11 -7.49
CA ALA F 235 38.12 -4.09 -8.57
C ALA F 235 38.11 -3.45 -9.95
N LEU F 236 37.38 -2.35 -10.08
CA LEU F 236 37.26 -1.65 -11.36
C LEU F 236 38.53 -0.88 -11.72
N THR F 237 39.25 -0.41 -10.72
CA THR F 237 40.53 0.24 -10.94
C THR F 237 41.56 -0.76 -11.46
N ALA F 238 41.52 -1.97 -10.90
CA ALA F 238 42.35 -3.05 -11.37
C ALA F 238 41.97 -3.43 -12.80
N ALA F 239 40.66 -3.49 -13.06
CA ALA F 239 40.14 -3.87 -14.37
C ALA F 239 40.54 -2.90 -15.47
N GLU F 240 40.32 -1.61 -15.24
CA GLU F 240 40.65 -0.58 -16.22
C GLU F 240 42.16 -0.45 -16.41
N TYR F 241 42.92 -0.77 -15.37
CA TYR F 241 44.37 -0.80 -15.49
C TYR F 241 44.80 -1.93 -16.44
N LEU F 242 44.32 -3.13 -16.17
CA LEU F 242 44.68 -4.29 -16.99
C LEU F 242 44.21 -4.12 -18.44
N ALA F 243 43.08 -3.45 -18.63
CA ALA F 243 42.51 -3.29 -19.95
C ALA F 243 43.18 -2.18 -20.77
N TYR F 244 43.32 -1.01 -20.17
CA TYR F 244 43.75 0.17 -20.91
C TYR F 244 45.24 0.47 -20.78
N GLU F 245 45.90 -0.14 -19.80
CA GLU F 245 47.34 0.06 -19.65
C GLU F 245 48.13 -1.22 -19.91
N LYS F 246 47.45 -2.36 -19.88
CA LYS F 246 48.11 -3.65 -20.14
C LYS F 246 47.44 -4.43 -21.27
N GLY F 247 46.56 -3.77 -22.02
CA GLY F 247 46.01 -4.30 -23.24
C GLY F 247 45.25 -5.61 -23.13
N MSE F 248 44.62 -5.84 -21.98
CA MSE F 248 43.87 -7.08 -21.79
C MSE F 248 42.37 -6.92 -22.02
O MSE F 248 41.82 -5.83 -21.91
CB MSE F 248 44.09 -7.63 -20.37
CG MSE F 248 45.52 -8.00 -20.07
SE MSE F 248 45.65 -8.87 -18.33
CE MSE F 248 47.59 -8.82 -18.14
N HIS F 249 41.72 -8.03 -22.37
CA HIS F 249 40.27 -8.07 -22.37
C HIS F 249 39.84 -8.58 -21.01
N VAL F 250 39.16 -7.73 -20.26
CA VAL F 250 38.81 -8.04 -18.87
C VAL F 250 37.31 -8.29 -18.69
N LEU F 251 36.99 -9.37 -17.98
CA LEU F 251 35.62 -9.66 -17.60
C LEU F 251 35.47 -9.41 -16.10
N VAL F 252 34.62 -8.47 -15.72
CA VAL F 252 34.44 -8.13 -14.31
C VAL F 252 33.14 -8.70 -13.75
N ILE F 253 33.26 -9.50 -12.70
CA ILE F 253 32.09 -10.07 -12.04
C ILE F 253 32.04 -9.57 -10.61
N MSE F 254 30.97 -8.87 -10.26
CA MSE F 254 30.80 -8.34 -8.92
C MSE F 254 29.47 -8.75 -8.31
O MSE F 254 28.41 -8.47 -8.88
CB MSE F 254 30.94 -6.81 -8.92
CG MSE F 254 32.21 -6.32 -9.62
SE MSE F 254 32.50 -4.39 -9.49
CE MSE F 254 30.92 -3.77 -10.44
N THR F 255 29.53 -9.42 -7.16
CA THR F 255 28.34 -9.84 -6.43
C THR F 255 28.64 -9.67 -4.93
N ASP F 256 27.67 -9.24 -4.12
CA ASP F 256 26.31 -8.89 -4.51
C ASP F 256 26.17 -7.37 -4.46
N MSE F 257 25.76 -6.74 -5.57
CA MSE F 257 25.65 -5.28 -5.64
C MSE F 257 24.64 -4.70 -4.66
O MSE F 257 24.71 -3.53 -4.30
CB MSE F 257 25.30 -4.81 -7.05
CG MSE F 257 26.35 -5.12 -8.11
SE MSE F 257 28.14 -4.57 -7.59
CE MSE F 257 27.86 -2.67 -7.27
N THR F 258 23.68 -5.53 -4.24
CA THR F 258 22.72 -5.10 -3.24
C THR F 258 23.41 -4.78 -1.92
N ASN F 259 24.45 -5.57 -1.59
CA ASN F 259 25.23 -5.34 -0.37
C ASN F 259 26.02 -4.04 -0.42
N TYR F 260 26.38 -3.61 -1.62
CA TYR F 260 27.02 -2.32 -1.82
C TYR F 260 26.07 -1.17 -1.49
N ALA F 261 24.85 -1.25 -2.03
CA ALA F 261 23.85 -0.20 -1.81
C ALA F 261 23.44 -0.13 -0.34
N GLU F 262 23.38 -1.27 0.32
CA GLU F 262 23.05 -1.31 1.76
C GLU F 262 24.11 -0.59 2.58
N ALA F 263 25.37 -0.74 2.19
CA ALA F 263 26.47 -0.06 2.88
C ALA F 263 26.35 1.45 2.68
N LEU F 264 26.02 1.86 1.46
CA LEU F 264 25.80 3.27 1.16
C LEU F 264 24.71 3.85 2.06
N ARG F 265 23.65 3.08 2.27
CA ARG F 265 22.55 3.52 3.11
C ARG F 265 22.96 3.61 4.58
N GLU F 266 23.79 2.68 5.04
CA GLU F 266 24.32 2.74 6.40
C GLU F 266 25.04 4.06 6.67
N ILE F 267 25.91 4.44 5.75
CA ILE F 267 26.66 5.70 5.87
C ILE F 267 25.73 6.91 5.77
N SER F 268 24.82 6.86 4.80
CA SER F 268 23.85 7.92 4.61
C SER F 268 22.97 8.13 5.84
N ALA F 269 22.56 7.03 6.47
CA ALA F 269 21.76 7.10 7.68
C ALA F 269 22.57 7.64 8.85
N ALA F 270 23.82 7.20 8.96
CA ALA F 270 24.70 7.64 10.03
C ALA F 270 24.98 9.14 9.97
N ARG F 271 25.03 9.67 8.74
CA ARG F 271 25.28 11.10 8.53
C ARG F 271 24.00 11.92 8.68
N ARG F 272 22.89 11.23 8.91
CA ARG F 272 21.59 11.88 9.01
C ARG F 272 21.29 12.72 7.77
N GLU F 273 21.67 12.21 6.60
CA GLU F 273 21.38 12.90 5.35
C GLU F 273 19.88 12.80 5.07
N VAL F 274 19.37 13.71 4.24
CA VAL F 274 17.98 13.66 3.83
C VAL F 274 17.73 12.44 2.93
N PRO F 275 16.94 11.48 3.41
CA PRO F 275 16.73 10.19 2.75
C PRO F 275 15.87 10.31 1.48
N GLY F 276 16.06 9.38 0.55
CA GLY F 276 15.23 9.29 -0.63
C GLY F 276 14.25 8.14 -0.47
N ARG F 277 14.08 7.35 -1.53
CA ARG F 277 13.22 6.16 -1.46
C ARG F 277 13.82 5.08 -0.56
N ARG F 278 12.99 4.53 0.34
CA ARG F 278 13.35 3.38 1.17
C ARG F 278 14.53 3.66 2.12
N GLY F 279 14.87 4.93 2.29
CA GLY F 279 15.96 5.30 3.17
C GLY F 279 17.29 5.38 2.42
N TYR F 280 17.26 5.04 1.14
CA TYR F 280 18.46 5.13 0.31
C TYR F 280 18.74 6.59 -0.03
N PRO F 281 20.02 6.96 -0.09
CA PRO F 281 20.39 8.36 -0.34
C PRO F 281 19.92 8.82 -1.72
N GLY F 282 19.79 10.12 -1.90
CA GLY F 282 19.39 10.69 -3.17
C GLY F 282 20.40 10.46 -4.29
N TYR F 283 21.64 10.17 -3.91
CA TYR F 283 22.72 10.00 -4.89
C TYR F 283 22.99 8.54 -5.28
N LEU F 284 22.05 7.64 -5.00
CA LEU F 284 22.23 6.22 -5.29
C LEU F 284 22.44 5.93 -6.79
N TYR F 285 21.64 6.57 -7.64
CA TYR F 285 21.79 6.41 -9.10
C TYR F 285 23.18 6.84 -9.54
N THR F 286 23.56 8.04 -9.14
CA THR F 286 24.86 8.61 -9.51
C THR F 286 25.99 7.71 -9.04
N ASN F 287 25.89 7.28 -7.79
CA ASN F 287 26.90 6.42 -7.19
C ASN F 287 27.08 5.09 -7.93
N LEU F 288 25.96 4.44 -8.24
CA LEU F 288 25.98 3.20 -9.01
C LEU F 288 26.52 3.44 -10.43
N ALA F 289 26.22 4.61 -10.99
CA ALA F 289 26.69 4.96 -12.33
C ALA F 289 28.20 5.13 -12.38
N THR F 290 28.79 5.63 -11.29
CA THR F 290 30.24 5.80 -11.23
C THR F 290 30.96 4.46 -11.26
N LEU F 291 30.21 3.38 -11.02
CA LEU F 291 30.78 2.04 -11.09
C LEU F 291 30.54 1.42 -12.46
N PHE F 292 29.27 1.35 -12.85
CA PHE F 292 28.87 0.61 -14.05
C PHE F 292 29.32 1.26 -15.36
N GLU F 293 29.52 2.58 -15.33
CA GLU F 293 29.99 3.29 -16.53
C GLU F 293 31.49 3.06 -16.74
N ARG F 294 32.13 2.41 -15.78
CA ARG F 294 33.53 2.03 -15.94
C ARG F 294 33.63 0.72 -16.70
N ALA F 295 33.23 0.78 -17.96
CA ALA F 295 33.22 -0.39 -18.83
C ALA F 295 33.24 0.13 -20.26
N GLY F 296 33.61 -0.73 -21.20
CA GLY F 296 33.58 -0.36 -22.60
C GLY F 296 34.91 -0.55 -23.29
N ARG F 297 35.11 0.20 -24.37
CA ARG F 297 36.35 0.18 -25.11
C ARG F 297 36.79 1.61 -25.41
N ILE F 298 38.06 1.79 -25.71
CA ILE F 298 38.60 3.09 -26.06
C ILE F 298 39.25 3.03 -27.43
N ARG F 299 38.99 4.02 -28.27
CA ARG F 299 39.55 4.09 -29.62
C ARG F 299 41.07 4.04 -29.60
N GLY F 300 41.64 3.13 -30.37
CA GLY F 300 43.09 3.02 -30.47
C GLY F 300 43.74 2.09 -29.45
N LEU F 301 42.92 1.56 -28.55
CA LEU F 301 43.43 0.64 -27.51
C LEU F 301 42.89 -0.77 -27.69
N LYS F 302 43.76 -1.75 -27.47
CA LYS F 302 43.45 -3.16 -27.72
C LYS F 302 42.54 -3.80 -26.68
N GLY F 303 42.59 -3.30 -25.45
CA GLY F 303 41.86 -3.91 -24.35
C GLY F 303 40.39 -3.52 -24.24
N SER F 304 39.72 -4.06 -23.23
CA SER F 304 38.30 -3.80 -23.02
C SER F 304 37.87 -4.22 -21.62
N VAL F 305 36.77 -3.62 -21.14
CA VAL F 305 36.21 -3.99 -19.85
C VAL F 305 34.74 -4.38 -20.02
N THR F 306 34.43 -5.65 -19.80
CA THR F 306 33.06 -6.15 -19.84
C THR F 306 32.59 -6.44 -18.41
N GLN F 307 31.45 -5.87 -18.02
CA GLN F 307 30.95 -6.04 -16.66
C GLN F 307 29.73 -6.94 -16.56
N ILE F 308 29.77 -7.87 -15.62
CA ILE F 308 28.58 -8.63 -15.24
C ILE F 308 28.31 -8.44 -13.75
N PRO F 309 27.72 -7.31 -13.37
CA PRO F 309 27.33 -7.13 -11.97
C PRO F 309 26.21 -8.10 -11.62
N ILE F 310 26.16 -8.56 -10.37
CA ILE F 310 25.07 -9.41 -9.93
C ILE F 310 24.42 -8.79 -8.72
N LEU F 311 23.09 -8.74 -8.71
CA LEU F 311 22.36 -8.23 -7.56
C LEU F 311 21.14 -9.09 -7.29
N THR F 312 20.79 -9.22 -6.01
CA THR F 312 19.55 -9.85 -5.63
C THR F 312 18.51 -8.76 -5.42
N MSE F 313 17.36 -8.89 -6.06
CA MSE F 313 16.28 -7.93 -5.91
C MSE F 313 15.55 -8.19 -4.60
O MSE F 313 15.01 -9.28 -4.39
CB MSE F 313 15.31 -8.02 -7.09
CG MSE F 313 15.98 -7.82 -8.45
SE MSE F 313 14.72 -7.84 -9.94
CE MSE F 313 14.35 -9.75 -10.04
N PRO F 314 15.54 -7.20 -3.69
CA PRO F 314 14.85 -7.36 -2.41
C PRO F 314 13.36 -7.64 -2.62
N GLU F 315 12.85 -8.66 -1.94
CA GLU F 315 11.47 -9.11 -2.07
C GLU F 315 11.12 -9.51 -3.51
N ASP F 316 12.15 -9.85 -4.29
CA ASP F 316 11.98 -10.15 -5.72
C ASP F 316 11.29 -9.02 -6.47
N ASP F 317 11.47 -7.79 -5.99
CA ASP F 317 10.78 -6.62 -6.51
C ASP F 317 11.67 -5.82 -7.45
N LYS F 318 11.35 -5.86 -8.74
CA LYS F 318 12.13 -5.17 -9.76
C LYS F 318 12.02 -3.65 -9.66
N THR F 319 10.98 -3.17 -8.98
CA THR F 319 10.75 -1.74 -8.83
C THR F 319 11.44 -1.16 -7.58
N HIS F 320 12.13 -2.03 -6.84
CA HIS F 320 12.94 -1.59 -5.71
C HIS F 320 14.05 -0.69 -6.27
N PRO F 321 14.46 0.35 -5.52
CA PRO F 321 15.48 1.29 -5.97
C PRO F 321 16.75 0.64 -6.52
N ILE F 322 17.18 -0.48 -5.95
CA ILE F 322 18.43 -1.10 -6.38
C ILE F 322 18.38 -1.67 -7.81
N PRO F 323 17.42 -2.57 -8.11
CA PRO F 323 17.38 -3.01 -9.51
C PRO F 323 16.82 -1.95 -10.47
N ASP F 324 15.93 -1.09 -9.99
CA ASP F 324 15.34 -0.06 -10.84
C ASP F 324 16.40 0.90 -11.36
N LEU F 325 17.19 1.47 -10.46
CA LEU F 325 18.21 2.42 -10.84
C LEU F 325 19.34 1.75 -11.62
N THR F 326 19.68 0.53 -11.25
CA THR F 326 20.69 -0.23 -11.97
C THR F 326 20.25 -0.43 -13.42
N GLY F 327 18.96 -0.70 -13.62
CA GLY F 327 18.42 -0.91 -14.95
C GLY F 327 18.48 0.32 -15.83
N TYR F 328 18.38 1.49 -15.23
CA TYR F 328 18.50 2.75 -15.97
C TYR F 328 19.94 3.05 -16.35
N ILE F 329 20.87 2.33 -15.75
CA ILE F 329 22.29 2.57 -16.01
C ILE F 329 22.88 1.51 -16.93
N THR F 330 22.67 0.25 -16.60
CA THR F 330 23.26 -0.84 -17.36
C THR F 330 22.68 -0.96 -18.76
N GLU F 331 23.32 -1.78 -19.58
CA GLU F 331 22.92 -1.93 -20.98
C GLU F 331 22.09 -3.19 -21.16
N GLY F 332 21.00 -3.27 -20.40
CA GLY F 332 20.14 -4.42 -20.36
C GLY F 332 20.25 -5.12 -19.01
N GLN F 333 19.60 -6.27 -18.89
CA GLN F 333 19.68 -7.06 -17.67
C GLN F 333 19.20 -8.49 -17.94
N ILE F 334 19.77 -9.45 -17.23
CA ILE F 334 19.34 -10.84 -17.32
C ILE F 334 18.63 -11.21 -16.02
N ILE F 335 17.34 -11.49 -16.11
CA ILE F 335 16.53 -11.71 -14.92
C ILE F 335 16.23 -13.19 -14.66
N LEU F 336 16.54 -13.64 -13.45
CA LEU F 336 16.22 -15.01 -13.03
C LEU F 336 14.96 -14.98 -12.18
N THR F 337 14.08 -15.96 -12.39
CA THR F 337 12.84 -16.00 -11.63
C THR F 337 12.68 -17.31 -10.86
N ARG F 338 11.97 -17.21 -9.74
CA ARG F 338 11.73 -18.35 -8.87
C ARG F 338 10.81 -19.37 -9.54
N GLU F 339 9.91 -18.86 -10.39
CA GLU F 339 8.96 -19.69 -11.12
C GLU F 339 9.66 -20.65 -12.08
N LEU F 340 10.60 -20.12 -12.85
CA LEU F 340 11.32 -20.94 -13.81
C LEU F 340 12.29 -21.87 -13.09
N TYR F 341 12.87 -21.39 -11.99
CA TYR F 341 13.78 -22.18 -11.17
C TYR F 341 13.08 -23.41 -10.59
N LYS F 342 11.87 -23.22 -10.09
CA LYS F 342 11.11 -24.32 -9.51
C LYS F 342 10.63 -25.34 -10.53
N SER F 343 10.55 -24.91 -11.79
CA SER F 343 10.15 -25.80 -12.89
C SER F 343 11.33 -26.57 -13.46
N GLY F 344 12.51 -26.34 -12.90
CA GLY F 344 13.70 -27.07 -13.31
C GLY F 344 14.45 -26.46 -14.48
N ILE F 345 14.13 -25.21 -14.80
CA ILE F 345 14.80 -24.52 -15.91
C ILE F 345 16.20 -24.05 -15.51
N GLN F 346 17.19 -24.42 -16.32
CA GLN F 346 18.58 -24.09 -16.03
C GLN F 346 19.31 -23.55 -17.27
N PRO F 347 19.64 -22.25 -17.26
CA PRO F 347 19.37 -21.28 -16.20
C PRO F 347 17.94 -20.77 -16.23
N PRO F 348 17.39 -20.39 -15.06
CA PRO F 348 15.99 -19.95 -14.97
C PRO F 348 15.84 -18.50 -15.45
N ILE F 349 16.27 -18.23 -16.67
CA ILE F 349 16.17 -16.89 -17.24
C ILE F 349 14.79 -16.63 -17.81
N ASP F 350 14.14 -15.57 -17.33
CA ASP F 350 12.89 -15.11 -17.92
C ASP F 350 13.24 -14.09 -18.99
N VAL F 351 13.12 -14.51 -20.25
CA VAL F 351 13.55 -13.67 -21.37
C VAL F 351 12.65 -12.46 -21.61
N LEU F 352 11.42 -12.51 -21.11
CA LEU F 352 10.49 -11.41 -21.34
C LEU F 352 10.89 -10.09 -20.66
N PRO F 353 11.22 -10.12 -19.36
CA PRO F 353 11.71 -8.87 -18.76
C PRO F 353 13.21 -8.64 -18.91
N SER F 354 13.90 -9.59 -19.54
CA SER F 354 15.32 -9.44 -19.80
C SER F 354 15.55 -8.58 -21.03
N LEU F 355 16.76 -8.04 -21.16
CA LEU F 355 17.09 -7.13 -22.25
C LEU F 355 18.59 -7.06 -22.50
N SER F 356 18.96 -6.78 -23.75
CA SER F 356 20.31 -6.33 -24.08
C SER F 356 20.20 -5.11 -24.99
N ARG F 357 20.86 -4.03 -24.60
CA ARG F 357 20.77 -2.78 -25.37
C ARG F 357 21.81 -2.68 -26.48
N LEU F 358 22.74 -3.62 -26.54
CA LEU F 358 23.82 -3.56 -27.51
C LEU F 358 23.79 -4.71 -28.50
N LYS F 359 22.62 -5.33 -28.68
CA LYS F 359 22.52 -6.53 -29.50
C LYS F 359 22.49 -6.27 -31.01
N ASP F 360 21.97 -5.12 -31.42
CA ASP F 360 21.80 -4.82 -32.85
C ASP F 360 23.08 -4.83 -33.67
N LYS F 361 24.12 -4.14 -33.18
CA LYS F 361 25.35 -4.00 -33.94
C LYS F 361 26.33 -5.13 -33.71
N GLY F 362 25.99 -6.05 -32.81
CA GLY F 362 26.85 -7.18 -32.52
C GLY F 362 26.36 -8.46 -33.15
N THR F 363 25.30 -8.37 -33.94
CA THR F 363 24.68 -9.55 -34.53
C THR F 363 24.42 -9.37 -36.02
N GLY F 364 24.03 -10.44 -36.69
CA GLY F 364 23.70 -10.38 -38.10
C GLY F 364 24.77 -10.97 -38.98
N ALA F 365 24.69 -10.69 -40.29
CA ALA F 365 25.62 -11.22 -41.26
C ALA F 365 27.05 -10.80 -40.97
N GLY F 366 27.97 -11.77 -40.95
CA GLY F 366 29.37 -11.50 -40.71
C GLY F 366 29.72 -11.36 -39.25
N LYS F 367 28.72 -11.53 -38.38
CA LYS F 367 28.92 -11.45 -36.94
C LYS F 367 28.37 -12.70 -36.26
N THR F 368 27.09 -12.95 -36.46
CA THR F 368 26.50 -14.25 -36.09
C THR F 368 25.96 -14.88 -37.37
N ARG F 369 24.69 -14.66 -37.66
CA ARG F 369 24.10 -15.08 -38.93
C ARG F 369 22.97 -14.13 -39.29
N GLU F 370 22.64 -14.07 -40.58
CA GLU F 370 21.69 -13.09 -41.11
C GLU F 370 20.27 -13.22 -40.53
N ASP F 371 19.93 -14.38 -40.01
CA ASP F 371 18.58 -14.64 -39.51
C ASP F 371 18.43 -14.33 -38.01
N HIS F 372 19.50 -13.80 -37.41
CA HIS F 372 19.56 -13.59 -35.97
C HIS F 372 18.45 -12.67 -35.43
N ALA F 373 18.36 -11.45 -35.96
CA ALA F 373 17.43 -10.47 -35.43
C ALA F 373 15.97 -10.83 -35.69
N ALA F 374 15.68 -11.37 -36.87
CA ALA F 374 14.32 -11.73 -37.23
C ALA F 374 13.78 -12.83 -36.33
N THR F 375 14.57 -13.88 -36.15
CA THR F 375 14.16 -15.01 -35.32
C THR F 375 14.05 -14.62 -33.85
N MSE F 376 14.91 -13.72 -33.40
CA MSE F 376 14.85 -13.20 -32.03
C MSE F 376 13.52 -12.52 -31.76
O MSE F 376 12.89 -12.74 -30.73
CB MSE F 376 15.99 -12.24 -31.76
CB MSE F 376 16.02 -12.25 -31.77
CG MSE F 376 15.92 -11.60 -30.40
CG MSE F 376 15.98 -11.57 -30.40
SE MSE F 376 17.06 -10.04 -30.23
SE MSE F 376 15.22 -9.78 -30.43
CE MSE F 376 16.23 -8.90 -31.57
CE MSE F 376 16.54 -8.92 -31.60
N ASN F 377 13.10 -11.67 -32.69
CA ASN F 377 11.83 -10.96 -32.54
C ASN F 377 10.62 -11.88 -32.60
N GLN F 378 10.67 -12.84 -33.52
CA GLN F 378 9.58 -13.79 -33.70
C GLN F 378 9.46 -14.73 -32.50
N LEU F 379 10.59 -15.12 -31.93
CA LEU F 379 10.59 -15.98 -30.75
C LEU F 379 10.01 -15.26 -29.53
N PHE F 380 10.42 -13.99 -29.36
CA PHE F 380 9.88 -13.16 -28.28
C PHE F 380 8.37 -13.02 -28.38
N ALA F 381 7.90 -12.73 -29.58
CA ALA F 381 6.47 -12.52 -29.83
C ALA F 381 5.69 -13.81 -29.60
N ALA F 382 6.23 -14.92 -30.09
CA ALA F 382 5.57 -16.22 -29.96
C ALA F 382 5.54 -16.67 -28.50
N TYR F 383 6.63 -16.39 -27.78
CA TYR F 383 6.72 -16.79 -26.38
C TYR F 383 5.78 -16.00 -25.48
N ALA F 384 5.69 -14.70 -25.72
CA ALA F 384 4.79 -13.84 -24.94
C ALA F 384 3.34 -14.25 -25.11
N GLN F 385 2.97 -14.62 -26.34
CA GLN F 385 1.61 -15.03 -26.64
C GLN F 385 1.34 -16.44 -26.12
N GLY F 386 2.33 -17.31 -26.22
CA GLY F 386 2.21 -18.67 -25.73
C GLY F 386 2.16 -18.75 -24.22
N LYS F 387 2.93 -17.89 -23.56
CA LYS F 387 2.95 -17.83 -22.11
C LYS F 387 1.59 -17.35 -21.60
N GLN F 388 0.98 -16.43 -22.33
CA GLN F 388 -0.33 -15.90 -21.98
C GLN F 388 -1.39 -16.98 -22.10
N ALA F 389 -1.31 -17.77 -23.17
CA ALA F 389 -2.26 -18.84 -23.42
C ALA F 389 -2.17 -19.97 -22.39
N LYS F 390 -0.95 -20.36 -22.04
CA LYS F 390 -0.73 -21.36 -20.99
C LYS F 390 -1.40 -20.96 -19.69
N GLU F 391 -1.14 -19.73 -19.26
CA GLU F 391 -1.69 -19.23 -18.01
C GLU F 391 -3.22 -19.19 -18.03
N LEU F 392 -3.79 -18.99 -19.21
CA LEU F 392 -5.24 -19.01 -19.34
C LEU F 392 -5.76 -20.44 -19.27
N ALA F 393 -5.06 -21.35 -19.94
CA ALA F 393 -5.49 -22.74 -20.01
C ALA F 393 -5.40 -23.45 -18.67
N VAL F 394 -4.47 -23.01 -17.82
CA VAL F 394 -4.27 -23.65 -16.52
C VAL F 394 -5.37 -23.25 -15.54
N VAL F 395 -6.11 -22.20 -15.88
CA VAL F 395 -7.16 -21.69 -15.01
C VAL F 395 -8.56 -21.90 -15.58
N LEU F 396 -8.70 -21.74 -16.90
CA LEU F 396 -10.01 -21.83 -17.55
C LEU F 396 -10.17 -23.07 -18.44
N GLY F 397 -9.11 -23.87 -18.54
CA GLY F 397 -9.19 -25.11 -19.29
C GLY F 397 -8.53 -25.05 -20.65
N GLU F 398 -8.01 -26.18 -21.11
CA GLU F 398 -7.32 -26.26 -22.39
C GLU F 398 -8.27 -26.04 -23.56
N SER F 399 -9.57 -26.22 -23.31
CA SER F 399 -10.57 -26.04 -24.34
C SER F 399 -11.11 -24.61 -24.39
N ALA F 400 -10.51 -23.73 -23.59
CA ALA F 400 -10.93 -22.33 -23.56
C ALA F 400 -10.07 -21.47 -24.48
N LEU F 401 -9.04 -22.08 -25.05
CA LEU F 401 -8.15 -21.40 -25.98
C LEU F 401 -8.58 -21.63 -27.42
N SER F 402 -8.33 -20.65 -28.28
CA SER F 402 -8.58 -20.83 -29.71
C SER F 402 -7.64 -21.89 -30.26
N ASP F 403 -7.88 -22.32 -31.49
CA ASP F 403 -7.07 -23.38 -32.10
C ASP F 403 -5.61 -22.98 -32.23
N ILE F 404 -5.37 -21.71 -32.51
CA ILE F 404 -4.01 -21.20 -32.71
C ILE F 404 -3.30 -20.95 -31.37
N ASP F 405 -4.04 -20.43 -30.38
CA ASP F 405 -3.47 -20.20 -29.06
C ASP F 405 -3.05 -21.50 -28.38
N LYS F 406 -3.70 -22.59 -28.75
CA LYS F 406 -3.36 -23.91 -28.24
C LYS F 406 -2.00 -24.35 -28.78
N ILE F 407 -1.66 -23.89 -29.99
CA ILE F 407 -0.36 -24.17 -30.58
C ILE F 407 0.70 -23.34 -29.87
N TYR F 408 0.38 -22.08 -29.60
CA TYR F 408 1.29 -21.19 -28.91
C TYR F 408 1.59 -21.67 -27.50
N ALA F 409 0.58 -22.25 -26.85
CA ALA F 409 0.74 -22.76 -25.50
C ALA F 409 1.76 -23.89 -25.46
N LYS F 410 1.76 -24.72 -26.51
CA LYS F 410 2.70 -25.83 -26.61
C LYS F 410 4.09 -25.32 -26.97
N PHE F 411 4.14 -24.24 -27.75
CA PHE F 411 5.41 -23.63 -28.13
C PHE F 411 6.13 -23.09 -26.91
N ALA F 412 5.40 -22.35 -26.07
CA ALA F 412 5.99 -21.72 -24.90
C ALA F 412 6.55 -22.76 -23.93
N GLU F 413 5.96 -23.95 -23.96
CA GLU F 413 6.38 -25.05 -23.11
C GLU F 413 7.69 -25.66 -23.63
N ARG F 414 7.74 -25.94 -24.92
CA ARG F 414 8.95 -26.48 -25.53
C ARG F 414 10.07 -25.45 -25.51
N PHE F 415 9.69 -24.17 -25.61
CA PHE F 415 10.65 -23.08 -25.56
C PHE F 415 11.37 -23.06 -24.21
N GLU F 416 10.60 -23.12 -23.12
CA GLU F 416 11.19 -23.13 -21.78
C GLU F 416 12.00 -24.39 -21.52
N ASN F 417 11.48 -25.53 -21.95
CA ASN F 417 12.07 -26.83 -21.61
C ASN F 417 13.26 -27.26 -22.46
N GLU F 418 13.34 -26.79 -23.70
CA GLU F 418 14.38 -27.24 -24.61
C GLU F 418 15.33 -26.12 -25.06
N TYR F 419 14.82 -24.90 -25.11
CA TYR F 419 15.60 -23.75 -25.58
C TYR F 419 16.27 -23.01 -24.41
N VAL F 420 15.46 -22.48 -23.50
CA VAL F 420 15.99 -21.77 -22.35
C VAL F 420 16.73 -22.73 -21.43
N ASN F 421 16.08 -23.84 -21.09
CA ASN F 421 16.69 -24.86 -20.25
C ASN F 421 17.68 -25.70 -21.04
N GLN F 422 18.96 -25.50 -20.76
CA GLN F 422 20.01 -26.23 -21.49
C GLN F 422 21.00 -26.88 -20.54
N GLY F 423 21.05 -26.39 -19.31
CA GLY F 423 22.01 -26.90 -18.33
C GLY F 423 23.15 -25.94 -18.10
N PHE F 424 23.67 -25.90 -16.88
CA PHE F 424 24.74 -24.97 -16.51
C PHE F 424 26.12 -25.37 -17.05
N TYR F 425 26.20 -26.53 -17.70
CA TYR F 425 27.46 -26.99 -18.28
C TYR F 425 27.33 -27.29 -19.77
N THR F 426 26.30 -26.73 -20.39
CA THR F 426 26.07 -26.91 -21.81
C THR F 426 26.45 -25.64 -22.59
N ASN F 427 27.38 -25.80 -23.52
CA ASN F 427 27.93 -24.69 -24.30
C ASN F 427 27.51 -24.85 -25.75
N ARG F 428 26.53 -24.06 -26.18
CA ARG F 428 26.00 -24.14 -27.54
C ARG F 428 26.63 -23.07 -28.43
N THR F 429 26.99 -23.46 -29.65
CA THR F 429 27.45 -22.48 -30.63
C THR F 429 26.25 -21.64 -31.06
N ILE F 430 26.52 -20.45 -31.58
CA ILE F 430 25.44 -19.57 -32.03
C ILE F 430 24.62 -20.22 -33.15
N THR F 431 25.30 -20.99 -34.01
CA THR F 431 24.61 -21.69 -35.10
C THR F 431 23.64 -22.73 -34.54
N GLU F 432 24.10 -23.49 -33.55
CA GLU F 432 23.24 -24.45 -32.85
C GLU F 432 22.04 -23.77 -32.22
N THR F 433 22.27 -22.60 -31.64
CA THR F 433 21.20 -21.83 -31.01
C THR F 433 20.16 -21.34 -32.03
N LEU F 434 20.64 -20.77 -33.13
CA LEU F 434 19.75 -20.26 -34.18
C LEU F 434 18.96 -21.37 -34.87
N ASP F 435 19.63 -22.49 -35.14
CA ASP F 435 18.97 -23.64 -35.76
C ASP F 435 17.87 -24.23 -34.86
N LEU F 436 18.14 -24.28 -33.56
CA LEU F 436 17.16 -24.76 -32.60
C LEU F 436 15.94 -23.82 -32.55
N GLY F 437 16.20 -22.52 -32.65
CA GLY F 437 15.14 -21.54 -32.68
C GLY F 437 14.19 -21.77 -33.85
N TRP F 438 14.77 -22.11 -35.00
CA TRP F 438 13.99 -22.39 -36.20
C TRP F 438 13.10 -23.64 -36.06
N GLU F 439 13.60 -24.64 -35.34
CA GLU F 439 12.84 -25.86 -35.11
C GLU F 439 11.58 -25.59 -34.29
N LEU F 440 11.66 -24.60 -33.41
CA LEU F 440 10.53 -24.24 -32.57
C LEU F 440 9.54 -23.36 -33.32
N LEU F 441 10.05 -22.46 -34.16
CA LEU F 441 9.20 -21.60 -34.98
C LEU F 441 8.42 -22.43 -36.01
N ALA F 442 8.97 -23.58 -36.36
CA ALA F 442 8.34 -24.48 -37.32
C ALA F 442 7.08 -25.14 -36.74
N MSE F 443 6.85 -24.95 -35.45
CA MSE F 443 5.64 -25.44 -34.80
C MSE F 443 4.45 -24.57 -35.18
O MSE F 443 3.30 -25.03 -35.17
CB MSE F 443 5.78 -25.42 -33.27
CG MSE F 443 6.83 -26.37 -32.71
SE MSE F 443 6.95 -26.13 -30.77
CE MSE F 443 5.11 -26.58 -30.30
N LEU F 444 4.72 -23.31 -35.49
CA LEU F 444 3.67 -22.35 -35.78
C LEU F 444 3.38 -22.33 -37.27
N PRO F 445 2.13 -21.98 -37.63
CA PRO F 445 1.80 -21.77 -39.04
C PRO F 445 2.66 -20.65 -39.62
N ARG F 446 3.06 -20.79 -40.88
CA ARG F 446 3.91 -19.81 -41.55
C ARG F 446 3.25 -18.43 -41.57
N THR F 447 1.91 -18.41 -41.60
CA THR F 447 1.16 -17.17 -41.61
C THR F 447 1.28 -16.39 -40.30
N GLU F 448 1.68 -17.09 -39.24
CA GLU F 448 1.84 -16.46 -37.94
C GLU F 448 3.21 -15.80 -37.78
N LEU F 449 4.13 -16.10 -38.70
CA LEU F 449 5.50 -15.60 -38.60
C LEU F 449 5.63 -14.26 -39.31
N LYS F 450 5.03 -13.24 -38.73
CA LYS F 450 4.93 -11.92 -39.35
C LYS F 450 6.15 -11.03 -39.14
N ARG F 451 7.02 -11.39 -38.20
CA ARG F 451 8.21 -10.60 -37.92
C ARG F 451 9.36 -10.97 -38.85
N ILE F 452 9.16 -12.03 -39.63
CA ILE F 452 10.20 -12.55 -40.51
C ILE F 452 9.79 -12.42 -41.97
N LYS F 453 10.68 -11.89 -42.81
CA LYS F 453 10.38 -11.72 -44.23
C LYS F 453 10.40 -13.05 -44.98
N ASP F 454 9.81 -13.06 -46.17
CA ASP F 454 9.68 -14.28 -46.97
C ASP F 454 11.02 -14.88 -47.36
N ASP F 455 12.02 -14.04 -47.59
CA ASP F 455 13.33 -14.51 -48.04
C ASP F 455 14.02 -15.38 -46.97
N LEU F 456 13.84 -15.03 -45.71
CA LEU F 456 14.41 -15.81 -44.61
C LEU F 456 13.62 -17.09 -44.36
N LEU F 457 12.29 -16.99 -44.45
CA LEU F 457 11.43 -18.14 -44.26
C LEU F 457 11.73 -19.23 -45.29
N ASP F 458 11.79 -18.84 -46.57
CA ASP F 458 12.07 -19.77 -47.64
C ASP F 458 13.43 -20.46 -47.48
N LYS F 459 14.38 -19.76 -46.87
CA LYS F 459 15.75 -20.25 -46.76
C LYS F 459 15.98 -21.15 -45.54
N TYR F 460 15.37 -20.81 -44.42
CA TYR F 460 15.68 -21.48 -43.15
C TYR F 460 14.54 -22.31 -42.57
N LEU F 461 13.29 -21.91 -42.84
CA LEU F 461 12.15 -22.58 -42.24
C LEU F 461 11.95 -23.98 -42.82
N PRO F 462 11.99 -24.99 -41.95
CA PRO F 462 11.83 -26.40 -42.34
C PRO F 462 10.46 -26.66 -42.97
N ASN G 13 5.03 -1.62 -7.58
CA ASN G 13 3.72 -2.26 -7.57
C ASN G 13 2.64 -1.50 -6.79
N PRO G 14 2.85 -1.25 -5.48
CA PRO G 14 1.72 -0.68 -4.74
C PRO G 14 1.60 0.84 -4.89
N THR G 15 1.13 1.28 -6.06
CA THR G 15 0.86 2.69 -6.27
C THR G 15 -0.65 2.92 -6.26
N ARG G 16 -1.05 4.20 -6.23
CA ARG G 16 -2.46 4.56 -6.16
C ARG G 16 -3.16 4.32 -7.48
N MSE G 17 -2.40 4.34 -8.57
CA MSE G 17 -2.96 4.07 -9.88
C MSE G 17 -3.30 2.58 -10.00
O MSE G 17 -4.33 2.22 -10.57
CB MSE G 17 -1.98 4.49 -10.99
CG MSE G 17 -2.57 4.44 -12.38
SE MSE G 17 -1.42 5.31 -13.68
CE MSE G 17 -1.26 7.03 -12.80
N GLU G 18 -2.42 1.74 -9.46
CA GLU G 18 -2.68 0.30 -9.43
C GLU G 18 -3.87 0.00 -8.54
N LEU G 19 -3.96 0.71 -7.43
CA LEU G 19 -5.05 0.51 -6.47
C LEU G 19 -6.41 0.77 -7.11
N THR G 20 -6.55 1.93 -7.73
CA THR G 20 -7.80 2.29 -8.40
C THR G 20 -8.15 1.31 -9.52
N ARG G 21 -7.14 0.82 -10.22
CA ARG G 21 -7.37 -0.11 -11.32
C ARG G 21 -7.81 -1.49 -10.84
N LEU G 22 -7.17 -1.96 -9.78
CA LEU G 22 -7.51 -3.26 -9.20
C LEU G 22 -8.88 -3.23 -8.54
N LYS G 23 -9.24 -2.08 -7.99
CA LYS G 23 -10.57 -1.90 -7.41
C LYS G 23 -11.64 -1.98 -8.50
N LYS G 24 -11.29 -1.53 -9.69
CA LYS G 24 -12.19 -1.59 -10.83
C LYS G 24 -12.33 -3.03 -11.34
N GLN G 25 -11.21 -3.75 -11.38
CA GLN G 25 -11.24 -5.15 -11.80
C GLN G 25 -12.07 -6.00 -10.84
N LEU G 26 -12.02 -5.66 -9.55
CA LEU G 26 -12.81 -6.37 -8.55
C LEU G 26 -14.31 -6.18 -8.76
N THR G 27 -14.73 -4.96 -9.04
CA THR G 27 -16.15 -4.68 -9.27
C THR G 27 -16.67 -5.46 -10.47
N THR G 28 -15.89 -5.43 -11.55
CA THR G 28 -16.22 -6.17 -12.77
C THR G 28 -16.25 -7.67 -12.52
N ALA G 29 -15.22 -8.18 -11.83
CA ALA G 29 -15.12 -9.60 -11.53
C ALA G 29 -16.28 -10.08 -10.66
N THR G 30 -16.70 -9.23 -9.74
CA THR G 30 -17.83 -9.53 -8.85
C THR G 30 -19.12 -9.64 -9.64
N ARG G 31 -19.32 -8.71 -10.58
CA ARG G 31 -20.51 -8.70 -11.43
C ARG G 31 -20.53 -9.88 -12.39
N GLY G 32 -19.36 -10.17 -12.97
CA GLY G 32 -19.22 -11.31 -13.87
C GLY G 32 -19.51 -12.62 -13.17
N HIS G 33 -19.10 -12.70 -11.91
CA HIS G 33 -19.36 -13.88 -11.08
C HIS G 33 -20.86 -14.09 -10.87
N LYS G 34 -21.59 -12.99 -10.67
CA LYS G 34 -23.03 -13.06 -10.45
C LYS G 34 -23.76 -13.43 -11.73
N LEU G 35 -23.32 -12.87 -12.85
CA LEU G 35 -23.94 -13.17 -14.13
C LEU G 35 -23.72 -14.62 -14.54
N LEU G 36 -22.50 -15.11 -14.32
CA LEU G 36 -22.16 -16.48 -14.69
C LEU G 36 -22.89 -17.50 -13.82
N LYS G 37 -23.04 -17.16 -12.54
CA LYS G 37 -23.77 -18.01 -11.61
C LYS G 37 -25.25 -18.12 -11.99
N ASP G 38 -25.82 -17.00 -12.45
CA ASP G 38 -27.21 -16.98 -12.91
C ASP G 38 -27.37 -17.81 -14.18
N LYS G 39 -26.39 -17.71 -15.08
CA LYS G 39 -26.40 -18.47 -16.32
C LYS G 39 -26.39 -19.96 -16.05
N GLN G 40 -25.52 -20.39 -15.14
CA GLN G 40 -25.39 -21.80 -14.78
C GLN G 40 -26.71 -22.32 -14.23
N ASP G 41 -27.39 -21.49 -13.46
CA ASP G 41 -28.67 -21.84 -12.86
C ASP G 41 -29.74 -21.95 -13.93
N GLU G 42 -29.73 -21.02 -14.88
CA GLU G 42 -30.70 -21.03 -15.97
C GLU G 42 -30.50 -22.23 -16.88
N LEU G 43 -29.24 -22.59 -17.13
CA LEU G 43 -28.91 -23.77 -17.92
C LEU G 43 -29.35 -25.03 -17.18
N MSE G 44 -29.22 -25.01 -15.86
CA MSE G 44 -29.54 -26.16 -15.03
C MSE G 44 -31.03 -26.50 -15.09
O MSE G 44 -31.40 -27.66 -15.16
CB MSE G 44 -29.11 -25.91 -13.59
CG MSE G 44 -29.37 -27.09 -12.67
SE MSE G 44 -29.29 -26.62 -10.78
CE MSE G 44 -30.73 -25.31 -10.72
N ARG G 45 -31.86 -25.46 -15.05
CA ARG G 45 -33.31 -25.62 -15.08
C ARG G 45 -33.80 -26.18 -16.41
N GLN G 46 -33.26 -25.64 -17.50
CA GLN G 46 -33.56 -26.13 -18.84
C GLN G 46 -33.09 -27.57 -18.98
N PHE G 47 -31.94 -27.87 -18.40
CA PHE G 47 -31.38 -29.23 -18.42
C PHE G 47 -32.30 -30.20 -17.69
N ILE G 48 -32.88 -29.76 -16.59
CA ILE G 48 -33.77 -30.59 -15.79
C ILE G 48 -34.97 -31.06 -16.61
N LEU G 49 -35.54 -30.15 -17.40
CA LEU G 49 -36.64 -30.49 -18.28
C LEU G 49 -36.21 -31.51 -19.34
N LEU G 50 -35.06 -31.27 -19.95
CA LEU G 50 -34.56 -32.14 -21.01
C LEU G 50 -34.15 -33.51 -20.49
N ILE G 51 -33.47 -33.54 -19.35
CA ILE G 51 -32.95 -34.79 -18.82
C ILE G 51 -34.06 -35.74 -18.35
N ARG G 52 -35.19 -35.19 -17.96
CA ARG G 52 -36.33 -36.02 -17.58
C ARG G 52 -36.92 -36.66 -18.83
N LYS G 53 -37.01 -35.89 -19.91
CA LYS G 53 -37.47 -36.38 -21.20
C LYS G 53 -36.52 -37.45 -21.74
N ASN G 54 -35.22 -37.24 -21.51
CA ASN G 54 -34.19 -38.20 -21.92
C ASN G 54 -34.37 -39.51 -21.18
N ASN G 55 -34.70 -39.43 -19.89
CA ASN G 55 -34.85 -40.61 -19.05
C ASN G 55 -36.04 -41.46 -19.50
N GLU G 56 -37.18 -40.80 -19.71
CA GLU G 56 -38.41 -41.48 -20.10
C GLU G 56 -38.27 -42.11 -21.48
N LEU G 57 -37.63 -41.38 -22.39
CA LEU G 57 -37.39 -41.87 -23.74
C LEU G 57 -36.53 -43.12 -23.73
N ARG G 58 -35.43 -43.07 -23.00
CA ARG G 58 -34.50 -44.19 -22.94
C ARG G 58 -35.12 -45.45 -22.34
N GLN G 59 -35.83 -45.29 -21.23
CA GLN G 59 -36.49 -46.41 -20.57
C GLN G 59 -37.45 -47.13 -21.49
N ALA G 60 -38.21 -46.36 -22.27
CA ALA G 60 -39.19 -46.93 -23.19
C ALA G 60 -38.51 -47.63 -24.37
N ILE G 61 -37.56 -46.95 -25.01
CA ILE G 61 -36.92 -47.47 -26.20
C ILE G 61 -36.03 -48.68 -25.89
N GLU G 62 -35.54 -48.76 -24.66
CA GLU G 62 -34.74 -49.90 -24.23
C GLU G 62 -35.59 -51.16 -24.14
N LYS G 63 -36.82 -51.02 -23.65
CA LYS G 63 -37.74 -52.14 -23.54
C LYS G 63 -38.22 -52.57 -24.93
N GLU G 64 -38.47 -51.60 -25.80
CA GLU G 64 -38.98 -51.89 -27.13
C GLU G 64 -37.93 -52.54 -28.02
N THR G 65 -36.70 -52.01 -27.95
CA THR G 65 -35.61 -52.54 -28.77
C THR G 65 -35.28 -53.99 -28.43
N GLN G 66 -35.11 -54.27 -27.14
CA GLN G 66 -34.80 -55.61 -26.67
C GLN G 66 -35.91 -56.60 -27.04
N THR G 67 -37.15 -56.15 -26.95
CA THR G 67 -38.30 -56.98 -27.34
C THR G 67 -38.25 -57.30 -28.83
N ALA G 68 -37.98 -56.29 -29.65
CA ALA G 68 -37.86 -56.48 -31.09
C ALA G 68 -36.69 -57.41 -31.42
N MSE G 69 -35.63 -57.30 -30.62
CA MSE G 69 -34.46 -58.16 -30.79
C MSE G 69 -34.75 -59.61 -30.41
O MSE G 69 -34.36 -60.53 -31.12
CB MSE G 69 -33.30 -57.63 -29.94
CG MSE G 69 -32.64 -56.39 -30.51
SE MSE G 69 -31.39 -55.55 -29.26
CE MSE G 69 -30.47 -54.37 -30.51
N LYS G 70 -35.45 -59.80 -29.29
CA LYS G 70 -35.79 -61.14 -28.82
C LYS G 70 -36.78 -61.84 -29.75
N ASP G 71 -37.54 -61.06 -30.50
CA ASP G 71 -38.49 -61.61 -31.47
C ASP G 71 -37.78 -62.02 -32.75
N PHE G 72 -36.66 -61.37 -33.03
CA PHE G 72 -35.86 -61.69 -34.21
C PHE G 72 -34.98 -62.91 -33.98
N VAL G 73 -34.52 -63.09 -32.73
CA VAL G 73 -33.67 -64.22 -32.41
C VAL G 73 -34.47 -65.53 -32.39
N LEU G 74 -35.76 -65.42 -32.09
CA LEU G 74 -36.65 -66.58 -32.08
C LEU G 74 -36.93 -67.02 -33.52
N ALA G 75 -36.78 -66.08 -34.45
CA ALA G 75 -36.99 -66.36 -35.87
C ALA G 75 -35.76 -67.02 -36.48
N LYS G 76 -34.58 -66.67 -35.94
CA LYS G 76 -33.33 -67.22 -36.42
C LYS G 76 -33.22 -68.72 -36.18
N SER G 77 -33.52 -69.14 -34.95
CA SER G 77 -33.46 -70.55 -34.58
C SER G 77 -34.58 -71.35 -35.24
N VAL G 79 -34.84 -70.66 -38.59
CA VAL G 79 -34.45 -71.17 -39.90
C VAL G 79 -32.95 -71.42 -39.95
N GLU G 80 -32.34 -71.16 -41.10
CA GLU G 80 -30.90 -71.38 -41.28
C GLU G 80 -30.16 -70.07 -41.53
N GLU G 81 -28.90 -70.00 -41.13
CA GLU G 81 -28.11 -68.78 -41.24
C GLU G 81 -27.85 -68.37 -42.68
N ALA G 82 -28.04 -69.32 -43.61
CA ALA G 82 -27.86 -69.04 -45.02
C ALA G 82 -28.93 -68.10 -45.56
N PHE G 83 -30.19 -68.42 -45.28
CA PHE G 83 -31.32 -67.64 -45.78
C PHE G 83 -31.40 -66.26 -45.12
N ILE G 84 -31.11 -66.20 -43.83
CA ILE G 84 -31.17 -64.96 -43.08
C ILE G 84 -30.10 -63.98 -43.58
N ASP G 85 -28.98 -64.51 -44.03
CA ASP G 85 -27.89 -63.70 -44.57
C ASP G 85 -28.29 -63.06 -45.89
N GLU G 86 -29.09 -63.77 -46.67
CA GLU G 86 -29.53 -63.29 -47.98
C GLU G 86 -30.52 -62.15 -47.84
N LEU G 87 -31.48 -62.29 -46.93
CA LEU G 87 -32.53 -61.30 -46.73
C LEU G 87 -31.96 -59.98 -46.17
N LEU G 88 -30.89 -60.08 -45.40
CA LEU G 88 -30.28 -58.92 -44.77
C LEU G 88 -29.24 -58.23 -45.67
N ALA G 89 -29.36 -58.43 -46.97
CA ALA G 89 -28.42 -57.86 -47.92
C ALA G 89 -29.02 -56.66 -48.66
N LEU G 90 -29.99 -56.92 -49.52
CA LEU G 90 -30.64 -55.86 -50.29
C LEU G 90 -31.58 -55.04 -49.40
N GLU G 93 -33.71 -50.09 -48.74
CA GLU G 93 -33.50 -48.66 -48.97
C GLU G 93 -32.46 -48.11 -48.00
N ASN G 94 -31.62 -47.20 -48.49
CA ASN G 94 -30.59 -46.58 -47.66
C ASN G 94 -31.07 -45.32 -46.95
N VAL G 95 -31.06 -45.37 -45.62
CA VAL G 95 -31.51 -44.25 -44.80
C VAL G 95 -30.33 -43.57 -44.13
N SER G 96 -30.29 -42.25 -44.22
CA SER G 96 -29.30 -41.45 -43.50
C SER G 96 -30.02 -40.38 -42.71
N ILE G 97 -29.26 -39.45 -42.13
CA ILE G 97 -29.87 -38.38 -41.35
C ILE G 97 -29.33 -36.99 -41.68
N SER G 98 -30.21 -36.00 -41.61
CA SER G 98 -29.80 -34.61 -41.71
C SER G 98 -29.62 -34.08 -40.30
N VAL G 99 -28.56 -33.30 -40.09
CA VAL G 99 -28.34 -32.68 -38.80
C VAL G 99 -28.37 -31.16 -38.94
N VAL G 100 -29.42 -30.55 -38.37
CA VAL G 100 -29.56 -29.11 -38.36
C VAL G 100 -29.19 -28.59 -36.98
N GLU G 101 -28.45 -27.49 -36.93
CA GLU G 101 -28.06 -26.91 -35.66
C GLU G 101 -29.04 -25.84 -35.19
N LYS G 102 -29.35 -25.85 -33.91
CA LYS G 102 -30.15 -24.80 -33.30
C LYS G 102 -29.57 -24.46 -31.93
N ASN G 103 -29.94 -23.30 -31.41
CA ASN G 103 -29.43 -22.87 -30.11
C ASN G 103 -30.44 -23.03 -29.00
N ILE G 104 -30.04 -23.72 -27.94
CA ILE G 104 -30.78 -23.67 -26.68
C ILE G 104 -29.98 -22.76 -25.76
N MSE G 105 -30.46 -21.52 -25.62
CA MSE G 105 -29.72 -20.46 -24.97
C MSE G 105 -28.37 -20.24 -25.65
O MSE G 105 -28.30 -19.66 -26.74
CB MSE G 105 -29.53 -20.74 -23.48
CG MSE G 105 -30.84 -20.87 -22.70
SE MSE G 105 -30.56 -21.53 -20.89
CE MSE G 105 -29.23 -20.21 -20.32
N SER G 106 -27.31 -20.73 -25.03
CA SER G 106 -25.97 -20.51 -25.56
C SER G 106 -25.37 -21.76 -26.20
N VAL G 107 -26.13 -22.85 -26.21
CA VAL G 107 -25.60 -24.14 -26.64
C VAL G 107 -26.03 -24.56 -28.04
N LYS G 108 -25.05 -24.96 -28.86
CA LYS G 108 -25.32 -25.51 -30.18
C LYS G 108 -25.82 -26.95 -30.04
N VAL G 109 -27.00 -27.22 -30.57
CA VAL G 109 -27.71 -28.48 -30.33
C VAL G 109 -28.29 -29.04 -31.63
N PRO G 110 -28.19 -30.37 -31.83
CA PRO G 110 -28.60 -30.96 -33.12
C PRO G 110 -30.10 -31.24 -33.23
N LEU G 111 -30.62 -31.10 -34.44
CA LEU G 111 -31.98 -31.54 -34.77
C LEU G 111 -31.87 -32.58 -35.88
N MSE G 112 -32.38 -33.78 -35.62
CA MSE G 112 -32.14 -34.91 -36.52
C MSE G 112 -33.41 -35.47 -37.16
O MSE G 112 -34.41 -35.69 -36.47
CB MSE G 112 -31.40 -36.02 -35.78
CG MSE G 112 -30.10 -35.57 -35.12
SE MSE G 112 -29.29 -36.97 -34.03
CE MSE G 112 -27.59 -36.12 -33.65
N ASN G 113 -33.36 -35.68 -38.47
CA ASN G 113 -34.46 -36.28 -39.19
C ASN G 113 -33.96 -37.26 -40.24
N PHE G 114 -34.71 -38.34 -40.46
CA PHE G 114 -34.32 -39.35 -41.42
C PHE G 114 -34.39 -38.84 -42.85
N GLN G 115 -33.47 -39.32 -43.69
CA GLN G 115 -33.41 -38.91 -45.08
C GLN G 115 -34.46 -39.66 -45.90
N ASN G 133 -40.55 -66.07 -45.37
CA ASN G 133 -40.55 -66.02 -43.92
C ASN G 133 -41.87 -65.51 -43.34
N ALA G 134 -42.18 -65.91 -42.12
CA ALA G 134 -43.42 -65.49 -41.48
C ALA G 134 -43.15 -64.88 -40.11
N GLU G 135 -42.48 -65.66 -39.26
CA GLU G 135 -42.10 -65.18 -37.94
C GLU G 135 -40.90 -64.24 -38.05
N LEU G 136 -40.13 -64.42 -39.13
CA LEU G 136 -38.97 -63.58 -39.39
C LEU G 136 -39.36 -62.35 -40.19
N ASP G 137 -40.64 -62.29 -40.58
CA ASP G 137 -41.16 -61.16 -41.35
C ASP G 137 -41.81 -60.13 -40.44
N ARG G 138 -42.54 -60.60 -39.44
CA ARG G 138 -43.22 -59.71 -38.50
C ARG G 138 -42.22 -58.95 -37.64
N SER G 139 -41.07 -59.56 -37.41
CA SER G 139 -40.02 -58.95 -36.59
C SER G 139 -39.39 -57.75 -37.30
N ILE G 140 -39.41 -57.77 -38.63
CA ILE G 140 -38.90 -56.67 -39.42
C ILE G 140 -39.69 -55.39 -39.16
N ASP G 141 -41.01 -55.51 -39.11
CA ASP G 141 -41.88 -54.38 -38.80
C ASP G 141 -41.68 -53.92 -37.37
N GLY G 142 -41.02 -54.75 -36.57
CA GLY G 142 -40.70 -54.40 -35.19
C GLY G 142 -39.55 -53.42 -35.13
N PHE G 143 -38.50 -53.70 -35.91
CA PHE G 143 -37.35 -52.81 -35.98
C PHE G 143 -37.69 -51.52 -36.71
N THR G 144 -38.56 -51.63 -37.70
CA THR G 144 -38.97 -50.47 -38.50
C THR G 144 -39.74 -49.46 -37.65
N GLN G 145 -40.43 -49.96 -36.62
CA GLN G 145 -41.19 -49.10 -35.73
C GLN G 145 -40.29 -48.44 -34.68
N LEU G 146 -39.14 -49.05 -34.42
CA LEU G 146 -38.19 -48.53 -33.45
C LEU G 146 -37.51 -47.25 -33.92
N LEU G 147 -37.28 -47.16 -35.23
CA LEU G 147 -36.43 -46.12 -35.81
C LEU G 147 -36.76 -44.67 -35.43
N PRO G 148 -38.04 -44.25 -35.54
CA PRO G 148 -38.35 -42.87 -35.16
C PRO G 148 -37.97 -42.54 -33.71
N LYS G 149 -38.23 -43.47 -32.80
CA LYS G 149 -37.94 -43.26 -31.39
C LYS G 149 -36.44 -43.41 -31.10
N LEU G 150 -35.76 -44.23 -31.89
CA LEU G 150 -34.32 -44.40 -31.75
C LEU G 150 -33.58 -43.12 -32.15
N LEU G 151 -34.06 -42.47 -33.19
CA LEU G 151 -33.46 -41.22 -33.64
C LEU G 151 -33.77 -40.09 -32.66
N LYS G 152 -34.98 -40.13 -32.10
CA LYS G 152 -35.39 -39.11 -31.14
C LYS G 152 -34.54 -39.23 -29.88
N LEU G 153 -34.23 -40.47 -29.50
CA LEU G 153 -33.37 -40.72 -28.35
C LEU G 153 -31.98 -40.13 -28.57
N ALA G 154 -31.44 -40.36 -29.76
CA ALA G 154 -30.13 -39.83 -30.14
C ALA G 154 -30.11 -38.30 -30.03
N GLU G 155 -31.15 -37.66 -30.55
CA GLU G 155 -31.26 -36.21 -30.56
C GLU G 155 -31.36 -35.62 -29.16
N VAL G 156 -32.19 -36.23 -28.32
CA VAL G 156 -32.41 -35.73 -26.96
C VAL G 156 -31.22 -36.01 -26.06
N GLU G 157 -30.66 -37.22 -26.17
CA GLU G 157 -29.55 -37.62 -25.32
C GLU G 157 -28.30 -36.78 -25.61
N LYS G 158 -28.03 -36.55 -26.89
CA LYS G 158 -26.91 -35.69 -27.28
C LYS G 158 -27.13 -34.26 -26.79
N THR G 159 -28.34 -33.76 -26.95
CA THR G 159 -28.71 -32.43 -26.47
C THR G 159 -28.39 -32.26 -24.99
N CYS G 160 -28.74 -33.26 -24.18
CA CYS G 160 -28.45 -33.22 -22.75
C CYS G 160 -26.95 -33.29 -22.46
N GLN G 161 -26.23 -34.06 -23.28
CA GLN G 161 -24.78 -34.14 -23.13
C GLN G 161 -24.14 -32.79 -23.40
N LEU G 162 -24.65 -32.09 -24.41
CA LEU G 162 -24.14 -30.78 -24.79
C LEU G 162 -24.51 -29.70 -23.77
N MSE G 163 -25.70 -29.83 -23.19
CA MSE G 163 -26.14 -28.92 -22.13
C MSE G 163 -25.31 -29.13 -20.87
O MSE G 163 -24.93 -28.16 -20.21
CB MSE G 163 -27.62 -29.14 -21.83
CG MSE G 163 -28.58 -28.67 -22.91
SE MSE G 163 -28.75 -26.72 -22.97
CE MSE G 163 -29.39 -26.42 -21.15
N ALA G 164 -25.03 -30.38 -20.54
CA ALA G 164 -24.24 -30.71 -19.36
C ALA G 164 -22.81 -30.16 -19.45
N GLU G 165 -22.23 -30.21 -20.64
CA GLU G 165 -20.89 -29.68 -20.86
C GLU G 165 -20.85 -28.16 -20.70
N GLU G 166 -21.91 -27.49 -21.15
CA GLU G 166 -21.98 -26.03 -21.04
C GLU G 166 -22.10 -25.62 -19.58
N ILE G 167 -22.88 -26.39 -18.81
CA ILE G 167 -23.01 -26.18 -17.37
C ILE G 167 -21.66 -26.28 -16.69
N GLU G 168 -20.89 -27.29 -17.05
CA GLU G 168 -19.58 -27.51 -16.44
C GLU G 168 -18.55 -26.44 -16.86
N LYS G 169 -18.64 -25.98 -18.11
CA LYS G 169 -17.75 -24.92 -18.58
C LYS G 169 -18.09 -23.59 -17.90
N THR G 170 -19.37 -23.38 -17.61
CA THR G 170 -19.81 -22.20 -16.88
C THR G 170 -19.36 -22.30 -15.43
N ARG G 171 -19.44 -23.51 -14.87
CA ARG G 171 -19.06 -23.76 -13.49
C ARG G 171 -17.58 -23.48 -13.23
N ARG G 172 -16.73 -23.83 -14.20
CA ARG G 172 -15.30 -23.60 -14.05
C ARG G 172 -14.98 -22.12 -14.05
N ARG G 173 -15.68 -21.36 -14.88
CA ARG G 173 -15.50 -19.92 -14.93
C ARG G 173 -15.99 -19.26 -13.63
N VAL G 174 -17.07 -19.80 -13.07
CA VAL G 174 -17.56 -19.35 -11.76
C VAL G 174 -16.54 -19.62 -10.66
N ASN G 175 -16.00 -20.83 -10.63
CA ASN G 175 -15.04 -21.21 -9.59
C ASN G 175 -13.70 -20.48 -9.71
N ALA G 176 -13.29 -20.20 -10.94
CA ALA G 176 -12.08 -19.42 -11.19
C ALA G 176 -12.20 -18.04 -10.54
N LEU G 177 -13.33 -17.39 -10.77
CA LEU G 177 -13.58 -16.07 -10.18
C LEU G 177 -13.72 -16.15 -8.66
N GLU G 178 -14.48 -17.13 -8.19
CA GLU G 178 -14.83 -17.21 -6.78
C GLU G 178 -13.67 -17.63 -5.88
N TYR G 179 -12.84 -18.55 -6.34
CA TYR G 179 -11.79 -19.13 -5.51
C TYR G 179 -10.38 -18.65 -5.87
N MSE G 180 -10.24 -17.97 -7.00
CA MSE G 180 -8.92 -17.49 -7.42
C MSE G 180 -8.89 -15.99 -7.69
O MSE G 180 -8.23 -15.24 -6.96
CB MSE G 180 -8.42 -18.26 -8.64
CG MSE G 180 -8.25 -19.76 -8.41
SE MSE G 180 -7.55 -20.65 -9.99
CE MSE G 180 -5.78 -21.12 -9.31
N THR G 181 -9.58 -15.57 -8.74
CA THR G 181 -9.51 -14.18 -9.24
C THR G 181 -9.93 -13.14 -8.21
N ILE G 182 -11.13 -13.29 -7.66
CA ILE G 182 -11.63 -12.33 -6.68
C ILE G 182 -10.80 -12.28 -5.38
N PRO G 183 -10.48 -13.44 -4.78
CA PRO G 183 -9.65 -13.38 -3.57
C PRO G 183 -8.28 -12.75 -3.81
N GLN G 184 -7.68 -13.01 -4.97
CA GLN G 184 -6.39 -12.42 -5.30
C GLN G 184 -6.48 -10.90 -5.45
N LEU G 185 -7.61 -10.43 -5.98
CA LEU G 185 -7.84 -8.99 -6.09
C LEU G 185 -8.09 -8.36 -4.73
N GLU G 186 -8.90 -9.03 -3.91
CA GLU G 186 -9.22 -8.53 -2.57
C GLU G 186 -7.99 -8.39 -1.69
N GLU G 187 -7.14 -9.41 -1.72
CA GLU G 187 -5.94 -9.45 -0.89
C GLU G 187 -4.90 -8.43 -1.35
N THR G 188 -4.83 -8.21 -2.66
CA THR G 188 -3.85 -7.28 -3.22
C THR G 188 -4.26 -5.83 -2.96
N ILE G 189 -5.56 -5.55 -3.08
CA ILE G 189 -6.10 -4.24 -2.77
C ILE G 189 -5.84 -3.88 -1.30
N TYR G 190 -6.10 -4.85 -0.41
CA TYR G 190 -5.90 -4.66 1.01
C TYR G 190 -4.43 -4.38 1.31
N TYR G 191 -3.56 -5.13 0.65
CA TYR G 191 -2.11 -4.99 0.81
C TYR G 191 -1.59 -3.64 0.34
N ILE G 192 -1.92 -3.27 -0.90
CA ILE G 192 -1.49 -2.00 -1.46
C ILE G 192 -1.98 -0.83 -0.60
N LYS G 193 -3.23 -0.91 -0.18
CA LYS G 193 -3.84 0.10 0.67
C LYS G 193 -3.05 0.28 1.96
N MSE G 194 -2.60 -0.83 2.54
CA MSE G 194 -1.80 -0.81 3.75
C MSE G 194 -0.41 -0.24 3.49
O MSE G 194 0.06 0.62 4.24
CB MSE G 194 -1.68 -2.22 4.36
CB MSE G 194 -1.66 -2.23 4.31
CG MSE G 194 -2.96 -2.75 5.00
CG MSE G 194 -1.17 -2.31 5.75
SE MSE G 194 -3.77 -1.51 6.28
SE MSE G 194 -0.63 -4.11 6.27
CE MSE G 194 -5.17 -0.75 5.14
CE MSE G 194 1.03 -4.23 5.24
N LYS G 195 0.22 -0.69 2.42
CA LYS G 195 1.56 -0.24 2.04
C LYS G 195 1.59 1.26 1.74
N LEU G 196 0.55 1.77 1.09
CA LEU G 196 0.45 3.20 0.81
C LEU G 196 0.44 4.01 2.10
N GLU G 197 -0.35 3.56 3.08
CA GLU G 197 -0.45 4.25 4.36
C GLU G 197 0.87 4.21 5.13
N GLU G 198 1.59 3.10 5.03
CA GLU G 198 2.87 2.96 5.72
C GLU G 198 3.89 3.96 5.18
N ASN G 199 3.95 4.07 3.86
CA ASN G 199 4.88 5.00 3.21
C ASN G 199 4.58 6.45 3.54
N GLU G 200 3.29 6.77 3.68
CA GLU G 200 2.87 8.12 4.04
C GLU G 200 3.32 8.49 5.45
N ARG G 201 3.32 7.51 6.35
CA ARG G 201 3.78 7.74 7.72
C ARG G 201 5.29 7.86 7.80
N ALA G 202 5.99 7.08 6.99
CA ALA G 202 7.45 7.13 6.94
C ALA G 202 7.89 8.46 6.35
N GLU G 203 7.08 8.99 5.44
CA GLU G 203 7.38 10.27 4.78
C GLU G 203 7.24 11.45 5.73
N VAL G 204 6.16 11.46 6.52
CA VAL G 204 5.96 12.54 7.49
C VAL G 204 6.98 12.44 8.63
N THR G 205 7.38 11.21 8.97
CA THR G 205 8.41 10.97 9.97
C THR G 205 9.74 11.60 9.55
N ARG G 206 10.09 11.45 8.27
CA ARG G 206 11.31 12.03 7.73
C ARG G 206 11.23 13.55 7.70
N LEU G 207 10.06 14.06 7.34
CA LEU G 207 9.84 15.50 7.25
C LEU G 207 10.00 16.16 8.62
N ILE G 208 9.47 15.50 9.65
CA ILE G 208 9.62 16.00 11.01
C ILE G 208 11.09 16.02 11.43
N LYS G 209 11.84 14.98 11.04
CA LYS G 209 13.27 14.94 11.28
C LYS G 209 14.00 16.07 10.54
N VAL G 210 13.71 16.23 9.24
CA VAL G 210 14.32 17.28 8.43
C VAL G 210 13.97 18.67 8.96
N LYS G 211 12.74 18.81 9.45
CA LYS G 211 12.28 20.04 10.09
C LYS G 211 13.21 20.47 11.21
N ASN G 212 13.50 19.54 12.11
CA ASN G 212 14.35 19.85 13.27
C ASN G 212 15.80 20.12 12.91
N MSE G 213 16.21 19.71 11.70
CA MSE G 213 17.57 19.96 11.23
C MSE G 213 17.79 21.45 10.94
O MSE G 213 18.15 22.21 11.83
CB MSE G 213 17.86 19.12 9.98
CG MSE G 213 18.20 17.65 10.29
SE MSE G 213 18.08 16.47 8.72
CE MSE G 213 18.66 17.73 7.38
N THR H 2 -25.83 -34.34 -44.70
CA THR H 2 -26.25 -35.74 -44.63
C THR H 2 -25.20 -36.60 -43.95
N TYR H 3 -25.59 -37.25 -42.86
CA TYR H 3 -24.68 -38.08 -42.06
C TYR H 3 -25.11 -39.54 -42.08
N LYS H 4 -24.15 -40.44 -41.93
CA LYS H 4 -24.44 -41.88 -41.91
C LYS H 4 -24.73 -42.39 -40.51
N ILE H 5 -25.35 -43.58 -40.44
CA ILE H 5 -25.66 -44.21 -39.16
C ILE H 5 -24.92 -45.54 -39.01
N GLY H 6 -24.25 -45.72 -37.87
CA GLY H 6 -23.52 -46.93 -37.60
C GLY H 6 -24.07 -47.69 -36.42
N VAL H 7 -23.87 -49.01 -36.40
CA VAL H 7 -24.33 -49.84 -35.31
C VAL H 7 -23.23 -50.82 -34.87
N VAL H 8 -23.05 -50.95 -33.56
CA VAL H 8 -22.05 -51.87 -33.00
C VAL H 8 -22.66 -52.80 -31.96
N GLY H 9 -22.60 -54.10 -32.22
CA GLY H 9 -23.13 -55.09 -31.30
C GLY H 9 -23.06 -56.49 -31.86
N ASP H 10 -23.52 -57.46 -31.08
CA ASP H 10 -23.48 -58.87 -31.48
C ASP H 10 -24.43 -59.14 -32.65
N LYS H 11 -24.03 -60.09 -33.50
CA LYS H 11 -24.76 -60.40 -34.73
C LYS H 11 -26.24 -60.68 -34.51
N ASP H 12 -26.56 -61.48 -33.50
CA ASP H 12 -27.93 -61.87 -33.23
C ASP H 12 -28.86 -60.71 -32.87
N SER H 13 -28.27 -59.59 -32.44
CA SER H 13 -29.06 -58.47 -31.95
C SER H 13 -29.21 -57.33 -32.95
N VAL H 14 -28.13 -56.99 -33.65
CA VAL H 14 -28.10 -55.79 -34.48
C VAL H 14 -28.13 -56.05 -35.98
N SER H 15 -28.33 -57.31 -36.36
CA SER H 15 -28.40 -57.69 -37.78
C SER H 15 -29.52 -57.04 -38.60
N PRO H 16 -30.76 -56.96 -38.05
CA PRO H 16 -31.84 -56.36 -38.86
C PRO H 16 -31.65 -54.87 -39.18
N PHE H 17 -30.71 -54.20 -38.51
CA PHE H 17 -30.44 -52.79 -38.81
C PHE H 17 -29.81 -52.62 -40.18
N ARG H 18 -29.26 -53.71 -40.72
CA ARG H 18 -28.65 -53.67 -42.04
C ARG H 18 -29.70 -53.45 -43.13
N LEU H 19 -30.97 -53.71 -42.79
CA LEU H 19 -32.08 -53.53 -43.72
C LEU H 19 -32.30 -52.06 -44.07
N PHE H 20 -31.82 -51.16 -43.22
CA PHE H 20 -32.00 -49.73 -43.44
C PHE H 20 -30.71 -49.07 -43.95
N GLY H 21 -29.70 -49.89 -44.24
CA GLY H 21 -28.46 -49.39 -44.80
C GLY H 21 -27.54 -48.79 -43.76
N PHE H 22 -27.59 -49.31 -42.54
CA PHE H 22 -26.71 -48.86 -41.47
C PHE H 22 -25.41 -49.64 -41.50
N ASP H 23 -24.31 -48.97 -41.18
CA ASP H 23 -23.02 -49.64 -41.05
C ASP H 23 -23.06 -50.50 -39.80
N VAL H 24 -23.41 -51.77 -39.95
CA VAL H 24 -23.53 -52.67 -38.82
C VAL H 24 -22.26 -53.49 -38.59
N GLN H 25 -21.52 -53.15 -37.55
CA GLN H 25 -20.28 -53.86 -37.23
C GLN H 25 -20.47 -54.77 -36.01
N HIS H 26 -19.65 -55.82 -35.93
CA HIS H 26 -19.83 -56.84 -34.90
C HIS H 26 -18.58 -57.07 -34.05
N GLY H 27 -18.06 -56.01 -33.44
CA GLY H 27 -16.89 -56.12 -32.58
C GLY H 27 -17.20 -56.79 -31.25
N THR H 28 -16.18 -57.38 -30.64
CA THR H 28 -16.36 -58.08 -29.37
C THR H 28 -15.27 -57.74 -28.34
N THR H 29 -14.19 -57.12 -28.80
CA THR H 29 -13.09 -56.76 -27.91
C THR H 29 -12.83 -55.25 -27.86
N LYS H 30 -12.35 -54.79 -26.71
CA LYS H 30 -12.05 -53.38 -26.47
C LYS H 30 -11.27 -52.71 -27.60
N THR H 31 -10.34 -53.46 -28.19
CA THR H 31 -9.49 -52.93 -29.25
C THR H 31 -10.26 -52.70 -30.55
N GLU H 32 -11.00 -53.71 -31.00
CA GLU H 32 -11.68 -53.62 -32.28
C GLU H 32 -12.90 -52.69 -32.25
N ILE H 33 -13.55 -52.61 -31.10
CA ILE H 33 -14.69 -51.72 -30.93
C ILE H 33 -14.22 -50.26 -30.92
N ARG H 34 -13.08 -50.02 -30.29
CA ARG H 34 -12.49 -48.68 -30.26
C ARG H 34 -12.05 -48.23 -31.65
N LYS H 35 -11.56 -49.17 -32.45
CA LYS H 35 -11.14 -48.87 -33.80
C LYS H 35 -12.33 -48.47 -34.68
N THR H 36 -13.43 -49.21 -34.54
CA THR H 36 -14.62 -48.97 -35.34
C THR H 36 -15.23 -47.59 -35.06
N ILE H 37 -15.38 -47.26 -33.77
CA ILE H 37 -15.92 -45.98 -33.36
C ILE H 37 -15.08 -44.81 -33.88
N ASP H 38 -13.77 -44.96 -33.79
CA ASP H 38 -12.84 -43.92 -34.25
C ASP H 38 -12.93 -43.68 -35.75
N GLU H 39 -12.99 -44.75 -36.52
CA GLU H 39 -13.13 -44.64 -37.97
C GLU H 39 -14.50 -44.09 -38.36
N MSE H 40 -15.53 -44.53 -37.64
CA MSE H 40 -16.88 -44.02 -37.87
C MSE H 40 -16.95 -42.52 -37.61
O MSE H 40 -17.61 -41.78 -38.34
CB MSE H 40 -17.89 -44.75 -36.98
CG MSE H 40 -18.26 -46.14 -37.46
SE MSE H 40 -19.61 -46.98 -36.30
CE MSE H 40 -20.04 -48.54 -37.40
N ALA H 41 -16.27 -42.07 -36.56
CA ALA H 41 -16.20 -40.66 -36.24
C ALA H 41 -15.42 -39.91 -37.30
N LYS H 42 -14.34 -40.54 -37.77
CA LYS H 42 -13.50 -39.95 -38.81
C LYS H 42 -14.25 -39.83 -40.14
N ASN H 43 -15.17 -40.76 -40.38
CA ASN H 43 -15.98 -40.74 -41.60
C ASN H 43 -17.24 -39.90 -41.45
N GLU H 44 -17.29 -39.10 -40.38
CA GLU H 44 -18.38 -38.16 -40.13
C GLU H 44 -19.75 -38.82 -40.00
N TYR H 45 -19.85 -39.85 -39.17
CA TYR H 45 -21.15 -40.46 -38.88
C TYR H 45 -21.94 -39.56 -37.94
N GLY H 46 -23.25 -39.48 -38.17
CA GLY H 46 -24.11 -38.64 -37.34
C GLY H 46 -24.47 -39.30 -36.03
N VAL H 47 -24.87 -40.57 -36.11
CA VAL H 47 -25.23 -41.34 -34.92
C VAL H 47 -24.57 -42.72 -34.96
N ILE H 48 -24.05 -43.15 -33.82
CA ILE H 48 -23.52 -44.49 -33.67
C ILE H 48 -24.26 -45.22 -32.55
N TYR H 49 -25.04 -46.22 -32.92
CA TYR H 49 -25.74 -47.02 -31.93
C TYR H 49 -24.83 -48.18 -31.51
N ILE H 50 -24.79 -48.46 -30.21
CA ILE H 50 -23.93 -49.53 -29.72
C ILE H 50 -24.55 -50.24 -28.51
N THR H 51 -24.50 -51.56 -28.53
CA THR H 51 -25.00 -52.35 -27.41
C THR H 51 -24.16 -52.09 -26.16
N GLU H 52 -24.79 -52.17 -25.00
CA GLU H 52 -24.12 -51.87 -23.74
C GLU H 52 -23.00 -52.86 -23.41
N GLN H 53 -23.07 -54.07 -23.96
CA GLN H 53 -22.04 -55.07 -23.74
C GLN H 53 -20.74 -54.72 -24.48
N CYS H 54 -20.88 -53.98 -25.58
CA CYS H 54 -19.72 -53.51 -26.32
C CYS H 54 -19.25 -52.17 -25.76
N ALA H 55 -20.21 -51.36 -25.31
CA ALA H 55 -19.91 -50.05 -24.75
C ALA H 55 -19.20 -50.19 -23.42
N ASN H 56 -19.43 -51.30 -22.74
CA ASN H 56 -18.79 -51.58 -21.46
C ASN H 56 -17.29 -51.76 -21.61
N LEU H 57 -16.84 -52.00 -22.84
CA LEU H 57 -15.42 -52.24 -23.12
C LEU H 57 -14.67 -50.98 -23.54
N VAL H 58 -15.39 -49.97 -23.99
CA VAL H 58 -14.75 -48.74 -24.48
C VAL H 58 -15.29 -47.45 -23.86
N PRO H 59 -15.24 -47.33 -22.51
CA PRO H 59 -15.85 -46.17 -21.87
C PRO H 59 -15.05 -44.88 -22.12
N GLU H 60 -13.74 -45.01 -22.33
CA GLU H 60 -12.88 -43.85 -22.53
C GLU H 60 -12.99 -43.31 -23.95
N THR H 61 -13.34 -44.18 -24.89
CA THR H 61 -13.52 -43.80 -26.28
C THR H 61 -14.82 -43.03 -26.45
N ILE H 62 -15.87 -43.53 -25.80
CA ILE H 62 -17.19 -42.91 -25.87
C ILE H 62 -17.19 -41.55 -25.17
N GLU H 63 -16.48 -41.47 -24.05
CA GLU H 63 -16.41 -40.24 -23.26
C GLU H 63 -15.72 -39.11 -24.03
N ARG H 64 -14.90 -39.47 -25.01
CA ARG H 64 -14.17 -38.49 -25.81
C ARG H 64 -15.09 -37.71 -26.75
N TYR H 65 -16.16 -38.37 -27.21
CA TYR H 65 -17.06 -37.77 -28.19
C TYR H 65 -18.31 -37.20 -27.54
N LYS H 66 -18.38 -37.27 -26.21
CA LYS H 66 -19.56 -36.87 -25.46
C LYS H 66 -19.89 -35.38 -25.67
N GLY H 67 -18.87 -34.54 -25.67
CA GLY H 67 -19.06 -33.11 -25.83
C GLY H 67 -19.02 -32.65 -27.27
N GLN H 68 -19.11 -33.62 -28.18
CA GLN H 68 -19.10 -33.33 -29.61
C GLN H 68 -20.51 -33.42 -30.16
N LEU H 69 -20.83 -32.58 -31.14
CA LEU H 69 -22.16 -32.58 -31.76
C LEU H 69 -22.43 -33.92 -32.45
N THR H 70 -21.52 -34.31 -33.33
CA THR H 70 -21.57 -35.62 -33.97
C THR H 70 -20.21 -36.29 -33.85
N PRO H 71 -20.19 -37.62 -33.73
CA PRO H 71 -21.35 -38.53 -33.71
C PRO H 71 -21.99 -38.63 -32.33
N ALA H 72 -23.28 -38.93 -32.31
CA ALA H 72 -23.97 -39.20 -31.06
C ALA H 72 -23.89 -40.69 -30.77
N ILE H 73 -23.12 -41.06 -29.75
CA ILE H 73 -22.95 -42.46 -29.41
C ILE H 73 -24.05 -42.92 -28.46
N ILE H 74 -24.99 -43.69 -28.99
CA ILE H 74 -26.20 -44.06 -28.26
C ILE H 74 -26.19 -45.52 -27.83
N LEU H 75 -26.17 -45.74 -26.52
CA LEU H 75 -26.17 -47.10 -25.97
C LEU H 75 -27.55 -47.73 -26.07
N ILE H 76 -27.59 -48.93 -26.64
CA ILE H 76 -28.85 -49.68 -26.77
C ILE H 76 -28.67 -51.05 -26.12
N PRO H 77 -29.77 -51.77 -25.85
CA PRO H 77 -29.60 -53.11 -25.29
C PRO H 77 -29.28 -54.15 -26.36
N SER H 78 -28.92 -55.35 -25.92
CA SER H 78 -28.86 -56.52 -26.79
C SER H 78 -30.12 -57.32 -26.51
N HIS H 79 -30.24 -58.50 -27.11
CA HIS H 79 -31.40 -59.34 -26.85
C HIS H 79 -31.33 -59.97 -25.47
N GLN H 80 -30.21 -59.76 -24.78
CA GLN H 80 -30.02 -60.21 -23.41
C GLN H 80 -30.44 -59.13 -22.41
N GLY H 81 -30.35 -57.87 -22.84
CA GLY H 81 -30.73 -56.75 -21.99
C GLY H 81 -29.62 -55.71 -21.88
N THR H 82 -29.74 -54.83 -20.90
CA THR H 82 -28.72 -53.79 -20.68
C THR H 82 -27.88 -54.11 -19.45
N LEU H 83 -26.83 -53.34 -19.27
CA LEU H 83 -26.02 -53.41 -18.06
C LEU H 83 -26.39 -52.23 -17.18
N GLY H 84 -27.38 -51.46 -17.63
CA GLY H 84 -27.85 -50.29 -16.91
C GLY H 84 -26.92 -49.10 -17.06
N ILE H 85 -26.03 -49.17 -18.05
CA ILE H 85 -25.04 -48.11 -18.25
C ILE H 85 -25.67 -46.82 -18.79
N GLY H 86 -26.58 -46.96 -19.75
CA GLY H 86 -27.23 -45.81 -20.34
C GLY H 86 -28.04 -44.99 -19.34
N LEU H 87 -28.75 -45.69 -18.47
CA LEU H 87 -29.57 -45.02 -17.46
C LEU H 87 -28.72 -44.52 -16.30
N GLU H 88 -27.57 -45.16 -16.08
CA GLU H 88 -26.62 -44.72 -15.07
C GLU H 88 -25.95 -43.41 -15.50
N GLU H 89 -25.65 -43.29 -16.78
CA GLU H 89 -25.02 -42.09 -17.32
C GLU H 89 -25.96 -40.89 -17.21
N ILE H 90 -27.24 -41.13 -17.49
CA ILE H 90 -28.27 -40.12 -17.32
C ILE H 90 -28.37 -39.73 -15.84
N GLN H 91 -28.45 -40.74 -14.98
CA GLN H 91 -28.55 -40.53 -13.54
C GLN H 91 -27.35 -39.75 -13.02
N ASN H 92 -26.16 -40.09 -13.48
CA ASN H 92 -24.94 -39.43 -13.03
C ASN H 92 -24.85 -37.97 -13.43
N SER H 93 -25.26 -37.67 -14.67
CA SER H 93 -25.23 -36.29 -15.17
C SER H 93 -26.19 -35.39 -14.38
N VAL H 94 -27.29 -35.97 -13.91
CA VAL H 94 -28.23 -35.25 -13.05
C VAL H 94 -27.57 -34.86 -11.73
N GLU H 95 -26.81 -35.80 -11.16
CA GLU H 95 -26.19 -35.57 -9.85
C GLU H 95 -25.16 -34.46 -9.86
N LYS H 96 -24.45 -34.28 -10.98
CA LYS H 96 -23.38 -33.29 -11.03
C LYS H 96 -23.81 -31.96 -11.65
N ALA H 97 -24.97 -31.94 -12.29
CA ALA H 97 -25.49 -30.71 -12.88
C ALA H 97 -26.48 -30.02 -11.94
N VAL H 98 -27.27 -30.84 -11.24
CA VAL H 98 -28.32 -30.33 -10.36
C VAL H 98 -27.93 -30.43 -8.89
N GLY H 99 -27.36 -31.57 -8.51
CA GLY H 99 -26.90 -31.76 -7.14
C GLY H 99 -27.72 -32.74 -6.34
N GLN H 100 -28.88 -33.10 -6.86
CA GLN H 100 -29.76 -34.08 -6.22
C GLN H 100 -30.54 -34.84 -7.27
N ASN H 101 -31.07 -36.00 -6.89
CA ASN H 101 -31.86 -36.80 -7.83
C ASN H 101 -33.15 -36.09 -8.19
N ILE H 102 -33.25 -35.68 -9.46
CA ILE H 102 -34.41 -34.94 -9.95
C ILE H 102 -35.34 -35.86 -10.75
N LEU H 103 -34.77 -36.94 -11.27
CA LEU H 103 -35.54 -37.92 -12.03
C LEU H 103 -36.57 -38.62 -11.15
C1 GOL I . -41.09 17.99 7.05
O1 GOL I . -41.25 18.18 8.43
C2 GOL I . -41.26 19.34 6.35
O2 GOL I . -42.19 20.12 7.06
C3 GOL I . -39.92 20.06 6.29
O3 GOL I . -38.96 19.23 5.69
CL CL J . 3.86 -18.77 18.63
C1 GOL K . 1.71 -26.75 0.71
O1 GOL K . 2.06 -27.32 1.96
C2 GOL K . 0.54 -25.78 0.89
O2 GOL K . -0.57 -26.26 0.18
C3 GOL K . 0.19 -25.64 2.36
O3 GOL K . -0.76 -26.61 2.71
C1 GOL L . -1.21 50.46 -3.76
O1 GOL L . -1.30 49.42 -4.71
C2 GOL L . -0.69 51.74 -4.42
O2 GOL L . -0.74 51.60 -5.82
C3 GOL L . -1.57 52.90 -3.98
O3 GOL L . -1.58 52.98 -2.57
C1 GOL M . -14.07 25.89 -35.08
O1 GOL M . -15.25 25.23 -34.69
C2 GOL M . -14.42 26.99 -36.08
O2 GOL M . -14.27 26.51 -37.40
C3 GOL M . -15.85 27.45 -35.86
O3 GOL M . -15.94 28.18 -34.65
C1 B3P N . 49.37 -10.63 -21.25
C2 B3P N . 49.35 -9.20 -21.82
C3 B3P N . 47.98 -11.23 -21.01
N1 B3P N . 47.59 -12.56 -20.52
C4 B3P N . 46.32 -13.01 -19.93
C5 B3P N . 46.66 -12.80 -18.46
C6 B3P N . 46.55 -14.45 -20.35
C7 B3P N . 45.13 -12.18 -20.43
N2 B3P N . 50.76 -8.81 -21.87
C8 B3P N . 50.73 -7.66 -22.80
C9 B3P N . 50.77 -6.53 -21.75
C10 B3P N . 49.72 -6.95 -23.69
C11 B3P N . 52.13 -7.25 -23.26
O1 B3P N . 51.63 -6.76 -20.64
O2 B3P N . 49.51 -7.77 -24.84
O3 B3P N . 52.27 -5.88 -23.62
O4 B3P N . 47.96 -13.36 -18.22
O5 B3P N . 45.42 -15.09 -19.77
O6 B3P N . 44.95 -12.34 -21.84
C1 B3P O . 35.27 -0.55 -35.14
C2 B3P O . 35.19 0.86 -35.74
C3 B3P O . 36.25 -0.62 -33.96
N1 B3P O . 35.54 -1.46 -33.00
C4 B3P O . 35.76 -2.59 -32.10
C5 B3P O . 37.19 -2.39 -31.58
C6 B3P O . 35.56 -3.80 -33.01
C7 B3P O . 34.79 -2.73 -30.93
N2 B3P O . 34.95 1.80 -34.64
C8 B3P O . 34.37 3.14 -34.55
C9 B3P O . 33.96 3.47 -35.99
C10 B3P O . 35.40 4.20 -34.13
C11 B3P O . 33.12 2.97 -33.67
O1 B3P O . 32.97 4.47 -36.24
O2 B3P O . 36.79 4.30 -34.42
O3 B3P O . 33.03 3.39 -32.30
O4 B3P O . 38.42 -2.34 -32.30
O5 B3P O . 34.46 -3.45 -33.85
O6 B3P O . 34.61 -1.48 -30.26
C1 GOL P . 39.80 -18.20 -25.15
O1 GOL P . 40.05 -19.23 -24.22
C2 GOL P . 38.67 -18.61 -26.09
O2 GOL P . 39.20 -19.05 -27.32
C3 GOL P . 37.84 -19.72 -25.45
O3 GOL P . 37.01 -20.32 -26.42
C1 GOL Q . 52.03 -2.56 -23.17
O1 GOL Q . 51.91 -2.41 -21.77
C2 GOL Q . 50.82 -1.94 -23.87
O2 GOL Q . 51.21 -1.45 -25.13
C3 GOL Q . 49.76 -3.03 -24.06
O3 GOL Q . 48.64 -2.48 -24.70
C1 GOL R . 30.28 -16.77 -38.30
O1 GOL R . 29.15 -16.45 -37.52
C2 GOL R . 31.45 -15.91 -37.84
O2 GOL R . 32.47 -16.74 -37.33
C3 GOL R . 31.99 -15.11 -39.03
O3 GOL R . 30.92 -14.42 -39.66
C1 GOL S . -0.21 -11.41 -5.82
O1 GOL S . -0.87 -11.39 -4.58
C2 GOL S . -0.35 -10.05 -6.50
O2 GOL S . 0.93 -9.50 -6.73
C3 GOL S . -1.08 -10.20 -7.82
O3 GOL S . -2.46 -10.42 -7.59
#